data_3L75
#
_entry.id   3L75
#
_cell.length_a   172.285
_cell.length_b   182.141
_cell.length_c   241.198
_cell.angle_alpha   90.00
_cell.angle_beta   90.00
_cell.angle_gamma   90.00
#
_symmetry.space_group_name_H-M   'P 21 21 21'
#
loop_
_entity.id
_entity.type
_entity.pdbx_description
1 polymer 'MITOCHONDRIAL UBIQUINOL-CYTOCHROME-C REDUCTASE COMPLEX CORE PROTEIN I'
2 polymer 'MITOCHONDRIAL UBIQUINOL-CYTOCHROME-C REDUCTASE COMPLEX CORE PROTEIN 2'
3 polymer 'CYTOCHROME B'
4 polymer 'MITOCHONDRIAL CYTOCHROME C1, HEME PROTEIN'
5 polymer 'CYTOCHROME B-C1 COMPLEX SUBUNIT 5, RIESKE IRONSULFUR PROTEIN, MITOCHONDRIAL'
6 polymer 'MITOCHONDRIAL UBIQUINOL-CYTOCHROME C REDUCTASE 14 KDA PROTEIN'
7 polymer 'MITOCHONDRIAL UBIQUINOL-CYTOCHROME C REDUCTASE UBIQUINONE-BINDING PROTEIN QP-C'
8 polymer 'MITOCHONDRIAL UBIQUINOL-CYTOCHROME C REDUCTASE 11 KDA PROTEIN, COMPLEX III SUBUNIT VIII'
9 polymer 'CYTOCHROME B-C1 COMPLEX SUBUNIT RIESKE, MITOCHONDRIAL'
10 polymer 'MITOCHONDRIAL UBIQUINOL-CYTOCHROME C REDUCTASE 7.2 KDA PROTEIN'
11 non-polymer 1,2-dioleoyl-sn-glycero-3-phosphoethanolamine
12 non-polymer 'UNKNOWN LIGAND'
13 non-polymer 'PROTOPORPHYRIN IX CONTAINING FE'
14 non-polymer (5S)-5-methyl-2-(methylsulfanyl)-5-phenyl-3-(phenylamino)-3,5-dihydro-4H-imidazol-4-one
15 non-polymer 'Coenzyme Q10, (2Z,6E,10Z,14E,18E,22E,26Z)-isomer'
16 non-polymer 'AZIDE ION'
17 non-polymer 'octyl beta-D-glucopyranoside'
18 non-polymer 'HEME C'
19 non-polymer CARDIOLIPIN
20 non-polymer 'FE2/S2 (INORGANIC) CLUSTER'
21 water water
#
loop_
_entity_poly.entity_id
_entity_poly.type
_entity_poly.pdbx_seq_one_letter_code
_entity_poly.pdbx_strand_id
1 'polypeptide(L)'
;AATYAQTLQNIPETNVTTLDNGLRVASEESSQPTCTVGVWIGAGSRYENEKNNGAGYFVEHLAFKGTKKRPCAAFEKEVE
SMGAHFNGYTSREQTAFYIKALSKDMPKVVELLADVVQNCALEESQIEKERGVILQELKEMDNDMTNVTFDYLHATAFQG
TALARTVEGTTENIKHLTRADLASYIDTHFKAPRMVLAAAGGISHKELVDAARQHFSGVSFTYKEDAVPILPRCRFTGSE
IRARDDALPVAHVALAVEGPGWADPDNVVLHVANAIIGRYDRTFGGGKHLSSRLAALAVEHKLCHSFQTFNTSYSDTGLF
GFHFVADPLSIDDMMFCAQGEWMRLCTSTTESEVKRAKNHLRSAMVAQLDGTTPVCETIGSHLLNYGRRISLEEWDSRIS
AVDARMVRDVCSKYIYDKCPALAAVGPIEQLLDYNRIRSGMYWIRF
;
A,N
2 'polypeptide(L)'
;SLKVAPKVAVSAAAERVKLCPGAEDLEITKLPNGLIIASLENFSPASRIGVFIKAGSRYETTANLGTAHLLRLASPLTTK
GASSFRITRGIEAVGGSLSVYSTREKMTYCVECLRDHVDTVMEYLLNVTTAPEFRPWEVTDLQPQLKVDKAVAFQSPQVG
VLENLHAAAYKTALANPLYCPDYRIGKITSEQLHHFVQNNFTSARMALVGIGVKHSDLKQVAEQFLNIRSGAGTSSAKAT
YWGGEIREQNGHSLVHAAVVTEGAAVGSAEANAFSVLQHVLGAGPLIKRGSSVTSKLYQGVAKATTQPFDASAFNVNYSD
SGLFGFYTISQAAHAGEVIRAAMNQLKAAAQGGVTEEDVTKAKNQLKATYLMSVETAQGLLNEIGSEALLSGTHTAPSVV
AQKIDSVTSADVVNAAKKFVSGKKSMAASGDLGSTPFLDEL
;
B,O
3 'polypeptide(L)'
;MAPNIRKSHPLLKMINNSLIDLPAPSNISAWWNFGSLLAVCLMTQILTGLLLAMHYTADTSLAFSSVAHTCRNVQYGWLI
RNLHANGASFFFICIFLHIGRGLYYGSYLYKETWNTGVILLLTLMATAFVGYVLPWGQMSFWGATVITNLFSAIPYIGHT
LVEWAWGGFSVDNPTLTRFFALHFLLPFAIAGITIIHLTFLHESGSNNPLGISSDSDKIPFHPYYSFKDILGLTLMLTPF
LTLALFSPNLLGDPENFTPANPLVTPPHIKPEWYFLFAYAILRSIPNKLGGVLALAASVLILFLIPFLHKSKQRTMTFRP
LSQTLFWLLVANLLILTWIGSQPVEHPFIIIGQMASLSYFTILLILFPTIGTLENKMLNY
;
C,P
4 'polypeptide(L)'
;GELELHPPAFPWSHGGPLSALDHSSVRRGFQVYKQVCSACHSMDYVAFRNLIGVTHTEAEAKALAEEVEVQDGPDENGEL
FMRPGKISDYFPKPYPNPEAARAANNGALPPDLSYIVNARHGGEDYVFSLLTGYCDPPAGVVVREGLHYNPYFPGQAIGM
APPIYNEILEYDDGTPATMSQIAKDVCTFLRWAAEPEHDQRKRMGLKMLLISALLTSLLYYMKRHKWSVLKSRKMAYRPP
K
;
D,Q
5 'polypeptide(L)'
;VHNDVTVPDFSAYRREDVMDATTSSQTSSEDRKGFSYLVTATACVATAYAAKNVVTQFISSLSASADVLALSKIEIKLSD
IPEGKNVAFKWRGKPLFVRHRTQAEINQEAEVDVSKLRDPQHDLDRVKKPEWVILVGVCTHLGCVPIANSGDFGGYYCPC
HGSHYDASGRIRKGPAPYNLEVPTYQFVGDDLVVVG
;
E,R
6 'polypeptide(L)'
;AARATVAGGGRLMDRIRKWYYNAAGFNKYGLMRDDTLYEDDDVKEALKRLPEDLYNERMFRIKRALDLSLKHRILPKEQW
VKYEEDKPYLEPYLKEVIRERLEREAWNKK
;
F,S
7 'polypeptide(L)'
;GIHFGNLARVRHIITYSLSPFEQRAIPNIFSDALPNVWRRFSSQVFKVAPPFLGAYLLYSWGTQEFERLKRKNPADYEND
Q
;
G,T
8 'polypeptide(L)' LRGSGEEEEEELVDPLTTIREHCEQTEKCVKARERLELCDARVSSRSHTEEQCTEELFDFLHARDHCVAHKLFNKLK H,U
9 'polypeptide(L)'
;(UNK)(UNK)(UNK)(UNK)(UNK)(UNK)(UNK)(UNK)(UNK)(UNK)(UNK)(UNK)(UNK)(UNK)(UNK)RPLLC
RESMSGRSARRDLVAGISLNAPASVRY
;
I,V
10 'polypeptide(L)' ALLRQAYSALFRRTSTFALTVVLGAVLFERAFDQGADAIFEHLNEGKLWKHIKHKYEASEE J,W
#
# COMPACT_ATOMS: atom_id res chain seq x y z
N ALA A 2 -32.86 -27.18 -49.87
CA ALA A 2 -31.41 -26.86 -50.07
C ALA A 2 -30.71 -26.71 -48.71
N THR A 3 -30.12 -27.81 -48.23
CA THR A 3 -29.42 -27.78 -46.96
C THR A 3 -27.94 -27.49 -47.14
N TYR A 4 -27.31 -27.09 -46.05
CA TYR A 4 -25.89 -26.78 -46.05
C TYR A 4 -25.16 -27.93 -46.74
N ALA A 5 -25.44 -29.15 -46.31
CA ALA A 5 -24.80 -30.30 -46.89
C ALA A 5 -24.97 -30.32 -48.41
N GLN A 6 -26.22 -30.23 -48.85
CA GLN A 6 -26.50 -30.25 -50.28
C GLN A 6 -25.74 -29.19 -51.04
N THR A 7 -25.79 -27.95 -50.57
CA THR A 7 -25.10 -26.86 -51.26
C THR A 7 -23.61 -27.16 -51.41
N LEU A 8 -23.05 -27.84 -50.41
CA LEU A 8 -21.64 -28.18 -50.47
C LEU A 8 -21.34 -29.21 -51.54
N GLN A 9 -22.25 -30.18 -51.70
CA GLN A 9 -22.07 -31.23 -52.70
C GLN A 9 -22.29 -30.72 -54.13
N ASN A 10 -23.21 -29.77 -54.28
CA ASN A 10 -23.53 -29.23 -55.60
C ASN A 10 -22.56 -28.17 -56.15
N ILE A 11 -21.50 -27.88 -55.40
CA ILE A 11 -20.56 -26.90 -55.88
C ILE A 11 -19.71 -27.48 -57.00
N PRO A 12 -19.64 -26.77 -58.15
CA PRO A 12 -18.87 -27.24 -59.29
C PRO A 12 -17.49 -27.69 -58.87
N GLU A 13 -17.03 -28.79 -59.43
CA GLU A 13 -15.73 -29.33 -59.09
C GLU A 13 -14.59 -28.50 -59.70
N THR A 14 -13.41 -28.62 -59.11
CA THR A 14 -12.24 -27.88 -59.58
C THR A 14 -11.47 -28.77 -60.53
N ASN A 15 -11.30 -28.31 -61.77
CA ASN A 15 -10.60 -29.08 -62.79
C ASN A 15 -9.13 -28.75 -62.90
N VAL A 16 -8.34 -29.81 -62.98
CA VAL A 16 -6.89 -29.66 -63.08
C VAL A 16 -6.34 -30.51 -64.21
N THR A 17 -5.40 -29.96 -64.95
CA THR A 17 -4.78 -30.68 -66.04
C THR A 17 -3.33 -30.17 -66.08
N THR A 18 -2.41 -31.01 -66.54
CA THR A 18 -1.01 -30.60 -66.56
C THR A 18 -0.41 -30.60 -67.97
N LEU A 19 0.31 -29.54 -68.31
CA LEU A 19 0.93 -29.46 -69.61
C LEU A 19 2.23 -30.25 -69.58
N ASP A 20 2.81 -30.50 -70.75
CA ASP A 20 4.04 -31.26 -70.83
C ASP A 20 5.23 -30.56 -70.19
N ASN A 21 5.20 -29.23 -70.17
CA ASN A 21 6.29 -28.47 -69.57
C ASN A 21 6.28 -28.59 -68.05
N GLY A 22 5.21 -29.17 -67.51
CA GLY A 22 5.10 -29.35 -66.08
C GLY A 22 4.13 -28.41 -65.39
N LEU A 23 3.67 -27.39 -66.09
CA LEU A 23 2.74 -26.43 -65.49
C LEU A 23 1.38 -27.04 -65.27
N ARG A 24 0.70 -26.62 -64.22
CA ARG A 24 -0.63 -27.11 -63.89
C ARG A 24 -1.66 -26.04 -64.12
N VAL A 25 -2.80 -26.42 -64.70
CA VAL A 25 -3.85 -25.47 -64.95
C VAL A 25 -5.11 -25.94 -64.25
N ALA A 26 -5.59 -25.13 -63.31
CA ALA A 26 -6.78 -25.46 -62.55
C ALA A 26 -7.79 -24.33 -62.62
N SER A 27 -9.06 -24.67 -62.47
CA SER A 27 -10.12 -23.67 -62.52
C SER A 27 -11.46 -24.21 -62.06
N GLU A 28 -12.25 -23.34 -61.44
CA GLU A 28 -13.57 -23.71 -60.96
C GLU A 28 -14.52 -22.83 -61.77
N GLU A 29 -15.49 -23.48 -62.40
CA GLU A 29 -16.46 -22.80 -63.25
C GLU A 29 -17.77 -22.41 -62.60
N SER A 30 -18.20 -21.19 -62.90
CA SER A 30 -19.46 -20.65 -62.40
C SER A 30 -20.11 -19.95 -63.59
N SER A 31 -21.19 -19.22 -63.34
CA SER A 31 -21.89 -18.52 -64.41
C SER A 31 -21.72 -17.00 -64.36
N GLN A 32 -20.53 -16.55 -63.96
CA GLN A 32 -20.27 -15.11 -63.86
C GLN A 32 -19.57 -14.45 -65.02
N PRO A 33 -20.18 -13.37 -65.54
CA PRO A 33 -19.67 -12.59 -66.67
C PRO A 33 -18.27 -12.07 -66.41
N THR A 34 -17.91 -12.09 -65.13
CA THR A 34 -16.64 -11.60 -64.67
C THR A 34 -15.82 -12.77 -64.16
N CYS A 35 -14.49 -12.63 -64.16
CA CYS A 35 -13.62 -13.70 -63.67
C CYS A 35 -12.24 -13.21 -63.23
N THR A 36 -11.49 -14.10 -62.59
CA THR A 36 -10.15 -13.79 -62.14
C THR A 36 -9.27 -14.95 -62.56
N VAL A 37 -8.12 -14.64 -63.13
CA VAL A 37 -7.18 -15.69 -63.51
C VAL A 37 -5.79 -15.19 -63.16
N GLY A 38 -4.93 -16.11 -62.70
CA GLY A 38 -3.60 -15.71 -62.33
C GLY A 38 -2.66 -16.89 -62.19
N VAL A 39 -1.38 -16.58 -62.05
CA VAL A 39 -0.39 -17.62 -61.91
C VAL A 39 0.25 -17.57 -60.51
N TRP A 40 0.04 -18.64 -59.75
CA TRP A 40 0.58 -18.76 -58.40
C TRP A 40 1.89 -19.52 -58.45
N ILE A 41 2.98 -18.83 -58.14
CA ILE A 41 4.31 -19.42 -58.16
C ILE A 41 4.82 -19.82 -56.77
N GLY A 42 5.45 -20.98 -56.69
CA GLY A 42 6.00 -21.43 -55.43
C GLY A 42 7.38 -20.81 -55.31
N ALA A 43 7.41 -19.52 -54.99
CA ALA A 43 8.66 -18.78 -54.81
C ALA A 43 8.45 -17.72 -53.74
N GLY A 44 9.55 -17.19 -53.22
CA GLY A 44 9.45 -16.19 -52.17
C GLY A 44 10.81 -15.91 -51.53
N SER A 45 10.81 -15.17 -50.43
CA SER A 45 12.06 -14.81 -49.75
C SER A 45 12.78 -16.04 -49.21
N ARG A 46 12.02 -17.07 -48.83
CA ARG A 46 12.63 -18.27 -48.29
C ARG A 46 13.59 -18.89 -49.29
N TYR A 47 13.30 -18.74 -50.57
CA TYR A 47 14.15 -19.30 -51.63
C TYR A 47 15.35 -18.42 -51.90
N GLU A 48 15.37 -17.21 -51.35
CA GLU A 48 16.49 -16.31 -51.61
C GLU A 48 17.56 -16.62 -50.59
N ASN A 49 18.61 -15.81 -50.58
CA ASN A 49 19.70 -15.97 -49.64
C ASN A 49 20.29 -14.61 -49.31
N GLU A 50 21.33 -14.60 -48.50
CA GLU A 50 22.00 -13.39 -48.05
C GLU A 50 22.33 -12.35 -49.13
N LYS A 51 22.67 -12.81 -50.34
CA LYS A 51 23.02 -11.88 -51.42
C LYS A 51 21.86 -11.37 -52.28
N ASN A 52 20.86 -12.21 -52.51
CA ASN A 52 19.72 -11.80 -53.34
C ASN A 52 18.41 -11.67 -52.56
N ASN A 53 18.49 -11.34 -51.27
CA ASN A 53 17.30 -11.18 -50.45
C ASN A 53 16.57 -9.93 -50.90
N GLY A 54 15.27 -10.06 -51.15
CA GLY A 54 14.47 -8.94 -51.59
C GLY A 54 14.44 -8.81 -53.10
N ALA A 55 14.93 -9.84 -53.78
CA ALA A 55 14.92 -9.84 -55.24
C ALA A 55 13.47 -10.14 -55.66
N GLY A 56 12.90 -11.20 -55.11
CA GLY A 56 11.53 -11.53 -55.45
C GLY A 56 10.60 -10.33 -55.30
N TYR A 57 10.94 -9.42 -54.38
CA TYR A 57 10.11 -8.24 -54.15
C TYR A 57 10.41 -7.23 -55.23
N PHE A 58 11.70 -7.08 -55.53
CA PHE A 58 12.13 -6.15 -56.55
C PHE A 58 11.43 -6.53 -57.85
N VAL A 59 11.37 -7.83 -58.12
CA VAL A 59 10.72 -8.34 -59.31
C VAL A 59 9.23 -7.97 -59.31
N GLU A 60 8.56 -8.19 -58.18
CA GLU A 60 7.15 -7.87 -58.06
C GLU A 60 6.88 -6.41 -58.43
N HIS A 61 7.93 -5.58 -58.39
CA HIS A 61 7.80 -4.17 -58.75
C HIS A 61 7.91 -3.93 -60.24
N LEU A 62 8.57 -4.84 -60.95
CA LEU A 62 8.76 -4.67 -62.39
C LEU A 62 7.83 -5.55 -63.19
N ALA A 63 7.26 -6.56 -62.55
CA ALA A 63 6.36 -7.47 -63.24
C ALA A 63 5.18 -6.76 -63.86
N PHE A 64 5.07 -5.45 -63.63
CA PHE A 64 3.95 -4.70 -64.18
C PHE A 64 4.40 -3.46 -64.94
N LYS A 65 5.71 -3.29 -65.09
CA LYS A 65 6.24 -2.13 -65.79
C LYS A 65 6.59 -2.46 -67.24
N GLY A 66 5.99 -3.53 -67.76
CA GLY A 66 6.24 -3.88 -69.16
C GLY A 66 7.14 -5.06 -69.50
N THR A 67 6.82 -5.69 -70.63
CA THR A 67 7.53 -6.84 -71.15
C THR A 67 8.36 -6.50 -72.40
N LYS A 68 8.84 -7.52 -73.11
CA LYS A 68 9.62 -7.31 -74.32
C LYS A 68 8.68 -7.05 -75.49
N LYS A 69 7.63 -7.86 -75.60
CA LYS A 69 6.64 -7.71 -76.66
C LYS A 69 5.92 -6.36 -76.57
N ARG A 70 5.85 -5.79 -75.37
CA ARG A 70 5.16 -4.51 -75.20
C ARG A 70 5.66 -3.68 -74.01
N PRO A 71 6.33 -2.57 -74.30
CA PRO A 71 6.86 -1.67 -73.26
C PRO A 71 5.82 -1.21 -72.25
N CYS A 72 6.27 -0.43 -71.26
CA CYS A 72 5.42 0.06 -70.19
C CYS A 72 4.05 0.60 -70.63
N ALA A 73 4.05 1.81 -71.18
CA ALA A 73 2.82 2.46 -71.63
C ALA A 73 1.87 1.51 -72.34
N ALA A 74 2.40 0.79 -73.33
CA ALA A 74 1.61 -0.17 -74.11
C ALA A 74 0.96 -1.22 -73.22
N PHE A 75 1.77 -1.84 -72.38
CA PHE A 75 1.29 -2.87 -71.47
C PHE A 75 0.18 -2.32 -70.59
N GLU A 76 0.42 -1.14 -70.02
CA GLU A 76 -0.55 -0.53 -69.14
C GLU A 76 -1.85 -0.17 -69.86
N LYS A 77 -1.72 0.61 -70.92
CA LYS A 77 -2.88 1.03 -71.70
C LYS A 77 -3.79 -0.16 -72.08
N GLU A 78 -3.18 -1.21 -72.60
CA GLU A 78 -3.91 -2.40 -73.00
C GLU A 78 -4.72 -3.03 -71.87
N VAL A 79 -4.11 -3.13 -70.70
CA VAL A 79 -4.79 -3.71 -69.55
C VAL A 79 -5.87 -2.77 -69.03
N GLU A 80 -5.51 -1.49 -68.89
CA GLU A 80 -6.47 -0.51 -68.40
C GLU A 80 -7.68 -0.43 -69.31
N SER A 81 -7.42 -0.17 -70.60
CA SER A 81 -8.48 -0.02 -71.58
C SER A 81 -9.49 -1.16 -71.70
N MET A 82 -9.25 -2.28 -71.03
CA MET A 82 -10.21 -3.37 -71.10
C MET A 82 -10.93 -3.57 -69.77
N GLY A 83 -10.71 -2.63 -68.85
CA GLY A 83 -11.34 -2.67 -67.54
C GLY A 83 -10.87 -3.75 -66.59
N ALA A 84 -9.69 -4.31 -66.86
CA ALA A 84 -9.13 -5.37 -66.03
C ALA A 84 -8.26 -4.81 -64.93
N HIS A 85 -8.20 -5.53 -63.81
CA HIS A 85 -7.41 -5.15 -62.66
C HIS A 85 -6.18 -6.04 -62.55
N PHE A 86 -5.03 -5.42 -62.39
CA PHE A 86 -3.82 -6.20 -62.26
C PHE A 86 -3.14 -6.07 -60.91
N ASN A 87 -3.19 -7.15 -60.14
CA ASN A 87 -2.57 -7.15 -58.84
C ASN A 87 -1.68 -8.34 -58.63
N GLY A 88 -0.96 -8.34 -57.52
CA GLY A 88 -0.05 -9.42 -57.21
C GLY A 88 0.64 -9.23 -55.87
N TYR A 89 1.39 -10.24 -55.44
CA TYR A 89 2.06 -10.17 -54.17
C TYR A 89 3.16 -11.21 -54.05
N THR A 90 4.09 -10.98 -53.12
CA THR A 90 5.17 -11.91 -52.88
C THR A 90 5.30 -12.09 -51.36
N SER A 91 5.33 -13.33 -50.89
CA SER A 91 5.46 -13.62 -49.47
C SER A 91 6.76 -14.41 -49.25
N ARG A 92 6.83 -15.19 -48.17
CA ARG A 92 8.03 -15.95 -47.88
C ARG A 92 8.16 -17.24 -48.67
N GLU A 93 7.05 -17.93 -48.89
CA GLU A 93 7.04 -19.18 -49.65
C GLU A 93 6.17 -19.16 -50.90
N GLN A 94 5.44 -18.06 -51.11
CA GLN A 94 4.53 -17.99 -52.25
C GLN A 94 4.44 -16.63 -52.91
N THR A 95 4.27 -16.63 -54.22
CA THR A 95 4.14 -15.38 -54.99
C THR A 95 2.91 -15.54 -55.90
N ALA A 96 2.37 -14.43 -56.38
CA ALA A 96 1.21 -14.51 -57.27
C ALA A 96 0.97 -13.23 -58.08
N PHE A 97 0.57 -13.41 -59.34
CA PHE A 97 0.23 -12.30 -60.23
C PHE A 97 -1.11 -12.68 -60.83
N TYR A 98 -2.12 -11.88 -60.55
CA TYR A 98 -3.44 -12.21 -61.06
C TYR A 98 -4.22 -11.03 -61.64
N ILE A 99 -5.18 -11.36 -62.51
CA ILE A 99 -6.00 -10.36 -63.17
C ILE A 99 -7.49 -10.60 -63.04
N LYS A 100 -8.23 -9.51 -62.84
CA LYS A 100 -9.68 -9.55 -62.74
C LYS A 100 -10.20 -8.92 -64.03
N ALA A 101 -11.18 -9.58 -64.64
CA ALA A 101 -11.75 -9.06 -65.88
C ALA A 101 -13.00 -9.83 -66.32
N LEU A 102 -13.46 -9.48 -67.51
CA LEU A 102 -14.64 -10.10 -68.13
C LEU A 102 -14.25 -11.45 -68.69
N SER A 103 -15.00 -12.49 -68.32
CA SER A 103 -14.73 -13.85 -68.79
C SER A 103 -14.50 -13.84 -70.29
N LYS A 104 -15.12 -12.86 -70.94
CA LYS A 104 -15.01 -12.67 -72.37
C LYS A 104 -13.55 -12.47 -72.82
N ASP A 105 -12.65 -12.22 -71.87
CA ASP A 105 -11.25 -12.01 -72.23
C ASP A 105 -10.28 -12.99 -71.60
N MET A 106 -10.84 -13.99 -70.91
CA MET A 106 -10.02 -14.99 -70.26
C MET A 106 -8.79 -15.35 -71.09
N PRO A 107 -8.95 -15.53 -72.40
CA PRO A 107 -7.80 -15.87 -73.26
C PRO A 107 -6.75 -14.77 -73.45
N LYS A 108 -7.18 -13.55 -73.71
CA LYS A 108 -6.22 -12.45 -73.89
C LYS A 108 -5.42 -12.27 -72.60
N VAL A 109 -6.11 -12.43 -71.47
CA VAL A 109 -5.50 -12.31 -70.16
C VAL A 109 -4.39 -13.37 -69.99
N VAL A 110 -4.73 -14.62 -70.26
CA VAL A 110 -3.76 -15.71 -70.16
C VAL A 110 -2.50 -15.41 -70.94
N GLU A 111 -2.66 -14.72 -72.06
CA GLU A 111 -1.52 -14.35 -72.88
C GLU A 111 -0.73 -13.27 -72.15
N LEU A 112 -1.46 -12.36 -71.53
CA LEU A 112 -0.85 -11.28 -70.78
C LEU A 112 -0.05 -11.81 -69.60
N LEU A 113 -0.65 -12.74 -68.86
CA LEU A 113 0.02 -13.33 -67.70
C LEU A 113 1.32 -13.96 -68.15
N ALA A 114 1.23 -14.89 -69.09
CA ALA A 114 2.42 -15.58 -69.59
C ALA A 114 3.52 -14.63 -70.02
N ASP A 115 3.12 -13.50 -70.60
CA ASP A 115 4.09 -12.53 -71.08
C ASP A 115 4.81 -11.87 -69.91
N VAL A 116 4.08 -11.71 -68.80
CA VAL A 116 4.60 -11.10 -67.59
C VAL A 116 5.61 -11.99 -66.88
N VAL A 117 5.24 -13.25 -66.65
CA VAL A 117 6.12 -14.20 -65.99
C VAL A 117 7.28 -14.70 -66.86
N GLN A 118 7.19 -14.55 -68.18
CA GLN A 118 8.24 -15.03 -69.06
C GLN A 118 9.13 -13.97 -69.69
N ASN A 119 8.55 -12.83 -70.08
CA ASN A 119 9.35 -11.80 -70.75
C ASN A 119 9.36 -10.45 -70.09
N CYS A 120 9.66 -10.41 -68.81
CA CYS A 120 9.71 -9.13 -68.11
C CYS A 120 10.85 -8.31 -68.71
N ALA A 121 10.56 -7.06 -69.05
CA ALA A 121 11.54 -6.18 -69.66
C ALA A 121 12.74 -5.86 -68.78
N LEU A 122 12.54 -5.78 -67.47
CA LEU A 122 13.63 -5.46 -66.55
C LEU A 122 14.41 -4.28 -67.10
N GLU A 123 13.66 -3.25 -67.47
CA GLU A 123 14.26 -2.04 -68.01
C GLU A 123 15.32 -1.50 -67.07
N GLU A 124 16.57 -1.51 -67.52
CA GLU A 124 17.68 -1.02 -66.72
C GLU A 124 17.39 0.29 -66.00
N SER A 125 16.70 1.19 -66.67
CA SER A 125 16.36 2.50 -66.11
C SER A 125 15.21 2.42 -65.11
N GLN A 126 14.26 1.53 -65.39
CA GLN A 126 13.09 1.33 -64.54
C GLN A 126 13.55 0.72 -63.20
N ILE A 127 14.59 -0.11 -63.28
CA ILE A 127 15.16 -0.74 -62.10
C ILE A 127 15.69 0.31 -61.12
N GLU A 128 16.43 1.29 -61.62
CA GLU A 128 16.96 2.31 -60.73
C GLU A 128 15.84 3.17 -60.19
N LYS A 129 14.75 3.26 -60.94
CA LYS A 129 13.62 4.06 -60.52
C LYS A 129 12.86 3.37 -59.40
N GLU A 130 12.73 2.06 -59.50
CA GLU A 130 12.03 1.27 -58.48
C GLU A 130 12.88 1.06 -57.22
N ARG A 131 14.19 1.16 -57.39
CA ARG A 131 15.13 1.00 -56.29
C ARG A 131 14.79 2.05 -55.26
N GLY A 132 14.46 3.25 -55.73
CA GLY A 132 14.13 4.34 -54.84
C GLY A 132 12.73 4.25 -54.28
N VAL A 133 11.83 3.61 -55.03
CA VAL A 133 10.45 3.43 -54.61
C VAL A 133 10.41 2.40 -53.48
N ILE A 134 11.06 1.27 -53.72
CA ILE A 134 11.11 0.22 -52.71
C ILE A 134 11.70 0.81 -51.43
N LEU A 135 12.74 1.65 -51.55
CA LEU A 135 13.32 2.23 -50.35
C LEU A 135 12.32 3.12 -49.60
N GLN A 136 11.33 3.66 -50.30
CA GLN A 136 10.35 4.50 -49.62
C GLN A 136 9.31 3.63 -48.94
N GLU A 137 9.04 2.47 -49.52
CA GLU A 137 8.05 1.59 -48.91
C GLU A 137 8.60 0.94 -47.66
N LEU A 138 9.93 0.78 -47.58
CA LEU A 138 10.51 0.16 -46.40
C LEU A 138 10.39 1.09 -45.22
N LYS A 139 10.43 2.41 -45.47
CA LYS A 139 10.29 3.38 -44.39
C LYS A 139 8.82 3.51 -44.01
N GLU A 140 7.93 3.29 -44.97
CA GLU A 140 6.51 3.38 -44.67
C GLU A 140 6.15 2.18 -43.80
N MET A 141 6.53 0.99 -44.24
CA MET A 141 6.22 -0.24 -43.52
C MET A 141 6.87 -0.33 -42.16
N ASP A 142 7.91 0.47 -41.93
CA ASP A 142 8.63 0.46 -40.67
C ASP A 142 7.78 1.07 -39.58
N ASN A 143 6.69 1.73 -39.96
CA ASN A 143 5.81 2.33 -38.97
C ASN A 143 4.62 1.45 -38.73
N ASP A 144 4.60 0.31 -39.40
CA ASP A 144 3.51 -0.64 -39.23
C ASP A 144 3.94 -1.64 -38.14
N MET A 145 3.77 -1.22 -36.89
CA MET A 145 4.13 -2.04 -35.73
C MET A 145 3.73 -3.49 -35.86
N THR A 146 2.52 -3.73 -36.34
CA THR A 146 2.03 -5.09 -36.48
C THR A 146 2.91 -5.90 -37.39
N ASN A 147 3.30 -5.30 -38.51
CA ASN A 147 4.15 -6.01 -39.44
C ASN A 147 5.59 -6.02 -39.01
N VAL A 148 6.01 -5.01 -38.24
CA VAL A 148 7.38 -4.97 -37.73
C VAL A 148 7.46 -6.09 -36.72
N THR A 149 6.39 -6.23 -35.95
CA THR A 149 6.34 -7.25 -34.93
C THR A 149 6.36 -8.68 -35.49
N PHE A 150 5.61 -8.93 -36.56
CA PHE A 150 5.62 -10.26 -37.14
C PHE A 150 6.95 -10.56 -37.80
N ASP A 151 7.58 -9.54 -38.38
CA ASP A 151 8.88 -9.76 -39.00
C ASP A 151 9.84 -10.20 -37.92
N TYR A 152 9.85 -9.48 -36.81
CA TYR A 152 10.71 -9.80 -35.69
C TYR A 152 10.41 -11.20 -35.17
N LEU A 153 9.12 -11.55 -35.10
CA LEU A 153 8.73 -12.88 -34.64
C LEU A 153 9.43 -13.96 -35.50
N HIS A 154 9.46 -13.76 -36.82
CA HIS A 154 10.12 -14.69 -37.72
C HIS A 154 11.64 -14.59 -37.57
N ALA A 155 12.12 -13.37 -37.40
CA ALA A 155 13.55 -13.13 -37.26
C ALA A 155 14.15 -13.95 -36.12
N THR A 156 13.42 -14.07 -35.01
CA THR A 156 13.94 -14.82 -33.87
C THR A 156 13.49 -16.30 -33.85
N ALA A 157 12.22 -16.54 -34.15
CA ALA A 157 11.66 -17.89 -34.15
C ALA A 157 12.41 -18.79 -35.12
N PHE A 158 12.87 -18.21 -36.22
CA PHE A 158 13.60 -18.97 -37.24
C PHE A 158 14.98 -18.40 -37.46
N GLN A 159 15.55 -17.79 -36.42
CA GLN A 159 16.89 -17.20 -36.51
C GLN A 159 17.91 -18.19 -37.06
N GLY A 160 18.82 -17.69 -37.87
CA GLY A 160 19.83 -18.55 -38.44
C GLY A 160 19.39 -19.24 -39.71
N THR A 161 18.09 -19.23 -39.98
CA THR A 161 17.58 -19.88 -41.16
C THR A 161 17.04 -18.89 -42.17
N ALA A 162 16.43 -19.44 -43.23
CA ALA A 162 15.88 -18.67 -44.34
C ALA A 162 14.57 -17.97 -44.01
N LEU A 163 13.71 -18.63 -43.23
CA LEU A 163 12.45 -18.01 -42.88
C LEU A 163 12.64 -16.81 -41.94
N ALA A 164 13.88 -16.54 -41.56
CA ALA A 164 14.19 -15.43 -40.69
C ALA A 164 14.17 -14.10 -41.43
N ARG A 165 14.44 -14.14 -42.73
CA ARG A 165 14.46 -12.93 -43.54
C ARG A 165 13.06 -12.40 -43.85
N THR A 166 12.98 -11.08 -44.05
CA THR A 166 11.73 -10.43 -44.37
C THR A 166 11.52 -10.52 -45.88
N VAL A 167 10.27 -10.39 -46.33
CA VAL A 167 9.97 -10.48 -47.76
C VAL A 167 10.55 -9.32 -48.55
N GLU A 168 10.42 -8.12 -48.04
CA GLU A 168 10.94 -6.95 -48.73
C GLU A 168 12.48 -6.94 -48.86
N GLY A 169 13.18 -7.62 -47.95
CA GLY A 169 14.63 -7.64 -48.04
C GLY A 169 15.40 -6.53 -47.31
N THR A 170 16.72 -6.63 -47.31
CA THR A 170 17.60 -5.68 -46.65
C THR A 170 17.82 -4.39 -47.42
N THR A 171 18.26 -3.36 -46.72
CA THR A 171 18.54 -2.07 -47.33
C THR A 171 19.73 -2.25 -48.26
N GLU A 172 20.77 -2.94 -47.79
CA GLU A 172 21.96 -3.15 -48.61
C GLU A 172 21.65 -3.83 -49.92
N ASN A 173 20.86 -4.90 -49.85
CA ASN A 173 20.46 -5.65 -51.04
C ASN A 173 19.70 -4.76 -52.02
N ILE A 174 18.70 -4.03 -51.52
CA ILE A 174 17.93 -3.17 -52.37
C ILE A 174 18.80 -2.12 -53.02
N LYS A 175 19.85 -1.71 -52.34
CA LYS A 175 20.75 -0.71 -52.88
C LYS A 175 21.76 -1.29 -53.87
N HIS A 176 21.91 -2.60 -53.88
CA HIS A 176 22.88 -3.21 -54.78
C HIS A 176 22.40 -4.34 -55.69
N LEU A 177 21.11 -4.67 -55.67
CA LEU A 177 20.65 -5.74 -56.55
C LEU A 177 20.84 -5.30 -58.00
N THR A 178 21.36 -6.22 -58.81
CA THR A 178 21.64 -5.94 -60.21
C THR A 178 20.60 -6.47 -61.19
N ARG A 179 20.54 -5.83 -62.34
CA ARG A 179 19.62 -6.21 -63.40
C ARG A 179 19.79 -7.70 -63.63
N ALA A 180 21.03 -8.16 -63.50
CA ALA A 180 21.38 -9.56 -63.69
C ALA A 180 20.81 -10.47 -62.61
N ASP A 181 20.78 -9.97 -61.38
CA ASP A 181 20.28 -10.72 -60.22
C ASP A 181 18.80 -10.99 -60.36
N LEU A 182 18.06 -9.93 -60.70
CA LEU A 182 16.62 -10.05 -60.87
C LEU A 182 16.37 -11.06 -61.98
N ALA A 183 17.12 -10.89 -63.07
CA ALA A 183 17.00 -11.77 -64.22
C ALA A 183 17.21 -13.19 -63.75
N SER A 184 18.32 -13.40 -63.04
CA SER A 184 18.64 -14.71 -62.51
C SER A 184 17.52 -15.23 -61.65
N TYR A 185 16.97 -14.36 -60.80
CA TYR A 185 15.90 -14.78 -59.91
C TYR A 185 14.77 -15.36 -60.74
N ILE A 186 14.25 -14.55 -61.64
CA ILE A 186 13.15 -14.96 -62.48
C ILE A 186 13.37 -16.30 -63.15
N ASP A 187 14.53 -16.46 -63.77
CA ASP A 187 14.85 -17.70 -64.45
C ASP A 187 14.93 -18.90 -63.52
N THR A 188 15.57 -18.70 -62.39
CA THR A 188 15.73 -19.78 -61.43
C THR A 188 14.41 -20.23 -60.80
N HIS A 189 13.49 -19.30 -60.58
CA HIS A 189 12.25 -19.64 -59.91
C HIS A 189 10.93 -19.68 -60.66
N PHE A 190 10.68 -18.73 -61.55
CA PHE A 190 9.43 -18.74 -62.29
C PHE A 190 9.48 -19.83 -63.36
N LYS A 191 9.32 -21.08 -62.94
CA LYS A 191 9.37 -22.22 -63.85
C LYS A 191 8.10 -23.08 -63.81
N ALA A 192 7.60 -23.43 -64.99
CA ALA A 192 6.38 -24.22 -65.16
C ALA A 192 5.97 -25.19 -64.05
N PRO A 193 6.82 -26.19 -63.74
CA PRO A 193 6.44 -27.13 -62.68
C PRO A 193 6.17 -26.50 -61.30
N ARG A 194 6.77 -25.34 -61.06
CA ARG A 194 6.59 -24.63 -59.80
C ARG A 194 5.52 -23.56 -59.87
N MET A 195 4.72 -23.57 -60.95
CA MET A 195 3.66 -22.59 -61.11
C MET A 195 2.28 -23.23 -61.26
N VAL A 196 1.25 -22.41 -61.13
CA VAL A 196 -0.12 -22.87 -61.28
C VAL A 196 -0.99 -21.79 -61.93
N LEU A 197 -1.64 -22.15 -63.03
CA LEU A 197 -2.54 -21.23 -63.73
C LEU A 197 -3.91 -21.56 -63.17
N ALA A 198 -4.44 -20.62 -62.40
CA ALA A 198 -5.74 -20.81 -61.79
C ALA A 198 -6.67 -19.73 -62.26
N ALA A 199 -7.95 -20.09 -62.38
CA ALA A 199 -8.97 -19.18 -62.82
C ALA A 199 -10.29 -19.60 -62.23
N ALA A 200 -11.16 -18.63 -61.99
CA ALA A 200 -12.47 -18.90 -61.45
C ALA A 200 -13.45 -17.91 -62.06
N GLY A 201 -14.70 -18.34 -62.17
CA GLY A 201 -15.75 -17.51 -62.74
C GLY A 201 -16.41 -18.24 -63.89
N GLY A 202 -16.89 -17.49 -64.88
CA GLY A 202 -17.53 -18.09 -66.03
C GLY A 202 -16.50 -18.37 -67.11
N ILE A 203 -15.76 -19.46 -66.97
CA ILE A 203 -14.73 -19.79 -67.94
C ILE A 203 -14.72 -21.27 -68.28
N SER A 204 -14.33 -21.55 -69.52
CA SER A 204 -14.25 -22.92 -70.01
C SER A 204 -12.90 -23.49 -69.58
N HIS A 205 -12.92 -24.59 -68.86
CA HIS A 205 -11.68 -25.19 -68.43
C HIS A 205 -10.87 -25.55 -69.67
N LYS A 206 -11.54 -26.13 -70.66
CA LYS A 206 -10.86 -26.53 -71.90
C LYS A 206 -10.36 -25.32 -72.71
N GLU A 207 -11.06 -24.20 -72.62
CA GLU A 207 -10.64 -23.00 -73.34
C GLU A 207 -9.46 -22.36 -72.61
N LEU A 208 -9.46 -22.52 -71.29
CA LEU A 208 -8.40 -22.00 -70.46
C LEU A 208 -7.14 -22.79 -70.76
N VAL A 209 -7.24 -24.11 -70.63
CA VAL A 209 -6.12 -25.00 -70.87
C VAL A 209 -5.53 -24.86 -72.28
N ASP A 210 -6.37 -24.45 -73.23
CA ASP A 210 -5.91 -24.26 -74.60
C ASP A 210 -5.03 -23.04 -74.73
N ALA A 211 -5.54 -21.90 -74.26
CA ALA A 211 -4.76 -20.67 -74.32
C ALA A 211 -3.47 -20.88 -73.53
N ALA A 212 -3.56 -21.77 -72.53
CA ALA A 212 -2.43 -22.10 -71.68
C ALA A 212 -1.36 -22.81 -72.51
N ARG A 213 -1.79 -23.80 -73.30
CA ARG A 213 -0.87 -24.55 -74.15
C ARG A 213 -0.19 -23.63 -75.14
N GLN A 214 -0.95 -22.66 -75.64
CA GLN A 214 -0.45 -21.73 -76.63
C GLN A 214 0.60 -20.75 -76.11
N HIS A 215 0.41 -20.22 -74.90
CA HIS A 215 1.35 -19.25 -74.35
C HIS A 215 2.34 -19.75 -73.32
N PHE A 216 1.95 -20.73 -72.52
CA PHE A 216 2.86 -21.28 -71.54
C PHE A 216 3.48 -22.51 -72.19
N SER A 217 4.61 -22.29 -72.84
CA SER A 217 5.31 -23.36 -73.56
C SER A 217 6.74 -23.63 -73.04
N GLY A 218 7.72 -23.02 -73.70
CA GLY A 218 9.11 -23.19 -73.34
C GLY A 218 9.41 -24.37 -72.42
N VAL A 219 9.23 -25.59 -72.95
CA VAL A 219 9.47 -26.80 -72.17
C VAL A 219 10.95 -26.96 -71.82
N SER A 220 11.21 -27.82 -70.83
CA SER A 220 12.54 -28.10 -70.34
C SER A 220 13.17 -29.36 -70.95
N PHE A 221 14.49 -29.37 -71.06
CA PHE A 221 15.20 -30.51 -71.63
C PHE A 221 15.79 -31.44 -70.57
N THR A 222 16.57 -30.87 -69.65
CA THR A 222 17.19 -31.66 -68.61
C THR A 222 16.22 -32.02 -67.50
N TYR A 223 16.71 -32.79 -66.53
CA TYR A 223 15.90 -33.23 -65.40
C TYR A 223 15.98 -32.19 -64.26
N LYS A 224 17.05 -31.41 -64.26
CA LYS A 224 17.22 -30.40 -63.26
C LYS A 224 16.28 -29.24 -63.49
N GLU A 225 15.61 -29.23 -64.64
CA GLU A 225 14.70 -28.14 -64.98
C GLU A 225 13.25 -28.46 -64.64
N ASP A 226 12.94 -29.72 -64.40
CA ASP A 226 11.54 -30.09 -64.13
C ASP A 226 11.27 -30.65 -62.74
N ALA A 227 12.31 -30.62 -61.91
CA ALA A 227 12.26 -31.09 -60.53
C ALA A 227 12.01 -29.88 -59.64
N VAL A 228 11.12 -30.04 -58.66
CA VAL A 228 10.79 -28.98 -57.72
C VAL A 228 11.72 -29.18 -56.52
N PRO A 229 12.72 -28.30 -56.35
CA PRO A 229 13.70 -28.35 -55.27
C PRO A 229 13.12 -28.29 -53.85
N ILE A 230 13.45 -29.30 -53.03
CA ILE A 230 12.97 -29.32 -51.66
C ILE A 230 13.90 -28.40 -50.86
N LEU A 231 13.31 -27.46 -50.13
CA LEU A 231 14.08 -26.51 -49.33
C LEU A 231 14.64 -27.08 -48.04
N PRO A 232 15.80 -26.58 -47.62
CA PRO A 232 16.40 -27.08 -46.36
C PRO A 232 15.58 -26.60 -45.16
N ARG A 233 15.37 -27.51 -44.21
CA ARG A 233 14.59 -27.21 -43.00
C ARG A 233 15.04 -26.00 -42.22
N CYS A 234 14.07 -25.27 -41.68
CA CYS A 234 14.33 -24.09 -40.86
C CYS A 234 14.09 -24.43 -39.39
N ARG A 235 15.15 -24.30 -38.61
CA ARG A 235 15.12 -24.59 -37.18
C ARG A 235 14.35 -23.56 -36.35
N PHE A 236 13.38 -24.05 -35.57
CA PHE A 236 12.62 -23.17 -34.69
C PHE A 236 13.41 -22.97 -33.40
N THR A 237 13.37 -21.76 -32.86
CA THR A 237 14.10 -21.49 -31.64
C THR A 237 13.26 -20.74 -30.61
N GLY A 238 13.17 -21.32 -29.40
CA GLY A 238 12.43 -20.67 -28.33
C GLY A 238 13.30 -19.48 -27.90
N SER A 239 12.78 -18.28 -28.08
CA SER A 239 13.57 -17.11 -27.74
C SER A 239 12.73 -15.84 -27.83
N GLU A 240 13.38 -14.71 -27.63
CA GLU A 240 12.68 -13.44 -27.68
C GLU A 240 13.58 -12.33 -28.20
N ILE A 241 12.95 -11.37 -28.87
CA ILE A 241 13.66 -10.20 -29.36
C ILE A 241 12.78 -9.06 -28.82
N ARG A 242 13.40 -8.11 -28.13
CA ARG A 242 12.68 -7.00 -27.51
C ARG A 242 13.17 -5.68 -28.04
N ALA A 243 12.32 -4.98 -28.77
CA ALA A 243 12.67 -3.67 -29.33
C ALA A 243 11.91 -2.65 -28.50
N ARG A 244 12.62 -1.99 -27.61
CA ARG A 244 12.00 -1.03 -26.74
C ARG A 244 12.08 0.42 -27.19
N ASP A 245 10.92 1.08 -27.14
CA ASP A 245 10.84 2.50 -27.46
C ASP A 245 9.64 3.03 -26.70
N ASP A 246 9.89 3.56 -25.52
CA ASP A 246 8.83 4.10 -24.71
C ASP A 246 8.18 5.33 -25.35
N ALA A 247 8.68 5.73 -26.52
CA ALA A 247 8.12 6.89 -27.22
C ALA A 247 6.88 6.49 -28.01
N LEU A 248 6.72 5.20 -28.25
CA LEU A 248 5.56 4.68 -28.98
C LEU A 248 4.38 4.64 -28.04
N PRO A 249 3.19 5.00 -28.54
CA PRO A 249 1.95 5.02 -27.76
C PRO A 249 1.49 3.70 -27.20
N VAL A 250 1.49 2.65 -28.01
CA VAL A 250 1.05 1.34 -27.55
C VAL A 250 2.11 0.30 -27.84
N ALA A 251 2.02 -0.84 -27.17
CA ALA A 251 2.99 -1.90 -27.38
C ALA A 251 2.38 -3.09 -28.12
N HIS A 252 3.19 -3.70 -28.99
CA HIS A 252 2.76 -4.87 -29.73
C HIS A 252 3.52 -6.07 -29.18
N VAL A 253 2.83 -7.18 -29.03
CA VAL A 253 3.45 -8.39 -28.51
C VAL A 253 2.94 -9.61 -29.31
N ALA A 254 3.85 -10.50 -29.66
CA ALA A 254 3.49 -11.71 -30.39
C ALA A 254 4.22 -12.89 -29.78
N LEU A 255 3.47 -13.93 -29.46
CA LEU A 255 4.04 -15.13 -28.88
C LEU A 255 3.66 -16.29 -29.80
N ALA A 256 4.56 -17.24 -29.98
CA ALA A 256 4.25 -18.38 -30.85
C ALA A 256 5.10 -19.61 -30.66
N VAL A 257 4.53 -20.74 -31.04
CA VAL A 257 5.20 -22.01 -30.94
C VAL A 257 5.28 -22.57 -32.35
N GLU A 258 6.19 -23.51 -32.62
CA GLU A 258 6.30 -24.06 -33.97
C GLU A 258 5.03 -24.85 -34.35
N GLY A 259 4.56 -24.62 -35.58
CA GLY A 259 3.37 -25.30 -36.07
C GLY A 259 3.76 -26.48 -36.96
N PRO A 260 2.82 -27.34 -37.34
CA PRO A 260 3.11 -28.51 -38.19
C PRO A 260 3.50 -28.30 -39.66
N GLY A 261 2.76 -27.49 -40.40
CA GLY A 261 3.09 -27.34 -41.80
C GLY A 261 1.87 -27.78 -42.59
N TRP A 262 1.64 -27.14 -43.73
CA TRP A 262 0.47 -27.43 -44.57
C TRP A 262 -0.17 -28.81 -44.52
N ALA A 263 0.54 -29.78 -45.08
CA ALA A 263 0.08 -31.16 -45.18
C ALA A 263 -0.46 -31.88 -43.94
N ASP A 264 -0.19 -31.37 -42.74
CA ASP A 264 -0.65 -32.03 -41.53
C ASP A 264 -2.12 -31.79 -41.18
N PRO A 265 -2.89 -32.88 -40.99
CA PRO A 265 -4.31 -32.85 -40.65
C PRO A 265 -4.61 -32.09 -39.35
N ASP A 266 -3.65 -32.07 -38.42
CA ASP A 266 -3.82 -31.39 -37.14
C ASP A 266 -4.20 -29.92 -37.30
N ASN A 267 -3.78 -29.33 -38.42
CA ASN A 267 -4.10 -27.94 -38.69
C ASN A 267 -5.59 -27.65 -38.63
N VAL A 268 -6.41 -28.66 -38.90
CA VAL A 268 -7.84 -28.46 -38.85
C VAL A 268 -8.23 -28.20 -37.41
N VAL A 269 -7.53 -28.89 -36.51
CA VAL A 269 -7.82 -28.75 -35.09
C VAL A 269 -7.26 -27.46 -34.52
N LEU A 270 -6.06 -27.08 -34.95
CA LEU A 270 -5.45 -25.86 -34.47
C LEU A 270 -6.34 -24.68 -34.85
N HIS A 271 -6.93 -24.74 -36.04
CA HIS A 271 -7.83 -23.67 -36.50
C HIS A 271 -9.12 -23.65 -35.70
N VAL A 272 -9.53 -24.80 -35.20
CA VAL A 272 -10.73 -24.84 -34.40
C VAL A 272 -10.36 -24.23 -33.07
N ALA A 273 -9.15 -24.58 -32.62
CA ALA A 273 -8.62 -24.07 -31.35
C ALA A 273 -8.57 -22.54 -31.41
N ASN A 274 -7.93 -22.01 -32.44
CA ASN A 274 -7.86 -20.57 -32.55
C ASN A 274 -9.24 -19.96 -32.59
N ALA A 275 -10.21 -20.72 -33.09
CA ALA A 275 -11.60 -20.25 -33.18
C ALA A 275 -12.20 -20.07 -31.80
N ILE A 276 -11.78 -20.92 -30.85
CA ILE A 276 -12.30 -20.81 -29.48
C ILE A 276 -11.80 -19.53 -28.83
N ILE A 277 -10.50 -19.24 -28.96
CA ILE A 277 -9.90 -18.03 -28.38
C ILE A 277 -10.35 -16.82 -29.18
N GLY A 278 -10.45 -17.00 -30.49
CA GLY A 278 -10.90 -15.92 -31.34
C GLY A 278 -10.00 -14.73 -31.53
N ARG A 279 -10.61 -13.55 -31.47
CA ARG A 279 -9.90 -12.30 -31.64
C ARG A 279 -10.79 -11.17 -31.18
N TYR A 280 -10.24 -9.98 -31.08
CA TYR A 280 -11.00 -8.86 -30.58
C TYR A 280 -10.38 -7.52 -30.87
N ASP A 281 -11.19 -6.48 -30.83
CA ASP A 281 -10.70 -5.14 -31.02
C ASP A 281 -11.79 -4.21 -30.49
N ARG A 282 -11.38 -3.07 -29.95
CA ARG A 282 -12.29 -2.10 -29.34
C ARG A 282 -13.53 -1.65 -30.08
N THR A 283 -13.82 -2.22 -31.24
CA THR A 283 -15.02 -1.81 -31.95
C THR A 283 -16.02 -2.96 -32.14
N PHE A 284 -15.79 -4.06 -31.45
CA PHE A 284 -16.69 -5.21 -31.50
C PHE A 284 -17.89 -4.87 -30.60
N GLY A 285 -19.04 -4.55 -31.21
CA GLY A 285 -20.21 -4.21 -30.43
C GLY A 285 -20.51 -5.22 -29.33
N GLY A 286 -20.32 -6.49 -29.63
CA GLY A 286 -20.59 -7.54 -28.67
C GLY A 286 -20.17 -7.21 -27.25
N GLY A 287 -19.02 -6.54 -27.12
CA GLY A 287 -18.52 -6.16 -25.81
C GLY A 287 -18.31 -7.28 -24.80
N LYS A 288 -18.70 -7.01 -23.56
CA LYS A 288 -18.54 -7.97 -22.48
C LYS A 288 -19.33 -9.24 -22.62
N HIS A 289 -20.04 -9.42 -23.72
CA HIS A 289 -20.81 -10.65 -23.86
C HIS A 289 -20.24 -11.63 -24.87
N LEU A 290 -19.14 -11.23 -25.51
CA LEU A 290 -18.49 -12.06 -26.48
C LEU A 290 -18.20 -13.44 -25.90
N SER A 291 -18.36 -14.46 -26.76
CA SER A 291 -18.16 -15.86 -26.37
C SER A 291 -16.72 -16.13 -25.98
N SER A 292 -15.79 -15.56 -26.74
CA SER A 292 -14.35 -15.72 -26.45
C SER A 292 -14.05 -15.21 -25.06
N ARG A 293 -13.67 -16.12 -24.18
CA ARG A 293 -13.35 -15.74 -22.83
C ARG A 293 -12.31 -14.60 -22.78
N LEU A 294 -11.20 -14.80 -23.48
CA LEU A 294 -10.14 -13.81 -23.52
C LEU A 294 -10.67 -12.44 -23.91
N ALA A 295 -11.54 -12.44 -24.91
CA ALA A 295 -12.15 -11.20 -25.39
C ALA A 295 -12.99 -10.58 -24.28
N ALA A 296 -13.76 -11.40 -23.58
CA ALA A 296 -14.59 -10.90 -22.50
C ALA A 296 -13.73 -10.20 -21.42
N LEU A 297 -12.65 -10.87 -21.00
CA LEU A 297 -11.73 -10.33 -20.00
C LEU A 297 -11.09 -9.04 -20.50
N ALA A 298 -10.71 -9.05 -21.78
CA ALA A 298 -10.11 -7.87 -22.35
C ALA A 298 -11.05 -6.70 -22.13
N VAL A 299 -12.33 -6.92 -22.39
CA VAL A 299 -13.32 -5.85 -22.22
C VAL A 299 -13.50 -5.44 -20.76
N GLU A 300 -13.65 -6.43 -19.88
CA GLU A 300 -13.86 -6.16 -18.46
C GLU A 300 -12.72 -5.40 -17.81
N HIS A 301 -11.51 -5.87 -18.05
CA HIS A 301 -10.35 -5.27 -17.46
C HIS A 301 -9.59 -4.33 -18.37
N LYS A 302 -10.14 -4.09 -19.56
CA LYS A 302 -9.51 -3.20 -20.53
C LYS A 302 -8.06 -3.61 -20.71
N LEU A 303 -7.88 -4.88 -21.07
CA LEU A 303 -6.57 -5.47 -21.26
C LEU A 303 -5.85 -5.09 -22.53
N CYS A 304 -6.58 -4.73 -23.58
CA CYS A 304 -5.91 -4.37 -24.83
C CYS A 304 -6.79 -3.67 -25.81
N HIS A 305 -6.17 -3.12 -26.84
CA HIS A 305 -6.85 -2.42 -27.92
C HIS A 305 -7.35 -3.48 -28.90
N SER A 306 -6.63 -4.60 -28.95
CA SER A 306 -6.96 -5.70 -29.85
C SER A 306 -6.04 -6.87 -29.64
N PHE A 307 -6.47 -8.04 -30.12
CA PHE A 307 -5.69 -9.25 -30.04
C PHE A 307 -6.21 -10.21 -31.10
N GLN A 308 -5.35 -11.11 -31.57
CA GLN A 308 -5.76 -12.04 -32.60
C GLN A 308 -4.93 -13.29 -32.50
N THR A 309 -5.53 -14.42 -32.89
CA THR A 309 -4.80 -15.68 -32.88
C THR A 309 -4.40 -15.94 -34.32
N PHE A 310 -3.49 -16.88 -34.53
CA PHE A 310 -3.08 -17.18 -35.89
C PHE A 310 -2.36 -18.52 -35.95
N ASN A 311 -2.47 -19.16 -37.12
CA ASN A 311 -1.84 -20.43 -37.39
C ASN A 311 -1.23 -20.36 -38.78
N THR A 312 -0.12 -19.65 -38.86
CA THR A 312 0.59 -19.47 -40.12
C THR A 312 1.35 -20.71 -40.57
N SER A 313 0.83 -21.36 -41.61
CA SER A 313 1.47 -22.56 -42.15
C SER A 313 2.54 -22.30 -43.21
N TYR A 314 3.36 -23.32 -43.42
CA TYR A 314 4.43 -23.30 -44.41
C TYR A 314 4.59 -24.75 -44.86
N SER A 315 5.48 -24.99 -45.81
CA SER A 315 5.69 -26.35 -46.28
C SER A 315 6.02 -27.37 -45.21
N ASP A 316 7.04 -27.07 -44.41
CA ASP A 316 7.54 -27.98 -43.36
C ASP A 316 7.47 -27.49 -41.92
N THR A 317 6.98 -26.27 -41.73
CA THR A 317 6.91 -25.72 -40.39
C THR A 317 5.76 -24.73 -40.30
N GLY A 318 5.77 -23.86 -39.30
CA GLY A 318 4.71 -22.90 -39.15
C GLY A 318 4.76 -22.20 -37.81
N LEU A 319 3.90 -21.18 -37.64
CA LEU A 319 3.85 -20.42 -36.42
C LEU A 319 2.44 -20.34 -35.85
N PHE A 320 2.24 -20.95 -34.70
CA PHE A 320 0.93 -20.93 -34.03
C PHE A 320 1.08 -20.04 -32.80
N GLY A 321 0.34 -18.95 -32.77
CA GLY A 321 0.43 -18.07 -31.62
C GLY A 321 -0.66 -17.02 -31.55
N PHE A 322 -0.34 -15.90 -30.93
CA PHE A 322 -1.29 -14.80 -30.84
C PHE A 322 -0.53 -13.48 -30.84
N HIS A 323 -1.26 -12.39 -31.00
CA HIS A 323 -0.66 -11.07 -31.06
C HIS A 323 -1.62 -10.07 -30.46
N PHE A 324 -1.12 -9.18 -29.62
CA PHE A 324 -1.98 -8.17 -29.04
C PHE A 324 -1.33 -6.80 -28.98
N VAL A 325 -2.17 -5.77 -28.89
CA VAL A 325 -1.71 -4.40 -28.81
C VAL A 325 -2.29 -3.87 -27.51
N ALA A 326 -1.47 -3.26 -26.68
CA ALA A 326 -1.98 -2.78 -25.42
C ALA A 326 -1.17 -1.60 -24.91
N ASP A 327 -1.73 -0.90 -23.92
CA ASP A 327 -1.08 0.25 -23.31
C ASP A 327 0.06 -0.30 -22.49
N PRO A 328 1.09 0.51 -22.30
CA PRO A 328 2.21 0.04 -21.52
C PRO A 328 1.86 -0.53 -20.17
N LEU A 329 0.79 -0.05 -19.55
CA LEU A 329 0.42 -0.56 -18.24
C LEU A 329 -0.52 -1.74 -18.14
N SER A 330 -0.92 -2.32 -19.27
CA SER A 330 -1.81 -3.47 -19.18
C SER A 330 -1.25 -4.69 -19.92
N ILE A 331 0.03 -4.62 -20.26
CA ILE A 331 0.68 -5.71 -20.96
C ILE A 331 0.77 -6.97 -20.13
N ASP A 332 1.19 -6.83 -18.88
CA ASP A 332 1.33 -7.99 -18.01
C ASP A 332 0.05 -8.78 -17.80
N ASP A 333 -1.06 -8.08 -17.52
CA ASP A 333 -2.34 -8.77 -17.29
C ASP A 333 -2.84 -9.44 -18.57
N MET A 334 -2.65 -8.76 -19.70
CA MET A 334 -3.07 -9.29 -20.98
C MET A 334 -2.34 -10.60 -21.30
N MET A 335 -1.02 -10.57 -21.17
CA MET A 335 -0.17 -11.72 -21.43
C MET A 335 -0.58 -12.85 -20.50
N PHE A 336 -0.92 -12.49 -19.28
CA PHE A 336 -1.34 -13.44 -18.27
C PHE A 336 -2.60 -14.18 -18.70
N CYS A 337 -3.62 -13.40 -19.03
CA CYS A 337 -4.90 -13.94 -19.45
C CYS A 337 -4.72 -14.70 -20.76
N ALA A 338 -3.93 -14.16 -21.67
CA ALA A 338 -3.71 -14.84 -22.93
C ALA A 338 -3.11 -16.22 -22.68
N GLN A 339 -1.94 -16.27 -22.02
CA GLN A 339 -1.32 -17.56 -21.76
C GLN A 339 -2.27 -18.43 -20.96
N GLY A 340 -3.15 -17.81 -20.18
CA GLY A 340 -4.09 -18.57 -19.39
C GLY A 340 -5.05 -19.35 -20.28
N GLU A 341 -5.57 -18.67 -21.30
CA GLU A 341 -6.50 -19.27 -22.23
C GLU A 341 -5.86 -20.41 -23.01
N TRP A 342 -4.59 -20.24 -23.34
CA TRP A 342 -3.84 -21.28 -24.04
C TRP A 342 -3.73 -22.52 -23.14
N MET A 343 -3.62 -22.32 -21.84
CA MET A 343 -3.53 -23.46 -20.96
C MET A 343 -4.89 -24.11 -20.90
N ARG A 344 -5.93 -23.31 -20.74
CA ARG A 344 -7.28 -23.86 -20.70
C ARG A 344 -7.52 -24.77 -21.91
N LEU A 345 -7.06 -24.33 -23.07
CA LEU A 345 -7.22 -25.13 -24.29
C LEU A 345 -6.71 -26.57 -24.14
N CYS A 346 -5.44 -26.71 -23.79
CA CYS A 346 -4.79 -28.00 -23.63
C CYS A 346 -5.39 -28.82 -22.50
N THR A 347 -5.96 -28.12 -21.52
CA THR A 347 -6.48 -28.78 -20.35
C THR A 347 -7.98 -28.92 -20.13
N SER A 348 -8.74 -27.86 -20.39
CA SER A 348 -10.17 -27.96 -20.10
C SER A 348 -11.21 -27.57 -21.16
N THR A 349 -10.84 -27.67 -22.43
CA THR A 349 -11.77 -27.34 -23.51
C THR A 349 -13.04 -28.14 -23.33
N THR A 350 -14.17 -27.52 -23.69
CA THR A 350 -15.50 -28.10 -23.57
C THR A 350 -16.10 -28.46 -24.93
N GLU A 351 -17.12 -29.33 -24.91
CA GLU A 351 -17.79 -29.71 -26.15
C GLU A 351 -18.51 -28.49 -26.70
N SER A 352 -19.17 -27.73 -25.81
CA SER A 352 -19.88 -26.53 -26.22
C SER A 352 -18.90 -25.61 -26.92
N GLU A 353 -17.71 -25.47 -26.34
CA GLU A 353 -16.69 -24.60 -26.89
C GLU A 353 -16.33 -24.95 -28.32
N VAL A 354 -16.05 -26.23 -28.56
CA VAL A 354 -15.67 -26.66 -29.90
C VAL A 354 -16.86 -26.57 -30.85
N LYS A 355 -18.06 -26.84 -30.34
CA LYS A 355 -19.24 -26.76 -31.18
C LYS A 355 -19.27 -25.37 -31.81
N ARG A 356 -19.24 -24.35 -30.97
CA ARG A 356 -19.26 -22.98 -31.44
C ARG A 356 -18.11 -22.69 -32.38
N ALA A 357 -16.89 -22.99 -31.93
CA ALA A 357 -15.69 -22.76 -32.71
C ALA A 357 -15.74 -23.46 -34.07
N LYS A 358 -16.36 -24.64 -34.14
CA LYS A 358 -16.48 -25.37 -35.41
C LYS A 358 -17.37 -24.59 -36.36
N ASN A 359 -18.49 -24.10 -35.86
CA ASN A 359 -19.40 -23.33 -36.68
C ASN A 359 -18.68 -22.10 -37.19
N HIS A 360 -18.09 -21.35 -36.25
CA HIS A 360 -17.35 -20.14 -36.59
C HIS A 360 -16.32 -20.42 -37.69
N LEU A 361 -15.64 -21.56 -37.56
CA LEU A 361 -14.62 -21.95 -38.53
C LEU A 361 -15.22 -22.28 -39.89
N ARG A 362 -16.38 -22.92 -39.92
CA ARG A 362 -17.03 -23.26 -41.20
C ARG A 362 -17.34 -21.98 -41.99
N SER A 363 -18.08 -21.06 -41.37
CA SER A 363 -18.42 -19.82 -42.05
C SER A 363 -17.20 -18.99 -42.38
N ALA A 364 -16.08 -19.34 -41.76
CA ALA A 364 -14.82 -18.64 -42.01
C ALA A 364 -14.25 -19.13 -43.32
N MET A 365 -14.29 -20.45 -43.52
CA MET A 365 -13.77 -21.04 -44.74
C MET A 365 -14.66 -20.67 -45.91
N VAL A 366 -15.97 -20.62 -45.68
CA VAL A 366 -16.92 -20.26 -46.73
C VAL A 366 -16.71 -18.80 -47.13
N ALA A 367 -16.32 -17.98 -46.16
CA ALA A 367 -16.09 -16.57 -46.43
C ALA A 367 -14.81 -16.33 -47.24
N GLN A 368 -13.92 -17.30 -47.28
CA GLN A 368 -12.68 -17.15 -48.03
C GLN A 368 -12.85 -17.54 -49.50
N LEU A 369 -14.11 -17.73 -49.88
CA LEU A 369 -14.47 -18.09 -51.24
C LEU A 369 -15.56 -17.12 -51.66
N ASP A 370 -15.46 -15.88 -51.18
CA ASP A 370 -16.45 -14.86 -51.48
C ASP A 370 -16.00 -13.96 -52.62
N GLY A 371 -16.05 -14.48 -53.85
CA GLY A 371 -15.65 -13.70 -54.99
C GLY A 371 -14.75 -14.53 -55.88
N THR A 372 -14.41 -14.03 -57.06
CA THR A 372 -13.57 -14.81 -57.93
C THR A 372 -12.13 -14.82 -57.46
N THR A 373 -11.63 -13.65 -57.07
CA THR A 373 -10.25 -13.57 -56.63
C THR A 373 -9.96 -14.47 -55.43
N PRO A 374 -10.79 -14.40 -54.38
CA PRO A 374 -10.52 -15.27 -53.23
C PRO A 374 -10.58 -16.76 -53.56
N VAL A 375 -11.48 -17.15 -54.45
CA VAL A 375 -11.60 -18.56 -54.84
C VAL A 375 -10.41 -18.95 -55.69
N CYS A 376 -10.01 -18.02 -56.53
CA CYS A 376 -8.87 -18.27 -57.39
C CYS A 376 -7.64 -18.42 -56.50
N GLU A 377 -7.60 -17.62 -55.43
CA GLU A 377 -6.50 -17.66 -54.46
C GLU A 377 -6.46 -19.01 -53.75
N THR A 378 -7.63 -19.56 -53.45
CA THR A 378 -7.71 -20.86 -52.80
C THR A 378 -7.10 -21.93 -53.70
N ILE A 379 -7.50 -21.91 -54.96
CA ILE A 379 -7.00 -22.90 -55.91
C ILE A 379 -5.47 -22.81 -56.03
N GLY A 380 -4.96 -21.64 -56.37
CA GLY A 380 -3.53 -21.48 -56.51
C GLY A 380 -2.77 -22.06 -55.32
N SER A 381 -3.21 -21.67 -54.13
CA SER A 381 -2.61 -22.10 -52.89
C SER A 381 -2.74 -23.59 -52.64
N HIS A 382 -3.96 -24.13 -52.78
CA HIS A 382 -4.19 -25.55 -52.58
C HIS A 382 -3.33 -26.46 -53.45
N LEU A 383 -3.28 -26.20 -54.75
CA LEU A 383 -2.47 -27.07 -55.60
C LEU A 383 -1.01 -26.92 -55.26
N LEU A 384 -0.65 -25.68 -54.96
CA LEU A 384 0.72 -25.34 -54.62
C LEU A 384 1.14 -25.90 -53.23
N ASN A 385 0.18 -26.08 -52.32
CA ASN A 385 0.46 -26.59 -50.96
C ASN A 385 0.04 -28.03 -50.71
N TYR A 386 -1.11 -28.42 -51.21
CA TYR A 386 -1.63 -29.77 -51.03
C TYR A 386 -1.55 -30.55 -52.35
N GLY A 387 -1.16 -29.87 -53.42
CA GLY A 387 -1.08 -30.52 -54.71
C GLY A 387 -2.45 -31.02 -55.15
N ARG A 388 -3.50 -30.29 -54.77
CA ARG A 388 -4.85 -30.66 -55.13
C ARG A 388 -5.82 -29.72 -54.43
N ARG A 389 -6.99 -29.49 -55.02
CA ARG A 389 -7.98 -28.62 -54.41
C ARG A 389 -8.70 -29.40 -53.33
N ILE A 390 -9.05 -28.72 -52.24
CA ILE A 390 -9.77 -29.37 -51.16
C ILE A 390 -11.13 -28.69 -51.03
N SER A 391 -12.17 -29.42 -51.37
CA SER A 391 -13.54 -28.92 -51.34
C SER A 391 -14.01 -28.49 -49.96
N LEU A 392 -15.00 -27.61 -49.93
CA LEU A 392 -15.56 -27.17 -48.68
C LEU A 392 -16.14 -28.40 -48.01
N GLU A 393 -16.66 -29.32 -48.82
CA GLU A 393 -17.25 -30.53 -48.29
C GLU A 393 -16.24 -31.41 -47.57
N GLU A 394 -14.99 -31.42 -48.04
CA GLU A 394 -13.94 -32.22 -47.39
C GLU A 394 -13.62 -31.51 -46.07
N TRP A 395 -13.29 -30.22 -46.15
CA TRP A 395 -13.00 -29.44 -44.95
C TRP A 395 -14.09 -29.70 -43.93
N ASP A 396 -15.33 -29.46 -44.32
CA ASP A 396 -16.45 -29.66 -43.43
C ASP A 396 -16.44 -31.06 -42.85
N SER A 397 -16.03 -32.03 -43.67
CA SER A 397 -15.99 -33.41 -43.21
C SER A 397 -14.98 -33.53 -42.08
N ARG A 398 -13.84 -32.89 -42.27
CA ARG A 398 -12.75 -32.88 -41.32
C ARG A 398 -13.10 -32.09 -40.08
N ILE A 399 -13.68 -30.91 -40.28
CA ILE A 399 -14.06 -30.05 -39.18
C ILE A 399 -15.05 -30.74 -38.27
N SER A 400 -15.99 -31.46 -38.88
CA SER A 400 -17.04 -32.15 -38.13
C SER A 400 -16.50 -33.21 -37.18
N ALA A 401 -15.40 -33.85 -37.55
CA ALA A 401 -14.80 -34.89 -36.73
C ALA A 401 -14.12 -34.38 -35.46
N VAL A 402 -13.84 -33.09 -35.41
CA VAL A 402 -13.16 -32.51 -34.25
C VAL A 402 -14.04 -32.40 -33.00
N ASP A 403 -13.50 -32.86 -31.88
CA ASP A 403 -14.20 -32.77 -30.59
C ASP A 403 -13.27 -32.21 -29.50
N ALA A 404 -13.83 -31.90 -28.34
CA ALA A 404 -13.04 -31.35 -27.25
C ALA A 404 -11.74 -32.15 -27.01
N ARG A 405 -11.88 -33.44 -26.75
CA ARG A 405 -10.72 -34.29 -26.48
C ARG A 405 -9.63 -34.11 -27.52
N MET A 406 -10.02 -34.10 -28.78
CA MET A 406 -9.08 -33.94 -29.88
C MET A 406 -8.37 -32.59 -29.79
N VAL A 407 -9.12 -31.56 -29.40
CA VAL A 407 -8.56 -30.22 -29.28
C VAL A 407 -7.51 -30.21 -28.18
N ARG A 408 -7.87 -30.75 -27.02
CA ARG A 408 -6.94 -30.83 -25.91
C ARG A 408 -5.69 -31.58 -26.29
N ASP A 409 -5.84 -32.76 -26.88
CA ASP A 409 -4.67 -33.54 -27.29
C ASP A 409 -3.76 -32.82 -28.28
N VAL A 410 -4.34 -32.23 -29.33
CA VAL A 410 -3.52 -31.55 -30.32
C VAL A 410 -2.85 -30.32 -29.73
N CYS A 411 -3.62 -29.51 -29.01
CA CYS A 411 -3.08 -28.32 -28.37
C CYS A 411 -1.99 -28.71 -27.36
N SER A 412 -2.26 -29.71 -26.54
CA SER A 412 -1.27 -30.15 -25.57
C SER A 412 -0.01 -30.49 -26.33
N LYS A 413 -0.18 -31.09 -27.50
CA LYS A 413 0.94 -31.50 -28.32
C LYS A 413 1.82 -30.36 -28.78
N TYR A 414 1.21 -29.32 -29.32
CA TYR A 414 1.97 -28.19 -29.84
C TYR A 414 2.24 -27.04 -28.87
N ILE A 415 1.46 -26.93 -27.81
CA ILE A 415 1.61 -25.83 -26.85
C ILE A 415 2.20 -26.15 -25.49
N TYR A 416 1.56 -27.07 -24.78
CA TYR A 416 1.98 -27.41 -23.44
C TYR A 416 3.46 -27.61 -23.21
N ASP A 417 3.98 -26.84 -22.26
CA ASP A 417 5.38 -26.87 -21.88
C ASP A 417 6.37 -26.72 -23.03
N LYS A 418 6.09 -25.82 -23.96
CA LYS A 418 6.98 -25.58 -25.09
C LYS A 418 7.72 -24.28 -24.90
N CYS A 419 8.86 -24.12 -25.57
CA CYS A 419 9.59 -22.86 -25.44
C CYS A 419 9.11 -22.05 -26.61
N PRO A 420 8.42 -20.93 -26.33
CA PRO A 420 7.89 -20.05 -27.35
C PRO A 420 8.88 -19.04 -27.92
N ALA A 421 8.40 -18.37 -28.96
CA ALA A 421 9.16 -17.34 -29.63
C ALA A 421 8.40 -16.08 -29.28
N LEU A 422 9.14 -15.08 -28.82
CA LEU A 422 8.54 -13.83 -28.41
C LEU A 422 9.13 -12.62 -29.11
N ALA A 423 8.24 -11.70 -29.50
CA ALA A 423 8.63 -10.46 -30.14
C ALA A 423 7.79 -9.37 -29.49
N ALA A 424 8.47 -8.36 -28.94
CA ALA A 424 7.80 -7.25 -28.29
C ALA A 424 8.38 -5.94 -28.81
N VAL A 425 7.51 -5.00 -29.17
CA VAL A 425 7.95 -3.71 -29.69
C VAL A 425 7.18 -2.57 -29.03
N GLY A 426 7.86 -1.42 -28.85
CA GLY A 426 7.24 -0.27 -28.22
C GLY A 426 7.59 -0.14 -26.75
N PRO A 427 6.64 0.38 -25.92
CA PRO A 427 6.77 0.59 -24.47
C PRO A 427 6.50 -0.68 -23.69
N ILE A 428 7.45 -1.61 -23.79
CA ILE A 428 7.33 -2.93 -23.16
C ILE A 428 8.01 -3.20 -21.82
N GLU A 429 8.20 -2.18 -20.99
CA GLU A 429 8.84 -2.43 -19.69
C GLU A 429 8.05 -3.33 -18.76
N GLN A 430 6.74 -3.29 -18.86
CA GLN A 430 5.92 -4.12 -18.00
C GLN A 430 5.84 -5.61 -18.38
N LEU A 431 6.24 -5.96 -19.60
CA LEU A 431 6.21 -7.36 -20.02
C LEU A 431 7.29 -8.14 -19.27
N LEU A 432 6.91 -9.11 -18.44
CA LEU A 432 7.92 -9.86 -17.68
C LEU A 432 8.92 -10.63 -18.52
N ASP A 433 10.00 -11.09 -17.88
CA ASP A 433 11.05 -11.78 -18.62
C ASP A 433 10.67 -13.13 -19.23
N TYR A 434 11.56 -13.65 -20.08
CA TYR A 434 11.35 -14.91 -20.77
C TYR A 434 11.00 -16.02 -19.82
N ASN A 435 11.80 -16.16 -18.76
CA ASN A 435 11.58 -17.20 -17.77
C ASN A 435 10.16 -17.17 -17.23
N ARG A 436 9.68 -16.00 -16.85
CA ARG A 436 8.33 -15.94 -16.34
C ARG A 436 7.33 -16.35 -17.42
N ILE A 437 7.53 -15.87 -18.65
CA ILE A 437 6.64 -16.25 -19.72
C ILE A 437 6.71 -17.76 -19.98
N ARG A 438 7.90 -18.31 -19.95
CA ARG A 438 8.08 -19.74 -20.20
C ARG A 438 7.26 -20.51 -19.19
N SER A 439 7.19 -20.02 -17.95
CA SER A 439 6.41 -20.70 -16.92
C SER A 439 4.92 -20.63 -17.18
N GLY A 440 4.51 -19.67 -17.99
CA GLY A 440 3.10 -19.57 -18.30
C GLY A 440 2.74 -20.65 -19.29
N MET A 441 3.72 -21.47 -19.67
CA MET A 441 3.50 -22.53 -20.63
C MET A 441 3.09 -23.85 -20.03
N TYR A 442 2.84 -23.88 -18.72
CA TYR A 442 2.37 -25.12 -18.09
C TYR A 442 1.52 -24.94 -16.85
N TRP A 443 0.68 -25.95 -16.60
CA TRP A 443 -0.27 -26.02 -15.49
C TRP A 443 -1.28 -24.85 -15.56
N ILE A 444 -2.52 -25.13 -16.01
CA ILE A 444 -3.57 -24.11 -16.12
N PRO B 21 -28.50 -26.32 -59.94
CA PRO B 21 -29.66 -25.46 -60.28
C PRO B 21 -29.32 -23.96 -60.19
N GLY B 22 -28.27 -23.55 -60.91
CA GLY B 22 -27.86 -22.17 -60.89
C GLY B 22 -28.69 -21.26 -61.79
N ALA B 23 -29.93 -21.68 -62.05
CA ALA B 23 -30.86 -20.90 -62.88
C ALA B 23 -32.12 -20.58 -62.08
N GLU B 24 -31.93 -19.97 -60.91
CA GLU B 24 -33.01 -19.58 -60.01
C GLU B 24 -33.46 -18.16 -60.35
N ASP B 25 -34.59 -17.74 -59.80
CA ASP B 25 -35.11 -16.41 -60.06
C ASP B 25 -34.87 -15.43 -58.94
N LEU B 26 -34.90 -14.15 -59.29
CA LEU B 26 -34.73 -13.08 -58.33
C LEU B 26 -36.10 -12.49 -58.03
N GLU B 27 -36.93 -13.23 -57.30
CA GLU B 27 -38.27 -12.79 -56.95
C GLU B 27 -38.24 -11.44 -56.21
N ILE B 28 -39.42 -10.90 -55.92
CA ILE B 28 -39.49 -9.61 -55.23
C ILE B 28 -40.93 -9.15 -55.01
N THR B 29 -41.54 -9.59 -53.92
CA THR B 29 -42.91 -9.23 -53.56
C THR B 29 -42.94 -7.81 -53.04
N LYS B 30 -44.10 -7.34 -52.60
CA LYS B 30 -44.25 -6.00 -52.06
C LYS B 30 -45.56 -5.85 -51.29
N LEU B 31 -45.62 -6.43 -50.10
CA LEU B 31 -46.80 -6.37 -49.25
C LEU B 31 -47.58 -5.06 -49.30
N PRO B 32 -48.86 -5.11 -48.88
CA PRO B 32 -49.74 -3.94 -48.86
C PRO B 32 -49.21 -2.73 -48.09
N ASN B 33 -48.63 -2.97 -46.92
CA ASN B 33 -48.12 -1.85 -46.13
C ASN B 33 -46.94 -1.14 -46.78
N GLY B 34 -46.47 -1.66 -47.91
CA GLY B 34 -45.37 -1.02 -48.61
C GLY B 34 -44.00 -1.66 -48.40
N LEU B 35 -43.95 -2.67 -47.54
CA LEU B 35 -42.69 -3.37 -47.26
C LEU B 35 -42.27 -4.20 -48.46
N ILE B 36 -41.09 -3.91 -49.00
CA ILE B 36 -40.60 -4.66 -50.15
C ILE B 36 -39.78 -5.86 -49.72
N ILE B 37 -39.97 -6.98 -50.42
CA ILE B 37 -39.28 -8.22 -50.10
C ILE B 37 -38.60 -8.80 -51.33
N ALA B 38 -37.27 -8.68 -51.39
CA ALA B 38 -36.53 -9.21 -52.53
C ALA B 38 -35.61 -10.34 -52.07
N SER B 39 -35.67 -11.49 -52.74
CA SER B 39 -34.81 -12.61 -52.36
C SER B 39 -34.14 -13.18 -53.61
N LEU B 40 -33.30 -14.18 -53.40
CA LEU B 40 -32.58 -14.83 -54.48
C LEU B 40 -31.87 -16.06 -53.94
N GLU B 41 -32.00 -17.18 -54.65
CA GLU B 41 -31.38 -18.41 -54.22
C GLU B 41 -30.22 -18.75 -55.14
N ASN B 42 -29.01 -18.65 -54.65
CA ASN B 42 -27.84 -18.98 -55.46
C ASN B 42 -27.23 -20.26 -54.93
N PHE B 43 -27.97 -20.93 -54.06
CA PHE B 43 -27.55 -22.19 -53.45
C PHE B 43 -26.19 -22.15 -52.75
N SER B 44 -25.73 -20.95 -52.42
CA SER B 44 -24.46 -20.78 -51.71
C SER B 44 -24.66 -21.35 -50.32
N PRO B 45 -23.63 -22.00 -49.76
CA PRO B 45 -23.76 -22.57 -48.41
C PRO B 45 -23.98 -21.52 -47.33
N ALA B 46 -23.84 -20.25 -47.71
CA ALA B 46 -24.02 -19.16 -46.77
C ALA B 46 -25.13 -18.22 -47.19
N SER B 47 -25.99 -17.87 -46.25
CA SER B 47 -27.08 -16.95 -46.50
C SER B 47 -26.73 -15.59 -45.91
N ARG B 48 -27.23 -14.53 -46.51
CA ARG B 48 -26.94 -13.19 -46.02
C ARG B 48 -28.18 -12.31 -46.16
N ILE B 49 -28.96 -12.26 -45.09
CA ILE B 49 -30.19 -11.46 -45.04
C ILE B 49 -29.89 -10.05 -44.55
N GLY B 50 -30.71 -9.09 -44.92
CA GLY B 50 -30.50 -7.72 -44.50
C GLY B 50 -31.79 -6.91 -44.49
N VAL B 51 -31.80 -5.83 -43.72
CA VAL B 51 -32.96 -4.96 -43.63
C VAL B 51 -32.53 -3.57 -44.08
N PHE B 52 -32.83 -3.22 -45.33
CA PHE B 52 -32.45 -1.90 -45.82
C PHE B 52 -33.45 -0.87 -45.36
N ILE B 53 -32.99 0.35 -45.10
CA ILE B 53 -33.89 1.38 -44.61
C ILE B 53 -33.49 2.79 -45.08
N LYS B 54 -34.50 3.63 -45.32
CA LYS B 54 -34.23 4.99 -45.73
C LYS B 54 -34.13 5.81 -44.44
N ALA B 55 -32.96 5.77 -43.81
CA ALA B 55 -32.72 6.51 -42.57
C ALA B 55 -31.28 7.00 -42.60
N GLY B 56 -30.91 7.88 -41.67
CA GLY B 56 -29.55 8.39 -41.65
C GLY B 56 -29.42 9.75 -41.03
N SER B 57 -28.20 10.26 -40.97
CA SER B 57 -27.93 11.57 -40.38
C SER B 57 -28.68 12.65 -41.16
N ARG B 58 -29.13 12.29 -42.35
CA ARG B 58 -29.86 13.19 -43.23
C ARG B 58 -31.16 13.64 -42.56
N TYR B 59 -31.81 12.73 -41.85
CA TYR B 59 -33.07 13.01 -41.16
C TYR B 59 -32.90 13.62 -39.77
N GLU B 60 -31.67 13.88 -39.38
CA GLU B 60 -31.42 14.47 -38.07
C GLU B 60 -31.57 15.97 -38.23
N THR B 61 -31.81 16.66 -37.15
CA THR B 61 -31.90 18.12 -37.18
C THR B 61 -30.93 18.55 -36.11
N THR B 62 -30.72 19.85 -35.98
CA THR B 62 -29.79 20.35 -34.99
C THR B 62 -29.99 19.71 -33.61
N ALA B 63 -31.26 19.62 -33.20
CA ALA B 63 -31.60 19.08 -31.88
C ALA B 63 -31.18 17.65 -31.58
N ASN B 64 -31.15 16.78 -32.58
CA ASN B 64 -30.79 15.40 -32.31
C ASN B 64 -29.57 14.88 -33.09
N LEU B 65 -28.68 15.79 -33.50
CA LEU B 65 -27.47 15.41 -34.24
C LEU B 65 -26.78 14.20 -33.62
N GLY B 66 -26.22 13.34 -34.48
CA GLY B 66 -25.52 12.16 -34.01
C GLY B 66 -26.37 10.98 -33.55
N THR B 67 -27.67 11.20 -33.38
CA THR B 67 -28.55 10.13 -32.92
C THR B 67 -28.52 8.95 -33.89
N ALA B 68 -28.31 9.20 -35.17
CA ALA B 68 -28.25 8.10 -36.13
C ALA B 68 -26.94 7.31 -35.94
N HIS B 69 -25.85 8.00 -35.60
CA HIS B 69 -24.56 7.35 -35.37
C HIS B 69 -24.68 6.38 -34.19
N LEU B 70 -25.15 6.91 -33.06
CA LEU B 70 -25.33 6.10 -31.87
C LEU B 70 -26.27 4.92 -32.13
N LEU B 71 -27.34 5.15 -32.88
CA LEU B 71 -28.29 4.10 -33.19
C LEU B 71 -27.60 2.95 -33.90
N ARG B 72 -26.58 3.29 -34.68
CA ARG B 72 -25.80 2.33 -35.44
C ARG B 72 -25.03 1.42 -34.45
N LEU B 73 -24.45 2.05 -33.42
CA LEU B 73 -23.68 1.34 -32.42
C LEU B 73 -24.58 0.63 -31.41
N ALA B 74 -25.84 1.04 -31.36
CA ALA B 74 -26.79 0.46 -30.40
C ALA B 74 -27.35 -0.89 -30.81
N SER B 75 -26.96 -1.38 -31.99
CA SER B 75 -27.44 -2.66 -32.48
C SER B 75 -27.36 -3.84 -31.50
N PRO B 76 -26.34 -3.88 -30.63
CA PRO B 76 -26.28 -5.02 -29.70
C PRO B 76 -27.02 -4.89 -28.36
N LEU B 77 -27.73 -3.78 -28.16
CA LEU B 77 -28.46 -3.55 -26.91
C LEU B 77 -29.69 -4.45 -26.78
N THR B 78 -30.22 -4.59 -25.57
CA THR B 78 -31.38 -5.48 -25.35
C THR B 78 -32.68 -5.00 -26.01
N THR B 79 -33.41 -5.97 -26.53
CA THR B 79 -34.67 -5.73 -27.22
C THR B 79 -35.80 -6.39 -26.43
N LYS B 80 -37.03 -6.24 -26.91
CA LYS B 80 -38.18 -6.82 -26.23
C LYS B 80 -38.18 -8.34 -26.33
N GLY B 81 -37.48 -8.87 -27.32
CA GLY B 81 -37.45 -10.31 -27.48
C GLY B 81 -36.16 -10.97 -27.07
N ALA B 82 -35.05 -10.25 -27.20
CA ALA B 82 -33.76 -10.81 -26.85
C ALA B 82 -32.99 -9.84 -25.96
N SER B 83 -32.19 -10.39 -25.06
CA SER B 83 -31.38 -9.57 -24.18
C SER B 83 -30.06 -9.30 -24.88
N SER B 84 -29.39 -8.24 -24.44
CA SER B 84 -28.09 -7.85 -24.98
C SER B 84 -27.17 -9.06 -25.02
N PHE B 85 -27.20 -9.80 -23.92
CA PHE B 85 -26.42 -11.00 -23.75
C PHE B 85 -26.76 -12.03 -24.82
N ARG B 86 -28.04 -12.37 -24.93
CA ARG B 86 -28.45 -13.40 -25.89
C ARG B 86 -28.29 -13.01 -27.35
N ILE B 87 -28.42 -11.73 -27.65
CA ILE B 87 -28.23 -11.30 -29.03
C ILE B 87 -26.82 -11.70 -29.47
N THR B 88 -25.82 -11.34 -28.67
CA THR B 88 -24.43 -11.65 -28.97
C THR B 88 -24.13 -13.14 -28.86
N ARG B 89 -24.48 -13.74 -27.74
CA ARG B 89 -24.20 -15.16 -27.58
C ARG B 89 -24.91 -16.00 -28.63
N GLY B 90 -26.17 -15.67 -28.87
CA GLY B 90 -26.97 -16.41 -29.84
C GLY B 90 -26.35 -16.46 -31.22
N ILE B 91 -26.07 -15.29 -31.78
CA ILE B 91 -25.48 -15.22 -33.09
C ILE B 91 -24.12 -15.91 -33.16
N GLU B 92 -23.30 -15.70 -32.13
CA GLU B 92 -21.98 -16.31 -32.11
C GLU B 92 -22.08 -17.82 -32.01
N ALA B 93 -23.10 -18.29 -31.30
CA ALA B 93 -23.32 -19.71 -31.09
C ALA B 93 -23.30 -20.47 -32.41
N VAL B 94 -23.78 -19.82 -33.46
CA VAL B 94 -23.84 -20.46 -34.77
C VAL B 94 -22.92 -19.79 -35.80
N GLY B 95 -21.74 -19.40 -35.36
CA GLY B 95 -20.77 -18.77 -36.25
C GLY B 95 -21.36 -17.68 -37.11
N GLY B 96 -22.44 -17.07 -36.65
CA GLY B 96 -23.05 -16.00 -37.43
C GLY B 96 -22.43 -14.64 -37.14
N SER B 97 -22.89 -13.62 -37.85
CA SER B 97 -22.42 -12.25 -37.66
C SER B 97 -23.56 -11.24 -37.79
N LEU B 98 -23.38 -10.07 -37.21
CA LEU B 98 -24.40 -9.04 -37.28
C LEU B 98 -23.69 -7.71 -37.41
N SER B 99 -24.00 -6.96 -38.46
CA SER B 99 -23.38 -5.67 -38.64
C SER B 99 -24.38 -4.63 -39.13
N VAL B 100 -23.98 -3.37 -39.13
CA VAL B 100 -24.84 -2.30 -39.56
C VAL B 100 -24.04 -1.28 -40.32
N TYR B 101 -24.29 -1.17 -41.63
CA TYR B 101 -23.58 -0.17 -42.42
C TYR B 101 -24.56 0.97 -42.63
N SER B 102 -24.06 2.18 -42.85
CA SER B 102 -24.95 3.30 -43.08
C SER B 102 -24.29 4.47 -43.80
N THR B 103 -25.09 5.19 -44.60
CA THR B 103 -24.63 6.36 -45.34
C THR B 103 -25.41 7.54 -44.77
N ARG B 104 -25.26 8.72 -45.37
CA ARG B 104 -25.99 9.88 -44.87
C ARG B 104 -27.50 9.63 -45.02
N GLU B 105 -27.89 8.76 -45.97
CA GLU B 105 -29.30 8.54 -46.17
C GLU B 105 -29.86 7.13 -46.16
N LYS B 106 -29.04 6.13 -45.83
CA LYS B 106 -29.59 4.78 -45.75
C LYS B 106 -28.87 3.93 -44.71
N MET B 107 -29.61 3.04 -44.07
CA MET B 107 -29.05 2.16 -43.04
C MET B 107 -29.37 0.70 -43.35
N THR B 108 -28.35 -0.14 -43.29
CA THR B 108 -28.54 -1.56 -43.57
C THR B 108 -28.11 -2.43 -42.39
N TYR B 109 -29.02 -3.28 -41.94
CA TYR B 109 -28.76 -4.19 -40.84
C TYR B 109 -28.69 -5.58 -41.46
N CYS B 110 -27.52 -6.19 -41.53
CA CYS B 110 -27.46 -7.52 -42.11
C CYS B 110 -26.73 -8.55 -41.28
N VAL B 111 -27.15 -9.81 -41.46
CA VAL B 111 -26.58 -10.94 -40.75
C VAL B 111 -26.17 -12.01 -41.74
N GLU B 112 -25.07 -12.69 -41.47
CA GLU B 112 -24.60 -13.77 -42.33
C GLU B 112 -24.50 -15.01 -41.48
N CYS B 113 -24.58 -16.17 -42.11
CA CYS B 113 -24.47 -17.44 -41.40
C CYS B 113 -24.74 -18.61 -42.34
N LEU B 114 -24.34 -19.80 -41.90
CA LEU B 114 -24.53 -20.99 -42.70
C LEU B 114 -26.02 -21.22 -42.85
N ARG B 115 -26.42 -21.67 -44.05
CA ARG B 115 -27.82 -21.94 -44.42
C ARG B 115 -28.73 -22.45 -43.32
N ASP B 116 -28.33 -23.56 -42.71
CA ASP B 116 -29.13 -24.21 -41.66
C ASP B 116 -29.40 -23.38 -40.40
N HIS B 117 -28.92 -22.14 -40.35
CA HIS B 117 -29.13 -21.33 -39.17
C HIS B 117 -29.87 -20.03 -39.42
N VAL B 118 -30.34 -19.86 -40.66
CA VAL B 118 -31.07 -18.64 -41.00
C VAL B 118 -32.23 -18.34 -40.03
N ASP B 119 -32.87 -19.39 -39.52
CA ASP B 119 -33.97 -19.23 -38.57
C ASP B 119 -33.47 -18.54 -37.31
N THR B 120 -32.47 -19.18 -36.69
CA THR B 120 -31.85 -18.69 -35.48
C THR B 120 -31.46 -17.21 -35.61
N VAL B 121 -30.54 -16.93 -36.52
CA VAL B 121 -30.05 -15.59 -36.78
C VAL B 121 -31.13 -14.57 -37.09
N MET B 122 -32.22 -15.03 -37.68
CA MET B 122 -33.32 -14.14 -38.07
C MET B 122 -34.03 -13.48 -36.89
N GLU B 123 -34.30 -14.27 -35.85
CA GLU B 123 -34.97 -13.77 -34.65
C GLU B 123 -34.35 -12.47 -34.18
N TYR B 124 -33.02 -12.47 -34.14
CA TYR B 124 -32.23 -11.33 -33.68
C TYR B 124 -32.32 -10.16 -34.64
N LEU B 125 -32.08 -10.42 -35.93
CA LEU B 125 -32.15 -9.34 -36.91
C LEU B 125 -33.49 -8.64 -36.77
N LEU B 126 -34.51 -9.44 -36.54
CA LEU B 126 -35.87 -8.93 -36.37
C LEU B 126 -35.96 -8.00 -35.15
N ASN B 127 -35.71 -8.58 -33.98
CA ASN B 127 -35.75 -7.86 -32.71
C ASN B 127 -34.99 -6.54 -32.73
N VAL B 128 -33.77 -6.60 -33.28
CA VAL B 128 -32.94 -5.42 -33.34
C VAL B 128 -33.58 -4.24 -34.07
N THR B 129 -34.05 -4.47 -35.30
CA THR B 129 -34.65 -3.42 -36.11
C THR B 129 -36.06 -3.01 -35.76
N THR B 130 -36.82 -3.89 -35.13
CA THR B 130 -38.21 -3.56 -34.83
C THR B 130 -38.63 -3.51 -33.36
N ALA B 131 -37.87 -4.15 -32.47
CA ALA B 131 -38.24 -4.15 -31.06
C ALA B 131 -37.20 -3.66 -30.06
N PRO B 132 -36.46 -2.58 -30.36
CA PRO B 132 -35.45 -2.09 -29.43
C PRO B 132 -36.06 -1.48 -28.16
N GLU B 133 -35.39 -1.65 -27.04
CA GLU B 133 -35.87 -1.10 -25.77
C GLU B 133 -35.09 0.13 -25.32
N PHE B 134 -33.93 0.37 -25.94
CA PHE B 134 -33.06 1.50 -25.61
C PHE B 134 -33.06 1.86 -24.13
N ARG B 135 -32.82 0.85 -23.28
CA ARG B 135 -32.79 1.04 -21.84
C ARG B 135 -31.83 2.17 -21.51
N PRO B 136 -32.27 3.12 -20.68
CA PRO B 136 -31.46 4.27 -20.27
C PRO B 136 -30.03 3.95 -19.89
N TRP B 137 -29.85 3.03 -18.94
CA TRP B 137 -28.52 2.67 -18.49
C TRP B 137 -27.65 2.13 -19.64
N GLU B 138 -28.15 1.18 -20.40
CA GLU B 138 -27.40 0.61 -21.52
C GLU B 138 -26.99 1.70 -22.51
N VAL B 139 -27.85 2.69 -22.68
CA VAL B 139 -27.56 3.78 -23.60
C VAL B 139 -26.47 4.70 -23.04
N THR B 140 -26.58 5.01 -21.76
CA THR B 140 -25.60 5.86 -21.10
C THR B 140 -24.22 5.23 -21.19
N ASP B 141 -24.17 3.93 -20.91
CA ASP B 141 -22.93 3.16 -20.96
C ASP B 141 -22.28 3.11 -22.32
N LEU B 142 -23.10 3.06 -23.36
CA LEU B 142 -22.62 2.96 -24.73
C LEU B 142 -22.09 4.25 -25.34
N GLN B 143 -22.62 5.38 -24.92
CA GLN B 143 -22.20 6.65 -25.50
C GLN B 143 -20.72 6.97 -25.51
N PRO B 144 -19.97 6.56 -24.50
CA PRO B 144 -18.56 6.92 -24.64
C PRO B 144 -17.92 6.24 -25.86
N GLN B 145 -18.52 5.14 -26.31
CA GLN B 145 -18.01 4.42 -27.47
C GLN B 145 -17.99 5.29 -28.74
N LEU B 146 -18.86 6.30 -28.79
CA LEU B 146 -18.91 7.19 -29.93
C LEU B 146 -17.56 7.88 -30.12
N LYS B 147 -16.90 8.24 -29.02
CA LYS B 147 -15.57 8.88 -29.11
C LYS B 147 -14.58 7.93 -29.75
N VAL B 148 -14.58 6.70 -29.25
CA VAL B 148 -13.68 5.66 -29.75
C VAL B 148 -13.95 5.35 -31.19
N ASP B 149 -15.20 5.08 -31.51
CA ASP B 149 -15.56 4.76 -32.88
C ASP B 149 -15.11 5.88 -33.81
N LYS B 150 -15.49 7.10 -33.45
CA LYS B 150 -15.14 8.28 -34.23
C LYS B 150 -13.62 8.43 -34.36
N ALA B 151 -12.90 8.21 -33.25
CA ALA B 151 -11.44 8.32 -33.24
C ALA B 151 -10.77 7.40 -34.27
N VAL B 152 -11.15 6.14 -34.32
CA VAL B 152 -10.51 5.26 -35.28
C VAL B 152 -10.89 5.64 -36.72
N ALA B 153 -12.15 6.01 -36.93
CA ALA B 153 -12.56 6.38 -38.28
C ALA B 153 -11.72 7.56 -38.79
N PHE B 154 -11.58 8.58 -37.95
CA PHE B 154 -10.82 9.77 -38.33
C PHE B 154 -9.32 9.62 -38.50
N GLN B 155 -8.83 8.38 -38.51
CA GLN B 155 -7.39 8.17 -38.71
C GLN B 155 -7.10 8.31 -40.20
N SER B 156 -8.14 8.15 -41.01
CA SER B 156 -8.03 8.29 -42.46
C SER B 156 -8.42 9.74 -42.74
N PRO B 157 -7.48 10.55 -43.27
CA PRO B 157 -7.78 11.96 -43.56
C PRO B 157 -8.99 12.07 -44.47
N GLN B 158 -9.13 11.06 -45.32
CA GLN B 158 -10.21 10.92 -46.27
C GLN B 158 -11.51 11.26 -45.53
N VAL B 159 -11.87 10.45 -44.55
CA VAL B 159 -13.08 10.64 -43.77
C VAL B 159 -13.31 12.06 -43.22
N GLY B 160 -12.23 12.71 -42.80
CA GLY B 160 -12.36 14.05 -42.25
C GLY B 160 -12.78 15.11 -43.25
N VAL B 161 -12.15 15.12 -44.43
CA VAL B 161 -12.49 16.11 -45.44
C VAL B 161 -13.82 15.82 -46.11
N LEU B 162 -14.24 14.57 -46.16
CA LEU B 162 -15.53 14.27 -46.78
C LEU B 162 -16.64 14.82 -45.89
N GLU B 163 -16.41 14.83 -44.57
CA GLU B 163 -17.40 15.36 -43.63
C GLU B 163 -17.52 16.84 -43.90
N ASN B 164 -16.39 17.53 -43.94
CA ASN B 164 -16.37 18.97 -44.19
C ASN B 164 -16.90 19.28 -45.57
N LEU B 165 -16.66 18.39 -46.52
CA LEU B 165 -17.14 18.61 -47.88
C LEU B 165 -18.65 18.73 -47.85
N HIS B 166 -19.33 17.73 -47.30
CA HIS B 166 -20.78 17.78 -47.22
C HIS B 166 -21.29 18.99 -46.42
N ALA B 167 -20.49 19.48 -45.48
CA ALA B 167 -20.91 20.63 -44.68
C ALA B 167 -20.71 21.93 -45.45
N ALA B 168 -19.90 21.88 -46.50
CA ALA B 168 -19.66 23.07 -47.32
C ALA B 168 -20.58 22.99 -48.53
N ALA B 169 -20.88 21.77 -48.93
CA ALA B 169 -21.72 21.56 -50.08
C ALA B 169 -23.17 21.88 -49.77
N TYR B 170 -23.64 21.54 -48.59
CA TYR B 170 -25.03 21.82 -48.26
C TYR B 170 -25.22 22.72 -47.07
N LYS B 171 -26.46 23.16 -46.87
CA LYS B 171 -26.81 24.01 -45.74
C LYS B 171 -27.61 23.14 -44.79
N THR B 172 -28.21 22.09 -45.34
CA THR B 172 -29.04 21.18 -44.55
C THR B 172 -28.96 19.70 -44.96
N ALA B 173 -29.69 18.88 -44.21
CA ALA B 173 -29.79 17.43 -44.42
C ALA B 173 -28.48 16.72 -44.70
N LEU B 174 -28.08 16.68 -45.97
CA LEU B 174 -26.85 16.03 -46.37
C LEU B 174 -25.63 16.72 -45.75
N ALA B 175 -25.83 17.91 -45.20
CA ALA B 175 -24.74 18.66 -44.59
C ALA B 175 -24.38 18.04 -43.24
N ASN B 176 -25.34 17.37 -42.63
CA ASN B 176 -25.13 16.73 -41.33
C ASN B 176 -23.99 15.72 -41.44
N PRO B 177 -23.12 15.67 -40.41
CA PRO B 177 -21.98 14.73 -40.39
C PRO B 177 -22.43 13.28 -40.17
N LEU B 178 -21.65 12.34 -40.67
CA LEU B 178 -21.95 10.92 -40.55
C LEU B 178 -21.52 10.36 -39.19
N TYR B 179 -20.70 11.13 -38.47
CA TYR B 179 -20.24 10.74 -37.14
C TYR B 179 -20.69 11.80 -36.16
N CYS B 180 -21.27 11.36 -35.05
CA CYS B 180 -21.76 12.25 -34.01
C CYS B 180 -20.79 13.37 -33.61
N PRO B 181 -21.24 14.64 -33.66
CA PRO B 181 -20.35 15.74 -33.27
C PRO B 181 -19.93 15.57 -31.83
N ASP B 182 -18.79 16.14 -31.46
CA ASP B 182 -18.27 15.99 -30.11
C ASP B 182 -19.14 16.53 -28.97
N TYR B 183 -19.67 17.74 -29.14
CA TYR B 183 -20.49 18.33 -28.08
C TYR B 183 -21.73 17.50 -27.75
N ARG B 184 -22.07 16.54 -28.59
CA ARG B 184 -23.25 15.73 -28.33
C ARG B 184 -23.00 14.35 -27.80
N ILE B 185 -21.73 13.97 -27.69
CA ILE B 185 -21.38 12.67 -27.17
C ILE B 185 -21.84 12.65 -25.70
N GLY B 186 -22.69 11.69 -25.37
CA GLY B 186 -23.18 11.58 -24.00
C GLY B 186 -24.48 12.33 -23.76
N LYS B 187 -24.91 13.11 -24.74
CA LYS B 187 -26.12 13.90 -24.64
C LYS B 187 -27.35 13.32 -25.34
N ILE B 188 -27.13 12.37 -26.24
CA ILE B 188 -28.21 11.73 -26.97
C ILE B 188 -29.03 10.99 -25.93
N THR B 189 -30.35 10.99 -26.05
CA THR B 189 -31.20 10.31 -25.06
C THR B 189 -31.91 9.11 -25.63
N SER B 190 -32.56 8.34 -24.75
CA SER B 190 -33.29 7.16 -25.19
C SER B 190 -34.53 7.61 -25.96
N GLU B 191 -35.12 8.72 -25.50
CA GLU B 191 -36.30 9.27 -26.15
C GLU B 191 -35.93 9.53 -27.60
N GLN B 192 -34.82 10.21 -27.80
CA GLN B 192 -34.34 10.54 -29.13
C GLN B 192 -34.12 9.31 -30.00
N LEU B 193 -33.62 8.23 -29.42
CA LEU B 193 -33.39 7.02 -30.19
C LEU B 193 -34.72 6.38 -30.56
N HIS B 194 -35.65 6.37 -29.61
CA HIS B 194 -36.96 5.80 -29.86
C HIS B 194 -37.68 6.60 -30.93
N HIS B 195 -37.75 7.92 -30.73
CA HIS B 195 -38.41 8.78 -31.70
C HIS B 195 -37.82 8.62 -33.10
N PHE B 196 -36.51 8.48 -33.19
CA PHE B 196 -35.87 8.32 -34.49
C PHE B 196 -36.37 7.04 -35.17
N VAL B 197 -36.32 5.93 -34.43
CA VAL B 197 -36.76 4.65 -34.95
C VAL B 197 -38.24 4.63 -35.30
N GLN B 198 -39.04 5.36 -34.54
CA GLN B 198 -40.47 5.40 -34.77
C GLN B 198 -40.80 6.20 -36.02
N ASN B 199 -40.09 7.31 -36.21
CA ASN B 199 -40.35 8.16 -37.35
C ASN B 199 -39.55 7.87 -38.61
N ASN B 200 -38.81 6.77 -38.63
CA ASN B 200 -38.01 6.47 -39.81
C ASN B 200 -38.01 4.99 -40.18
N PHE B 201 -38.12 4.13 -39.17
CA PHE B 201 -38.14 2.69 -39.42
C PHE B 201 -39.58 2.24 -39.64
N THR B 202 -40.18 2.79 -40.68
CA THR B 202 -41.56 2.49 -41.07
C THR B 202 -41.59 1.52 -42.25
N SER B 203 -42.55 0.60 -42.23
CA SER B 203 -42.70 -0.42 -43.26
C SER B 203 -42.60 0.04 -44.72
N ALA B 204 -42.91 1.30 -44.97
CA ALA B 204 -42.85 1.83 -46.34
C ALA B 204 -41.50 2.48 -46.66
N ARG B 205 -40.55 2.37 -45.73
CA ARG B 205 -39.20 2.91 -45.90
C ARG B 205 -38.19 1.81 -45.72
N MET B 206 -38.69 0.59 -45.51
CA MET B 206 -37.85 -0.58 -45.31
C MET B 206 -37.98 -1.61 -46.42
N ALA B 207 -36.95 -2.47 -46.52
CA ALA B 207 -36.89 -3.52 -47.51
C ALA B 207 -36.15 -4.72 -46.91
N LEU B 208 -36.76 -5.90 -46.99
CA LEU B 208 -36.15 -7.10 -46.45
C LEU B 208 -35.53 -7.93 -47.56
N VAL B 209 -34.26 -7.66 -47.85
CA VAL B 209 -33.53 -8.38 -48.90
C VAL B 209 -32.78 -9.59 -48.36
N GLY B 210 -32.68 -10.66 -49.15
CA GLY B 210 -31.99 -11.86 -48.70
C GLY B 210 -31.34 -12.66 -49.80
N ILE B 211 -30.25 -13.34 -49.47
CA ILE B 211 -29.54 -14.18 -50.43
C ILE B 211 -29.33 -15.56 -49.83
N GLY B 212 -29.32 -16.59 -50.67
CA GLY B 212 -29.16 -17.95 -50.18
C GLY B 212 -30.40 -18.40 -49.46
N VAL B 213 -31.52 -17.74 -49.77
CA VAL B 213 -32.80 -18.08 -49.17
C VAL B 213 -33.83 -18.23 -50.27
N LYS B 214 -35.01 -18.76 -49.91
CA LYS B 214 -36.09 -18.95 -50.87
C LYS B 214 -37.13 -17.87 -50.62
N HIS B 215 -37.53 -17.20 -51.70
CA HIS B 215 -38.51 -16.12 -51.62
C HIS B 215 -39.74 -16.43 -50.78
N SER B 216 -40.34 -17.59 -51.00
CA SER B 216 -41.52 -17.99 -50.25
C SER B 216 -41.23 -17.89 -48.76
N ASP B 217 -40.04 -18.34 -48.37
CA ASP B 217 -39.61 -18.31 -46.97
C ASP B 217 -39.43 -16.88 -46.47
N LEU B 218 -38.52 -16.13 -47.10
CA LEU B 218 -38.25 -14.77 -46.70
C LEU B 218 -39.54 -13.96 -46.71
N LYS B 219 -40.36 -14.16 -47.74
CA LYS B 219 -41.62 -13.46 -47.86
C LYS B 219 -42.49 -13.73 -46.64
N GLN B 220 -42.53 -15.00 -46.23
CA GLN B 220 -43.32 -15.38 -45.09
C GLN B 220 -42.90 -14.69 -43.80
N VAL B 221 -41.61 -14.68 -43.53
CA VAL B 221 -41.08 -14.05 -42.32
C VAL B 221 -41.55 -12.61 -42.22
N ALA B 222 -41.39 -11.86 -43.30
CA ALA B 222 -41.79 -10.46 -43.33
C ALA B 222 -43.21 -10.24 -42.86
N GLU B 223 -44.17 -10.64 -43.68
CA GLU B 223 -45.59 -10.48 -43.37
C GLU B 223 -46.01 -10.99 -42.01
N GLN B 224 -45.24 -11.91 -41.45
CA GLN B 224 -45.57 -12.48 -40.15
C GLN B 224 -44.95 -11.80 -38.93
N PHE B 225 -43.74 -11.26 -39.08
CA PHE B 225 -43.08 -10.61 -37.95
C PHE B 225 -42.86 -9.12 -38.04
N LEU B 226 -42.40 -8.63 -39.20
CA LEU B 226 -42.18 -7.19 -39.34
C LEU B 226 -43.47 -6.43 -39.07
N ASN B 227 -43.47 -5.64 -38.02
CA ASN B 227 -44.66 -4.87 -37.62
C ASN B 227 -44.53 -3.35 -37.85
N ILE B 228 -44.08 -2.64 -36.81
CA ILE B 228 -43.93 -1.18 -36.83
C ILE B 228 -44.55 -0.55 -38.08
N ARG B 229 -45.80 -0.13 -37.91
CA ARG B 229 -46.60 0.45 -39.00
C ARG B 229 -45.94 1.26 -40.09
N SER B 230 -46.67 1.31 -41.19
CA SER B 230 -46.31 2.00 -42.42
C SER B 230 -46.27 3.52 -42.30
N GLY B 231 -46.14 4.16 -43.46
CA GLY B 231 -46.08 5.60 -43.52
C GLY B 231 -44.68 5.98 -43.93
N ALA B 232 -44.45 7.27 -44.11
CA ALA B 232 -43.13 7.74 -44.48
C ALA B 232 -42.57 8.49 -43.29
N GLY B 233 -43.27 8.39 -42.15
CA GLY B 233 -42.81 9.07 -40.96
C GLY B 233 -42.36 10.47 -41.30
N THR B 234 -41.59 11.09 -40.42
CA THR B 234 -41.12 12.45 -40.69
C THR B 234 -40.30 12.44 -41.97
N SER B 235 -40.66 13.33 -42.90
CA SER B 235 -39.96 13.46 -44.16
C SER B 235 -38.78 14.40 -43.92
N SER B 236 -37.71 14.20 -44.69
CA SER B 236 -36.52 15.04 -44.54
C SER B 236 -36.59 16.33 -45.35
N ALA B 237 -35.97 17.38 -44.81
CA ALA B 237 -35.94 18.67 -45.49
C ALA B 237 -35.19 18.54 -46.82
N LYS B 238 -35.50 19.41 -47.77
CA LYS B 238 -34.86 19.38 -49.08
C LYS B 238 -33.40 19.79 -48.96
N ALA B 239 -32.54 19.17 -49.75
CA ALA B 239 -31.12 19.49 -49.70
C ALA B 239 -30.87 20.80 -50.44
N THR B 240 -30.42 21.81 -49.69
CA THR B 240 -30.13 23.12 -50.27
C THR B 240 -28.62 23.25 -50.48
N TYR B 241 -28.21 23.58 -51.69
CA TYR B 241 -26.79 23.73 -51.99
C TYR B 241 -26.24 25.03 -51.42
N TRP B 242 -25.00 25.00 -50.95
CA TRP B 242 -24.38 26.19 -50.39
C TRP B 242 -23.14 26.64 -51.16
N GLY B 243 -22.24 25.71 -51.45
CA GLY B 243 -21.02 26.06 -52.16
C GLY B 243 -20.01 26.75 -51.27
N GLY B 244 -19.86 26.21 -50.06
CA GLY B 244 -18.93 26.78 -49.10
C GLY B 244 -17.51 26.28 -49.27
N GLU B 245 -16.65 26.67 -48.33
CA GLU B 245 -15.25 26.30 -48.35
C GLU B 245 -14.73 26.18 -46.92
N ILE B 246 -14.35 24.96 -46.53
CA ILE B 246 -13.83 24.69 -45.19
C ILE B 246 -12.36 24.25 -45.25
N ARG B 247 -11.50 24.95 -44.51
CA ARG B 247 -10.08 24.63 -44.51
C ARG B 247 -9.53 24.29 -43.14
N GLU B 248 -9.15 23.03 -42.94
CA GLU B 248 -8.60 22.59 -41.68
C GLU B 248 -7.07 22.53 -41.72
N GLN B 249 -6.44 23.56 -41.17
CA GLN B 249 -4.97 23.66 -41.13
C GLN B 249 -4.49 22.83 -39.95
N ASN B 250 -3.99 21.63 -40.21
CA ASN B 250 -3.53 20.78 -39.13
C ASN B 250 -2.06 20.36 -39.21
N GLY B 251 -1.32 20.98 -40.12
CA GLY B 251 0.09 20.68 -40.23
C GLY B 251 0.59 19.42 -40.89
N HIS B 252 -0.29 18.46 -41.22
CA HIS B 252 0.17 17.21 -41.86
C HIS B 252 0.96 17.45 -43.15
N SER B 253 1.96 16.60 -43.37
CA SER B 253 2.82 16.68 -44.56
C SER B 253 2.04 16.57 -45.86
N LEU B 254 0.94 15.81 -45.82
CA LEU B 254 0.09 15.63 -46.98
C LEU B 254 -1.16 16.50 -46.90
N VAL B 255 -1.58 17.02 -48.05
CA VAL B 255 -2.77 17.84 -48.13
C VAL B 255 -3.87 17.15 -48.92
N HIS B 256 -5.00 16.93 -48.27
CA HIS B 256 -6.14 16.32 -48.93
C HIS B 256 -7.06 17.45 -49.31
N ALA B 257 -7.53 17.44 -50.55
CA ALA B 257 -8.44 18.48 -51.01
C ALA B 257 -9.48 17.87 -51.95
N ALA B 258 -10.70 18.40 -51.88
CA ALA B 258 -11.78 17.93 -52.73
C ALA B 258 -12.56 19.14 -53.18
N VAL B 259 -12.82 19.20 -54.50
CA VAL B 259 -13.57 20.30 -55.09
C VAL B 259 -14.73 19.67 -55.83
N VAL B 260 -15.95 20.11 -55.51
CA VAL B 260 -17.10 19.54 -56.19
C VAL B 260 -18.12 20.57 -56.61
N THR B 261 -19.14 20.06 -57.29
CA THR B 261 -20.24 20.85 -57.81
C THR B 261 -21.46 19.96 -57.64
N GLU B 262 -22.65 20.55 -57.64
CA GLU B 262 -23.87 19.77 -57.52
C GLU B 262 -24.04 18.89 -58.76
N GLY B 263 -23.96 17.57 -58.59
CA GLY B 263 -24.09 16.67 -59.71
C GLY B 263 -25.49 16.08 -59.79
N ALA B 264 -25.62 14.95 -60.48
CA ALA B 264 -26.92 14.30 -60.63
C ALA B 264 -27.34 13.55 -59.38
N ALA B 265 -28.65 13.32 -59.26
CA ALA B 265 -29.19 12.61 -58.11
C ALA B 265 -29.36 11.16 -58.53
N VAL B 266 -29.72 10.30 -57.57
CA VAL B 266 -29.94 8.89 -57.85
C VAL B 266 -31.07 8.82 -58.86
N GLY B 267 -30.96 7.91 -59.82
CA GLY B 267 -31.98 7.78 -60.84
C GLY B 267 -31.96 9.01 -61.74
N SER B 268 -31.14 8.96 -62.77
CA SER B 268 -31.02 10.08 -63.69
C SER B 268 -30.17 9.66 -64.89
N ALA B 269 -30.50 10.20 -66.05
CA ALA B 269 -29.75 9.89 -67.26
C ALA B 269 -28.49 10.74 -67.16
N GLU B 270 -28.56 11.75 -66.30
CA GLU B 270 -27.47 12.67 -66.05
C GLU B 270 -26.42 11.96 -65.21
N ALA B 271 -26.87 11.07 -64.34
CA ALA B 271 -26.00 10.29 -63.48
C ALA B 271 -24.99 9.57 -64.36
N ASN B 272 -25.49 8.70 -65.21
CA ASN B 272 -24.64 7.92 -66.14
C ASN B 272 -23.58 8.73 -66.84
N ALA B 273 -23.92 9.96 -67.18
CA ALA B 273 -22.99 10.85 -67.86
C ALA B 273 -21.78 11.09 -66.98
N PHE B 274 -22.05 11.43 -65.72
CA PHE B 274 -20.98 11.69 -64.76
C PHE B 274 -20.19 10.43 -64.46
N SER B 275 -20.88 9.30 -64.29
CA SER B 275 -20.21 8.03 -64.03
C SER B 275 -19.13 7.83 -65.09
N VAL B 276 -19.51 8.09 -66.33
CA VAL B 276 -18.57 7.95 -67.44
C VAL B 276 -17.49 9.03 -67.39
N LEU B 277 -17.89 10.28 -67.21
CA LEU B 277 -16.90 11.37 -67.14
C LEU B 277 -15.91 11.03 -66.03
N GLN B 278 -16.42 10.37 -65.00
CA GLN B 278 -15.62 9.96 -63.85
C GLN B 278 -14.49 9.05 -64.33
N HIS B 279 -14.88 7.93 -64.95
CA HIS B 279 -13.90 6.98 -65.47
C HIS B 279 -13.03 7.57 -66.59
N VAL B 280 -13.53 8.61 -67.26
CA VAL B 280 -12.75 9.23 -68.32
C VAL B 280 -11.65 10.07 -67.68
N LEU B 281 -11.96 10.67 -66.54
CA LEU B 281 -11.01 11.51 -65.82
C LEU B 281 -10.01 10.69 -65.00
N GLY B 282 -10.50 9.64 -64.35
CA GLY B 282 -9.66 8.78 -63.55
C GLY B 282 -10.36 8.37 -62.27
N ALA B 283 -10.92 7.16 -62.23
CA ALA B 283 -11.62 6.69 -61.05
C ALA B 283 -10.90 5.54 -60.33
N GLY B 284 -9.74 5.82 -59.75
CA GLY B 284 -9.03 4.78 -59.04
C GLY B 284 -8.05 3.98 -59.90
N PRO B 285 -7.01 3.40 -59.28
CA PRO B 285 -6.00 2.62 -59.99
C PRO B 285 -6.49 1.21 -60.42
N LEU B 286 -5.91 0.71 -61.51
CA LEU B 286 -6.26 -0.61 -62.04
C LEU B 286 -5.07 -1.55 -62.02
N ILE B 287 -3.87 -0.96 -61.93
CA ILE B 287 -2.65 -1.72 -61.89
C ILE B 287 -1.90 -1.36 -60.61
N LYS B 288 -1.43 -2.39 -59.90
CA LYS B 288 -0.69 -2.20 -58.65
C LYS B 288 0.62 -1.43 -58.88
N ARG B 289 0.78 -0.32 -58.16
CA ARG B 289 1.99 0.52 -58.28
C ARG B 289 2.14 1.06 -59.70
N GLY B 290 1.16 0.79 -60.54
CA GLY B 290 1.24 1.26 -61.90
C GLY B 290 0.68 2.65 -62.05
N SER B 291 1.01 3.29 -63.16
CA SER B 291 0.51 4.62 -63.47
C SER B 291 -0.84 4.38 -64.16
N SER B 292 -1.68 5.40 -64.17
CA SER B 292 -2.98 5.28 -64.82
C SER B 292 -2.88 6.14 -66.08
N VAL B 293 -2.67 5.49 -67.23
CA VAL B 293 -2.55 6.23 -68.48
C VAL B 293 -3.93 6.61 -69.01
N THR B 294 -4.88 5.69 -68.85
CA THR B 294 -6.26 5.90 -69.27
C THR B 294 -6.92 6.95 -68.35
N SER B 295 -6.12 7.61 -67.53
CA SER B 295 -6.63 8.62 -66.62
C SER B 295 -6.20 10.02 -67.00
N LYS B 296 -7.12 10.78 -67.58
CA LYS B 296 -6.84 12.15 -68.00
C LYS B 296 -6.34 12.97 -66.83
N LEU B 297 -7.10 12.92 -65.74
CA LEU B 297 -6.79 13.68 -64.54
C LEU B 297 -5.44 13.33 -63.92
N TYR B 298 -5.21 12.03 -63.69
CA TYR B 298 -3.95 11.59 -63.09
C TYR B 298 -2.78 12.05 -63.97
N GLN B 299 -2.80 11.61 -65.23
CA GLN B 299 -1.78 11.95 -66.19
C GLN B 299 -1.51 13.44 -66.28
N GLY B 300 -2.57 14.25 -66.16
CA GLY B 300 -2.41 15.69 -66.23
C GLY B 300 -1.67 16.23 -65.02
N VAL B 301 -2.10 15.81 -63.84
CA VAL B 301 -1.47 16.23 -62.59
C VAL B 301 -0.02 15.77 -62.58
N ALA B 302 0.19 14.54 -63.05
CA ALA B 302 1.52 13.94 -63.10
C ALA B 302 2.48 14.84 -63.86
N LYS B 303 2.04 15.34 -65.02
CA LYS B 303 2.88 16.20 -65.84
C LYS B 303 3.25 17.50 -65.11
N ALA B 304 2.42 17.90 -64.16
CA ALA B 304 2.66 19.14 -63.43
C ALA B 304 3.63 19.05 -62.26
N THR B 305 3.52 18.00 -61.46
CA THR B 305 4.40 17.86 -60.30
C THR B 305 5.32 16.64 -60.41
N THR B 306 6.44 16.67 -59.69
CA THR B 306 7.41 15.58 -59.69
C THR B 306 7.26 14.68 -58.47
N GLN B 307 6.70 15.23 -57.41
CA GLN B 307 6.51 14.50 -56.17
C GLN B 307 5.29 13.60 -56.12
N PRO B 308 5.27 12.67 -55.14
CA PRO B 308 4.17 11.73 -54.96
C PRO B 308 2.85 12.47 -54.81
N PHE B 309 1.81 11.90 -55.40
CA PHE B 309 0.50 12.52 -55.33
C PHE B 309 -0.60 11.51 -55.68
N ASP B 310 -1.82 12.03 -55.74
CA ASP B 310 -2.94 11.22 -56.09
C ASP B 310 -4.15 12.09 -56.42
N ALA B 311 -4.73 11.86 -57.59
CA ALA B 311 -5.89 12.61 -58.02
C ALA B 311 -6.95 11.65 -58.52
N SER B 312 -8.20 11.97 -58.26
CA SER B 312 -9.30 11.12 -58.71
C SER B 312 -10.59 11.88 -58.94
N ALA B 313 -11.46 11.28 -59.75
CA ALA B 313 -12.75 11.88 -60.03
C ALA B 313 -13.65 11.44 -58.91
N PHE B 314 -14.18 12.41 -58.19
CA PHE B 314 -15.09 12.15 -57.07
C PHE B 314 -16.50 12.20 -57.62
N ASN B 315 -17.37 11.32 -57.13
CA ASN B 315 -18.73 11.28 -57.62
C ASN B 315 -19.70 10.62 -56.65
N VAL B 316 -20.69 11.37 -56.19
CA VAL B 316 -21.71 10.85 -55.27
C VAL B 316 -23.11 11.14 -55.76
N ASN B 317 -23.99 10.15 -55.67
CA ASN B 317 -25.36 10.33 -56.09
C ASN B 317 -26.29 10.04 -54.92
N TYR B 318 -27.07 11.04 -54.52
CA TYR B 318 -28.02 10.88 -53.42
C TYR B 318 -29.43 10.97 -53.98
N SER B 319 -30.41 10.66 -53.14
CA SER B 319 -31.81 10.70 -53.54
C SER B 319 -32.20 11.98 -54.28
N ASP B 320 -32.06 13.11 -53.61
CA ASP B 320 -32.43 14.40 -54.17
C ASP B 320 -31.26 15.29 -54.54
N SER B 321 -30.09 14.71 -54.79
CA SER B 321 -28.94 15.51 -55.15
C SER B 321 -27.69 14.67 -55.35
N GLY B 322 -26.56 15.33 -55.61
CA GLY B 322 -25.32 14.62 -55.79
C GLY B 322 -24.17 15.61 -55.80
N LEU B 323 -22.95 15.10 -55.87
CA LEU B 323 -21.78 15.95 -55.90
C LEU B 323 -20.80 15.38 -56.91
N PHE B 324 -20.09 16.25 -57.62
CA PHE B 324 -19.12 15.78 -58.59
C PHE B 324 -17.91 16.68 -58.61
N GLY B 325 -16.74 16.07 -58.75
CA GLY B 325 -15.52 16.85 -58.77
C GLY B 325 -14.32 15.94 -58.68
N PHE B 326 -13.24 16.46 -58.09
CA PHE B 326 -12.03 15.70 -57.96
C PHE B 326 -11.42 15.79 -56.57
N TYR B 327 -10.81 14.69 -56.14
CA TYR B 327 -10.18 14.61 -54.84
C TYR B 327 -8.67 14.44 -55.05
N THR B 328 -7.86 15.27 -54.40
CA THR B 328 -6.43 15.13 -54.55
C THR B 328 -5.74 14.91 -53.21
N ILE B 329 -4.48 14.47 -53.27
CA ILE B 329 -3.65 14.23 -52.10
C ILE B 329 -2.26 14.58 -52.59
N SER B 330 -1.60 15.53 -51.94
CA SER B 330 -0.27 15.91 -52.40
C SER B 330 0.60 16.45 -51.30
N GLN B 331 1.88 16.62 -51.60
CA GLN B 331 2.78 17.18 -50.62
C GLN B 331 2.30 18.62 -50.45
N ALA B 332 2.53 19.19 -49.28
CA ALA B 332 2.08 20.55 -49.00
C ALA B 332 2.57 21.61 -49.97
N ALA B 333 3.87 21.64 -50.23
CA ALA B 333 4.43 22.63 -51.13
C ALA B 333 3.91 22.56 -52.56
N HIS B 334 3.49 21.38 -52.99
CA HIS B 334 3.00 21.23 -54.36
C HIS B 334 1.49 21.13 -54.47
N ALA B 335 0.80 21.40 -53.37
CA ALA B 335 -0.66 21.33 -53.36
C ALA B 335 -1.23 22.30 -54.37
N GLY B 336 -0.61 23.47 -54.45
CA GLY B 336 -1.06 24.50 -55.38
C GLY B 336 -1.14 23.98 -56.80
N GLU B 337 0.02 23.67 -57.37
CA GLU B 337 0.08 23.17 -58.74
C GLU B 337 -0.75 21.91 -58.97
N VAL B 338 -0.75 21.00 -58.01
CA VAL B 338 -1.51 19.76 -58.16
C VAL B 338 -3.01 19.99 -58.29
N ILE B 339 -3.53 20.96 -57.54
CA ILE B 339 -4.95 21.25 -57.60
C ILE B 339 -5.32 22.02 -58.86
N ARG B 340 -4.46 22.95 -59.28
CA ARG B 340 -4.74 23.71 -60.48
C ARG B 340 -4.66 22.84 -61.71
N ALA B 341 -3.73 21.89 -61.70
CA ALA B 341 -3.57 20.97 -62.83
C ALA B 341 -4.82 20.09 -62.96
N ALA B 342 -5.44 19.75 -61.84
CA ALA B 342 -6.63 18.92 -61.86
C ALA B 342 -7.77 19.71 -62.47
N MET B 343 -7.77 21.02 -62.23
CA MET B 343 -8.79 21.91 -62.75
C MET B 343 -8.75 22.02 -64.28
N ASN B 344 -7.54 22.18 -64.81
CA ASN B 344 -7.35 22.31 -66.26
C ASN B 344 -7.86 21.08 -66.98
N GLN B 345 -7.65 19.93 -66.37
CA GLN B 345 -8.09 18.68 -66.97
C GLN B 345 -9.60 18.62 -67.07
N LEU B 346 -10.27 19.44 -66.25
CA LEU B 346 -11.71 19.49 -66.26
C LEU B 346 -12.19 20.49 -67.29
N LYS B 347 -11.50 21.64 -67.37
CA LYS B 347 -11.86 22.65 -68.35
C LYS B 347 -11.64 21.97 -69.70
N ALA B 348 -10.41 21.56 -69.95
CA ALA B 348 -10.03 20.89 -71.19
C ALA B 348 -11.06 19.86 -71.63
N ALA B 349 -11.63 19.15 -70.68
CA ALA B 349 -12.61 18.12 -71.00
C ALA B 349 -13.96 18.73 -71.36
N ALA B 350 -14.23 19.89 -70.76
CA ALA B 350 -15.49 20.60 -71.00
C ALA B 350 -15.45 21.24 -72.39
N GLN B 351 -14.24 21.47 -72.89
CA GLN B 351 -14.04 22.05 -74.21
C GLN B 351 -13.74 20.98 -75.25
N GLY B 352 -14.63 19.99 -75.34
CA GLY B 352 -14.48 18.91 -76.30
C GLY B 352 -13.22 18.06 -76.28
N GLY B 353 -12.31 18.33 -75.34
CA GLY B 353 -11.09 17.57 -75.24
C GLY B 353 -11.31 16.14 -74.78
N VAL B 354 -12.36 15.52 -75.28
CA VAL B 354 -12.72 14.14 -74.94
C VAL B 354 -12.86 13.30 -76.20
N THR B 355 -11.93 12.37 -76.41
CA THR B 355 -11.97 11.49 -77.58
C THR B 355 -13.25 10.67 -77.54
N GLU B 356 -13.59 10.05 -78.68
CA GLU B 356 -14.78 9.22 -78.76
C GLU B 356 -14.38 7.82 -78.32
N GLU B 357 -13.08 7.58 -78.29
CA GLU B 357 -12.54 6.29 -77.89
C GLU B 357 -12.43 6.28 -76.36
N ASP B 358 -12.15 7.46 -75.81
CA ASP B 358 -12.05 7.61 -74.37
C ASP B 358 -13.37 7.17 -73.78
N VAL B 359 -14.45 7.67 -74.37
CA VAL B 359 -15.79 7.34 -73.91
C VAL B 359 -16.08 5.85 -74.06
N THR B 360 -15.40 5.21 -74.99
CA THR B 360 -15.62 3.79 -75.20
C THR B 360 -14.95 3.01 -74.07
N LYS B 361 -13.68 3.32 -73.83
CA LYS B 361 -12.91 2.67 -72.79
C LYS B 361 -13.58 2.85 -71.44
N ALA B 362 -13.87 4.10 -71.09
CA ALA B 362 -14.52 4.39 -69.83
C ALA B 362 -15.76 3.52 -69.66
N LYS B 363 -16.52 3.35 -70.74
CA LYS B 363 -17.73 2.53 -70.69
C LYS B 363 -17.41 1.07 -70.37
N ASN B 364 -16.19 0.65 -70.67
CA ASN B 364 -15.79 -0.72 -70.36
C ASN B 364 -15.51 -0.79 -68.88
N GLN B 365 -14.61 0.08 -68.43
CA GLN B 365 -14.21 0.14 -67.02
C GLN B 365 -15.44 0.28 -66.15
N LEU B 366 -16.41 1.06 -66.61
CA LEU B 366 -17.63 1.26 -65.85
C LEU B 366 -18.48 -0.02 -65.81
N LYS B 367 -18.60 -0.69 -66.96
CA LYS B 367 -19.37 -1.93 -67.02
C LYS B 367 -18.65 -3.01 -66.21
N ALA B 368 -17.33 -3.04 -66.30
CA ALA B 368 -16.53 -4.02 -65.58
C ALA B 368 -16.69 -3.82 -64.08
N THR B 369 -16.37 -2.61 -63.64
CA THR B 369 -16.50 -2.26 -62.23
C THR B 369 -17.84 -2.73 -61.67
N TYR B 370 -18.93 -2.21 -62.23
CA TYR B 370 -20.24 -2.60 -61.77
C TYR B 370 -20.36 -4.12 -61.66
N LEU B 371 -19.87 -4.81 -62.69
CA LEU B 371 -19.94 -6.26 -62.72
C LEU B 371 -19.11 -6.98 -61.68
N MET B 372 -18.00 -6.37 -61.28
CA MET B 372 -17.15 -6.98 -60.28
C MET B 372 -17.72 -6.69 -58.90
N SER B 373 -18.34 -5.51 -58.75
CA SER B 373 -18.96 -5.09 -57.50
C SER B 373 -19.87 -6.14 -56.91
N VAL B 374 -20.48 -6.93 -57.78
CA VAL B 374 -21.43 -7.95 -57.34
C VAL B 374 -20.87 -9.37 -57.16
N GLU B 375 -19.55 -9.51 -57.15
CA GLU B 375 -18.92 -10.82 -56.96
C GLU B 375 -19.07 -11.32 -55.53
N THR B 376 -18.87 -10.41 -54.57
CA THR B 376 -18.96 -10.73 -53.16
C THR B 376 -20.39 -10.64 -52.63
N ALA B 377 -20.76 -11.55 -51.74
CA ALA B 377 -22.10 -11.56 -51.15
C ALA B 377 -22.53 -10.17 -50.65
N GLN B 378 -21.63 -9.46 -50.01
CA GLN B 378 -21.95 -8.14 -49.49
C GLN B 378 -22.32 -7.21 -50.63
N GLY B 379 -21.56 -7.29 -51.71
CA GLY B 379 -21.81 -6.45 -52.88
C GLY B 379 -23.11 -6.76 -53.59
N LEU B 380 -23.39 -8.04 -53.76
CA LEU B 380 -24.61 -8.48 -54.42
C LEU B 380 -25.81 -8.04 -53.59
N LEU B 381 -25.86 -8.50 -52.34
CA LEU B 381 -26.96 -8.16 -51.47
C LEU B 381 -27.20 -6.67 -51.44
N ASN B 382 -26.12 -5.89 -51.52
CA ASN B 382 -26.28 -4.45 -51.47
C ASN B 382 -26.84 -3.91 -52.77
N GLU B 383 -26.52 -4.56 -53.88
CA GLU B 383 -27.03 -4.09 -55.16
C GLU B 383 -28.53 -4.32 -55.19
N ILE B 384 -28.94 -5.55 -54.94
CA ILE B 384 -30.35 -5.92 -54.90
C ILE B 384 -31.13 -4.99 -54.01
N GLY B 385 -30.80 -5.01 -52.72
CA GLY B 385 -31.50 -4.17 -51.76
C GLY B 385 -31.61 -2.68 -52.03
N SER B 386 -30.52 -2.06 -52.49
CA SER B 386 -30.53 -0.62 -52.75
C SER B 386 -31.61 -0.23 -53.75
N GLU B 387 -31.68 -0.97 -54.85
CA GLU B 387 -32.67 -0.71 -55.88
C GLU B 387 -34.05 -1.16 -55.38
N ALA B 388 -34.12 -2.37 -54.83
CA ALA B 388 -35.38 -2.88 -54.32
C ALA B 388 -35.92 -1.97 -53.20
N LEU B 389 -35.16 -0.95 -52.86
CA LEU B 389 -35.57 -0.03 -51.81
C LEU B 389 -36.01 1.30 -52.40
N LEU B 390 -35.32 1.74 -53.44
CA LEU B 390 -35.63 3.01 -54.08
C LEU B 390 -36.58 2.89 -55.28
N SER B 391 -37.27 1.76 -55.39
CA SER B 391 -38.21 1.55 -56.49
C SER B 391 -38.68 0.10 -56.62
N GLY B 392 -38.79 -0.59 -55.48
CA GLY B 392 -39.24 -1.98 -55.50
C GLY B 392 -39.12 -2.76 -56.79
N THR B 393 -37.98 -2.62 -57.48
CA THR B 393 -37.76 -3.34 -58.74
C THR B 393 -36.34 -3.85 -58.85
N HIS B 394 -36.00 -4.35 -60.04
CA HIS B 394 -34.67 -4.87 -60.30
C HIS B 394 -34.27 -4.83 -61.77
N THR B 395 -33.41 -3.88 -62.12
CA THR B 395 -32.94 -3.74 -63.48
C THR B 395 -32.05 -4.93 -63.82
N ALA B 396 -32.17 -5.44 -65.04
CA ALA B 396 -31.36 -6.57 -65.48
C ALA B 396 -29.96 -6.06 -65.78
N PRO B 397 -28.93 -6.84 -65.42
CA PRO B 397 -27.55 -6.41 -65.67
C PRO B 397 -27.31 -6.02 -67.13
N SER B 398 -28.29 -6.30 -67.99
CA SER B 398 -28.19 -5.98 -69.41
C SER B 398 -28.78 -4.59 -69.68
N VAL B 399 -29.88 -4.29 -69.02
CA VAL B 399 -30.55 -3.00 -69.17
C VAL B 399 -29.63 -1.92 -68.61
N VAL B 400 -28.93 -2.24 -67.52
CA VAL B 400 -28.02 -1.29 -66.90
C VAL B 400 -26.86 -1.03 -67.85
N ALA B 401 -26.35 -2.09 -68.47
CA ALA B 401 -25.26 -1.97 -69.42
C ALA B 401 -25.79 -1.22 -70.65
N GLN B 402 -27.01 -1.53 -71.01
CA GLN B 402 -27.70 -0.92 -72.15
C GLN B 402 -27.84 0.59 -71.93
N LYS B 403 -28.18 0.96 -70.70
CA LYS B 403 -28.34 2.37 -70.34
C LYS B 403 -27.01 3.10 -70.30
N ILE B 404 -25.97 2.42 -69.83
CA ILE B 404 -24.66 3.04 -69.72
C ILE B 404 -23.99 3.38 -71.06
N ASP B 405 -23.73 2.38 -71.89
CA ASP B 405 -23.07 2.62 -73.18
C ASP B 405 -23.86 3.53 -74.12
N SER B 406 -25.16 3.68 -73.86
CA SER B 406 -26.00 4.54 -74.67
C SER B 406 -25.88 5.96 -74.11
N VAL B 407 -24.64 6.41 -73.96
CA VAL B 407 -24.29 7.73 -73.44
C VAL B 407 -23.31 8.36 -74.43
N THR B 408 -23.79 9.35 -75.18
CA THR B 408 -22.96 10.01 -76.19
C THR B 408 -21.79 10.79 -75.62
N SER B 409 -20.80 11.03 -76.47
CA SER B 409 -19.63 11.79 -76.08
C SER B 409 -20.09 13.20 -75.75
N ALA B 410 -21.24 13.58 -76.30
CA ALA B 410 -21.80 14.90 -76.05
C ALA B 410 -22.12 14.97 -74.56
N ASP B 411 -23.00 14.07 -74.13
CA ASP B 411 -23.41 14.00 -72.73
C ASP B 411 -22.25 14.27 -71.79
N VAL B 412 -21.19 13.49 -71.95
CA VAL B 412 -20.01 13.60 -71.12
C VAL B 412 -19.44 15.02 -71.11
N VAL B 413 -19.20 15.58 -72.30
CA VAL B 413 -18.64 16.92 -72.39
C VAL B 413 -19.56 17.93 -71.70
N ASN B 414 -20.85 17.61 -71.67
CA ASN B 414 -21.81 18.50 -71.03
C ASN B 414 -21.61 18.43 -69.53
N ALA B 415 -21.57 17.21 -69.01
CA ALA B 415 -21.35 17.00 -67.59
C ALA B 415 -20.14 17.84 -67.20
N ALA B 416 -19.04 17.67 -67.93
CA ALA B 416 -17.82 18.42 -67.67
C ALA B 416 -18.06 19.93 -67.62
N LYS B 417 -18.97 20.41 -68.47
CA LYS B 417 -19.27 21.84 -68.49
C LYS B 417 -20.04 22.26 -67.26
N LYS B 418 -21.04 21.46 -66.89
CA LYS B 418 -21.85 21.76 -65.73
C LYS B 418 -20.96 21.99 -64.52
N PHE B 419 -19.80 21.33 -64.53
CA PHE B 419 -18.85 21.45 -63.44
C PHE B 419 -18.09 22.77 -63.49
N VAL B 420 -17.50 23.07 -64.64
CA VAL B 420 -16.70 24.29 -64.77
C VAL B 420 -17.56 25.55 -64.62
N SER B 421 -18.85 25.42 -64.87
CA SER B 421 -19.78 26.54 -64.80
C SER B 421 -20.54 26.65 -63.47
N GLY B 422 -20.83 25.51 -62.86
CA GLY B 422 -21.56 25.52 -61.59
C GLY B 422 -20.79 26.09 -60.40
N LYS B 423 -21.51 26.42 -59.33
CA LYS B 423 -20.89 26.95 -58.12
C LYS B 423 -20.21 25.79 -57.43
N LYS B 424 -18.98 26.02 -57.00
CA LYS B 424 -18.21 24.96 -56.37
C LYS B 424 -18.05 25.09 -54.86
N SER B 425 -17.84 23.95 -54.22
CA SER B 425 -17.61 23.89 -52.78
C SER B 425 -16.32 23.10 -52.63
N MET B 426 -15.47 23.54 -51.71
CA MET B 426 -14.18 22.90 -51.48
C MET B 426 -13.89 22.63 -50.00
N ALA B 427 -13.09 21.60 -49.75
CA ALA B 427 -12.70 21.23 -48.40
C ALA B 427 -11.27 20.72 -48.48
N ALA B 428 -10.39 21.24 -47.62
CA ALA B 428 -9.00 20.82 -47.62
C ALA B 428 -8.39 20.79 -46.21
N SER B 429 -7.57 19.78 -45.93
CA SER B 429 -6.93 19.66 -44.62
C SER B 429 -5.43 19.40 -44.77
N GLY B 430 -4.66 19.83 -43.78
CA GLY B 430 -3.23 19.61 -43.84
C GLY B 430 -2.55 20.95 -43.71
N ASP B 431 -1.29 21.04 -44.11
CA ASP B 431 -0.58 22.31 -44.05
C ASP B 431 -1.03 23.05 -45.32
N LEU B 432 -2.10 23.81 -45.18
CA LEU B 432 -2.69 24.54 -46.29
C LEU B 432 -1.92 25.79 -46.69
N GLY B 433 -0.68 25.91 -46.25
CA GLY B 433 0.11 27.07 -46.59
C GLY B 433 0.20 27.40 -48.08
N SER B 434 0.09 26.39 -48.93
CA SER B 434 0.19 26.60 -50.37
C SER B 434 -1.06 26.17 -51.12
N THR B 435 -2.08 25.76 -50.37
CA THR B 435 -3.32 25.32 -50.99
C THR B 435 -4.13 26.53 -51.41
N PRO B 436 -4.50 26.60 -52.70
CA PRO B 436 -5.28 27.73 -53.21
C PRO B 436 -6.72 27.78 -52.69
N PHE B 437 -7.29 28.99 -52.68
CA PHE B 437 -8.66 29.18 -52.23
C PHE B 437 -9.59 28.96 -53.42
N LEU B 438 -10.81 28.55 -53.15
CA LEU B 438 -11.79 28.27 -54.20
C LEU B 438 -11.91 29.37 -55.25
N ASP B 439 -11.66 30.62 -54.88
CA ASP B 439 -11.77 31.72 -55.84
C ASP B 439 -10.49 32.01 -56.62
N GLU B 440 -9.56 31.07 -56.60
CA GLU B 440 -8.32 31.25 -57.33
C GLU B 440 -8.19 30.05 -58.25
N LEU B 441 -9.31 29.35 -58.45
CA LEU B 441 -9.32 28.18 -59.31
C LEU B 441 -9.99 28.52 -60.64
N MET C 1 -11.66 -7.49 -9.22
CA MET C 1 -11.04 -6.27 -9.83
C MET C 1 -9.89 -6.67 -10.77
N ALA C 2 -8.90 -7.38 -10.22
CA ALA C 2 -7.75 -7.83 -11.00
C ALA C 2 -7.99 -9.26 -11.51
N PRO C 3 -7.58 -9.53 -12.76
CA PRO C 3 -7.75 -10.86 -13.37
C PRO C 3 -7.02 -12.00 -12.66
N ASN C 4 -5.95 -11.69 -11.91
CA ASN C 4 -5.22 -12.73 -11.18
C ASN C 4 -5.03 -12.43 -9.69
N ILE C 5 -5.42 -13.41 -8.87
CA ILE C 5 -5.34 -13.33 -7.42
C ILE C 5 -4.01 -12.85 -6.84
N ARG C 6 -2.90 -13.28 -7.45
CA ARG C 6 -1.58 -12.89 -6.96
C ARG C 6 -1.47 -11.38 -6.76
N LYS C 7 -2.25 -10.62 -7.52
CA LYS C 7 -2.23 -9.16 -7.44
C LYS C 7 -3.39 -8.50 -6.69
N SER C 8 -4.57 -9.12 -6.71
CA SER C 8 -5.73 -8.54 -6.03
C SER C 8 -5.85 -8.85 -4.53
N HIS C 9 -5.69 -10.13 -4.16
CA HIS C 9 -5.79 -10.56 -2.75
C HIS C 9 -4.94 -9.71 -1.81
N PRO C 10 -5.53 -9.15 -0.73
CA PRO C 10 -4.81 -8.31 0.23
C PRO C 10 -3.57 -8.91 0.92
N LEU C 11 -3.44 -10.24 0.93
CA LEU C 11 -2.29 -10.89 1.56
C LEU C 11 -1.27 -11.31 0.50
N LEU C 12 -1.76 -11.99 -0.54
CA LEU C 12 -0.90 -12.44 -1.63
C LEU C 12 -0.28 -11.22 -2.28
N LYS C 13 -1.09 -10.17 -2.41
CA LYS C 13 -0.65 -8.91 -3.01
C LYS C 13 0.69 -8.54 -2.39
N MET C 14 0.77 -8.72 -1.07
CA MET C 14 1.96 -8.41 -0.32
C MET C 14 3.14 -9.33 -0.61
N ILE C 15 2.88 -10.64 -0.68
CA ILE C 15 3.93 -11.60 -0.99
C ILE C 15 4.44 -11.37 -2.40
N ASN C 16 3.51 -11.00 -3.28
CA ASN C 16 3.82 -10.74 -4.67
C ASN C 16 4.65 -9.48 -4.84
N ASN C 17 4.32 -8.43 -4.09
CA ASN C 17 5.05 -7.17 -4.23
C ASN C 17 6.41 -7.15 -3.52
N SER C 18 6.74 -8.22 -2.82
CA SER C 18 8.02 -8.26 -2.10
C SER C 18 8.84 -9.51 -2.36
N LEU C 19 8.25 -10.50 -3.02
CA LEU C 19 8.98 -11.73 -3.29
C LEU C 19 8.72 -12.40 -4.62
N ILE C 20 7.92 -11.79 -5.49
CA ILE C 20 7.65 -12.44 -6.75
C ILE C 20 7.79 -11.47 -7.91
N ASP C 21 7.04 -10.38 -7.88
CA ASP C 21 7.11 -9.38 -8.94
C ASP C 21 8.00 -8.21 -8.57
N LEU C 22 8.60 -8.26 -7.38
CA LEU C 22 9.47 -7.19 -6.92
C LEU C 22 10.58 -6.93 -7.92
N PRO C 23 10.73 -5.69 -8.36
CA PRO C 23 11.79 -5.37 -9.32
C PRO C 23 13.16 -5.35 -8.66
N ALA C 24 14.11 -6.11 -9.20
CA ALA C 24 15.46 -6.13 -8.64
C ALA C 24 16.53 -5.84 -9.70
N PRO C 25 17.65 -5.23 -9.28
CA PRO C 25 18.71 -4.95 -10.24
C PRO C 25 19.16 -6.28 -10.85
N SER C 26 19.46 -6.27 -12.14
CA SER C 26 19.91 -7.50 -12.79
C SER C 26 21.31 -7.90 -12.38
N ASN C 27 22.12 -6.93 -11.97
CA ASN C 27 23.51 -7.22 -11.62
C ASN C 27 23.93 -7.29 -10.15
N ILE C 28 23.05 -7.62 -9.21
CA ILE C 28 23.52 -7.68 -7.84
C ILE C 28 24.27 -8.99 -7.61
N SER C 29 25.45 -8.88 -6.97
CA SER C 29 26.30 -10.05 -6.71
C SER C 29 25.96 -10.89 -5.48
N ALA C 30 26.90 -11.75 -5.10
CA ALA C 30 26.69 -12.61 -3.94
C ALA C 30 26.69 -11.80 -2.65
N TRP C 31 27.15 -10.56 -2.68
CA TRP C 31 27.12 -9.76 -1.47
C TRP C 31 25.69 -9.34 -1.13
N TRP C 32 24.77 -9.58 -2.06
CA TRP C 32 23.37 -9.23 -1.85
C TRP C 32 22.59 -10.43 -1.33
N ASN C 33 23.30 -11.53 -1.06
CA ASN C 33 22.67 -12.73 -0.57
C ASN C 33 22.47 -12.75 0.94
N PHE C 34 23.34 -12.06 1.69
CA PHE C 34 23.27 -12.08 3.14
C PHE C 34 22.01 -11.56 3.81
N GLY C 35 21.27 -10.71 3.10
CA GLY C 35 20.02 -10.20 3.65
C GLY C 35 19.09 -11.39 3.86
N SER C 36 18.84 -12.16 2.80
CA SER C 36 17.95 -13.30 2.96
C SER C 36 18.55 -14.36 3.88
N LEU C 37 19.88 -14.47 3.91
CA LEU C 37 20.49 -15.47 4.81
C LEU C 37 20.21 -15.02 6.24
N LEU C 38 20.33 -13.72 6.47
CA LEU C 38 20.06 -13.19 7.80
C LEU C 38 18.64 -13.50 8.20
N ALA C 39 17.70 -13.29 7.28
CA ALA C 39 16.30 -13.59 7.57
C ALA C 39 16.12 -15.07 7.89
N VAL C 40 16.85 -15.93 7.18
CA VAL C 40 16.73 -17.35 7.46
C VAL C 40 17.39 -17.72 8.81
N CYS C 41 18.47 -17.06 9.19
CA CYS C 41 19.06 -17.37 10.49
C CYS C 41 18.03 -17.01 11.55
N LEU C 42 17.43 -15.84 11.41
CA LEU C 42 16.44 -15.40 12.35
C LEU C 42 15.36 -16.44 12.54
N MET C 43 14.77 -16.90 11.44
CA MET C 43 13.71 -17.88 11.59
C MET C 43 14.25 -19.19 12.15
N THR C 44 15.47 -19.53 11.77
CA THR C 44 16.10 -20.75 12.26
C THR C 44 16.42 -20.65 13.76
N GLN C 45 16.96 -19.52 14.19
CA GLN C 45 17.27 -19.35 15.59
C GLN C 45 16.01 -19.45 16.43
N ILE C 46 14.95 -18.81 15.97
CA ILE C 46 13.68 -18.83 16.68
C ILE C 46 13.17 -20.25 16.84
N LEU C 47 13.19 -20.99 15.75
CA LEU C 47 12.69 -22.36 15.78
C LEU C 47 13.45 -23.25 16.77
N THR C 48 14.77 -23.25 16.67
CA THR C 48 15.59 -24.05 17.57
C THR C 48 15.53 -23.51 18.97
N GLY C 49 15.43 -22.19 19.09
CA GLY C 49 15.34 -21.57 20.40
C GLY C 49 14.11 -22.04 21.16
N LEU C 50 12.94 -22.05 20.52
CA LEU C 50 11.70 -22.52 21.17
C LEU C 50 11.88 -23.97 21.56
N LEU C 51 12.44 -24.76 20.64
CA LEU C 51 12.65 -26.16 20.97
C LEU C 51 13.50 -26.31 22.22
N LEU C 52 14.54 -25.49 22.37
CA LEU C 52 15.39 -25.55 23.57
C LEU C 52 14.65 -25.00 24.77
N ALA C 53 13.90 -23.92 24.57
CA ALA C 53 13.17 -23.28 25.66
C ALA C 53 12.22 -24.25 26.29
N MET C 54 11.73 -25.21 25.51
CA MET C 54 10.78 -26.19 26.04
C MET C 54 11.33 -27.23 26.99
N HIS C 55 12.64 -27.19 27.22
CA HIS C 55 13.28 -28.12 28.14
C HIS C 55 14.22 -27.39 29.07
N TYR C 56 14.23 -26.08 28.97
CA TYR C 56 15.11 -25.29 29.80
C TYR C 56 14.47 -24.83 31.09
N THR C 57 15.29 -24.60 32.11
CA THR C 57 14.79 -24.11 33.38
C THR C 57 15.65 -22.96 33.88
N ALA C 58 15.06 -21.77 33.98
CA ALA C 58 15.76 -20.58 34.42
C ALA C 58 15.82 -20.41 35.92
N ASP C 59 16.76 -21.08 36.53
CA ASP C 59 17.00 -20.99 37.95
C ASP C 59 18.47 -21.34 38.07
N THR C 60 19.20 -20.54 38.83
CA THR C 60 20.64 -20.79 38.98
C THR C 60 20.99 -22.17 39.47
N SER C 61 20.05 -22.86 40.09
CA SER C 61 20.34 -24.20 40.60
C SER C 61 19.96 -25.26 39.58
N LEU C 62 19.28 -24.87 38.50
CA LEU C 62 18.86 -25.85 37.51
C LEU C 62 19.25 -25.54 36.07
N ALA C 63 19.65 -24.30 35.80
CA ALA C 63 20.05 -23.92 34.45
C ALA C 63 21.05 -24.87 33.81
N PHE C 64 22.27 -24.87 34.34
CA PHE C 64 23.34 -25.70 33.81
C PHE C 64 22.90 -27.14 33.61
N SER C 65 22.24 -27.72 34.59
CA SER C 65 21.83 -29.09 34.44
C SER C 65 20.66 -29.32 33.48
N SER C 66 19.75 -28.35 33.35
CA SER C 66 18.64 -28.55 32.41
C SER C 66 19.17 -28.55 30.98
N VAL C 67 20.27 -27.84 30.75
CA VAL C 67 20.88 -27.81 29.45
C VAL C 67 21.55 -29.16 29.19
N ALA C 68 22.12 -29.72 30.25
CA ALA C 68 22.79 -31.00 30.16
C ALA C 68 21.69 -32.04 29.96
N HIS C 69 20.58 -31.89 30.69
CA HIS C 69 19.46 -32.82 30.54
C HIS C 69 19.01 -32.77 29.08
N THR C 70 18.95 -31.56 28.53
CA THR C 70 18.53 -31.38 27.14
C THR C 70 19.47 -32.14 26.20
N CYS C 71 20.78 -31.92 26.35
CA CYS C 71 21.77 -32.57 25.47
C CYS C 71 21.96 -34.05 25.72
N ARG C 72 21.63 -34.52 26.92
CA ARG C 72 21.82 -35.93 27.22
C ARG C 72 20.56 -36.82 27.16
N ASN C 73 19.38 -36.25 27.40
CA ASN C 73 18.15 -37.04 27.41
C ASN C 73 17.10 -36.75 26.32
N VAL C 74 16.98 -35.49 25.93
CA VAL C 74 16.01 -35.11 24.92
C VAL C 74 16.44 -35.64 23.56
N GLN C 75 15.51 -36.29 22.86
CA GLN C 75 15.79 -36.82 21.53
C GLN C 75 16.35 -35.69 20.67
N TYR C 76 17.53 -35.90 20.11
CA TYR C 76 18.18 -34.88 19.29
C TYR C 76 18.37 -33.56 20.02
N GLY C 77 18.29 -33.59 21.34
CA GLY C 77 18.48 -32.38 22.10
C GLY C 77 19.87 -31.81 21.82
N TRP C 78 20.87 -32.69 21.76
CA TRP C 78 22.22 -32.22 21.49
C TRP C 78 22.31 -31.55 20.12
N LEU C 79 21.60 -32.11 19.16
CA LEU C 79 21.66 -31.55 17.81
C LEU C 79 21.09 -30.14 17.78
N ILE C 80 19.90 -30.01 18.37
CA ILE C 80 19.21 -28.74 18.42
C ILE C 80 20.05 -27.72 19.19
N ARG C 81 20.75 -28.16 20.22
CA ARG C 81 21.57 -27.22 20.95
C ARG C 81 22.77 -26.77 20.10
N ASN C 82 23.37 -27.69 19.36
CA ASN C 82 24.50 -27.28 18.51
C ASN C 82 24.03 -26.28 17.47
N LEU C 83 22.94 -26.62 16.78
CA LEU C 83 22.41 -25.76 15.75
C LEU C 83 22.09 -24.38 16.30
N HIS C 84 21.59 -24.31 17.53
CA HIS C 84 21.27 -23.00 18.11
C HIS C 84 22.54 -22.25 18.47
N ALA C 85 23.45 -22.93 19.15
CA ALA C 85 24.70 -22.28 19.54
C ALA C 85 25.49 -21.82 18.34
N ASN C 86 25.68 -22.69 17.36
CA ASN C 86 26.46 -22.31 16.18
C ASN C 86 25.71 -21.40 15.24
N GLY C 87 24.37 -21.49 15.28
CA GLY C 87 23.53 -20.63 14.46
C GLY C 87 23.78 -19.19 14.85
N ALA C 88 24.02 -18.95 16.13
CA ALA C 88 24.29 -17.61 16.59
C ALA C 88 25.52 -17.08 15.85
N SER C 89 26.55 -17.92 15.68
CA SER C 89 27.76 -17.50 14.97
C SER C 89 27.56 -17.23 13.48
N PHE C 90 26.77 -18.08 12.81
CA PHE C 90 26.47 -17.94 11.39
C PHE C 90 25.73 -16.61 11.25
N PHE C 91 24.95 -16.29 12.27
CA PHE C 91 24.20 -15.04 12.27
C PHE C 91 25.17 -13.85 12.23
N PHE C 92 26.17 -13.85 13.10
CA PHE C 92 27.14 -12.75 13.13
C PHE C 92 28.06 -12.71 11.92
N ILE C 93 28.42 -13.88 11.39
CA ILE C 93 29.25 -13.89 10.19
C ILE C 93 28.45 -13.17 9.12
N CYS C 94 27.18 -13.53 9.00
CA CYS C 94 26.32 -12.91 8.00
C CYS C 94 26.05 -11.46 8.23
N ILE C 95 25.93 -11.04 9.48
CA ILE C 95 25.65 -9.64 9.69
C ILE C 95 26.88 -8.80 9.38
N PHE C 96 28.08 -9.32 9.68
CA PHE C 96 29.31 -8.57 9.38
C PHE C 96 29.54 -8.38 7.88
N LEU C 97 29.33 -9.44 7.12
CA LEU C 97 29.47 -9.35 5.67
C LEU C 97 28.39 -8.43 5.08
N HIS C 98 27.17 -8.45 5.65
CA HIS C 98 26.05 -7.63 5.19
C HIS C 98 26.44 -6.18 5.34
N ILE C 99 27.00 -5.84 6.49
CA ILE C 99 27.45 -4.47 6.81
C ILE C 99 28.59 -4.08 5.89
N GLY C 100 29.56 -4.98 5.75
CA GLY C 100 30.71 -4.73 4.87
C GLY C 100 30.28 -4.34 3.47
N ARG C 101 29.41 -5.16 2.89
CA ARG C 101 28.83 -4.93 1.58
C ARG C 101 28.26 -3.52 1.59
N GLY C 102 27.44 -3.22 2.59
CA GLY C 102 26.83 -1.91 2.66
C GLY C 102 27.81 -0.76 2.62
N LEU C 103 28.88 -0.88 3.42
CA LEU C 103 29.89 0.16 3.46
C LEU C 103 30.60 0.32 2.12
N TYR C 104 31.02 -0.80 1.55
CA TYR C 104 31.72 -0.80 0.26
C TYR C 104 30.92 -0.19 -0.86
N TYR C 105 29.67 -0.65 -1.00
CA TYR C 105 28.80 -0.19 -2.06
C TYR C 105 27.94 1.04 -1.77
N GLY C 106 28.20 1.70 -0.64
CA GLY C 106 27.44 2.90 -0.32
C GLY C 106 25.97 2.69 -0.16
N SER C 107 25.58 1.51 0.34
CA SER C 107 24.18 1.20 0.55
C SER C 107 23.66 2.13 1.65
N TYR C 108 24.58 2.58 2.50
CA TYR C 108 24.21 3.46 3.59
C TYR C 108 23.56 4.74 3.12
N LEU C 109 23.66 5.05 1.84
CA LEU C 109 23.02 6.26 1.35
C LEU C 109 21.50 6.12 1.45
N TYR C 110 21.02 4.89 1.70
CA TYR C 110 19.61 4.64 1.92
C TYR C 110 19.55 4.78 3.42
N LYS C 111 19.53 6.02 3.91
CA LYS C 111 19.56 6.27 5.34
C LYS C 111 18.62 5.56 6.32
N GLU C 112 17.34 5.43 6.00
CA GLU C 112 16.43 4.77 6.94
C GLU C 112 16.68 3.29 6.98
N THR C 113 17.02 2.73 5.83
CA THR C 113 17.30 1.31 5.78
C THR C 113 18.58 1.09 6.58
N TRP C 114 19.56 1.94 6.37
CA TRP C 114 20.79 1.82 7.12
C TRP C 114 20.56 1.96 8.62
N ASN C 115 19.93 3.04 9.04
CA ASN C 115 19.69 3.25 10.47
C ASN C 115 18.93 2.13 11.16
N THR C 116 17.89 1.61 10.53
CA THR C 116 17.18 0.51 11.15
C THR C 116 18.14 -0.68 11.19
N GLY C 117 19.02 -0.75 10.20
CA GLY C 117 19.99 -1.81 10.14
C GLY C 117 20.87 -1.74 11.37
N VAL C 118 21.31 -0.53 11.75
CA VAL C 118 22.15 -0.43 12.93
C VAL C 118 21.40 -0.86 14.18
N ILE C 119 20.10 -0.54 14.24
CA ILE C 119 19.28 -0.96 15.39
C ILE C 119 19.26 -2.50 15.43
N LEU C 120 19.09 -3.11 14.26
CA LEU C 120 19.07 -4.56 14.21
C LEU C 120 20.35 -5.17 14.79
N LEU C 121 21.52 -4.59 14.45
CA LEU C 121 22.79 -5.10 14.98
C LEU C 121 22.78 -4.99 16.49
N LEU C 122 22.44 -3.82 17.01
CA LEU C 122 22.39 -3.64 18.45
C LEU C 122 21.45 -4.64 19.13
N THR C 123 20.28 -4.85 18.54
CA THR C 123 19.31 -5.79 19.13
C THR C 123 19.82 -7.21 19.06
N LEU C 124 20.43 -7.59 17.94
CA LEU C 124 20.98 -8.94 17.82
C LEU C 124 22.05 -9.14 18.92
N MET C 125 22.84 -8.11 19.16
CA MET C 125 23.88 -8.23 20.16
C MET C 125 23.34 -8.40 21.55
N ALA C 126 22.31 -7.65 21.90
CA ALA C 126 21.73 -7.80 23.22
C ALA C 126 21.20 -9.22 23.35
N THR C 127 20.58 -9.69 22.28
CA THR C 127 20.00 -11.02 22.28
C THR C 127 21.05 -12.07 22.59
N ALA C 128 22.15 -12.02 21.85
CA ALA C 128 23.23 -12.99 22.04
C ALA C 128 23.76 -12.92 23.47
N PHE C 129 23.90 -11.70 23.99
CA PHE C 129 24.40 -11.52 25.33
C PHE C 129 23.48 -12.21 26.35
N VAL C 130 22.21 -11.82 26.39
CA VAL C 130 21.31 -12.45 27.35
C VAL C 130 21.14 -13.94 27.08
N GLY C 131 21.28 -14.35 25.82
CA GLY C 131 21.16 -15.76 25.50
C GLY C 131 22.34 -16.57 26.04
N TYR C 132 23.54 -16.01 25.91
CA TYR C 132 24.77 -16.66 26.35
C TYR C 132 24.83 -16.86 27.87
N VAL C 133 24.08 -16.07 28.63
CA VAL C 133 24.08 -16.23 30.09
C VAL C 133 23.38 -17.49 30.58
N LEU C 134 22.30 -17.86 29.88
CA LEU C 134 21.45 -18.99 30.26
C LEU C 134 22.05 -20.33 30.69
N PRO C 135 23.07 -20.84 30.00
CA PRO C 135 23.64 -22.12 30.45
C PRO C 135 24.31 -21.99 31.79
N TRP C 136 24.64 -20.76 32.14
CA TRP C 136 25.21 -20.48 33.43
C TRP C 136 26.51 -21.23 33.77
N GLY C 137 27.46 -21.17 32.84
CA GLY C 137 28.76 -21.74 33.09
C GLY C 137 29.62 -20.60 33.60
N GLN C 138 30.92 -20.84 33.77
CA GLN C 138 31.85 -19.83 34.29
C GLN C 138 31.95 -18.62 33.40
N MET C 139 32.05 -18.88 32.11
CA MET C 139 32.16 -17.79 31.17
C MET C 139 30.86 -16.99 31.12
N SER C 140 29.73 -17.68 31.19
CA SER C 140 28.41 -17.02 31.18
C SER C 140 28.33 -16.01 32.34
N PHE C 141 28.65 -16.51 33.52
CA PHE C 141 28.59 -15.70 34.71
C PHE C 141 29.55 -14.53 34.71
N TRP C 142 30.84 -14.81 34.54
CA TRP C 142 31.81 -13.74 34.58
C TRP C 142 31.70 -12.72 33.44
N GLY C 143 31.38 -13.18 32.24
CA GLY C 143 31.21 -12.24 31.14
C GLY C 143 30.02 -11.33 31.43
N ALA C 144 28.95 -11.93 31.94
CA ALA C 144 27.76 -11.18 32.30
C ALA C 144 28.14 -10.19 33.42
N THR C 145 29.09 -10.57 34.27
CA THR C 145 29.55 -9.67 35.34
C THR C 145 30.35 -8.49 34.74
N VAL C 146 31.31 -8.79 33.87
CA VAL C 146 32.12 -7.75 33.24
C VAL C 146 31.25 -6.77 32.46
N ILE C 147 30.32 -7.31 31.66
CA ILE C 147 29.48 -6.46 30.85
C ILE C 147 28.52 -5.61 31.64
N THR C 148 27.76 -6.22 32.55
CA THR C 148 26.80 -5.44 33.33
C THR C 148 27.52 -4.39 34.17
N ASN C 149 28.73 -4.68 34.62
CA ASN C 149 29.46 -3.71 35.40
C ASN C 149 29.98 -2.55 34.55
N LEU C 150 29.87 -2.67 33.23
CA LEU C 150 30.34 -1.58 32.39
C LEU C 150 29.42 -0.39 32.66
N PHE C 151 28.13 -0.66 32.75
CA PHE C 151 27.13 0.37 32.97
C PHE C 151 27.32 1.15 34.25
N SER C 152 28.06 0.60 35.20
CA SER C 152 28.29 1.33 36.44
C SER C 152 29.26 2.48 36.22
N ALA C 153 29.85 2.57 35.03
CA ALA C 153 30.79 3.64 34.70
C ALA C 153 30.04 4.96 34.47
N ILE C 154 28.79 4.87 34.02
CA ILE C 154 27.99 6.06 33.78
C ILE C 154 27.93 6.82 35.09
N PRO C 155 28.33 8.11 35.08
CA PRO C 155 28.33 8.93 36.29
C PRO C 155 26.95 9.14 36.91
N TYR C 156 26.93 9.16 38.26
CA TYR C 156 25.73 9.38 39.05
C TYR C 156 24.72 8.23 39.07
N ILE C 157 24.07 7.98 37.93
CA ILE C 157 23.08 6.92 37.87
C ILE C 157 23.64 5.50 37.71
N GLY C 158 24.91 5.40 37.31
CA GLY C 158 25.54 4.11 37.10
C GLY C 158 25.28 2.98 38.07
N HIS C 159 25.77 3.12 39.30
CA HIS C 159 25.60 2.10 40.33
C HIS C 159 24.13 1.74 40.51
N THR C 160 23.29 2.75 40.43
CA THR C 160 21.86 2.59 40.58
C THR C 160 21.26 1.75 39.47
N LEU C 161 21.60 2.05 38.21
CA LEU C 161 21.08 1.29 37.07
C LEU C 161 21.54 -0.16 37.12
N VAL C 162 22.80 -0.38 37.41
CA VAL C 162 23.33 -1.72 37.48
C VAL C 162 22.56 -2.59 38.46
N GLU C 163 22.51 -2.18 39.72
CA GLU C 163 21.78 -2.95 40.71
C GLU C 163 20.33 -3.14 40.31
N TRP C 164 19.81 -2.18 39.57
CA TRP C 164 18.44 -2.29 39.11
C TRP C 164 18.38 -3.45 38.11
N ALA C 165 19.21 -3.38 37.08
CA ALA C 165 19.26 -4.43 36.07
C ALA C 165 19.41 -5.83 36.68
N TRP C 166 20.32 -5.95 37.66
CA TRP C 166 20.59 -7.22 38.34
C TRP C 166 19.45 -7.74 39.20
N GLY C 167 18.66 -6.83 39.75
CA GLY C 167 17.59 -7.24 40.63
C GLY C 167 18.17 -7.63 41.98
N GLY C 168 19.40 -7.19 42.24
CA GLY C 168 20.07 -7.50 43.49
C GLY C 168 21.43 -6.83 43.56
N PHE C 169 22.35 -7.41 44.30
CA PHE C 169 23.66 -6.80 44.42
C PHE C 169 24.73 -7.40 43.57
N SER C 170 24.32 -8.25 42.63
CA SER C 170 25.26 -8.90 41.73
C SER C 170 24.49 -9.83 40.81
N VAL C 171 25.17 -10.33 39.78
CA VAL C 171 24.51 -11.24 38.85
C VAL C 171 24.07 -12.45 39.66
N ASP C 172 22.76 -12.71 39.66
CA ASP C 172 22.24 -13.84 40.41
C ASP C 172 20.94 -14.34 39.78
N ASN C 173 20.19 -15.13 40.52
CA ASN C 173 18.96 -15.72 40.01
C ASN C 173 17.96 -14.74 39.40
N PRO C 174 17.75 -13.59 40.06
CA PRO C 174 16.78 -12.71 39.42
C PRO C 174 17.32 -12.14 38.11
N THR C 175 18.64 -12.20 37.95
CA THR C 175 19.26 -11.69 36.75
C THR C 175 19.03 -12.77 35.71
N LEU C 176 19.15 -14.03 36.11
CA LEU C 176 18.97 -15.11 35.18
C LEU C 176 17.57 -15.19 34.64
N THR C 177 16.56 -15.22 35.51
CA THR C 177 15.18 -15.31 35.02
C THR C 177 14.79 -14.13 34.16
N ARG C 178 15.23 -12.92 34.48
CA ARG C 178 14.85 -11.81 33.62
C ARG C 178 15.61 -11.87 32.30
N PHE C 179 16.81 -12.44 32.31
CA PHE C 179 17.56 -12.55 31.06
C PHE C 179 16.88 -13.55 30.14
N PHE C 180 16.32 -14.61 30.72
CA PHE C 180 15.64 -15.60 29.91
C PHE C 180 14.46 -14.93 29.22
N ALA C 181 13.64 -14.21 29.97
CA ALA C 181 12.50 -13.53 29.38
C ALA C 181 12.97 -12.64 28.25
N LEU C 182 13.97 -11.79 28.50
CA LEU C 182 14.50 -10.92 27.46
C LEU C 182 14.97 -11.69 26.23
N HIS C 183 15.73 -12.76 26.47
CA HIS C 183 16.24 -13.53 25.35
C HIS C 183 15.08 -14.10 24.54
N PHE C 184 14.00 -14.47 25.21
CA PHE C 184 12.84 -15.03 24.53
C PHE C 184 12.14 -13.94 23.69
N LEU C 185 12.08 -12.74 24.22
CA LEU C 185 11.39 -11.63 23.58
C LEU C 185 12.09 -10.96 22.42
N LEU C 186 13.32 -10.50 22.64
CA LEU C 186 14.10 -9.77 21.63
C LEU C 186 14.12 -10.34 20.20
N PRO C 187 14.29 -11.66 20.05
CA PRO C 187 14.30 -12.19 18.68
C PRO C 187 13.06 -11.73 17.92
N PHE C 188 11.93 -11.62 18.62
CA PHE C 188 10.72 -11.14 17.96
C PHE C 188 10.82 -9.63 17.66
N ALA C 189 11.49 -8.87 18.51
CA ALA C 189 11.63 -7.45 18.19
C ALA C 189 12.52 -7.41 16.95
N ILE C 190 13.47 -8.34 16.85
CA ILE C 190 14.34 -8.36 15.69
C ILE C 190 13.50 -8.65 14.44
N ALA C 191 12.62 -9.64 14.54
CA ALA C 191 11.76 -9.95 13.40
C ALA C 191 10.89 -8.75 13.00
N GLY C 192 10.27 -8.11 13.98
CA GLY C 192 9.45 -6.95 13.67
C GLY C 192 10.23 -5.84 12.97
N ILE C 193 11.36 -5.43 13.57
CA ILE C 193 12.18 -4.39 12.98
C ILE C 193 12.72 -4.78 11.60
N THR C 194 12.88 -6.08 11.34
CA THR C 194 13.33 -6.51 10.02
C THR C 194 12.28 -6.03 9.00
N ILE C 195 10.99 -6.21 9.31
CA ILE C 195 9.91 -5.75 8.42
C ILE C 195 10.09 -4.25 8.15
N ILE C 196 10.34 -3.46 9.20
CA ILE C 196 10.58 -2.02 9.00
C ILE C 196 11.80 -1.81 8.06
N HIS C 197 12.85 -2.58 8.27
CA HIS C 197 14.07 -2.52 7.49
C HIS C 197 13.66 -2.69 6.02
N LEU C 198 13.06 -3.83 5.72
CA LEU C 198 12.63 -4.12 4.36
C LEU C 198 11.61 -3.11 3.83
N THR C 199 10.77 -2.56 4.69
CA THR C 199 9.81 -1.58 4.24
C THR C 199 10.48 -0.30 3.74
N PHE C 200 11.47 0.19 4.48
CA PHE C 200 12.19 1.38 4.04
C PHE C 200 12.93 1.01 2.76
N LEU C 201 13.56 -0.14 2.74
CA LEU C 201 14.28 -0.55 1.55
C LEU C 201 13.44 -0.52 0.28
N HIS C 202 12.23 -1.06 0.33
CA HIS C 202 11.42 -1.07 -0.89
C HIS C 202 11.03 0.27 -1.44
N GLU C 203 11.25 1.33 -0.67
CA GLU C 203 10.92 2.66 -1.16
C GLU C 203 11.80 2.97 -2.36
N SER C 204 12.97 2.33 -2.41
CA SER C 204 13.95 2.56 -3.46
C SER C 204 14.43 1.32 -4.16
N GLY C 205 14.20 0.17 -3.57
CA GLY C 205 14.69 -1.06 -4.17
C GLY C 205 16.18 -1.13 -3.91
N SER C 206 16.78 -2.25 -4.28
CA SER C 206 18.20 -2.44 -4.06
C SER C 206 19.16 -1.57 -4.84
N ASN C 207 20.34 -1.43 -4.26
CA ASN C 207 21.45 -0.71 -4.86
C ASN C 207 22.11 -1.85 -5.69
N ASN C 208 23.14 -1.56 -6.47
CA ASN C 208 23.79 -2.62 -7.23
C ASN C 208 25.29 -2.33 -7.22
N PRO C 209 26.12 -3.35 -7.50
CA PRO C 209 27.58 -3.13 -7.51
C PRO C 209 28.18 -1.94 -8.30
N LEU C 210 27.53 -1.45 -9.36
CA LEU C 210 28.08 -0.31 -10.10
C LEU C 210 27.65 1.07 -9.56
N GLY C 211 26.70 1.07 -8.63
CA GLY C 211 26.23 2.33 -8.05
C GLY C 211 25.54 3.28 -9.01
N ILE C 212 25.11 2.77 -10.16
CA ILE C 212 24.40 3.60 -11.13
C ILE C 212 22.99 3.01 -11.24
N SER C 213 22.03 3.86 -11.57
CA SER C 213 20.65 3.42 -11.66
C SER C 213 20.43 2.15 -12.47
N SER C 214 19.59 1.26 -11.96
CA SER C 214 19.30 0.01 -12.67
C SER C 214 17.88 -0.06 -13.22
N ASP C 215 17.18 1.08 -13.24
CA ASP C 215 15.82 1.15 -13.75
C ASP C 215 15.72 0.68 -15.20
N SER C 216 16.83 0.78 -15.91
CA SER C 216 16.90 0.39 -17.31
C SER C 216 17.12 -1.10 -17.46
N ASP C 217 17.34 -1.78 -16.34
CA ASP C 217 17.59 -3.22 -16.40
C ASP C 217 17.18 -3.96 -15.13
N LYS C 218 15.90 -4.03 -14.85
CA LYS C 218 15.45 -4.75 -13.67
C LYS C 218 14.81 -6.08 -14.02
N ILE C 219 14.75 -6.99 -13.04
CA ILE C 219 14.18 -8.31 -13.27
C ILE C 219 13.35 -8.75 -12.07
N PRO C 220 12.31 -9.59 -12.30
CA PRO C 220 11.48 -10.04 -11.18
C PRO C 220 12.33 -10.84 -10.18
N PHE C 221 12.09 -10.63 -8.90
CA PHE C 221 12.83 -11.33 -7.86
C PHE C 221 12.76 -12.83 -8.12
N HIS C 222 11.58 -13.30 -8.52
CA HIS C 222 11.39 -14.72 -8.85
C HIS C 222 11.35 -14.86 -10.36
N PRO C 223 12.07 -15.86 -10.90
CA PRO C 223 12.88 -16.84 -10.18
C PRO C 223 14.36 -16.49 -10.05
N TYR C 224 14.78 -15.35 -10.58
CA TYR C 224 16.20 -15.01 -10.52
C TYR C 224 16.88 -15.04 -9.16
N TYR C 225 16.36 -14.26 -8.23
CA TYR C 225 16.95 -14.24 -6.91
C TYR C 225 16.44 -15.28 -5.94
N SER C 226 15.25 -15.83 -6.18
CA SER C 226 14.76 -16.86 -5.29
C SER C 226 15.70 -18.05 -5.46
N PHE C 227 16.04 -18.38 -6.71
CA PHE C 227 16.96 -19.46 -7.00
C PHE C 227 18.36 -19.10 -6.54
N LYS C 228 18.80 -17.89 -6.87
CA LYS C 228 20.14 -17.49 -6.47
C LYS C 228 20.31 -17.52 -4.96
N ASP C 229 19.26 -17.15 -4.23
CA ASP C 229 19.28 -17.13 -2.77
C ASP C 229 19.25 -18.52 -2.14
N ILE C 230 18.52 -19.45 -2.75
CA ILE C 230 18.47 -20.81 -2.23
C ILE C 230 19.85 -21.40 -2.41
N LEU C 231 20.50 -21.04 -3.51
CA LEU C 231 21.84 -21.56 -3.76
C LEU C 231 22.77 -21.03 -2.67
N GLY C 232 22.72 -19.71 -2.46
CA GLY C 232 23.54 -19.09 -1.44
C GLY C 232 23.30 -19.75 -0.10
N LEU C 233 22.06 -20.10 0.17
CA LEU C 233 21.71 -20.73 1.44
C LEU C 233 22.47 -22.04 1.62
N THR C 234 22.36 -22.95 0.66
CA THR C 234 23.05 -24.24 0.75
C THR C 234 24.59 -24.14 0.72
N LEU C 235 25.12 -23.07 0.11
CA LEU C 235 26.57 -22.90 0.08
C LEU C 235 27.08 -22.55 1.47
N MET C 236 26.34 -21.70 2.18
CA MET C 236 26.72 -21.30 3.53
C MET C 236 26.23 -22.30 4.56
N LEU C 237 25.37 -23.22 4.16
CA LEU C 237 24.85 -24.19 5.09
C LEU C 237 25.84 -25.34 5.30
N THR C 238 26.71 -25.57 4.32
CA THR C 238 27.70 -26.64 4.41
C THR C 238 28.71 -26.36 5.55
N PRO C 239 29.32 -25.16 5.56
CA PRO C 239 30.28 -24.83 6.62
C PRO C 239 29.60 -24.90 7.98
N PHE C 240 28.42 -24.29 8.08
CA PHE C 240 27.62 -24.29 9.30
C PHE C 240 27.50 -25.71 9.81
N LEU C 241 26.89 -26.59 9.02
CA LEU C 241 26.70 -27.98 9.41
C LEU C 241 27.98 -28.76 9.63
N THR C 242 29.02 -28.43 8.87
CA THR C 242 30.31 -29.11 9.04
C THR C 242 30.85 -28.74 10.41
N LEU C 243 30.79 -27.46 10.72
CA LEU C 243 31.25 -27.00 12.00
C LEU C 243 30.39 -27.64 13.06
N ALA C 244 29.09 -27.45 12.95
CA ALA C 244 28.16 -27.99 13.92
C ALA C 244 28.25 -29.50 14.15
N LEU C 245 28.47 -30.26 13.08
CA LEU C 245 28.55 -31.71 13.24
C LEU C 245 29.94 -32.29 13.36
N PHE C 246 30.95 -31.58 12.92
CA PHE C 246 32.29 -32.14 13.02
C PHE C 246 33.22 -31.44 13.99
N SER C 247 32.84 -30.25 14.46
CA SER C 247 33.65 -29.47 15.39
C SER C 247 32.72 -28.58 16.24
N PRO C 248 31.76 -29.19 16.93
CA PRO C 248 30.78 -28.54 17.78
C PRO C 248 31.30 -27.46 18.70
N ASN C 249 32.52 -27.66 19.20
CA ASN C 249 33.07 -26.71 20.16
C ASN C 249 34.27 -25.94 19.68
N LEU C 250 34.50 -25.92 18.39
CA LEU C 250 35.64 -25.20 17.87
C LEU C 250 35.66 -23.74 18.33
N LEU C 251 34.50 -23.10 18.34
CA LEU C 251 34.43 -21.69 18.69
C LEU C 251 34.07 -21.34 20.14
N GLY C 252 33.96 -22.33 21.01
CA GLY C 252 33.56 -22.04 22.37
C GLY C 252 34.61 -22.26 23.44
N ASP C 253 34.47 -21.49 24.51
CA ASP C 253 35.38 -21.54 25.64
C ASP C 253 35.12 -22.78 26.46
N PRO C 254 36.16 -23.56 26.75
CA PRO C 254 35.94 -24.76 27.56
C PRO C 254 35.52 -24.38 28.96
N GLU C 255 35.78 -23.14 29.30
CA GLU C 255 35.46 -22.64 30.63
C GLU C 255 33.95 -22.68 30.86
N ASN C 256 33.17 -22.75 29.78
CA ASN C 256 31.72 -22.74 29.96
C ASN C 256 31.11 -24.09 30.16
N PHE C 257 31.97 -25.08 30.40
CA PHE C 257 31.51 -26.43 30.70
C PHE C 257 31.69 -26.64 32.21
N THR C 258 31.92 -25.54 32.90
CA THR C 258 32.09 -25.58 34.34
C THR C 258 31.06 -24.69 34.96
N PRO C 259 30.22 -25.24 35.85
CA PRO C 259 29.18 -24.43 36.49
C PRO C 259 29.74 -23.13 37.07
N ALA C 260 29.00 -22.06 36.90
CA ALA C 260 29.36 -20.76 37.41
C ALA C 260 29.74 -20.84 38.87
N ASN C 261 30.87 -20.25 39.23
CA ASN C 261 31.36 -20.21 40.60
C ASN C 261 31.61 -18.74 40.92
N PRO C 262 30.75 -18.14 41.75
CA PRO C 262 30.89 -16.73 42.13
C PRO C 262 32.20 -16.40 42.83
N LEU C 263 32.88 -17.40 43.34
CA LEU C 263 34.11 -17.17 44.08
C LEU C 263 35.42 -17.38 43.34
N VAL C 264 35.35 -17.91 42.13
CA VAL C 264 36.54 -18.16 41.35
C VAL C 264 36.42 -17.56 39.95
N THR C 265 37.29 -16.63 39.62
CA THR C 265 37.23 -16.02 38.29
C THR C 265 38.21 -16.72 37.38
N PRO C 266 37.78 -17.07 36.16
CA PRO C 266 38.70 -17.75 35.25
C PRO C 266 39.95 -16.89 34.95
N PRO C 267 41.10 -17.53 34.76
CA PRO C 267 42.36 -16.85 34.47
C PRO C 267 42.21 -15.95 33.28
N HIS C 268 41.66 -16.49 32.19
CA HIS C 268 41.49 -15.67 31.00
C HIS C 268 40.06 -15.55 30.53
N ILE C 269 39.49 -14.41 30.89
CA ILE C 269 38.14 -14.07 30.56
C ILE C 269 38.16 -13.42 29.19
N LYS C 270 37.72 -14.16 28.18
CA LYS C 270 37.66 -13.60 26.85
C LYS C 270 36.26 -13.85 26.31
N PRO C 271 35.70 -12.90 25.55
CA PRO C 271 34.36 -13.00 24.97
C PRO C 271 34.28 -13.83 23.71
N GLU C 272 33.06 -14.09 23.26
CA GLU C 272 32.82 -14.86 22.05
C GLU C 272 33.46 -14.12 20.89
N TRP C 273 33.90 -14.87 19.89
CA TRP C 273 34.59 -14.26 18.77
C TRP C 273 33.96 -13.03 18.17
N TYR C 274 32.63 -12.98 18.08
CA TYR C 274 32.00 -11.83 17.43
C TYR C 274 31.96 -10.56 18.25
N PHE C 275 32.45 -10.63 19.48
CA PHE C 275 32.47 -9.43 20.29
C PHE C 275 33.94 -9.04 20.64
N LEU C 276 34.88 -9.86 20.19
CA LEU C 276 36.30 -9.62 20.45
C LEU C 276 36.82 -8.24 20.06
N PHE C 277 36.61 -7.84 18.81
CA PHE C 277 37.07 -6.54 18.33
C PHE C 277 36.57 -5.41 19.20
N ALA C 278 35.31 -5.49 19.64
CA ALA C 278 34.74 -4.43 20.48
C ALA C 278 35.40 -4.49 21.85
N TYR C 279 35.71 -5.69 22.32
CA TYR C 279 36.35 -5.83 23.61
C TYR C 279 37.72 -5.19 23.54
N ALA C 280 38.44 -5.47 22.46
CA ALA C 280 39.78 -4.92 22.25
C ALA C 280 39.72 -3.41 22.36
N ILE C 281 38.68 -2.83 21.77
CA ILE C 281 38.52 -1.39 21.82
C ILE C 281 38.23 -0.92 23.23
N LEU C 282 37.44 -1.69 23.97
CA LEU C 282 37.09 -1.31 25.32
C LEU C 282 38.33 -1.22 26.20
N ARG C 283 39.26 -2.13 25.98
CA ARG C 283 40.48 -2.19 26.78
C ARG C 283 41.55 -1.20 26.37
N SER C 284 41.46 -0.69 25.15
CA SER C 284 42.48 0.24 24.64
C SER C 284 42.63 1.47 25.55
N ILE C 285 41.51 1.96 26.03
CA ILE C 285 41.52 3.10 26.94
C ILE C 285 41.51 2.54 28.36
N PRO C 286 42.67 2.59 29.04
CA PRO C 286 42.83 2.09 30.42
C PRO C 286 41.88 2.73 31.46
N ASN C 287 41.18 3.79 31.07
CA ASN C 287 40.24 4.47 31.97
C ASN C 287 38.86 3.83 31.89
N LYS C 288 38.31 3.43 33.02
CA LYS C 288 36.98 2.80 33.04
C LYS C 288 35.92 3.48 32.18
N LEU C 289 35.60 4.74 32.45
CA LEU C 289 34.60 5.44 31.66
C LEU C 289 35.03 5.73 30.22
N GLY C 290 36.32 5.99 30.03
CA GLY C 290 36.82 6.27 28.69
C GLY C 290 36.68 5.03 27.80
N GLY C 291 36.87 3.86 28.39
CA GLY C 291 36.75 2.64 27.62
C GLY C 291 35.30 2.40 27.23
N VAL C 292 34.39 2.69 28.14
CA VAL C 292 32.98 2.50 27.81
C VAL C 292 32.60 3.38 26.63
N LEU C 293 32.97 4.65 26.69
CA LEU C 293 32.68 5.58 25.61
C LEU C 293 33.28 5.06 24.31
N ALA C 294 34.56 4.66 24.36
CA ALA C 294 35.22 4.14 23.17
C ALA C 294 34.40 2.98 22.60
N LEU C 295 33.97 2.08 23.47
CA LEU C 295 33.16 0.95 23.01
C LEU C 295 31.86 1.44 22.40
N ALA C 296 31.14 2.29 23.12
CA ALA C 296 29.88 2.84 22.61
C ALA C 296 30.11 3.34 21.19
N ALA C 297 31.02 4.29 21.05
CA ALA C 297 31.36 4.91 19.76
C ALA C 297 31.76 3.87 18.70
N SER C 298 32.43 2.81 19.12
CA SER C 298 32.86 1.82 18.15
C SER C 298 31.69 1.27 17.34
N VAL C 299 30.48 1.35 17.88
CA VAL C 299 29.33 0.82 17.16
C VAL C 299 28.42 1.94 16.69
N LEU C 300 28.25 2.95 17.52
CA LEU C 300 27.42 4.09 17.16
C LEU C 300 28.03 4.89 16.02
N ILE C 301 29.32 4.70 15.77
CA ILE C 301 30.00 5.38 14.67
C ILE C 301 29.22 5.06 13.37
N LEU C 302 28.66 3.86 13.30
CA LEU C 302 27.89 3.42 12.14
C LEU C 302 26.77 4.39 11.75
N PHE C 303 26.18 5.07 12.73
CA PHE C 303 25.13 6.03 12.44
C PHE C 303 25.72 7.22 11.68
N LEU C 304 27.01 7.49 11.89
CA LEU C 304 27.67 8.61 11.22
C LEU C 304 28.09 8.37 9.77
N ILE C 305 28.30 7.12 9.38
CA ILE C 305 28.74 6.81 8.03
C ILE C 305 28.06 7.57 6.90
N PRO C 306 26.72 7.67 6.93
CA PRO C 306 26.08 8.40 5.83
C PRO C 306 26.51 9.85 5.66
N PHE C 307 26.96 10.47 6.74
CA PHE C 307 27.37 11.86 6.68
C PHE C 307 28.85 12.06 6.33
N LEU C 308 29.58 10.98 6.16
CA LEU C 308 30.99 11.09 5.85
C LEU C 308 31.26 10.74 4.41
N HIS C 309 30.20 10.63 3.62
CA HIS C 309 30.34 10.29 2.21
C HIS C 309 30.67 11.56 1.42
N LYS C 310 31.86 11.62 0.84
CA LYS C 310 32.26 12.78 0.06
C LYS C 310 32.39 12.45 -1.42
N SER C 311 32.50 11.16 -1.73
CA SER C 311 32.61 10.75 -3.12
C SER C 311 31.43 11.21 -3.98
N LYS C 312 31.65 11.46 -5.26
CA LYS C 312 30.58 11.87 -6.15
C LYS C 312 29.96 10.62 -6.74
N GLN C 313 30.60 9.50 -6.45
CA GLN C 313 30.18 8.17 -6.88
C GLN C 313 29.70 7.40 -5.65
N ARG C 314 28.69 6.57 -5.82
CA ARG C 314 28.15 5.82 -4.70
C ARG C 314 29.00 4.69 -4.17
N THR C 315 29.46 3.78 -5.04
CA THR C 315 30.25 2.67 -4.55
C THR C 315 31.76 2.89 -4.64
N MET C 316 32.51 1.93 -4.14
CA MET C 316 33.94 2.02 -4.18
C MET C 316 34.47 1.23 -5.38
N THR C 317 33.57 0.76 -6.22
CA THR C 317 33.98 -0.04 -7.37
C THR C 317 35.02 0.65 -8.25
N PHE C 318 34.84 1.95 -8.48
CA PHE C 318 35.77 2.70 -9.34
C PHE C 318 36.67 3.62 -8.55
N ARG C 319 36.84 3.34 -7.26
CA ARG C 319 37.66 4.18 -6.38
C ARG C 319 38.77 3.38 -5.73
N PRO C 320 39.86 3.14 -6.49
CA PRO C 320 41.01 2.37 -6.01
C PRO C 320 41.61 2.83 -4.67
N LEU C 321 41.67 4.14 -4.42
CA LEU C 321 42.24 4.59 -3.15
C LEU C 321 41.33 4.16 -1.99
N SER C 322 40.03 4.41 -2.12
CA SER C 322 39.07 4.01 -1.09
C SER C 322 39.08 2.50 -0.89
N GLN C 323 39.28 1.75 -1.96
CA GLN C 323 39.34 0.30 -1.82
C GLN C 323 40.49 -0.15 -0.93
N THR C 324 41.65 0.48 -1.06
CA THR C 324 42.76 0.08 -0.22
C THR C 324 42.38 0.42 1.20
N LEU C 325 41.89 1.64 1.36
CA LEU C 325 41.45 2.11 2.66
C LEU C 325 40.41 1.14 3.24
N PHE C 326 39.51 0.62 2.42
CA PHE C 326 38.49 -0.31 2.90
C PHE C 326 39.09 -1.60 3.47
N TRP C 327 40.02 -2.20 2.74
CA TRP C 327 40.65 -3.43 3.21
C TRP C 327 41.55 -3.20 4.40
N LEU C 328 42.11 -1.99 4.52
CA LEU C 328 42.92 -1.72 5.70
C LEU C 328 41.97 -1.85 6.87
N LEU C 329 40.81 -1.20 6.74
CA LEU C 329 39.82 -1.23 7.79
C LEU C 329 39.46 -2.68 8.13
N VAL C 330 39.20 -3.50 7.12
CA VAL C 330 38.85 -4.88 7.39
C VAL C 330 39.97 -5.55 8.14
N ALA C 331 41.20 -5.38 7.68
CA ALA C 331 42.37 -5.98 8.33
C ALA C 331 42.52 -5.42 9.75
N ASN C 332 42.18 -4.15 9.90
CA ASN C 332 42.27 -3.53 11.19
C ASN C 332 41.31 -4.23 12.15
N LEU C 333 40.15 -4.65 11.62
CA LEU C 333 39.18 -5.33 12.45
C LEU C 333 39.69 -6.72 12.80
N LEU C 334 40.43 -7.30 11.87
CA LEU C 334 41.03 -8.62 12.10
C LEU C 334 42.00 -8.52 13.27
N ILE C 335 42.85 -7.49 13.25
CA ILE C 335 43.82 -7.30 14.31
C ILE C 335 43.12 -7.09 15.63
N LEU C 336 42.09 -6.26 15.66
CA LEU C 336 41.38 -6.02 16.91
C LEU C 336 40.81 -7.34 17.43
N THR C 337 40.21 -8.13 16.54
CA THR C 337 39.66 -9.42 16.94
C THR C 337 40.76 -10.23 17.61
N TRP C 338 41.90 -10.32 16.94
CA TRP C 338 43.04 -11.05 17.50
C TRP C 338 43.49 -10.46 18.85
N ILE C 339 43.69 -9.15 18.89
CA ILE C 339 44.12 -8.50 20.12
C ILE C 339 43.12 -8.72 21.25
N GLY C 340 41.83 -8.75 20.93
CA GLY C 340 40.84 -8.95 21.95
C GLY C 340 40.88 -10.31 22.62
N SER C 341 41.55 -11.29 21.99
CA SER C 341 41.67 -12.64 22.55
C SER C 341 42.95 -12.85 23.34
N GLN C 342 43.80 -11.83 23.43
CA GLN C 342 45.04 -11.93 24.16
C GLN C 342 44.94 -11.22 25.50
N PRO C 343 45.91 -11.49 26.39
CA PRO C 343 45.94 -10.86 27.71
C PRO C 343 46.50 -9.46 27.60
N VAL C 344 46.13 -8.59 28.53
CA VAL C 344 46.63 -7.20 28.54
C VAL C 344 48.10 -7.17 28.97
N GLU C 345 48.98 -7.24 27.99
CA GLU C 345 50.41 -7.24 28.25
C GLU C 345 51.13 -6.86 26.99
N HIS C 346 52.33 -6.27 27.13
CA HIS C 346 53.13 -5.88 25.97
C HIS C 346 53.33 -7.18 25.17
N PRO C 347 53.34 -7.12 23.84
CA PRO C 347 53.17 -5.97 22.93
C PRO C 347 51.70 -5.68 22.60
N PHE C 348 50.83 -6.60 22.98
CA PHE C 348 49.41 -6.49 22.73
C PHE C 348 48.81 -5.13 23.06
N ILE C 349 49.04 -4.67 24.29
CA ILE C 349 48.49 -3.38 24.70
C ILE C 349 48.75 -2.25 23.69
N ILE C 350 49.98 -2.16 23.19
CA ILE C 350 50.27 -1.09 22.24
C ILE C 350 49.63 -1.38 20.89
N ILE C 351 49.76 -2.63 20.42
CA ILE C 351 49.18 -3.00 19.14
C ILE C 351 47.68 -2.73 19.20
N GLY C 352 47.09 -3.02 20.36
CA GLY C 352 45.68 -2.80 20.54
C GLY C 352 45.28 -1.34 20.39
N GLN C 353 46.01 -0.45 21.04
CA GLN C 353 45.71 0.98 20.97
C GLN C 353 45.90 1.55 19.57
N MET C 354 46.89 1.02 18.87
CA MET C 354 47.14 1.44 17.50
C MET C 354 45.90 1.10 16.69
N ALA C 355 45.55 -0.19 16.66
CA ALA C 355 44.39 -0.63 15.90
C ALA C 355 43.13 0.13 16.27
N SER C 356 42.89 0.35 17.56
CA SER C 356 41.70 1.09 17.96
C SER C 356 41.75 2.48 17.34
N LEU C 357 42.89 3.13 17.52
CA LEU C 357 43.09 4.46 17.00
C LEU C 357 42.93 4.56 15.48
N SER C 358 43.54 3.64 14.74
CA SER C 358 43.43 3.67 13.30
C SER C 358 42.02 3.28 12.84
N TYR C 359 41.30 2.52 13.65
CA TYR C 359 39.94 2.17 13.30
C TYR C 359 39.15 3.48 13.19
N PHE C 360 39.15 4.27 14.25
CA PHE C 360 38.41 5.53 14.24
C PHE C 360 38.95 6.56 13.26
N THR C 361 40.25 6.49 13.02
CA THR C 361 40.87 7.42 12.08
C THR C 361 40.40 7.14 10.67
N ILE C 362 40.46 5.89 10.24
CA ILE C 362 40.02 5.56 8.89
C ILE C 362 38.59 6.00 8.63
N LEU C 363 37.69 5.68 9.55
CA LEU C 363 36.30 6.05 9.38
C LEU C 363 35.99 7.54 9.49
N LEU C 364 36.56 8.21 10.49
CA LEU C 364 36.29 9.64 10.69
C LEU C 364 37.07 10.63 9.84
N ILE C 365 38.29 10.27 9.44
CA ILE C 365 39.12 11.17 8.68
C ILE C 365 39.56 10.71 7.30
N LEU C 366 40.20 9.56 7.21
CA LEU C 366 40.67 9.14 5.91
C LEU C 366 39.61 8.97 4.85
N PHE C 367 38.55 8.23 5.16
CA PHE C 367 37.51 8.03 4.17
C PHE C 367 36.95 9.30 3.55
N PRO C 368 36.48 10.25 4.38
CA PRO C 368 35.96 11.46 3.73
C PRO C 368 37.09 12.25 3.02
N THR C 369 38.26 12.31 3.63
CA THR C 369 39.38 13.01 3.02
C THR C 369 39.71 12.40 1.65
N ILE C 370 39.98 11.09 1.61
CA ILE C 370 40.29 10.42 0.36
C ILE C 370 39.15 10.60 -0.64
N GLY C 371 37.91 10.57 -0.15
CA GLY C 371 36.76 10.74 -1.02
C GLY C 371 36.80 12.06 -1.79
N THR C 372 37.18 13.11 -1.09
CA THR C 372 37.32 14.43 -1.67
C THR C 372 38.48 14.44 -2.65
N LEU C 373 39.60 13.86 -2.22
CA LEU C 373 40.80 13.80 -3.03
C LEU C 373 40.50 13.08 -4.33
N GLU C 374 39.71 12.02 -4.27
CA GLU C 374 39.34 11.27 -5.47
C GLU C 374 38.45 12.10 -6.41
N ASN C 375 37.55 12.91 -5.86
CA ASN C 375 36.70 13.73 -6.72
C ASN C 375 37.57 14.67 -7.55
N LYS C 376 38.62 15.21 -6.94
CA LYS C 376 39.51 16.11 -7.65
C LYS C 376 40.32 15.44 -8.74
N MET C 377 40.71 14.20 -8.51
CA MET C 377 41.46 13.48 -9.53
C MET C 377 40.59 13.15 -10.73
N LEU C 378 39.28 13.29 -10.59
CA LEU C 378 38.34 13.03 -11.67
C LEU C 378 37.97 14.36 -12.30
N ASN C 379 38.52 15.42 -11.73
CA ASN C 379 38.31 16.79 -12.17
C ASN C 379 36.89 17.29 -11.88
N TYR C 380 36.43 16.97 -10.68
CA TYR C 380 35.13 17.36 -10.15
C TYR C 380 35.39 18.19 -8.90
N GLY D 1 57.18 -17.55 34.85
CA GLY D 1 55.91 -17.26 35.57
C GLY D 1 54.66 -17.51 34.74
N GLU D 2 54.75 -17.21 33.45
CA GLU D 2 53.65 -17.38 32.50
C GLU D 2 53.91 -18.62 31.63
N LEU D 3 54.93 -19.38 32.02
CA LEU D 3 55.31 -20.59 31.28
C LEU D 3 54.35 -21.73 31.48
N GLU D 4 54.08 -22.44 30.39
CA GLU D 4 53.20 -23.58 30.42
C GLU D 4 53.61 -24.55 29.34
N LEU D 5 53.46 -25.82 29.64
CA LEU D 5 53.79 -26.89 28.72
C LEU D 5 52.49 -27.37 28.10
N HIS D 6 52.40 -27.39 26.77
CA HIS D 6 51.17 -27.85 26.12
C HIS D 6 51.27 -29.31 25.63
N PRO D 7 50.25 -30.11 25.93
CA PRO D 7 50.29 -31.51 25.50
C PRO D 7 50.38 -31.76 24.02
N PRO D 8 51.06 -32.83 23.61
CA PRO D 8 51.17 -33.12 22.18
C PRO D 8 49.84 -33.71 21.74
N ALA D 9 49.66 -33.89 20.44
CA ALA D 9 48.41 -34.45 19.91
C ALA D 9 48.49 -35.95 19.66
N PHE D 10 47.80 -36.75 20.47
CA PHE D 10 47.83 -38.21 20.26
C PHE D 10 46.82 -38.64 19.20
N PRO D 11 47.16 -39.64 18.40
CA PRO D 11 46.27 -40.15 17.36
C PRO D 11 45.14 -41.05 17.85
N TRP D 12 44.20 -40.47 18.61
CA TRP D 12 43.06 -41.24 19.14
C TRP D 12 42.28 -41.90 18.01
N SER D 13 41.85 -43.12 18.21
CA SER D 13 41.09 -43.78 17.16
C SER D 13 39.74 -43.12 16.94
N HIS D 14 39.42 -42.06 17.67
CA HIS D 14 38.15 -41.39 17.47
C HIS D 14 38.37 -39.95 17.07
N GLY D 15 39.59 -39.64 16.64
CA GLY D 15 39.94 -38.29 16.24
C GLY D 15 39.49 -37.90 14.84
N GLY D 16 39.42 -38.85 13.92
CA GLY D 16 39.00 -38.53 12.57
C GLY D 16 37.54 -38.08 12.47
N PRO D 17 37.19 -37.28 11.46
CA PRO D 17 35.80 -36.82 11.35
C PRO D 17 34.75 -37.93 11.18
N LEU D 18 35.16 -39.12 10.74
CA LEU D 18 34.21 -40.22 10.59
C LEU D 18 34.58 -41.39 11.51
N SER D 19 35.48 -41.12 12.45
CA SER D 19 35.97 -42.12 13.39
C SER D 19 35.14 -42.22 14.66
N ALA D 20 34.54 -43.39 14.85
CA ALA D 20 33.73 -43.61 16.03
C ALA D 20 34.69 -43.90 17.18
N LEU D 21 34.13 -44.03 18.36
CA LEU D 21 34.88 -44.35 19.55
C LEU D 21 35.09 -45.87 19.54
N ASP D 22 36.20 -46.33 20.12
CA ASP D 22 36.51 -47.76 20.22
C ASP D 22 35.78 -48.19 21.46
N HIS D 23 34.66 -48.88 21.29
CA HIS D 23 33.86 -49.25 22.45
C HIS D 23 34.51 -50.18 23.45
N SER D 24 35.46 -50.97 22.99
CA SER D 24 36.19 -51.86 23.88
C SER D 24 37.02 -50.99 24.80
N SER D 25 37.62 -49.94 24.22
CA SER D 25 38.43 -49.04 24.99
C SER D 25 37.56 -48.27 25.96
N VAL D 26 36.33 -47.95 25.55
CA VAL D 26 35.41 -47.21 26.43
C VAL D 26 34.93 -48.09 27.59
N ARG D 27 34.72 -49.37 27.31
CA ARG D 27 34.28 -50.30 28.34
C ARG D 27 35.40 -50.44 29.36
N ARG D 28 36.63 -50.63 28.88
CA ARG D 28 37.78 -50.72 29.78
C ARG D 28 37.89 -49.43 30.60
N GLY D 29 37.76 -48.28 29.92
CA GLY D 29 37.83 -46.99 30.58
C GLY D 29 36.86 -46.90 31.74
N PHE D 30 35.66 -47.43 31.54
CA PHE D 30 34.65 -47.40 32.58
C PHE D 30 35.13 -48.12 33.83
N GLN D 31 35.84 -49.22 33.62
CA GLN D 31 36.36 -50.00 34.73
C GLN D 31 37.36 -49.14 35.50
N VAL D 32 38.25 -48.45 34.78
CA VAL D 32 39.23 -47.61 35.43
C VAL D 32 38.53 -46.56 36.27
N TYR D 33 37.44 -46.03 35.75
CA TYR D 33 36.73 -45.00 36.49
C TYR D 33 36.09 -45.57 37.73
N LYS D 34 35.39 -46.67 37.54
CA LYS D 34 34.69 -47.32 38.62
C LYS D 34 35.61 -47.84 39.71
N GLN D 35 36.77 -48.35 39.34
CA GLN D 35 37.67 -48.89 40.34
C GLN D 35 38.78 -47.97 40.85
N VAL D 36 39.00 -46.83 40.22
CA VAL D 36 40.05 -45.94 40.66
C VAL D 36 39.60 -44.50 40.91
N CYS D 37 39.21 -43.82 39.84
CA CYS D 37 38.82 -42.42 39.95
C CYS D 37 37.57 -42.15 40.75
N SER D 38 36.60 -43.04 40.70
CA SER D 38 35.32 -42.81 41.39
C SER D 38 35.42 -42.70 42.89
N ALA D 39 36.61 -42.94 43.42
CA ALA D 39 36.80 -42.82 44.86
C ALA D 39 36.87 -41.36 45.29
N CYS D 40 37.20 -40.47 44.34
CA CYS D 40 37.31 -39.05 44.65
C CYS D 40 36.58 -38.20 43.63
N HIS D 41 36.30 -38.78 42.46
CA HIS D 41 35.63 -38.04 41.40
C HIS D 41 34.18 -38.46 41.17
N SER D 42 33.30 -37.48 41.08
CA SER D 42 31.90 -37.76 40.80
C SER D 42 31.73 -37.69 39.28
N MET D 43 30.60 -38.19 38.78
CA MET D 43 30.27 -38.15 37.36
C MET D 43 28.76 -37.99 37.36
N ASP D 44 28.34 -36.88 37.95
CA ASP D 44 26.93 -36.55 38.12
C ASP D 44 25.99 -36.77 36.96
N TYR D 45 26.47 -36.61 35.72
CA TYR D 45 25.57 -36.74 34.58
C TYR D 45 25.50 -38.06 33.83
N VAL D 46 26.06 -39.12 34.38
CA VAL D 46 25.97 -40.39 33.69
C VAL D 46 25.28 -41.39 34.59
N ALA D 47 24.34 -42.12 34.01
CA ALA D 47 23.56 -43.12 34.73
C ALA D 47 23.92 -44.50 34.20
N PHE D 48 23.70 -45.51 35.02
CA PHE D 48 24.01 -46.86 34.58
C PHE D 48 23.30 -47.25 33.29
N ARG D 49 22.08 -46.74 33.08
CA ARG D 49 21.34 -47.07 31.87
C ARG D 49 22.10 -46.62 30.60
N ASN D 50 22.84 -45.51 30.71
CA ASN D 50 23.62 -45.00 29.59
C ASN D 50 24.64 -46.02 29.05
N LEU D 51 25.04 -46.96 29.90
CA LEU D 51 26.03 -47.95 29.50
C LEU D 51 25.45 -48.96 28.52
N ILE D 52 24.20 -49.32 28.73
CA ILE D 52 23.50 -50.31 27.91
C ILE D 52 23.56 -50.05 26.44
N GLY D 53 23.97 -51.04 25.67
CA GLY D 53 24.02 -50.88 24.22
C GLY D 53 25.17 -50.03 23.75
N VAL D 54 26.03 -49.63 24.68
CA VAL D 54 27.20 -48.82 24.37
C VAL D 54 28.42 -49.61 24.77
N THR D 55 28.48 -49.97 26.05
CA THR D 55 29.62 -50.72 26.56
C THR D 55 29.20 -52.01 27.26
N HIS D 56 27.98 -52.03 27.78
CA HIS D 56 27.48 -53.20 28.50
C HIS D 56 26.10 -53.62 28.05
N THR D 57 25.76 -54.86 28.39
CA THR D 57 24.44 -55.39 28.08
C THR D 57 23.55 -54.92 29.21
N GLU D 58 22.25 -54.99 29.01
CA GLU D 58 21.33 -54.56 30.04
C GLU D 58 21.55 -55.33 31.34
N ALA D 59 21.86 -56.62 31.23
CA ALA D 59 22.07 -57.42 32.43
C ALA D 59 23.28 -56.90 33.20
N GLU D 60 24.40 -56.73 32.49
CA GLU D 60 25.62 -56.22 33.11
C GLU D 60 25.35 -54.89 33.80
N ALA D 61 24.64 -54.01 33.11
CA ALA D 61 24.34 -52.70 33.63
C ALA D 61 23.52 -52.78 34.91
N LYS D 62 22.54 -53.68 34.93
CA LYS D 62 21.70 -53.83 36.12
C LYS D 62 22.57 -54.24 37.31
N ALA D 63 23.45 -55.21 37.07
CA ALA D 63 24.36 -55.71 38.08
C ALA D 63 25.20 -54.53 38.59
N LEU D 64 25.86 -53.82 37.68
CA LEU D 64 26.66 -52.67 38.09
C LEU D 64 25.91 -51.75 39.04
N ALA D 65 24.67 -51.43 38.71
CA ALA D 65 23.89 -50.52 39.55
C ALA D 65 23.54 -51.10 40.91
N GLU D 66 23.30 -52.40 40.97
CA GLU D 66 22.93 -53.04 42.23
C GLU D 66 24.07 -53.15 43.20
N GLU D 67 25.29 -52.97 42.70
CA GLU D 67 26.49 -53.00 43.53
C GLU D 67 26.54 -51.77 44.43
N VAL D 68 25.70 -50.79 44.12
CA VAL D 68 25.67 -49.55 44.88
C VAL D 68 24.44 -49.43 45.75
N GLU D 69 24.59 -48.73 46.87
CA GLU D 69 23.48 -48.48 47.77
C GLU D 69 23.12 -47.02 47.53
N VAL D 70 21.84 -46.74 47.35
CA VAL D 70 21.39 -45.38 47.12
C VAL D 70 20.38 -45.01 48.17
N GLN D 71 20.32 -43.73 48.49
CA GLN D 71 19.39 -43.26 49.48
C GLN D 71 18.05 -42.96 48.82
N ASP D 72 16.98 -43.31 49.50
CA ASP D 72 15.65 -43.08 48.99
C ASP D 72 14.75 -42.66 50.13
N GLY D 73 13.45 -42.58 49.87
CA GLY D 73 12.51 -42.17 50.90
C GLY D 73 12.02 -40.75 50.68
N PRO D 74 11.36 -40.15 51.67
CA PRO D 74 11.06 -40.74 52.97
C PRO D 74 10.04 -41.87 52.89
N ASP D 75 10.07 -42.76 53.88
CA ASP D 75 9.15 -43.88 53.94
C ASP D 75 7.88 -43.48 54.69
N GLU D 76 7.17 -44.47 55.22
CA GLU D 76 5.93 -44.25 55.96
C GLU D 76 6.11 -43.46 57.26
N ASN D 77 7.33 -43.44 57.79
CA ASN D 77 7.59 -42.71 59.03
C ASN D 77 8.28 -41.39 58.74
N GLY D 78 8.49 -41.11 57.45
CA GLY D 78 9.17 -39.89 57.07
C GLY D 78 10.66 -40.11 57.23
N GLU D 79 11.07 -41.36 57.08
CA GLU D 79 12.46 -41.74 57.23
C GLU D 79 13.16 -42.02 55.91
N LEU D 80 14.45 -41.70 55.86
CA LEU D 80 15.23 -41.96 54.65
C LEU D 80 15.85 -43.33 54.82
N PHE D 81 15.88 -44.10 53.75
CA PHE D 81 16.42 -45.44 53.82
C PHE D 81 17.33 -45.73 52.64
N MET D 82 18.04 -46.84 52.73
CA MET D 82 18.95 -47.24 51.66
C MET D 82 18.30 -48.32 50.84
N ARG D 83 18.80 -48.50 49.61
CA ARG D 83 18.30 -49.52 48.71
C ARG D 83 19.35 -49.81 47.65
N PRO D 84 19.23 -50.96 46.98
CA PRO D 84 20.19 -51.31 45.92
C PRO D 84 19.94 -50.40 44.71
N GLY D 85 20.98 -50.15 43.92
CA GLY D 85 20.83 -49.28 42.77
C GLY D 85 19.98 -49.80 41.63
N LYS D 86 19.56 -48.88 40.76
CA LYS D 86 18.73 -49.17 39.59
C LYS D 86 19.43 -48.55 38.39
N ILE D 87 19.24 -49.12 37.20
CA ILE D 87 19.89 -48.57 36.03
C ILE D 87 19.52 -47.11 35.79
N SER D 88 18.42 -46.66 36.40
CA SER D 88 17.99 -45.28 36.24
C SER D 88 18.76 -44.38 37.21
N ASP D 89 19.54 -44.97 38.10
CA ASP D 89 20.33 -44.17 39.04
C ASP D 89 21.59 -43.63 38.37
N TYR D 90 22.04 -42.47 38.83
CA TYR D 90 23.27 -41.90 38.28
C TYR D 90 24.45 -42.37 39.12
N PHE D 91 25.66 -42.30 38.58
CA PHE D 91 26.85 -42.72 39.33
C PHE D 91 26.94 -42.00 40.68
N PRO D 92 27.25 -42.74 41.74
CA PRO D 92 27.38 -42.28 43.12
C PRO D 92 28.43 -41.23 43.36
N LYS D 93 28.10 -40.25 44.16
CA LYS D 93 29.06 -39.21 44.48
C LYS D 93 29.94 -39.74 45.61
N PRO D 94 31.25 -39.50 45.54
CA PRO D 94 32.13 -40.00 46.61
C PRO D 94 31.96 -39.18 47.90
N TYR D 95 31.46 -37.95 47.77
CA TYR D 95 31.27 -37.09 48.92
C TYR D 95 29.93 -36.35 48.81
N PRO D 96 29.31 -36.01 49.95
CA PRO D 96 28.03 -35.31 50.08
C PRO D 96 28.03 -33.88 49.54
N ASN D 97 29.17 -33.22 49.65
CA ASN D 97 29.30 -31.84 49.20
C ASN D 97 30.79 -31.54 49.01
N PRO D 98 31.12 -30.49 48.24
CA PRO D 98 32.53 -30.14 48.01
C PRO D 98 33.33 -29.93 49.30
N GLU D 99 32.68 -29.43 50.33
CA GLU D 99 33.35 -29.20 51.62
C GLU D 99 33.93 -30.52 52.09
N ALA D 100 33.10 -31.55 52.14
CA ALA D 100 33.55 -32.88 52.57
C ALA D 100 34.68 -33.38 51.66
N ALA D 101 34.53 -33.15 50.37
CA ALA D 101 35.49 -33.57 49.37
C ALA D 101 36.85 -32.97 49.66
N ARG D 102 36.90 -31.65 49.78
CA ARG D 102 38.15 -30.96 50.06
C ARG D 102 38.73 -31.49 51.35
N ALA D 103 37.84 -31.61 52.34
CA ALA D 103 38.21 -32.10 53.65
C ALA D 103 38.94 -33.42 53.58
N ALA D 104 38.63 -34.22 52.56
CA ALA D 104 39.23 -35.53 52.39
C ALA D 104 40.36 -35.51 51.38
N ASN D 105 40.76 -34.31 50.94
CA ASN D 105 41.83 -34.19 49.95
C ASN D 105 42.76 -33.00 50.18
N ASN D 106 43.04 -32.69 51.43
CA ASN D 106 43.92 -31.58 51.76
C ASN D 106 43.41 -30.27 51.21
N GLY D 107 42.11 -30.08 51.25
CA GLY D 107 41.54 -28.83 50.78
C GLY D 107 41.44 -28.70 49.28
N ALA D 108 41.88 -29.72 48.55
CA ALA D 108 41.78 -29.68 47.10
C ALA D 108 40.44 -30.30 46.74
N LEU D 109 39.83 -29.80 45.66
CA LEU D 109 38.54 -30.31 45.22
C LEU D 109 38.59 -31.09 43.90
N PRO D 110 38.46 -32.41 43.97
CA PRO D 110 38.49 -33.16 42.71
C PRO D 110 37.22 -32.86 41.91
N PRO D 111 37.37 -32.23 40.74
CA PRO D 111 36.26 -31.86 39.87
C PRO D 111 35.42 -33.04 39.32
N ASP D 112 34.13 -32.80 39.08
CA ASP D 112 33.28 -33.82 38.51
C ASP D 112 33.86 -34.11 37.13
N LEU D 113 33.88 -35.38 36.71
CA LEU D 113 34.46 -35.69 35.42
C LEU D 113 33.54 -35.79 34.21
N SER D 114 32.24 -35.57 34.40
CA SER D 114 31.27 -35.66 33.30
C SER D 114 31.64 -34.88 32.03
N TYR D 115 32.17 -33.66 32.19
CA TYR D 115 32.53 -32.85 31.04
C TYR D 115 34.02 -32.44 31.09
N ILE D 116 34.81 -33.13 31.89
CA ILE D 116 36.19 -32.71 32.03
C ILE D 116 36.99 -32.56 30.71
N VAL D 117 36.78 -33.43 29.73
CA VAL D 117 37.55 -33.28 28.50
C VAL D 117 37.09 -32.08 27.68
N ASN D 118 35.95 -31.51 28.01
CA ASN D 118 35.46 -30.34 27.29
C ASN D 118 35.70 -29.09 28.10
N ALA D 119 36.00 -29.24 29.37
CA ALA D 119 36.25 -28.11 30.26
C ALA D 119 37.74 -27.82 30.41
N ARG D 120 38.56 -28.50 29.62
CA ARG D 120 40.00 -28.31 29.69
C ARG D 120 40.57 -28.17 28.29
N HIS D 121 41.42 -27.17 28.08
CA HIS D 121 42.03 -27.01 26.78
C HIS D 121 42.88 -28.22 26.56
N GLY D 122 42.73 -28.87 25.41
CA GLY D 122 43.52 -30.04 25.10
C GLY D 122 42.74 -31.32 25.22
N GLY D 123 41.63 -31.27 25.95
CA GLY D 123 40.80 -32.45 26.09
C GLY D 123 41.55 -33.70 26.51
N GLU D 124 41.25 -34.83 25.88
CA GLU D 124 41.93 -36.07 26.26
C GLU D 124 43.43 -35.95 26.12
N ASP D 125 43.90 -35.18 25.15
CA ASP D 125 45.35 -34.98 25.00
C ASP D 125 45.92 -34.44 26.30
N TYR D 126 45.24 -33.49 26.91
CA TYR D 126 45.70 -32.94 28.17
C TYR D 126 45.53 -33.92 29.32
N VAL D 127 44.39 -34.59 29.37
CA VAL D 127 44.15 -35.53 30.48
C VAL D 127 45.16 -36.68 30.43
N PHE D 128 45.47 -37.15 29.23
CA PHE D 128 46.43 -38.22 29.07
C PHE D 128 47.81 -37.73 29.52
N SER D 129 48.25 -36.60 28.97
CA SER D 129 49.53 -36.02 29.34
C SER D 129 49.66 -35.81 30.84
N LEU D 130 48.58 -35.38 31.48
CA LEU D 130 48.62 -35.16 32.91
C LEU D 130 48.78 -36.46 33.68
N LEU D 131 47.95 -37.46 33.36
CA LEU D 131 47.98 -38.73 34.07
C LEU D 131 49.31 -39.42 33.97
N THR D 132 49.91 -39.36 32.80
CA THR D 132 51.20 -40.01 32.57
C THR D 132 52.39 -39.05 32.64
N GLY D 133 52.21 -37.85 33.18
CA GLY D 133 53.31 -36.91 33.20
C GLY D 133 53.94 -36.42 34.50
N TYR D 134 53.69 -37.10 35.61
CA TYR D 134 54.30 -36.63 36.84
C TYR D 134 55.80 -36.84 36.81
N CYS D 135 56.53 -36.03 37.57
CA CYS D 135 57.97 -36.12 37.63
C CYS D 135 58.50 -35.16 38.68
N ASP D 136 59.79 -35.25 38.99
CA ASP D 136 60.39 -34.40 40.01
C ASP D 136 60.54 -32.96 39.54
N PRO D 137 60.34 -32.01 40.45
CA PRO D 137 60.48 -30.62 40.02
C PRO D 137 61.89 -30.29 39.57
N PRO D 138 62.02 -29.36 38.61
CA PRO D 138 63.32 -28.93 38.09
C PRO D 138 64.05 -28.05 39.12
N ALA D 139 65.35 -27.93 38.97
CA ALA D 139 66.14 -27.15 39.91
C ALA D 139 65.57 -25.75 40.16
N GLY D 140 65.49 -25.37 41.43
CA GLY D 140 65.00 -24.06 41.77
C GLY D 140 63.53 -23.98 42.06
N VAL D 141 62.83 -25.11 41.94
CA VAL D 141 61.40 -25.17 42.18
C VAL D 141 61.07 -26.06 43.37
N VAL D 142 60.23 -25.57 44.27
CA VAL D 142 59.83 -26.38 45.42
C VAL D 142 58.33 -26.43 45.55
N VAL D 143 57.80 -27.64 45.49
CA VAL D 143 56.38 -27.89 45.58
C VAL D 143 55.99 -27.86 47.07
N ARG D 144 54.88 -27.23 47.43
CA ARG D 144 54.52 -27.20 48.85
C ARG D 144 54.01 -28.56 49.25
N GLU D 145 54.09 -28.87 50.55
CA GLU D 145 53.65 -30.15 51.05
C GLU D 145 52.17 -30.41 50.76
N GLY D 146 51.90 -31.57 50.16
CA GLY D 146 50.51 -31.88 49.85
C GLY D 146 50.30 -31.86 48.36
N LEU D 147 51.10 -31.07 47.66
CA LEU D 147 51.00 -30.96 46.20
C LEU D 147 52.05 -31.85 45.56
N HIS D 148 51.88 -32.11 44.27
CA HIS D 148 52.81 -32.96 43.51
C HIS D 148 53.24 -32.25 42.24
N TYR D 149 54.44 -32.55 41.78
CA TYR D 149 54.90 -31.87 40.61
C TYR D 149 54.35 -32.51 39.35
N ASN D 150 53.85 -31.67 38.46
CA ASN D 150 53.31 -32.13 37.21
C ASN D 150 53.45 -30.94 36.29
N PRO D 151 54.34 -31.04 35.30
CA PRO D 151 54.60 -29.96 34.35
C PRO D 151 53.40 -29.60 33.49
N TYR D 152 52.46 -30.54 33.31
CA TYR D 152 51.29 -30.30 32.49
C TYR D 152 50.17 -29.52 33.19
N PHE D 153 50.16 -29.55 34.50
CA PHE D 153 49.15 -28.82 35.24
C PHE D 153 49.55 -27.36 35.36
N PRO D 154 48.62 -26.44 35.17
CA PRO D 154 49.00 -25.03 35.28
C PRO D 154 49.54 -24.75 36.68
N GLY D 155 50.71 -24.11 36.72
CA GLY D 155 51.33 -23.80 38.00
C GLY D 155 52.26 -24.92 38.39
N GLN D 156 52.03 -26.09 37.77
CA GLN D 156 52.79 -27.32 37.96
C GLN D 156 52.68 -28.05 39.31
N ALA D 157 51.97 -27.49 40.28
CA ALA D 157 51.79 -28.16 41.57
C ALA D 157 50.32 -28.60 41.74
N ILE D 158 50.02 -29.86 41.41
CA ILE D 158 48.66 -30.37 41.50
C ILE D 158 48.37 -31.04 42.83
N GLY D 159 47.10 -31.01 43.24
CA GLY D 159 46.73 -31.62 44.50
C GLY D 159 46.31 -33.08 44.34
N MET D 160 46.50 -33.65 43.16
CA MET D 160 46.14 -35.04 42.98
C MET D 160 47.42 -35.90 42.82
N ALA D 161 47.61 -36.85 43.73
CA ALA D 161 48.75 -37.77 43.67
C ALA D 161 48.55 -38.65 42.44
N PRO D 162 49.65 -39.14 41.84
CA PRO D 162 49.45 -39.98 40.66
C PRO D 162 48.39 -41.08 40.93
N PRO D 163 47.28 -41.04 40.19
CA PRO D 163 46.21 -42.02 40.36
C PRO D 163 46.42 -43.40 39.79
N ILE D 164 47.26 -43.51 38.76
CA ILE D 164 47.46 -44.82 38.16
C ILE D 164 48.91 -45.27 37.98
N TYR D 165 49.10 -46.57 38.09
CA TYR D 165 50.40 -47.22 37.89
C TYR D 165 50.16 -48.62 37.31
N ASN D 166 51.20 -49.26 36.77
CA ASN D 166 51.04 -50.59 36.19
C ASN D 166 50.30 -51.54 37.12
N GLU D 167 49.47 -52.37 36.51
CA GLU D 167 48.69 -53.37 37.25
C GLU D 167 47.93 -52.86 38.47
N ILE D 168 47.48 -51.61 38.46
CA ILE D 168 46.77 -51.08 39.60
C ILE D 168 45.39 -51.70 39.58
N LEU D 169 45.12 -52.42 38.50
CA LEU D 169 43.86 -53.12 38.35
C LEU D 169 44.06 -54.14 37.25
N GLU D 170 43.10 -55.05 37.09
CA GLU D 170 43.18 -56.07 36.05
C GLU D 170 41.97 -55.97 35.15
N TYR D 171 42.18 -55.71 33.86
CA TYR D 171 41.07 -55.62 32.93
C TYR D 171 40.53 -57.03 32.75
N ASP D 172 39.26 -57.23 33.04
CA ASP D 172 38.70 -58.56 32.88
C ASP D 172 38.63 -59.02 31.43
N ASP D 173 39.14 -58.21 30.50
CA ASP D 173 39.11 -58.59 29.10
C ASP D 173 40.48 -59.09 28.71
N GLY D 174 41.39 -59.13 29.69
CA GLY D 174 42.74 -59.60 29.45
C GLY D 174 43.78 -58.61 28.97
N THR D 175 43.38 -57.40 28.63
CA THR D 175 44.35 -56.43 28.15
C THR D 175 45.42 -56.14 29.22
N PRO D 176 46.69 -56.10 28.81
CA PRO D 176 47.79 -55.81 29.74
C PRO D 176 47.60 -54.44 30.40
N ALA D 177 47.27 -54.43 31.69
CA ALA D 177 47.05 -53.18 32.39
C ALA D 177 48.29 -52.33 32.71
N THR D 178 48.86 -51.69 31.69
CA THR D 178 50.01 -50.82 31.92
C THR D 178 49.50 -49.38 32.10
N MET D 179 50.21 -48.59 32.91
CA MET D 179 49.80 -47.20 33.17
C MET D 179 49.31 -46.46 31.94
N SER D 180 50.14 -46.41 30.91
CA SER D 180 49.74 -45.68 29.71
C SER D 180 48.49 -46.33 29.09
N GLN D 181 48.41 -47.66 29.08
CA GLN D 181 47.23 -48.32 28.53
C GLN D 181 45.99 -47.85 29.28
N ILE D 182 46.13 -47.73 30.60
CA ILE D 182 45.04 -47.33 31.46
C ILE D 182 44.61 -45.90 31.20
N ALA D 183 45.57 -44.99 31.14
CA ALA D 183 45.28 -43.59 30.88
C ALA D 183 44.51 -43.52 29.57
N LYS D 184 45.10 -44.09 28.52
CA LYS D 184 44.49 -44.11 27.19
C LYS D 184 43.04 -44.54 27.26
N ASP D 185 42.76 -45.65 27.93
CA ASP D 185 41.38 -46.12 28.04
C ASP D 185 40.45 -45.18 28.81
N VAL D 186 40.84 -44.76 30.00
CA VAL D 186 39.97 -43.89 30.78
C VAL D 186 39.68 -42.58 30.04
N CYS D 187 40.68 -42.09 29.31
CA CYS D 187 40.50 -40.86 28.54
C CYS D 187 39.47 -41.08 27.46
N THR D 188 39.50 -42.25 26.85
CA THR D 188 38.54 -42.58 25.80
C THR D 188 37.16 -42.59 26.45
N PHE D 189 37.07 -43.16 27.64
CA PHE D 189 35.82 -43.23 28.38
C PHE D 189 35.32 -41.83 28.71
N LEU D 190 36.25 -40.96 29.07
CA LEU D 190 35.92 -39.58 29.42
C LEU D 190 35.34 -38.85 28.21
N ARG D 191 35.92 -39.10 27.04
CA ARG D 191 35.41 -38.48 25.83
C ARG D 191 33.96 -38.92 25.66
N TRP D 192 33.72 -40.21 25.85
CA TRP D 192 32.37 -40.70 25.74
C TRP D 192 31.44 -40.03 26.76
N ALA D 193 31.84 -40.02 28.03
CA ALA D 193 31.01 -39.43 29.07
C ALA D 193 30.57 -37.99 28.78
N ALA D 194 31.48 -37.24 28.16
CA ALA D 194 31.25 -35.85 27.85
C ALA D 194 30.34 -35.67 26.66
N GLU D 195 30.44 -36.56 25.69
CA GLU D 195 29.59 -36.45 24.54
C GLU D 195 29.13 -37.77 24.03
N PRO D 196 28.12 -38.34 24.71
CA PRO D 196 27.50 -39.62 24.41
C PRO D 196 27.00 -39.66 22.99
N GLU D 197 26.76 -38.52 22.38
CA GLU D 197 26.24 -38.53 21.03
C GLU D 197 27.36 -38.54 20.01
N HIS D 198 28.59 -38.60 20.50
CA HIS D 198 29.74 -38.58 19.62
C HIS D 198 29.54 -39.34 18.32
N ASP D 199 29.37 -40.65 18.41
CA ASP D 199 29.21 -41.48 17.22
C ASP D 199 28.04 -41.09 16.32
N GLN D 200 26.84 -40.98 16.86
CA GLN D 200 25.71 -40.59 16.04
C GLN D 200 25.97 -39.25 15.35
N ARG D 201 26.58 -38.32 16.07
CA ARG D 201 26.89 -37.01 15.52
C ARG D 201 27.67 -37.19 14.23
N LYS D 202 28.69 -38.04 14.27
CA LYS D 202 29.52 -38.28 13.11
C LYS D 202 28.85 -39.05 11.98
N ARG D 203 27.90 -39.92 12.32
CA ARG D 203 27.19 -40.65 11.27
C ARG D 203 26.36 -39.62 10.51
N MET D 204 25.78 -38.67 11.23
CA MET D 204 24.98 -37.62 10.60
C MET D 204 25.86 -36.74 9.72
N GLY D 205 27.03 -36.38 10.24
CA GLY D 205 27.95 -35.55 9.48
C GLY D 205 28.23 -36.19 8.14
N LEU D 206 28.34 -37.52 8.12
CA LEU D 206 28.59 -38.24 6.88
C LEU D 206 27.45 -37.98 5.89
N LYS D 207 26.21 -38.22 6.30
CA LYS D 207 25.07 -37.98 5.43
C LYS D 207 24.97 -36.51 5.06
N MET D 208 25.13 -35.63 6.03
CA MET D 208 25.08 -34.18 5.79
C MET D 208 26.00 -33.87 4.62
N LEU D 209 27.23 -34.36 4.67
CA LEU D 209 28.18 -34.10 3.60
C LEU D 209 27.75 -34.62 2.25
N LEU D 210 27.28 -35.85 2.20
CA LEU D 210 26.85 -36.38 0.90
C LEU D 210 25.66 -35.61 0.36
N ILE D 211 24.58 -35.54 1.12
CA ILE D 211 23.38 -34.82 0.65
C ILE D 211 23.73 -33.42 0.19
N SER D 212 24.59 -32.77 0.96
CA SER D 212 25.01 -31.41 0.67
C SER D 212 25.71 -31.32 -0.68
N ALA D 213 26.65 -32.22 -0.93
CA ALA D 213 27.38 -32.20 -2.20
C ALA D 213 26.37 -32.29 -3.33
N LEU D 214 25.54 -33.32 -3.25
CA LEU D 214 24.50 -33.57 -4.24
C LEU D 214 23.60 -32.36 -4.42
N LEU D 215 22.95 -31.96 -3.34
CA LEU D 215 22.05 -30.84 -3.40
C LEU D 215 22.71 -29.56 -3.91
N THR D 216 23.90 -29.24 -3.41
CA THR D 216 24.56 -28.02 -3.87
C THR D 216 24.75 -28.04 -5.39
N SER D 217 25.16 -29.17 -5.92
CA SER D 217 25.37 -29.28 -7.37
C SER D 217 24.05 -29.11 -8.13
N LEU D 218 23.03 -29.85 -7.73
CA LEU D 218 21.75 -29.75 -8.42
C LEU D 218 21.24 -28.31 -8.44
N LEU D 219 21.38 -27.60 -7.32
CA LEU D 219 20.91 -26.23 -7.24
C LEU D 219 21.81 -25.29 -8.01
N TYR D 220 23.08 -25.64 -8.12
CA TYR D 220 23.99 -24.79 -8.86
C TYR D 220 23.57 -24.79 -10.33
N TYR D 221 23.25 -25.98 -10.83
CA TYR D 221 22.80 -26.16 -12.20
C TYR D 221 21.52 -25.37 -12.46
N MET D 222 20.53 -25.55 -11.58
CA MET D 222 19.25 -24.87 -11.72
C MET D 222 19.41 -23.37 -11.73
N LYS D 223 20.31 -22.86 -10.90
CA LYS D 223 20.54 -21.42 -10.87
C LYS D 223 21.13 -20.99 -12.21
N ARG D 224 22.13 -21.75 -12.69
CA ARG D 224 22.76 -21.44 -13.96
C ARG D 224 21.77 -21.57 -15.10
N HIS D 225 20.95 -22.61 -15.04
CA HIS D 225 19.94 -22.84 -16.06
C HIS D 225 19.04 -21.60 -16.22
N LYS D 226 18.37 -21.20 -15.15
CA LYS D 226 17.49 -20.05 -15.20
C LYS D 226 18.23 -18.80 -15.66
N TRP D 227 19.39 -18.55 -15.06
CA TRP D 227 20.16 -17.37 -15.42
C TRP D 227 20.77 -17.35 -16.82
N SER D 228 20.83 -18.49 -17.50
CA SER D 228 21.41 -18.56 -18.85
C SER D 228 20.76 -17.51 -19.74
N VAL D 229 19.45 -17.34 -19.59
CA VAL D 229 18.68 -16.36 -20.35
C VAL D 229 19.36 -14.99 -20.35
N LEU D 230 19.76 -14.52 -19.17
CA LEU D 230 20.41 -13.22 -19.03
C LEU D 230 21.88 -13.29 -19.34
N LYS D 231 22.54 -14.36 -18.90
CA LYS D 231 23.96 -14.51 -19.12
C LYS D 231 24.40 -14.45 -20.58
N SER D 232 23.62 -15.03 -21.49
CA SER D 232 23.99 -15.00 -22.90
C SER D 232 23.26 -13.92 -23.68
N ARG D 233 22.40 -13.17 -23.00
CA ARG D 233 21.62 -12.10 -23.61
C ARG D 233 22.46 -11.10 -24.35
N LYS D 234 22.01 -10.70 -25.53
CA LYS D 234 22.70 -9.71 -26.36
C LYS D 234 21.83 -8.49 -26.58
N MET D 235 22.44 -7.34 -26.81
CA MET D 235 21.68 -6.12 -27.04
C MET D 235 22.40 -5.19 -28.00
N ALA D 236 21.67 -4.22 -28.53
CA ALA D 236 22.23 -3.26 -29.48
C ALA D 236 21.47 -1.94 -29.40
N TYR D 237 22.14 -0.87 -29.78
CA TYR D 237 21.54 0.44 -29.76
C TYR D 237 21.31 0.89 -31.20
N ARG D 238 20.06 0.88 -31.65
CA ARG D 238 19.74 1.25 -33.01
C ARG D 238 18.98 2.55 -33.09
N PRO D 239 19.66 3.68 -32.82
CA PRO D 239 18.98 4.97 -32.89
C PRO D 239 18.60 5.26 -34.33
N PRO D 240 17.53 6.04 -34.53
CA PRO D 240 17.02 6.45 -35.83
C PRO D 240 17.98 7.23 -36.72
N LYS D 241 17.63 7.23 -38.00
CA LYS D 241 18.32 7.89 -39.12
C LYS D 241 19.61 8.69 -38.86
N VAL E 1 15.98 0.51 -40.97
CA VAL E 1 14.60 -0.05 -40.86
C VAL E 1 14.70 -1.44 -40.23
N HIS E 2 13.59 -1.95 -39.71
CA HIS E 2 13.62 -3.23 -39.04
C HIS E 2 14.10 -4.38 -39.91
N ASN E 3 13.97 -4.23 -41.22
CA ASN E 3 14.41 -5.27 -42.14
C ASN E 3 15.90 -5.54 -41.96
N ASP E 4 16.63 -4.49 -41.60
CA ASP E 4 18.08 -4.56 -41.40
C ASP E 4 18.46 -5.16 -40.06
N VAL E 5 17.52 -5.78 -39.38
CA VAL E 5 17.82 -6.36 -38.08
C VAL E 5 17.78 -7.88 -38.15
N THR E 6 18.76 -8.51 -37.53
CA THR E 6 18.83 -9.96 -37.50
C THR E 6 19.30 -10.42 -36.13
N VAL E 7 18.82 -11.57 -35.70
CA VAL E 7 19.23 -12.06 -34.41
C VAL E 7 20.68 -12.47 -34.51
N PRO E 8 21.48 -12.08 -33.52
CA PRO E 8 22.91 -12.43 -33.53
C PRO E 8 23.07 -13.93 -33.49
N ASP E 9 24.32 -14.37 -33.48
CA ASP E 9 24.62 -15.78 -33.46
C ASP E 9 24.88 -16.29 -32.03
N PHE E 10 24.11 -17.29 -31.61
CA PHE E 10 24.24 -17.88 -30.28
C PHE E 10 24.89 -19.28 -30.29
N SER E 11 25.82 -19.49 -31.20
CA SER E 11 26.47 -20.79 -31.30
C SER E 11 27.36 -21.08 -30.12
N ALA E 12 27.96 -20.04 -29.56
CA ALA E 12 28.83 -20.18 -28.41
C ALA E 12 28.05 -20.59 -27.18
N TYR E 13 26.73 -20.66 -27.31
CA TYR E 13 25.88 -21.00 -26.16
C TYR E 13 24.88 -22.13 -26.38
N ARG E 14 24.48 -22.33 -27.64
CA ARG E 14 23.51 -23.36 -27.93
C ARG E 14 23.92 -24.74 -27.48
N ARG E 15 22.92 -25.53 -27.07
CA ARG E 15 23.17 -26.91 -26.68
C ARG E 15 23.51 -27.64 -27.98
N GLU E 16 24.36 -28.66 -27.89
CA GLU E 16 24.78 -29.42 -29.06
C GLU E 16 23.69 -29.75 -30.07
N ASP E 17 22.58 -30.31 -29.59
CA ASP E 17 21.49 -30.74 -30.48
C ASP E 17 20.70 -29.70 -31.23
N VAL E 18 20.91 -28.42 -30.95
CA VAL E 18 20.18 -27.38 -31.67
C VAL E 18 21.19 -26.42 -32.31
N MET E 19 22.39 -26.93 -32.51
CA MET E 19 23.47 -26.15 -33.07
C MET E 19 23.30 -25.94 -34.57
N ASP E 20 22.81 -26.99 -35.25
CA ASP E 20 22.59 -26.99 -36.70
C ASP E 20 21.24 -26.38 -37.09
N ALA E 21 21.33 -25.28 -37.86
CA ALA E 21 20.18 -24.51 -38.32
C ALA E 21 19.23 -25.24 -39.26
N THR E 22 19.71 -26.31 -39.89
CA THR E 22 18.89 -27.07 -40.84
C THR E 22 18.25 -28.31 -40.26
N THR E 23 18.26 -28.42 -38.93
CA THR E 23 17.67 -29.57 -38.25
C THR E 23 16.56 -29.15 -37.31
N SER E 24 15.42 -29.84 -37.37
CA SER E 24 14.31 -29.53 -36.48
C SER E 24 14.85 -29.59 -35.05
N SER E 25 14.46 -28.62 -34.23
CA SER E 25 14.92 -28.59 -32.86
C SER E 25 13.94 -29.36 -31.99
N GLN E 26 12.80 -29.72 -32.56
CA GLN E 26 11.79 -30.44 -31.81
C GLN E 26 12.19 -31.88 -31.45
N THR E 27 13.04 -32.48 -32.27
CA THR E 27 13.43 -33.85 -31.99
C THR E 27 14.30 -34.00 -30.73
N SER E 28 15.02 -32.95 -30.36
CA SER E 28 15.85 -33.03 -29.18
C SER E 28 15.21 -32.30 -28.00
N SER E 29 14.04 -31.71 -28.23
CA SER E 29 13.37 -30.96 -27.18
C SER E 29 13.05 -31.78 -25.94
N GLU E 30 12.41 -32.94 -26.11
CA GLU E 30 12.06 -33.75 -24.96
C GLU E 30 13.26 -34.23 -24.16
N ASP E 31 14.40 -34.36 -24.83
CA ASP E 31 15.63 -34.75 -24.14
C ASP E 31 16.19 -33.56 -23.40
N ARG E 32 16.22 -32.42 -24.08
CA ARG E 32 16.75 -31.19 -23.50
C ARG E 32 15.97 -30.79 -22.25
N LYS E 33 14.67 -31.03 -22.26
CA LYS E 33 13.83 -30.69 -21.13
C LYS E 33 13.88 -31.79 -20.10
N GLY E 34 13.79 -33.01 -20.57
CA GLY E 34 13.83 -34.13 -19.65
C GLY E 34 15.06 -34.02 -18.79
N PHE E 35 16.19 -33.70 -19.39
CA PHE E 35 17.42 -33.58 -18.62
C PHE E 35 17.33 -32.50 -17.55
N SER E 36 17.03 -31.27 -17.96
CA SER E 36 16.90 -30.17 -17.02
C SER E 36 15.91 -30.48 -15.93
N TYR E 37 14.73 -30.99 -16.30
CA TYR E 37 13.72 -31.35 -15.31
C TYR E 37 14.20 -32.52 -14.44
N LEU E 38 15.10 -33.35 -14.96
CA LEU E 38 15.58 -34.45 -14.16
C LEU E 38 16.37 -33.88 -13.00
N VAL E 39 17.24 -32.92 -13.28
CA VAL E 39 18.04 -32.28 -12.24
C VAL E 39 17.13 -31.69 -11.15
N THR E 40 16.10 -30.97 -11.58
CA THR E 40 15.16 -30.37 -10.66
C THR E 40 14.45 -31.41 -9.80
N ALA E 41 13.92 -32.46 -10.43
CA ALA E 41 13.22 -33.49 -9.67
C ALA E 41 14.16 -34.11 -8.63
N THR E 42 15.40 -34.31 -9.01
CA THR E 42 16.38 -34.89 -8.10
C THR E 42 16.62 -33.95 -6.91
N ALA E 43 16.74 -32.65 -7.17
CA ALA E 43 16.94 -31.70 -6.10
C ALA E 43 15.75 -31.76 -5.13
N CYS E 44 14.55 -31.93 -5.68
CA CYS E 44 13.37 -32.03 -4.82
C CYS E 44 13.47 -33.29 -3.97
N VAL E 45 13.92 -34.39 -4.55
CA VAL E 45 14.06 -35.63 -3.80
C VAL E 45 15.03 -35.40 -2.62
N ALA E 46 16.26 -34.97 -2.91
CA ALA E 46 17.25 -34.69 -1.88
C ALA E 46 16.65 -33.75 -0.84
N THR E 47 16.03 -32.68 -1.30
CA THR E 47 15.41 -31.74 -0.38
C THR E 47 14.33 -32.38 0.51
N ALA E 48 13.47 -33.20 -0.09
CA ALA E 48 12.42 -33.85 0.66
C ALA E 48 13.07 -34.74 1.73
N TYR E 49 14.12 -35.44 1.32
CA TYR E 49 14.84 -36.33 2.23
C TYR E 49 15.32 -35.53 3.44
N ALA E 50 15.99 -34.41 3.18
CA ALA E 50 16.50 -33.56 4.24
C ALA E 50 15.37 -33.06 5.13
N ALA E 51 14.32 -32.53 4.51
CA ALA E 51 13.19 -32.01 5.28
C ALA E 51 12.55 -33.07 6.16
N LYS E 52 12.26 -34.24 5.58
CA LYS E 52 11.64 -35.32 6.34
C LYS E 52 12.47 -35.61 7.60
N ASN E 53 13.78 -35.74 7.43
CA ASN E 53 14.62 -36.01 8.57
C ASN E 53 14.62 -34.89 9.60
N VAL E 54 14.89 -33.65 9.21
CA VAL E 54 14.90 -32.55 10.17
C VAL E 54 13.59 -32.41 10.94
N VAL E 55 12.46 -32.50 10.23
CA VAL E 55 11.14 -32.40 10.87
C VAL E 55 10.95 -33.57 11.82
N THR E 56 11.34 -34.75 11.39
CA THR E 56 11.23 -35.94 12.24
C THR E 56 12.03 -35.76 13.54
N GLN E 57 13.23 -35.22 13.42
CA GLN E 57 14.09 -34.99 14.56
C GLN E 57 13.46 -33.97 15.48
N PHE E 58 13.12 -32.80 14.95
CA PHE E 58 12.52 -31.78 15.78
C PHE E 58 11.25 -32.29 16.44
N ILE E 59 10.37 -32.93 15.67
CA ILE E 59 9.14 -33.48 16.25
C ILE E 59 9.45 -34.37 17.44
N SER E 60 10.27 -35.40 17.22
CA SER E 60 10.56 -36.32 18.32
C SER E 60 11.28 -35.72 19.51
N SER E 61 11.74 -34.49 19.41
CA SER E 61 12.42 -33.89 20.54
C SER E 61 11.36 -33.48 21.57
N LEU E 62 10.08 -33.64 21.21
CA LEU E 62 9.02 -33.25 22.12
C LEU E 62 8.37 -34.46 22.79
N SER E 63 8.82 -35.65 22.41
CA SER E 63 8.30 -36.84 23.03
C SER E 63 9.23 -37.29 24.15
N ALA E 64 8.70 -38.10 25.06
CA ALA E 64 9.43 -38.63 26.20
C ALA E 64 10.94 -38.72 26.04
N SER E 65 11.68 -38.06 26.92
CA SER E 65 13.13 -38.10 26.88
C SER E 65 13.64 -39.34 27.60
N ALA E 66 14.88 -39.70 27.30
CA ALA E 66 15.51 -40.88 27.88
C ALA E 66 15.33 -41.04 29.38
N ASP E 67 15.40 -39.95 30.15
CA ASP E 67 15.23 -40.11 31.59
C ASP E 67 13.82 -40.59 31.95
N VAL E 68 12.82 -40.10 31.21
CA VAL E 68 11.43 -40.46 31.43
C VAL E 68 11.11 -41.89 31.02
N LEU E 69 11.67 -42.32 29.90
CA LEU E 69 11.43 -43.67 29.44
C LEU E 69 12.11 -44.68 30.36
N ALA E 70 13.09 -44.23 31.14
CA ALA E 70 13.80 -45.13 32.05
C ALA E 70 12.86 -45.54 33.17
N LEU E 71 12.27 -46.72 33.02
CA LEU E 71 11.20 -47.13 33.90
C LEU E 71 11.53 -48.38 34.72
N SER E 72 11.21 -48.33 36.01
CA SER E 72 11.49 -49.43 36.92
C SER E 72 10.22 -50.02 37.54
N LYS E 73 10.42 -50.94 38.49
CA LYS E 73 9.32 -51.61 39.16
C LYS E 73 9.34 -51.24 40.64
N ILE E 74 8.24 -51.51 41.33
CA ILE E 74 8.18 -51.25 42.76
C ILE E 74 7.59 -52.46 43.47
N GLU E 75 8.20 -52.79 44.60
CA GLU E 75 7.77 -53.92 45.41
C GLU E 75 6.91 -53.40 46.55
N ILE E 76 5.82 -54.11 46.84
CA ILE E 76 4.90 -53.71 47.89
C ILE E 76 4.59 -54.91 48.78
N LYS E 77 4.92 -54.81 50.06
CA LYS E 77 4.64 -55.90 50.98
C LYS E 77 3.14 -55.94 51.26
N LEU E 78 2.54 -57.11 51.01
CA LEU E 78 1.11 -57.32 51.20
C LEU E 78 0.75 -57.44 52.68
N SER E 79 1.64 -56.93 53.53
CA SER E 79 1.44 -56.98 54.97
C SER E 79 0.74 -55.72 55.44
N ASP E 80 1.02 -54.60 54.79
CA ASP E 80 0.40 -53.32 55.17
C ASP E 80 -1.00 -53.21 54.57
N ILE E 81 -1.48 -54.29 53.96
CA ILE E 81 -2.80 -54.29 53.34
C ILE E 81 -3.75 -55.33 53.94
N PRO E 82 -4.62 -54.91 54.87
CA PRO E 82 -5.59 -55.82 55.50
C PRO E 82 -6.68 -56.20 54.48
N GLU E 83 -7.42 -57.28 54.74
CA GLU E 83 -8.45 -57.71 53.79
C GLU E 83 -9.64 -56.75 53.71
N GLY E 84 -9.84 -56.16 52.54
CA GLY E 84 -10.94 -55.23 52.32
C GLY E 84 -10.48 -53.82 52.03
N LYS E 85 -9.20 -53.56 52.27
CA LYS E 85 -8.62 -52.23 52.07
C LYS E 85 -8.07 -51.96 50.66
N ASN E 86 -7.82 -50.68 50.37
CA ASN E 86 -7.29 -50.23 49.09
C ASN E 86 -6.21 -49.17 49.32
N VAL E 87 -4.95 -49.54 49.12
CA VAL E 87 -3.85 -48.59 49.31
C VAL E 87 -3.33 -48.07 47.97
N ALA E 88 -3.05 -46.76 47.90
CA ALA E 88 -2.55 -46.13 46.68
C ALA E 88 -1.08 -45.75 46.78
N PHE E 89 -0.32 -46.12 45.75
CA PHE E 89 1.10 -45.82 45.69
C PHE E 89 1.42 -45.07 44.40
N LYS E 90 2.07 -43.91 44.51
CA LYS E 90 2.45 -43.15 43.33
C LYS E 90 3.34 -44.09 42.53
N TRP E 91 3.33 -43.98 41.21
CA TRP E 91 4.17 -44.87 40.42
C TRP E 91 4.08 -44.51 38.95
N ARG E 92 5.23 -44.44 38.29
CA ARG E 92 5.30 -44.08 36.88
C ARG E 92 4.30 -42.97 36.60
N GLY E 93 4.31 -41.97 37.49
CA GLY E 93 3.44 -40.81 37.36
C GLY E 93 2.06 -40.98 37.94
N LYS E 94 1.33 -41.96 37.41
CA LYS E 94 -0.03 -42.25 37.84
C LYS E 94 -0.10 -43.01 39.17
N PRO E 95 -1.30 -43.14 39.75
CA PRO E 95 -1.46 -43.85 41.03
C PRO E 95 -1.48 -45.37 40.82
N LEU E 96 -0.87 -46.11 41.74
CA LEU E 96 -0.87 -47.57 41.65
C LEU E 96 -1.83 -48.08 42.73
N PHE E 97 -2.85 -48.81 42.29
CA PHE E 97 -3.83 -49.35 43.20
C PHE E 97 -3.58 -50.82 43.52
N VAL E 98 -3.38 -51.12 44.79
CA VAL E 98 -3.16 -52.49 45.26
C VAL E 98 -4.22 -52.76 46.32
N ARG E 99 -5.24 -53.52 45.95
CA ARG E 99 -6.37 -53.83 46.82
C ARG E 99 -6.49 -55.28 47.27
N HIS E 100 -6.87 -55.46 48.54
CA HIS E 100 -7.04 -56.77 49.13
C HIS E 100 -8.54 -57.01 49.29
N ARG E 101 -9.11 -57.83 48.41
CA ARG E 101 -10.55 -58.09 48.46
C ARG E 101 -10.95 -59.20 49.43
N THR E 102 -12.04 -58.97 50.17
CA THR E 102 -12.54 -59.97 51.12
C THR E 102 -13.09 -61.12 50.29
N GLN E 103 -13.28 -62.28 50.91
CA GLN E 103 -13.80 -63.42 50.17
C GLN E 103 -15.22 -63.14 49.72
N ALA E 104 -15.85 -62.15 50.35
CA ALA E 104 -17.22 -61.75 50.02
C ALA E 104 -17.17 -61.02 48.67
N GLU E 105 -16.20 -60.11 48.55
CA GLU E 105 -16.02 -59.33 47.34
C GLU E 105 -15.60 -60.21 46.17
N ILE E 106 -14.72 -61.18 46.43
CA ILE E 106 -14.24 -62.08 45.39
C ILE E 106 -15.35 -62.90 44.74
N ASN E 107 -16.44 -63.12 45.49
CA ASN E 107 -17.57 -63.89 44.99
C ASN E 107 -18.49 -63.02 44.16
N GLN E 108 -18.76 -61.82 44.65
CA GLN E 108 -19.63 -60.87 43.96
C GLN E 108 -19.08 -60.49 42.59
N GLU E 109 -17.78 -60.68 42.39
CA GLU E 109 -17.12 -60.36 41.11
C GLU E 109 -17.19 -61.56 40.17
N ALA E 110 -17.46 -62.73 40.73
CA ALA E 110 -17.58 -63.95 39.96
C ALA E 110 -18.97 -63.91 39.33
N GLU E 111 -19.86 -63.16 39.99
CA GLU E 111 -21.24 -62.97 39.57
C GLU E 111 -21.36 -61.67 38.77
N VAL E 112 -21.05 -61.72 37.47
CA VAL E 112 -21.12 -60.54 36.62
C VAL E 112 -21.40 -60.92 35.17
N ASP E 113 -22.49 -60.41 34.60
CA ASP E 113 -22.79 -60.74 33.22
C ASP E 113 -21.73 -60.05 32.37
N VAL E 114 -20.82 -60.84 31.82
CA VAL E 114 -19.72 -60.33 31.01
C VAL E 114 -20.17 -59.93 29.60
N SER E 115 -21.10 -60.69 29.02
CA SER E 115 -21.59 -60.40 27.68
C SER E 115 -22.32 -59.06 27.66
N LYS E 116 -22.72 -58.60 28.83
CA LYS E 116 -23.43 -57.32 28.97
C LYS E 116 -22.61 -56.26 29.71
N LEU E 117 -21.33 -56.17 29.37
CA LEU E 117 -20.40 -55.19 29.96
C LEU E 117 -19.74 -54.42 28.82
N ARG E 118 -19.36 -53.17 29.08
CA ARG E 118 -18.73 -52.34 28.06
C ARG E 118 -17.42 -52.98 27.62
N ASP E 119 -16.59 -53.33 28.61
CA ASP E 119 -15.31 -53.98 28.36
C ASP E 119 -15.54 -55.45 28.74
N PRO E 120 -15.84 -56.31 27.74
CA PRO E 120 -16.10 -57.74 27.94
C PRO E 120 -14.92 -58.49 28.55
N GLN E 121 -14.89 -58.56 29.87
CA GLN E 121 -13.81 -59.24 30.55
C GLN E 121 -14.31 -59.92 31.83
N HIS E 122 -13.74 -61.08 32.10
CA HIS E 122 -14.08 -61.88 33.27
C HIS E 122 -13.17 -61.47 34.43
N ASP E 123 -13.70 -61.51 35.65
CA ASP E 123 -12.94 -61.12 36.84
C ASP E 123 -11.63 -61.90 37.05
N LEU E 124 -11.47 -63.01 36.35
CA LEU E 124 -10.27 -63.82 36.51
C LEU E 124 -9.24 -63.57 35.41
N ASP E 125 -9.50 -62.56 34.59
CA ASP E 125 -8.60 -62.16 33.50
C ASP E 125 -7.77 -60.98 33.99
N ARG E 126 -8.16 -60.43 35.13
CA ARG E 126 -7.52 -59.25 35.70
C ARG E 126 -6.70 -59.55 36.96
N VAL E 127 -6.66 -60.82 37.38
CA VAL E 127 -5.91 -61.17 38.58
C VAL E 127 -5.14 -62.48 38.48
N LYS E 128 -4.19 -62.66 39.40
CA LYS E 128 -3.37 -63.87 39.47
C LYS E 128 -3.69 -64.59 40.79
N LYS E 129 -4.21 -63.80 41.72
CA LYS E 129 -4.61 -64.29 43.05
C LYS E 129 -5.89 -63.52 43.40
N PRO E 130 -7.03 -64.24 43.49
CA PRO E 130 -8.35 -63.69 43.80
C PRO E 130 -8.49 -62.62 44.90
N GLU E 131 -7.69 -62.72 45.96
CA GLU E 131 -7.76 -61.75 47.05
C GLU E 131 -6.89 -60.52 46.79
N TRP E 132 -6.20 -60.50 45.65
CA TRP E 132 -5.34 -59.38 45.28
C TRP E 132 -5.62 -58.82 43.89
N VAL E 133 -6.12 -57.59 43.86
CA VAL E 133 -6.43 -56.89 42.62
C VAL E 133 -5.57 -55.62 42.52
N ILE E 134 -4.63 -55.60 41.59
CA ILE E 134 -3.76 -54.45 41.38
C ILE E 134 -4.19 -53.69 40.15
N LEU E 135 -4.44 -52.40 40.31
CA LEU E 135 -4.88 -51.56 39.20
C LEU E 135 -4.17 -50.22 39.13
N VAL E 136 -4.32 -49.54 38.00
CA VAL E 136 -3.75 -48.23 37.77
C VAL E 136 -4.93 -47.27 37.94
N GLY E 137 -5.05 -46.70 39.14
CA GLY E 137 -6.14 -45.80 39.46
C GLY E 137 -6.31 -44.53 38.64
N VAL E 138 -6.43 -44.66 37.32
CA VAL E 138 -6.61 -43.52 36.45
C VAL E 138 -7.85 -43.79 35.60
N CYS E 139 -8.86 -42.95 35.73
CA CYS E 139 -10.09 -43.14 34.98
C CYS E 139 -9.81 -43.19 33.48
N THR E 140 -10.31 -44.23 32.81
CA THR E 140 -10.09 -44.38 31.37
C THR E 140 -10.80 -43.32 30.53
N HIS E 141 -11.57 -42.45 31.18
CA HIS E 141 -12.28 -41.38 30.48
C HIS E 141 -11.31 -40.23 30.15
N LEU E 142 -11.22 -39.28 31.07
CA LEU E 142 -10.35 -38.12 30.88
C LEU E 142 -9.23 -38.06 31.91
N GLY E 143 -8.88 -39.21 32.48
CA GLY E 143 -7.78 -39.32 33.43
C GLY E 143 -7.84 -38.90 34.88
N CYS E 144 -9.01 -38.80 35.48
CA CYS E 144 -9.06 -38.43 36.90
C CYS E 144 -8.85 -39.66 37.75
N VAL E 145 -8.57 -39.44 39.03
CA VAL E 145 -8.31 -40.54 39.94
C VAL E 145 -9.57 -40.98 40.67
N PRO E 146 -10.03 -42.23 40.43
CA PRO E 146 -11.21 -42.83 41.05
C PRO E 146 -11.03 -42.99 42.56
N ILE E 147 -12.06 -42.62 43.32
CA ILE E 147 -12.02 -42.72 44.78
C ILE E 147 -12.16 -44.17 45.21
N ALA E 148 -11.39 -44.56 46.22
CA ALA E 148 -11.42 -45.92 46.74
C ALA E 148 -12.74 -46.21 47.45
N ASN E 149 -13.12 -47.49 47.45
CA ASN E 149 -14.34 -47.98 48.10
C ASN E 149 -15.58 -47.09 47.90
N SER E 150 -15.88 -46.76 46.65
CA SER E 150 -17.05 -45.93 46.36
C SER E 150 -17.79 -46.43 45.13
N GLY E 151 -18.87 -45.74 44.76
CA GLY E 151 -19.64 -46.13 43.60
C GLY E 151 -20.75 -47.12 43.93
N ASP E 152 -21.67 -47.31 43.00
CA ASP E 152 -22.78 -48.23 43.21
C ASP E 152 -22.39 -49.66 42.88
N PHE E 153 -21.08 -49.92 42.85
CA PHE E 153 -20.59 -51.26 42.55
C PHE E 153 -19.48 -51.70 43.51
N GLY E 154 -19.38 -50.99 44.63
CA GLY E 154 -18.38 -51.32 45.64
C GLY E 154 -16.94 -51.31 45.17
N GLY E 155 -16.68 -50.74 43.99
CA GLY E 155 -15.34 -50.69 43.46
C GLY E 155 -14.77 -49.29 43.59
N TYR E 156 -14.83 -48.52 42.50
CA TYR E 156 -14.34 -47.14 42.51
C TYR E 156 -15.31 -46.21 41.82
N TYR E 157 -15.21 -44.92 42.14
CA TYR E 157 -16.05 -43.88 41.54
C TYR E 157 -15.21 -42.66 41.15
N CYS E 158 -15.24 -42.28 39.88
CA CYS E 158 -14.47 -41.11 39.41
C CYS E 158 -15.32 -39.86 39.57
N PRO E 159 -14.87 -38.93 40.43
CA PRO E 159 -15.56 -37.66 40.71
C PRO E 159 -15.61 -36.61 39.60
N CYS E 160 -14.91 -36.84 38.50
CA CYS E 160 -14.92 -35.86 37.41
C CYS E 160 -16.19 -35.86 36.57
N HIS E 161 -16.59 -37.04 36.08
CA HIS E 161 -17.81 -37.11 35.28
C HIS E 161 -18.68 -38.30 35.70
N GLY E 162 -18.38 -38.86 36.87
CA GLY E 162 -19.14 -39.99 37.40
C GLY E 162 -19.00 -41.35 36.74
N SER E 163 -17.77 -41.88 36.66
CA SER E 163 -17.59 -43.21 36.08
C SER E 163 -17.49 -44.23 37.20
N HIS E 164 -18.36 -45.25 37.14
CA HIS E 164 -18.42 -46.30 38.14
C HIS E 164 -17.60 -47.54 37.78
N TYR E 165 -16.88 -48.07 38.76
CA TYR E 165 -16.08 -49.26 38.56
C TYR E 165 -16.34 -50.24 39.69
N ASP E 166 -16.32 -51.53 39.38
CA ASP E 166 -16.54 -52.56 40.40
C ASP E 166 -15.25 -52.85 41.15
N ALA E 167 -15.33 -53.65 42.20
CA ALA E 167 -14.16 -54.01 43.00
C ALA E 167 -13.04 -54.71 42.23
N SER E 168 -13.28 -54.95 40.93
CA SER E 168 -12.29 -55.59 40.06
C SER E 168 -11.65 -54.51 39.19
N GLY E 169 -12.26 -53.33 39.20
CA GLY E 169 -11.76 -52.22 38.42
C GLY E 169 -12.38 -52.07 37.04
N ARG E 170 -13.45 -52.81 36.79
CA ARG E 170 -14.13 -52.73 35.48
C ARG E 170 -15.15 -51.60 35.42
N ILE E 171 -15.36 -51.09 34.21
CA ILE E 171 -16.30 -50.01 34.00
C ILE E 171 -17.72 -50.57 33.95
N ARG E 172 -18.55 -50.08 34.85
CA ARG E 172 -19.95 -50.50 34.94
C ARG E 172 -20.92 -49.39 34.55
N LYS E 173 -20.63 -48.18 35.01
CA LYS E 173 -21.48 -47.04 34.72
C LYS E 173 -20.63 -45.81 34.47
N GLY E 174 -21.14 -44.88 33.67
CA GLY E 174 -20.39 -43.66 33.38
C GLY E 174 -19.94 -43.50 31.95
N PRO E 175 -19.01 -42.57 31.67
CA PRO E 175 -18.52 -42.34 30.30
C PRO E 175 -17.29 -43.18 29.97
N ALA E 176 -16.48 -43.47 31.00
CA ALA E 176 -15.25 -44.25 30.83
C ALA E 176 -15.38 -45.46 29.91
N PRO E 177 -14.65 -45.44 28.77
CA PRO E 177 -14.60 -46.45 27.71
C PRO E 177 -14.26 -47.88 28.17
N TYR E 178 -13.04 -48.07 28.67
CA TYR E 178 -12.58 -49.38 29.10
C TYR E 178 -12.42 -49.52 30.60
N ASN E 179 -11.86 -50.66 31.02
CA ASN E 179 -11.65 -50.95 32.44
C ASN E 179 -10.33 -50.39 32.97
N LEU E 180 -10.27 -50.13 34.28
CA LEU E 180 -9.06 -49.61 34.90
C LEU E 180 -7.90 -50.54 34.59
N GLU E 181 -7.00 -50.07 33.75
CA GLU E 181 -5.83 -50.84 33.34
C GLU E 181 -5.23 -51.71 34.44
N VAL E 182 -4.88 -52.92 34.06
CA VAL E 182 -4.27 -53.84 35.00
C VAL E 182 -2.82 -53.94 34.60
N PRO E 183 -1.93 -53.33 35.39
CA PRO E 183 -0.49 -53.35 35.10
C PRO E 183 0.04 -54.76 35.06
N THR E 184 1.11 -54.97 34.31
CA THR E 184 1.72 -56.29 34.21
C THR E 184 2.60 -56.57 35.43
N TYR E 185 2.16 -57.47 36.30
CA TYR E 185 2.91 -57.81 37.51
C TYR E 185 3.00 -59.31 37.81
N GLN E 186 3.97 -59.69 38.64
CA GLN E 186 4.17 -61.08 39.03
C GLN E 186 4.17 -61.15 40.55
N PHE E 187 3.67 -62.26 41.09
CA PHE E 187 3.60 -62.44 42.55
C PHE E 187 4.82 -63.07 43.19
N VAL E 188 5.72 -63.61 42.36
CA VAL E 188 6.94 -64.25 42.85
C VAL E 188 7.68 -63.37 43.87
N GLY E 189 7.35 -63.59 45.14
CA GLY E 189 7.94 -62.83 46.22
C GLY E 189 7.09 -62.92 47.46
N ASP E 190 7.31 -63.96 48.25
CA ASP E 190 6.60 -64.22 49.52
C ASP E 190 5.42 -63.29 49.81
N ASP E 191 5.69 -62.26 50.60
CA ASP E 191 4.72 -61.24 50.99
C ASP E 191 5.13 -59.97 50.24
N LEU E 192 5.30 -60.10 48.94
CA LEU E 192 5.73 -58.99 48.10
C LEU E 192 5.08 -59.11 46.72
N VAL E 193 5.17 -58.03 45.94
CA VAL E 193 4.62 -58.00 44.60
C VAL E 193 5.44 -57.08 43.70
N VAL E 194 6.14 -57.67 42.74
CA VAL E 194 6.97 -56.92 41.82
C VAL E 194 6.15 -56.53 40.59
N VAL E 195 5.77 -55.26 40.55
CA VAL E 195 4.97 -54.72 39.45
C VAL E 195 5.82 -53.91 38.48
N GLY E 196 5.62 -54.15 37.19
CA GLY E 196 6.39 -53.43 36.19
C GLY E 196 6.65 -54.26 34.94
N GLY F 10 54.22 21.73 -14.73
CA GLY F 10 54.47 20.80 -15.90
C GLY F 10 53.23 20.00 -16.17
N ARG F 11 53.35 18.71 -16.42
CA ARG F 11 52.15 17.92 -16.67
C ARG F 11 51.85 16.96 -15.51
N LEU F 12 52.19 17.37 -14.29
CA LEU F 12 51.97 16.51 -13.11
C LEU F 12 50.50 16.19 -12.89
N MET F 13 49.70 17.24 -12.70
CA MET F 13 48.27 17.06 -12.49
C MET F 13 47.68 16.25 -13.62
N ASP F 14 48.04 16.58 -14.86
CA ASP F 14 47.51 15.84 -15.98
C ASP F 14 47.95 14.39 -15.93
N ARG F 15 49.18 14.15 -15.51
CA ARG F 15 49.68 12.78 -15.42
C ARG F 15 48.87 12.00 -14.41
N ILE F 16 48.69 12.61 -13.24
CA ILE F 16 47.93 12.01 -12.16
C ILE F 16 46.50 11.69 -12.58
N ARG F 17 45.80 12.69 -13.11
CA ARG F 17 44.42 12.48 -13.56
C ARG F 17 44.27 11.34 -14.54
N LYS F 18 45.25 11.19 -15.43
CA LYS F 18 45.19 10.14 -16.43
C LYS F 18 45.46 8.78 -15.78
N TRP F 19 46.27 8.80 -14.74
CA TRP F 19 46.55 7.56 -14.04
C TRP F 19 45.28 7.10 -13.33
N TYR F 20 44.67 8.02 -12.57
CA TYR F 20 43.47 7.71 -11.83
C TYR F 20 42.37 7.21 -12.74
N TYR F 21 42.19 7.93 -13.85
CA TYR F 21 41.16 7.56 -14.80
C TYR F 21 41.30 6.10 -15.11
N ASN F 22 42.51 5.70 -15.49
CA ASN F 22 42.72 4.31 -15.83
C ASN F 22 42.64 3.38 -14.65
N ALA F 23 43.04 3.87 -13.48
CA ALA F 23 43.01 3.06 -12.27
C ALA F 23 41.57 2.85 -11.88
N ALA F 24 40.74 3.90 -11.96
CA ALA F 24 39.31 3.78 -11.62
C ALA F 24 38.69 2.63 -12.40
N GLY F 25 38.89 2.62 -13.71
CA GLY F 25 38.37 1.52 -14.49
C GLY F 25 36.94 1.51 -14.98
N PHE F 26 36.20 2.61 -14.83
CA PHE F 26 34.82 2.60 -15.29
C PHE F 26 34.81 2.58 -16.79
N ASN F 27 35.95 2.90 -17.37
CA ASN F 27 36.07 2.92 -18.82
C ASN F 27 36.11 1.49 -19.40
N LYS F 28 36.33 0.50 -18.56
CA LYS F 28 36.37 -0.88 -19.03
C LYS F 28 34.95 -1.38 -19.32
N TYR F 29 33.96 -0.65 -18.81
CA TYR F 29 32.56 -1.00 -19.03
C TYR F 29 32.01 -0.13 -20.15
N GLY F 30 32.84 0.77 -20.64
CA GLY F 30 32.42 1.65 -21.71
C GLY F 30 31.72 2.88 -21.16
N LEU F 31 31.78 3.08 -19.86
CA LEU F 31 31.12 4.22 -19.23
C LEU F 31 31.96 5.49 -19.23
N MET F 32 31.29 6.62 -19.41
CA MET F 32 31.97 7.90 -19.37
C MET F 32 31.99 8.26 -17.89
N ARG F 33 32.91 9.14 -17.50
CA ARG F 33 32.99 9.55 -16.12
C ARG F 33 31.60 9.97 -15.66
N ASP F 34 30.96 10.86 -16.41
CA ASP F 34 29.64 11.33 -16.04
C ASP F 34 28.56 10.26 -15.91
N ASP F 35 28.73 9.10 -16.53
CA ASP F 35 27.73 8.04 -16.42
C ASP F 35 27.78 7.45 -15.01
N THR F 36 28.92 7.62 -14.33
CA THR F 36 29.10 7.06 -13.00
C THR F 36 28.69 7.93 -11.82
N LEU F 37 28.24 9.15 -12.07
CA LEU F 37 27.83 10.02 -10.98
C LEU F 37 26.66 9.48 -10.18
N TYR F 38 26.69 9.67 -8.86
CA TYR F 38 25.59 9.23 -8.01
C TYR F 38 24.47 10.24 -8.25
N GLU F 39 23.29 9.73 -8.61
CA GLU F 39 22.13 10.57 -8.89
C GLU F 39 21.48 11.23 -7.69
N ASP F 40 22.12 12.24 -7.12
CA ASP F 40 21.53 12.95 -6.02
C ASP F 40 20.53 13.93 -6.63
N ASP F 41 20.06 14.92 -5.86
CA ASP F 41 19.08 15.85 -6.39
C ASP F 41 19.53 16.67 -7.59
N ASP F 42 20.73 17.25 -7.47
CA ASP F 42 21.30 18.07 -8.53
C ASP F 42 21.48 17.26 -9.79
N VAL F 43 22.08 16.08 -9.69
CA VAL F 43 22.29 15.29 -10.87
C VAL F 43 20.98 14.93 -11.55
N LYS F 44 19.97 14.55 -10.77
CA LYS F 44 18.66 14.20 -11.33
C LYS F 44 18.09 15.33 -12.16
N GLU F 45 18.16 16.54 -11.63
CA GLU F 45 17.66 17.70 -12.36
C GLU F 45 18.45 17.91 -13.66
N ALA F 46 19.77 17.80 -13.60
CA ALA F 46 20.60 17.98 -14.78
C ALA F 46 20.23 16.96 -15.85
N LEU F 47 20.09 15.69 -15.45
CA LEU F 47 19.72 14.67 -16.41
C LEU F 47 18.46 15.05 -17.18
N LYS F 48 17.46 15.61 -16.50
CA LYS F 48 16.23 16.05 -17.15
C LYS F 48 16.42 17.12 -18.22
N ARG F 49 17.59 17.77 -18.22
CA ARG F 49 17.86 18.81 -19.20
C ARG F 49 18.65 18.32 -20.40
N LEU F 50 19.17 17.11 -20.31
CA LEU F 50 19.93 16.56 -21.42
C LEU F 50 19.09 16.44 -22.68
N PRO F 51 19.72 16.65 -23.83
CA PRO F 51 19.03 16.53 -25.11
C PRO F 51 18.73 15.05 -25.33
N GLU F 52 17.58 14.76 -25.94
CA GLU F 52 17.13 13.40 -26.26
C GLU F 52 18.26 12.40 -26.57
N ASP F 53 19.01 12.65 -27.63
CA ASP F 53 20.09 11.76 -28.04
C ASP F 53 21.16 11.53 -26.96
N LEU F 54 21.63 12.59 -26.32
CA LEU F 54 22.63 12.42 -25.26
C LEU F 54 22.08 11.55 -24.13
N TYR F 55 20.79 11.70 -23.88
CA TYR F 55 20.10 10.95 -22.86
C TYR F 55 19.95 9.49 -23.27
N ASN F 56 19.54 9.23 -24.50
CA ASN F 56 19.39 7.85 -24.93
C ASN F 56 20.73 7.12 -25.03
N GLU F 57 21.79 7.85 -25.37
CA GLU F 57 23.11 7.26 -25.44
C GLU F 57 23.60 6.91 -24.04
N ARG F 58 23.37 7.80 -23.11
CA ARG F 58 23.77 7.54 -21.73
C ARG F 58 23.09 6.28 -21.23
N MET F 59 21.81 6.15 -21.55
CA MET F 59 21.01 5.02 -21.12
C MET F 59 21.53 3.71 -21.64
N PHE F 60 21.89 3.69 -22.92
CA PHE F 60 22.39 2.47 -23.50
C PHE F 60 23.70 2.09 -22.82
N ARG F 61 24.63 3.04 -22.67
CA ARG F 61 25.90 2.75 -22.04
C ARG F 61 25.73 2.13 -20.67
N ILE F 62 24.79 2.66 -19.90
CA ILE F 62 24.51 2.16 -18.56
C ILE F 62 23.85 0.79 -18.61
N LYS F 63 22.83 0.63 -19.45
CA LYS F 63 22.17 -0.66 -19.49
C LYS F 63 23.19 -1.70 -19.88
N ARG F 64 24.07 -1.31 -20.78
CA ARG F 64 25.10 -2.21 -21.27
C ARG F 64 26.12 -2.58 -20.19
N ALA F 65 26.45 -1.62 -19.33
CA ALA F 65 27.42 -1.85 -18.27
C ALA F 65 26.83 -2.76 -17.21
N LEU F 66 25.54 -2.60 -16.95
CA LEU F 66 24.89 -3.44 -15.95
C LEU F 66 24.86 -4.87 -16.47
N ASP F 67 24.78 -5.00 -17.78
CA ASP F 67 24.76 -6.31 -18.40
C ASP F 67 26.14 -6.93 -18.20
N LEU F 68 27.19 -6.12 -18.45
CA LEU F 68 28.55 -6.58 -18.26
C LEU F 68 28.75 -6.95 -16.79
N SER F 69 28.23 -6.11 -15.90
CA SER F 69 28.37 -6.40 -14.51
C SER F 69 27.76 -7.76 -14.14
N LEU F 70 26.54 -8.03 -14.61
CA LEU F 70 25.91 -9.29 -14.25
C LEU F 70 26.64 -10.50 -14.87
N LYS F 71 27.20 -10.31 -16.06
CA LYS F 71 27.94 -11.37 -16.74
C LYS F 71 29.34 -11.56 -16.17
N HIS F 72 29.84 -10.58 -15.42
CA HIS F 72 31.17 -10.62 -14.83
C HIS F 72 32.22 -10.55 -15.91
N ARG F 73 31.97 -9.68 -16.88
CA ARG F 73 32.87 -9.48 -18.00
C ARG F 73 33.12 -7.98 -18.11
N ILE F 74 34.02 -7.61 -18.99
CA ILE F 74 34.26 -6.21 -19.24
C ILE F 74 34.37 -6.11 -20.76
N LEU F 75 34.54 -4.93 -21.31
CA LEU F 75 34.63 -4.82 -22.74
C LEU F 75 36.01 -5.19 -23.25
N PRO F 76 36.14 -5.54 -24.54
CA PRO F 76 37.44 -5.90 -25.10
C PRO F 76 38.27 -4.61 -25.05
N LYS F 77 39.53 -4.74 -24.62
CA LYS F 77 40.42 -3.60 -24.48
C LYS F 77 40.33 -2.51 -25.56
N GLU F 78 39.92 -2.86 -26.77
CA GLU F 78 39.84 -1.86 -27.84
C GLU F 78 38.63 -0.93 -27.75
N GLN F 79 37.65 -1.29 -26.93
CA GLN F 79 36.45 -0.47 -26.80
C GLN F 79 36.43 0.35 -25.51
N TRP F 80 37.47 0.21 -24.71
CA TRP F 80 37.56 0.97 -23.47
C TRP F 80 37.65 2.44 -23.84
N VAL F 81 36.93 3.30 -23.13
CA VAL F 81 36.99 4.72 -23.42
C VAL F 81 38.39 5.25 -23.07
N LYS F 82 38.90 6.17 -23.88
CA LYS F 82 40.22 6.71 -23.61
C LYS F 82 40.10 7.99 -22.84
N TYR F 83 41.00 8.18 -21.88
CA TYR F 83 41.00 9.36 -21.04
C TYR F 83 40.73 10.65 -21.77
N GLU F 84 41.28 10.80 -22.96
CA GLU F 84 41.10 12.03 -23.72
C GLU F 84 39.84 12.05 -24.59
N GLU F 85 39.13 10.94 -24.64
CA GLU F 85 37.91 10.89 -25.42
C GLU F 85 36.71 10.80 -24.50
N ASP F 86 36.93 10.96 -23.21
CA ASP F 86 35.81 10.90 -22.29
C ASP F 86 35.04 12.20 -22.46
N LYS F 87 33.76 12.10 -22.82
CA LYS F 87 32.95 13.30 -23.03
C LYS F 87 32.18 13.69 -21.77
N PRO F 88 32.49 14.86 -21.18
CA PRO F 88 31.85 15.41 -19.97
C PRO F 88 30.51 16.05 -20.32
N TYR F 89 29.63 15.21 -20.86
CA TYR F 89 28.33 15.64 -21.33
C TYR F 89 27.36 16.24 -20.31
N LEU F 90 27.50 15.88 -19.04
CA LEU F 90 26.58 16.38 -18.03
C LEU F 90 27.12 17.51 -17.19
N GLU F 91 28.44 17.59 -17.05
CA GLU F 91 29.05 18.61 -16.23
C GLU F 91 28.54 20.04 -16.44
N PRO F 92 28.41 20.48 -17.70
CA PRO F 92 27.93 21.83 -17.98
C PRO F 92 26.55 22.10 -17.37
N TYR F 93 25.62 21.17 -17.59
CA TYR F 93 24.29 21.27 -17.07
C TYR F 93 24.31 21.25 -15.56
N LEU F 94 24.99 20.25 -15.01
CA LEU F 94 25.09 20.08 -13.57
C LEU F 94 25.55 21.37 -12.88
N LYS F 95 26.55 22.02 -13.47
CA LYS F 95 27.06 23.26 -12.92
C LYS F 95 26.00 24.36 -12.89
N GLU F 96 25.23 24.48 -13.97
CA GLU F 96 24.18 25.47 -14.01
C GLU F 96 23.17 25.17 -12.90
N VAL F 97 22.79 23.91 -12.79
CA VAL F 97 21.83 23.48 -11.78
C VAL F 97 22.26 23.87 -10.37
N ILE F 98 23.52 23.59 -10.04
CA ILE F 98 24.01 23.91 -8.71
C ILE F 98 24.11 25.39 -8.53
N ARG F 99 24.43 26.09 -9.62
CA ARG F 99 24.56 27.54 -9.61
C ARG F 99 23.21 28.19 -9.31
N GLU F 100 22.15 27.63 -9.91
CA GLU F 100 20.80 28.11 -9.69
C GLU F 100 20.35 27.83 -8.25
N ARG F 101 20.57 26.61 -7.80
CA ARG F 101 20.18 26.22 -6.46
C ARG F 101 20.79 27.13 -5.39
N LEU F 102 22.09 27.40 -5.52
CA LEU F 102 22.75 28.27 -4.56
C LEU F 102 22.14 29.66 -4.60
N GLU F 103 21.76 30.11 -5.79
CA GLU F 103 21.14 31.43 -5.93
C GLU F 103 19.85 31.45 -5.11
N ARG F 104 18.99 30.47 -5.32
CA ARG F 104 17.74 30.40 -4.57
C ARG F 104 18.05 30.37 -3.09
N GLU F 105 18.96 29.47 -2.71
CA GLU F 105 19.36 29.32 -1.32
C GLU F 105 19.86 30.62 -0.72
N ALA F 106 20.70 31.33 -1.44
CA ALA F 106 21.23 32.59 -0.96
C ALA F 106 20.13 33.62 -0.81
N TRP F 107 19.28 33.69 -1.82
CA TRP F 107 18.18 34.64 -1.84
C TRP F 107 17.13 34.36 -0.77
N ASN F 108 16.90 33.11 -0.44
CA ASN F 108 15.91 32.78 0.58
C ASN F 108 16.42 33.00 2.00
N LYS F 109 17.67 33.45 2.12
CA LYS F 109 18.27 33.74 3.41
C LYS F 109 18.16 35.24 3.61
N LYS F 110 16.93 35.72 3.50
CA LYS F 110 16.61 37.14 3.65
C LYS F 110 17.11 37.94 2.45
N GLY G 1 5.63 -1.09 -3.87
CA GLY G 1 5.33 -2.55 -4.12
C GLY G 1 5.27 -2.90 -5.60
N ILE G 2 4.45 -2.15 -6.35
CA ILE G 2 4.27 -2.36 -7.79
C ILE G 2 5.13 -1.33 -8.55
N HIS G 3 6.13 -1.80 -9.29
CA HIS G 3 7.02 -0.89 -10.01
C HIS G 3 7.22 -1.11 -11.51
N PHE G 4 7.21 -2.36 -11.98
CA PHE G 4 7.38 -2.61 -13.42
C PHE G 4 6.35 -1.89 -14.29
N GLY G 5 6.85 -1.00 -15.16
CA GLY G 5 5.99 -0.26 -16.05
C GLY G 5 6.18 1.24 -15.90
N ASN G 6 6.66 1.67 -14.75
CA ASN G 6 6.89 3.10 -14.47
C ASN G 6 8.32 3.38 -13.96
N LEU G 7 9.28 2.54 -14.36
CA LEU G 7 10.65 2.67 -13.91
C LEU G 7 11.52 3.71 -14.61
N ALA G 8 11.77 3.53 -15.90
CA ALA G 8 12.60 4.46 -16.68
C ALA G 8 12.10 4.71 -18.09
N ARG G 9 12.62 5.74 -18.72
CA ARG G 9 12.23 6.10 -20.09
C ARG G 9 13.32 5.58 -21.02
N VAL G 10 13.06 4.50 -21.75
CA VAL G 10 14.07 3.92 -22.62
C VAL G 10 13.72 3.89 -24.10
N ARG G 11 14.67 4.22 -24.96
CA ARG G 11 14.41 4.21 -26.40
C ARG G 11 15.49 3.56 -27.26
N HIS G 12 15.06 2.91 -28.33
CA HIS G 12 15.98 2.32 -29.30
C HIS G 12 16.94 1.25 -28.84
N ILE G 13 16.51 0.38 -27.93
CA ILE G 13 17.38 -0.69 -27.51
C ILE G 13 16.73 -2.03 -27.78
N ILE G 14 17.44 -2.88 -28.52
CA ILE G 14 16.97 -4.20 -28.86
C ILE G 14 17.78 -5.22 -28.06
N THR G 15 17.11 -6.25 -27.55
CA THR G 15 17.82 -7.28 -26.80
C THR G 15 17.39 -8.62 -27.37
N TYR G 16 18.26 -9.61 -27.29
CA TYR G 16 17.99 -10.92 -27.80
C TYR G 16 18.33 -11.96 -26.75
N SER G 17 17.44 -12.91 -26.54
CA SER G 17 17.68 -13.96 -25.56
C SER G 17 17.16 -15.29 -26.06
N LEU G 18 17.71 -16.39 -25.52
CA LEU G 18 17.28 -17.75 -25.88
C LEU G 18 16.71 -18.45 -24.68
N SER G 19 15.79 -19.36 -24.92
CA SER G 19 15.21 -20.14 -23.86
C SER G 19 16.36 -20.86 -23.12
N PRO G 20 16.16 -21.20 -21.83
CA PRO G 20 17.20 -21.89 -21.06
C PRO G 20 17.43 -23.30 -21.63
N PHE G 21 16.38 -23.84 -22.24
CA PHE G 21 16.43 -25.17 -22.81
C PHE G 21 17.14 -25.25 -24.16
N GLU G 22 17.45 -24.10 -24.74
CA GLU G 22 18.14 -24.10 -26.01
C GLU G 22 19.62 -23.85 -25.77
N GLN G 23 20.02 -23.66 -24.52
CA GLN G 23 21.42 -23.38 -24.27
C GLN G 23 22.04 -24.12 -23.13
N ARG G 24 23.36 -24.01 -23.06
CA ARG G 24 24.15 -24.66 -22.02
C ARG G 24 24.08 -23.82 -20.76
N ALA G 25 24.03 -24.48 -19.61
CA ALA G 25 23.96 -23.79 -18.34
C ALA G 25 25.29 -23.19 -17.96
N ILE G 26 26.35 -23.95 -18.17
CA ILE G 26 27.70 -23.51 -17.84
C ILE G 26 28.56 -23.73 -19.05
N PRO G 27 28.48 -22.84 -20.04
CA PRO G 27 29.24 -22.88 -21.29
C PRO G 27 30.61 -22.21 -21.27
N ASN G 28 31.48 -22.68 -22.16
CA ASN G 28 32.84 -22.14 -22.33
C ASN G 28 33.65 -21.97 -21.06
N ILE G 29 33.68 -23.02 -20.24
CA ILE G 29 34.41 -22.99 -18.99
C ILE G 29 35.88 -22.64 -19.18
N PHE G 30 36.52 -23.27 -20.15
CA PHE G 30 37.93 -23.01 -20.38
C PHE G 30 38.23 -21.85 -21.31
N SER G 31 37.40 -21.62 -22.30
CA SER G 31 37.68 -20.51 -23.20
C SER G 31 37.23 -19.16 -22.64
N ASP G 32 36.30 -19.18 -21.68
CA ASP G 32 35.78 -17.93 -21.13
C ASP G 32 35.74 -17.79 -19.61
N ALA G 33 35.07 -18.72 -18.96
CA ALA G 33 34.94 -18.66 -17.51
C ALA G 33 36.25 -18.46 -16.77
N LEU G 34 37.09 -19.50 -16.77
CA LEU G 34 38.38 -19.46 -16.06
C LEU G 34 39.26 -18.28 -16.46
N PRO G 35 39.45 -18.05 -17.76
CA PRO G 35 40.27 -16.91 -18.14
C PRO G 35 39.82 -15.65 -17.41
N ASN G 36 38.51 -15.49 -17.24
CA ASN G 36 37.95 -14.32 -16.55
C ASN G 36 38.15 -14.38 -15.03
N VAL G 37 38.10 -15.59 -14.47
CA VAL G 37 38.30 -15.72 -13.04
C VAL G 37 39.71 -15.25 -12.77
N TRP G 38 40.63 -15.59 -13.68
CA TRP G 38 42.00 -15.15 -13.49
C TRP G 38 42.08 -13.64 -13.58
N ARG G 39 41.43 -13.07 -14.59
CA ARG G 39 41.40 -11.62 -14.80
C ARG G 39 40.96 -10.92 -13.53
N ARG G 40 39.81 -11.35 -13.02
CA ARG G 40 39.24 -10.79 -11.81
C ARG G 40 40.18 -10.93 -10.64
N PHE G 41 40.69 -12.13 -10.44
CA PHE G 41 41.60 -12.37 -9.32
C PHE G 41 42.75 -11.39 -9.40
N SER G 42 43.43 -11.41 -10.54
CA SER G 42 44.59 -10.57 -10.79
C SER G 42 44.36 -9.10 -10.48
N SER G 43 43.28 -8.57 -11.02
CA SER G 43 42.97 -7.16 -10.83
C SER G 43 42.60 -6.73 -9.42
N GLN G 44 42.55 -7.67 -8.48
CA GLN G 44 42.20 -7.30 -7.12
C GLN G 44 43.21 -7.73 -6.05
N VAL G 45 44.06 -8.69 -6.38
CA VAL G 45 45.07 -9.18 -5.45
C VAL G 45 45.96 -8.11 -4.81
N PHE G 46 46.41 -7.14 -5.58
CA PHE G 46 47.27 -6.13 -4.99
C PHE G 46 46.50 -5.02 -4.29
N LYS G 47 45.17 -5.11 -4.28
CA LYS G 47 44.36 -4.12 -3.57
C LYS G 47 44.02 -4.77 -2.23
N VAL G 48 43.64 -6.04 -2.29
CA VAL G 48 43.26 -6.80 -1.11
C VAL G 48 44.46 -7.35 -0.33
N ALA G 49 45.15 -8.34 -0.91
CA ALA G 49 46.28 -9.00 -0.27
C ALA G 49 47.19 -8.14 0.62
N PRO G 50 47.75 -7.04 0.09
CA PRO G 50 48.64 -6.17 0.87
C PRO G 50 48.24 -5.96 2.33
N PRO G 51 47.10 -5.29 2.60
CA PRO G 51 46.78 -5.10 4.02
C PRO G 51 46.66 -6.37 4.85
N PHE G 52 46.22 -7.46 4.25
CA PHE G 52 46.10 -8.70 5.00
C PHE G 52 47.50 -9.26 5.28
N LEU G 53 48.40 -9.07 4.34
CA LEU G 53 49.78 -9.51 4.52
C LEU G 53 50.32 -8.71 5.70
N GLY G 54 50.11 -7.39 5.68
CA GLY G 54 50.58 -6.56 6.78
C GLY G 54 50.06 -7.05 8.12
N ALA G 55 48.77 -7.35 8.20
CA ALA G 55 48.18 -7.82 9.45
C ALA G 55 48.83 -9.14 9.85
N TYR G 56 49.03 -10.01 8.89
CA TYR G 56 49.65 -11.28 9.17
C TYR G 56 51.03 -11.13 9.78
N LEU G 57 51.82 -10.20 9.27
CA LEU G 57 53.15 -9.98 9.81
C LEU G 57 53.02 -9.51 11.24
N LEU G 58 52.29 -8.40 11.45
CA LEU G 58 52.09 -7.85 12.81
C LEU G 58 51.67 -8.97 13.78
N TYR G 59 50.79 -9.85 13.33
CA TYR G 59 50.37 -10.97 14.15
C TYR G 59 51.60 -11.78 14.53
N SER G 60 52.29 -12.32 13.53
CA SER G 60 53.51 -13.11 13.74
C SER G 60 54.44 -12.44 14.73
N TRP G 61 54.82 -11.21 14.43
CA TRP G 61 55.71 -10.51 15.32
C TRP G 61 55.19 -10.50 16.75
N GLY G 62 54.10 -9.79 16.98
CA GLY G 62 53.54 -9.70 18.31
C GLY G 62 53.41 -11.03 19.01
N THR G 63 53.11 -12.10 18.28
CA THR G 63 52.99 -13.38 18.93
C THR G 63 54.36 -13.82 19.37
N GLN G 64 55.32 -13.80 18.45
CA GLN G 64 56.68 -14.21 18.77
C GLN G 64 57.27 -13.33 19.86
N GLU G 65 57.07 -12.03 19.75
CA GLU G 65 57.61 -11.12 20.74
C GLU G 65 57.07 -11.44 22.12
N PHE G 66 55.81 -11.84 22.20
CA PHE G 66 55.17 -12.15 23.47
C PHE G 66 55.80 -13.37 24.13
N GLU G 67 56.08 -14.38 23.34
CA GLU G 67 56.68 -15.61 23.81
C GLU G 67 58.15 -15.39 24.15
N ARG G 68 58.80 -14.49 23.42
CA ARG G 68 60.20 -14.18 23.63
C ARG G 68 60.37 -13.55 25.01
N LEU G 69 59.40 -12.76 25.42
CA LEU G 69 59.46 -12.10 26.71
C LEU G 69 59.11 -13.02 27.85
N LYS G 70 58.91 -14.30 27.56
CA LYS G 70 58.59 -15.28 28.58
C LYS G 70 59.85 -16.07 28.90
N ARG G 71 60.79 -16.03 27.96
CA ARG G 71 62.06 -16.72 28.09
C ARG G 71 62.95 -16.09 29.16
N LYS G 72 63.95 -16.83 29.62
CA LYS G 72 64.85 -16.33 30.64
C LYS G 72 65.98 -15.56 29.99
N ASN G 73 66.42 -14.51 30.67
CA ASN G 73 67.51 -13.67 30.18
C ASN G 73 68.76 -14.07 30.97
N PRO G 74 69.60 -14.93 30.39
CA PRO G 74 70.84 -15.41 31.03
C PRO G 74 71.63 -14.34 31.77
N ALA G 75 71.57 -13.12 31.26
CA ALA G 75 72.28 -12.00 31.87
C ALA G 75 71.68 -11.54 33.19
N ASP G 76 70.73 -12.28 33.74
CA ASP G 76 70.14 -11.88 35.01
C ASP G 76 70.74 -12.71 36.13
N TYR G 77 71.49 -13.75 35.76
CA TYR G 77 72.07 -14.64 36.76
C TYR G 77 73.56 -14.94 36.54
N GLU G 78 74.23 -14.13 35.74
CA GLU G 78 75.65 -14.36 35.47
C GLU G 78 76.48 -14.28 36.73
N ASN G 79 76.18 -13.31 37.58
CA ASN G 79 76.93 -13.13 38.83
C ASN G 79 76.01 -13.42 39.99
N ASP G 80 75.53 -14.66 40.08
CA ASP G 80 74.60 -14.99 41.15
C ASP G 80 75.16 -15.71 42.37
N GLN G 81 76.10 -16.62 42.17
CA GLN G 81 76.69 -17.33 43.32
C GLN G 81 75.66 -18.10 44.18
CA GLU H 8 62.68 -66.08 31.20
C GLU H 8 62.11 -65.44 29.93
N GLU H 9 60.81 -65.14 29.96
CA GLU H 9 60.12 -64.52 28.81
C GLU H 9 59.05 -63.51 29.27
N GLU H 10 58.15 -63.95 30.14
CA GLU H 10 57.06 -63.12 30.65
C GLU H 10 57.57 -61.97 31.56
N GLU H 11 57.02 -60.78 31.36
CA GLU H 11 57.39 -59.59 32.13
C GLU H 11 56.59 -58.38 31.65
N LEU H 12 55.88 -57.72 32.57
CA LEU H 12 55.06 -56.57 32.17
C LEU H 12 55.85 -55.27 32.11
N VAL H 13 56.02 -54.74 30.90
CA VAL H 13 56.73 -53.49 30.66
C VAL H 13 55.82 -52.51 29.93
N ASP H 14 55.70 -51.30 30.49
CA ASP H 14 54.85 -50.28 29.89
C ASP H 14 55.53 -49.66 28.67
N PRO H 15 54.94 -49.83 27.49
CA PRO H 15 55.55 -49.27 26.28
C PRO H 15 55.97 -47.81 26.42
N LEU H 16 55.24 -47.04 27.22
CA LEU H 16 55.58 -45.64 27.39
C LEU H 16 57.04 -45.46 27.85
N THR H 17 57.53 -46.42 28.63
CA THR H 17 58.90 -46.39 29.14
C THR H 17 59.87 -46.64 28.00
N THR H 18 59.62 -47.73 27.29
CA THR H 18 60.42 -48.12 26.14
C THR H 18 60.59 -46.93 25.21
N ILE H 19 59.45 -46.49 24.66
CA ILE H 19 59.41 -45.39 23.73
C ILE H 19 60.05 -44.13 24.26
N ARG H 20 59.81 -43.81 25.52
CA ARG H 20 60.39 -42.61 26.08
C ARG H 20 61.91 -42.67 26.00
N GLU H 21 62.48 -43.83 26.30
CA GLU H 21 63.94 -43.99 26.27
C GLU H 21 64.45 -43.86 24.84
N HIS H 22 63.66 -44.37 23.90
CA HIS H 22 64.06 -44.28 22.51
C HIS H 22 64.09 -42.83 22.02
N CYS H 23 63.01 -42.10 22.27
CA CYS H 23 62.92 -40.71 21.85
C CYS H 23 63.95 -39.80 22.51
N GLU H 24 64.41 -40.15 23.70
CA GLU H 24 65.39 -39.32 24.39
C GLU H 24 66.76 -39.38 23.73
N GLN H 25 66.87 -40.26 22.75
CA GLN H 25 68.10 -40.43 22.01
C GLN H 25 67.91 -39.80 20.65
N THR H 26 67.10 -38.75 20.61
CA THR H 26 66.84 -37.99 19.41
C THR H 26 67.64 -36.72 19.52
N GLU H 27 68.11 -36.21 18.40
CA GLU H 27 68.92 -35.00 18.39
C GLU H 27 68.27 -33.85 19.17
N LYS H 28 67.00 -33.56 18.86
CA LYS H 28 66.29 -32.48 19.53
C LYS H 28 66.24 -32.68 21.05
N CYS H 29 66.00 -33.93 21.45
CA CYS H 29 65.93 -34.28 22.87
C CYS H 29 67.30 -34.18 23.50
N VAL H 30 68.28 -34.79 22.83
CA VAL H 30 69.65 -34.77 23.31
C VAL H 30 70.11 -33.33 23.55
N LYS H 31 69.90 -32.47 22.56
CA LYS H 31 70.29 -31.08 22.71
C LYS H 31 69.58 -30.43 23.90
N ALA H 32 68.27 -30.63 23.98
CA ALA H 32 67.47 -30.08 25.08
C ALA H 32 67.95 -30.64 26.39
N ARG H 33 68.06 -31.96 26.46
CA ARG H 33 68.52 -32.60 27.68
C ARG H 33 69.84 -31.96 28.13
N GLU H 34 70.71 -31.73 27.17
CA GLU H 34 72.01 -31.14 27.41
C GLU H 34 71.90 -29.77 28.09
N ARG H 35 71.09 -28.90 27.50
CA ARG H 35 70.91 -27.56 28.08
C ARG H 35 70.25 -27.64 29.45
N LEU H 36 69.43 -28.66 29.68
CA LEU H 36 68.76 -28.81 30.97
C LEU H 36 69.79 -29.12 32.05
N GLU H 37 70.63 -30.11 31.79
CA GLU H 37 71.66 -30.49 32.75
C GLU H 37 72.56 -29.31 33.08
N LEU H 38 72.88 -28.50 32.07
CA LEU H 38 73.73 -27.33 32.31
C LEU H 38 73.05 -26.37 33.27
N CYS H 39 71.75 -26.14 33.07
CA CYS H 39 71.01 -25.26 33.95
C CYS H 39 70.99 -25.88 35.35
N ASP H 40 70.49 -27.11 35.42
CA ASP H 40 70.38 -27.80 36.70
C ASP H 40 71.67 -27.66 37.47
N ALA H 41 72.77 -28.00 36.81
CA ALA H 41 74.09 -27.92 37.40
C ALA H 41 74.35 -26.55 38.01
N ARG H 42 74.27 -25.49 37.23
CA ARG H 42 74.58 -24.19 37.81
C ARG H 42 73.61 -23.72 38.88
N VAL H 43 72.33 -23.98 38.69
CA VAL H 43 71.35 -23.56 39.68
C VAL H 43 71.58 -24.32 41.00
N SER H 44 71.84 -25.63 40.89
CA SER H 44 72.08 -26.48 42.06
C SER H 44 73.33 -26.05 42.81
N SER H 45 74.33 -25.58 42.09
CA SER H 45 75.57 -25.15 42.70
C SER H 45 75.50 -23.80 43.41
N ARG H 46 74.42 -23.04 43.20
CA ARG H 46 74.32 -21.72 43.79
C ARG H 46 73.42 -21.59 45.01
N SER H 47 73.76 -20.68 45.91
CA SER H 47 72.99 -20.49 47.13
C SER H 47 72.16 -19.22 47.21
N HIS H 48 72.18 -18.42 46.14
CA HIS H 48 71.41 -17.18 46.15
C HIS H 48 71.08 -16.74 44.71
N THR H 49 70.27 -17.55 44.03
CA THR H 49 69.90 -17.25 42.65
C THR H 49 68.38 -17.46 42.45
N GLU H 50 67.76 -16.61 41.67
CA GLU H 50 66.32 -16.73 41.42
C GLU H 50 66.06 -17.73 40.30
N GLU H 51 67.05 -17.97 39.46
CA GLU H 51 66.92 -18.89 38.34
C GLU H 51 66.24 -20.23 38.65
N GLN H 52 65.57 -20.79 37.63
CA GLN H 52 64.87 -22.08 37.71
C GLN H 52 65.00 -22.74 36.35
N CYS H 53 64.94 -24.07 36.29
CA CYS H 53 65.08 -24.73 35.01
C CYS H 53 63.78 -25.20 34.38
N THR H 54 62.69 -24.54 34.72
CA THR H 54 61.38 -24.89 34.19
C THR H 54 61.39 -24.81 32.67
N GLU H 55 61.94 -23.73 32.14
CA GLU H 55 62.01 -23.53 30.70
C GLU H 55 62.77 -24.62 29.94
N GLU H 56 63.94 -24.99 30.45
CA GLU H 56 64.72 -26.02 29.78
C GLU H 56 64.01 -27.35 29.93
N LEU H 57 63.35 -27.53 31.07
CA LEU H 57 62.64 -28.77 31.31
C LEU H 57 61.52 -28.90 30.30
N PHE H 58 60.79 -27.82 30.12
CA PHE H 58 59.68 -27.81 29.18
C PHE H 58 60.18 -28.04 27.76
N ASP H 59 61.27 -27.36 27.39
CA ASP H 59 61.83 -27.55 26.05
C ASP H 59 62.07 -29.02 25.83
N PHE H 60 62.60 -29.68 26.86
CA PHE H 60 62.91 -31.09 26.77
C PHE H 60 61.67 -31.97 26.71
N LEU H 61 60.81 -31.81 27.70
CA LEU H 61 59.58 -32.58 27.77
C LEU H 61 58.76 -32.36 26.51
N HIS H 62 58.76 -31.13 26.02
CA HIS H 62 58.00 -30.84 24.83
C HIS H 62 58.51 -31.62 23.64
N ALA H 63 59.83 -31.66 23.47
CA ALA H 63 60.43 -32.38 22.34
C ALA H 63 60.27 -33.89 22.48
N ARG H 64 60.54 -34.39 23.68
CA ARG H 64 60.42 -35.82 23.93
C ARG H 64 59.01 -36.32 23.67
N ASP H 65 58.07 -35.71 24.38
CA ASP H 65 56.68 -36.07 24.30
C ASP H 65 56.04 -35.94 22.92
N HIS H 66 56.45 -34.96 22.12
CA HIS H 66 55.87 -34.83 20.80
C HIS H 66 56.23 -36.09 20.03
N CYS H 67 57.46 -36.53 20.23
CA CYS H 67 58.00 -37.72 19.60
C CYS H 67 57.22 -38.96 20.09
N VAL H 68 57.03 -39.06 21.40
CA VAL H 68 56.30 -40.18 21.99
C VAL H 68 54.91 -40.35 21.37
N ALA H 69 54.19 -39.23 21.25
CA ALA H 69 52.84 -39.21 20.71
C ALA H 69 52.69 -39.94 19.39
N HIS H 70 53.72 -39.93 18.55
CA HIS H 70 53.66 -40.61 17.26
C HIS H 70 53.69 -42.13 17.32
N LYS H 71 54.43 -42.68 18.27
CA LYS H 71 54.55 -44.13 18.37
C LYS H 71 53.71 -44.81 19.45
N LEU H 72 53.67 -44.21 20.63
CA LEU H 72 52.96 -44.78 21.76
C LEU H 72 51.66 -45.54 21.51
N PHE H 73 50.71 -44.94 20.79
CA PHE H 73 49.45 -45.63 20.60
C PHE H 73 49.52 -46.84 19.70
N ASN H 74 50.57 -46.93 18.89
CA ASN H 74 50.73 -48.08 18.02
C ASN H 74 50.90 -49.31 18.86
N LYS H 75 51.55 -49.14 20.00
CA LYS H 75 51.84 -50.24 20.90
C LYS H 75 50.79 -50.49 21.98
N LEU H 76 49.77 -49.64 22.04
CA LEU H 76 48.73 -49.80 23.06
C LEU H 76 47.55 -50.49 22.41
N LYS H 77 46.62 -51.00 23.22
CA LYS H 77 45.46 -51.68 22.69
C LYS H 77 44.24 -50.76 22.73
N UNK I 1 -17.90 -10.75 -39.41
CA UNK I 1 -17.17 -11.44 -38.31
C UNK I 1 -16.31 -12.59 -38.83
N UNK I 2 -15.23 -12.23 -39.52
CA UNK I 2 -14.29 -13.21 -40.08
C UNK I 2 -13.20 -12.45 -40.86
N UNK I 3 -13.13 -11.14 -40.63
CA UNK I 3 -12.15 -10.28 -41.29
C UNK I 3 -12.21 -8.86 -40.69
N UNK I 4 -11.06 -8.22 -40.56
CA UNK I 4 -11.07 -6.88 -40.01
C UNK I 4 -9.76 -6.32 -39.49
N UNK I 5 -9.61 -6.31 -38.16
CA UNK I 5 -8.42 -5.80 -37.50
C UNK I 5 -8.48 -4.29 -37.29
N UNK I 6 -8.86 -3.84 -36.10
CA UNK I 6 -8.98 -2.40 -35.83
C UNK I 6 -7.85 -1.80 -35.00
N UNK I 7 -7.34 -0.66 -35.45
CA UNK I 7 -6.26 0.03 -34.79
C UNK I 7 -6.67 0.65 -33.44
N UNK I 8 -5.92 1.67 -32.99
CA UNK I 8 -6.20 2.36 -31.73
C UNK I 8 -5.60 3.76 -31.68
N UNK I 9 -6.20 4.61 -30.86
CA UNK I 9 -5.69 5.98 -30.76
C UNK I 9 -5.79 6.55 -29.35
N UNK I 10 -5.57 7.84 -29.24
CA UNK I 10 -5.62 8.54 -27.97
C UNK I 10 -7.03 8.99 -27.62
N UNK I 11 -7.10 9.97 -26.73
CA UNK I 11 -8.36 10.53 -26.29
C UNK I 11 -8.09 11.75 -25.46
N UNK I 12 -8.99 12.05 -24.51
CA UNK I 12 -8.87 13.20 -23.61
C UNK I 12 -8.05 14.32 -24.26
N UNK I 13 -8.36 14.59 -25.53
CA UNK I 13 -7.64 15.61 -26.27
C UNK I 13 -6.58 14.97 -27.14
N UNK I 14 -5.39 15.57 -27.14
CA UNK I 14 -4.29 15.04 -27.93
C UNK I 14 -3.01 14.87 -27.13
N UNK I 15 -1.96 14.41 -27.80
CA UNK I 15 -0.68 14.22 -27.14
C UNK I 15 0.23 13.25 -27.87
CA ARG I 16 1.64 3.44 -41.61
C ARG I 16 1.25 4.71 -42.38
N PRO I 17 2.25 5.45 -42.90
CA PRO I 17 2.05 6.69 -43.67
C PRO I 17 2.16 6.51 -45.19
N LEU I 18 2.18 7.65 -45.88
CA LEU I 18 2.28 7.68 -47.35
C LEU I 18 3.52 8.49 -47.75
N LEU I 19 4.39 7.90 -48.57
CA LEU I 19 5.60 8.57 -49.00
C LEU I 19 5.89 8.43 -50.50
N CYS I 20 5.07 7.64 -51.20
CA CYS I 20 5.25 7.44 -52.64
C CYS I 20 3.92 7.39 -53.40
N ARG I 21 3.94 7.72 -54.69
CA ARG I 21 2.74 7.70 -55.52
C ARG I 21 2.06 6.33 -55.48
N GLU I 22 2.88 5.29 -55.57
CA GLU I 22 2.41 3.91 -55.57
C GLU I 22 1.42 3.60 -54.43
N SER I 23 1.85 3.87 -53.19
CA SER I 23 1.02 3.62 -52.01
C SER I 23 -0.20 4.51 -51.95
N MET I 24 0.00 5.79 -52.26
CA MET I 24 -1.08 6.77 -52.24
C MET I 24 -2.21 6.47 -53.22
N SER I 25 -1.88 5.85 -54.35
CA SER I 25 -2.89 5.52 -55.35
C SER I 25 -4.00 4.66 -54.73
N GLY I 26 -5.21 5.23 -54.68
CA GLY I 26 -6.36 4.56 -54.12
C GLY I 26 -6.84 5.27 -52.86
N ARG I 27 -5.99 6.12 -52.29
CA ARG I 27 -6.35 6.84 -51.07
C ARG I 27 -7.22 8.06 -51.33
N SER I 28 -7.34 8.47 -52.60
CA SER I 28 -8.17 9.63 -52.92
C SER I 28 -9.65 9.25 -52.75
N ALA I 29 -10.46 10.22 -52.34
CA ALA I 29 -11.88 9.96 -52.12
C ALA I 29 -12.50 9.43 -53.39
N ARG I 30 -13.16 8.29 -53.26
CA ARG I 30 -13.79 7.65 -54.40
C ARG I 30 -15.24 8.07 -54.54
N ARG I 31 -16.04 7.80 -53.50
CA ARG I 31 -17.46 8.13 -53.55
C ARG I 31 -18.05 8.56 -52.19
N ASP I 32 -19.28 8.11 -51.94
CA ASP I 32 -20.00 8.42 -50.71
C ASP I 32 -19.38 7.71 -49.51
N LEU I 33 -18.99 8.47 -48.49
CA LEU I 33 -18.40 7.87 -47.31
C LEU I 33 -19.42 6.96 -46.63
N VAL I 34 -19.00 5.74 -46.30
CA VAL I 34 -19.90 4.81 -45.61
C VAL I 34 -19.31 4.47 -44.26
N ALA I 35 -20.16 4.10 -43.31
CA ALA I 35 -19.70 3.75 -41.97
C ALA I 35 -20.29 2.43 -41.54
N GLY I 36 -19.45 1.49 -41.14
CA GLY I 36 -19.96 0.20 -40.73
C GLY I 36 -19.59 -0.13 -39.29
N ILE I 37 -20.49 -0.85 -38.62
CA ILE I 37 -20.28 -1.26 -37.26
C ILE I 37 -20.72 -2.71 -37.13
N SER I 38 -19.83 -3.54 -36.63
CA SER I 38 -20.16 -4.93 -36.51
C SER I 38 -20.32 -5.36 -35.06
N LEU I 39 -20.95 -6.52 -34.89
CA LEU I 39 -21.19 -7.11 -33.58
C LEU I 39 -19.97 -7.87 -33.10
N ASN I 40 -19.28 -8.52 -34.04
CA ASN I 40 -18.09 -9.31 -33.69
C ASN I 40 -16.96 -9.18 -34.69
N ALA I 41 -16.85 -8.01 -35.31
CA ALA I 41 -15.82 -7.72 -36.30
C ALA I 41 -15.48 -6.23 -36.20
N PRO I 42 -14.41 -5.79 -36.87
CA PRO I 42 -13.99 -4.38 -36.84
C PRO I 42 -15.00 -3.37 -37.36
N ALA I 43 -14.78 -2.11 -36.99
CA ALA I 43 -15.64 -1.03 -37.48
C ALA I 43 -14.97 -0.66 -38.79
N SER I 44 -15.72 -0.14 -39.75
CA SER I 44 -15.15 0.23 -41.03
C SER I 44 -15.59 1.59 -41.56
N VAL I 45 -15.02 1.96 -42.71
CA VAL I 45 -15.32 3.23 -43.36
C VAL I 45 -14.85 3.18 -44.83
N ARG I 46 -15.50 3.96 -45.71
CA ARG I 46 -15.15 4.03 -47.12
C ARG I 46 -14.89 5.46 -47.55
N ALA J 1 16.52 -43.64 -25.00
CA ALA J 1 15.60 -42.46 -24.93
C ALA J 1 15.07 -42.32 -23.51
N LEU J 2 15.92 -42.50 -22.51
CA LEU J 2 15.47 -42.39 -21.13
C LEU J 2 15.01 -40.98 -20.79
N LEU J 3 15.79 -39.99 -21.22
CA LEU J 3 15.46 -38.61 -20.93
C LEU J 3 14.12 -38.31 -21.56
N ARG J 4 13.96 -38.78 -22.79
CA ARG J 4 12.75 -38.58 -23.55
C ARG J 4 11.56 -39.28 -22.88
N GLN J 5 11.75 -40.56 -22.51
CA GLN J 5 10.69 -41.34 -21.88
C GLN J 5 10.35 -40.76 -20.52
N ALA J 6 11.41 -40.41 -19.78
CA ALA J 6 11.28 -39.83 -18.44
C ALA J 6 10.46 -38.55 -18.52
N TYR J 7 10.79 -37.70 -19.50
CA TYR J 7 10.07 -36.45 -19.68
C TYR J 7 8.58 -36.63 -19.92
N SER J 8 8.22 -37.45 -20.90
CA SER J 8 6.83 -37.69 -21.26
C SER J 8 5.99 -38.36 -20.18
N ALA J 9 6.57 -39.35 -19.53
CA ALA J 9 5.87 -40.10 -18.49
C ALA J 9 5.86 -39.49 -17.09
N LEU J 10 6.98 -38.87 -16.70
CA LEU J 10 7.08 -38.32 -15.36
C LEU J 10 7.10 -36.80 -15.25
N PHE J 11 7.96 -36.16 -16.03
CA PHE J 11 8.14 -34.71 -15.94
C PHE J 11 7.18 -33.78 -16.68
N ARG J 12 6.38 -34.28 -17.60
CA ARG J 12 5.46 -33.42 -18.33
C ARG J 12 4.30 -32.87 -17.49
N ARG J 13 3.46 -33.76 -16.98
CA ARG J 13 2.35 -33.32 -16.15
C ARG J 13 2.84 -32.99 -14.76
N THR J 14 2.44 -31.84 -14.25
CA THR J 14 2.85 -31.42 -12.93
C THR J 14 2.44 -32.44 -11.87
N SER J 15 1.36 -33.17 -12.13
CA SER J 15 0.89 -34.19 -11.19
C SER J 15 1.86 -35.34 -11.11
N THR J 16 2.23 -35.91 -12.27
CA THR J 16 3.16 -37.03 -12.31
C THR J 16 4.54 -36.65 -11.78
N PHE J 17 4.89 -35.38 -11.95
CA PHE J 17 6.18 -34.89 -11.48
C PHE J 17 6.20 -34.99 -9.96
N ALA J 18 5.07 -34.68 -9.32
CA ALA J 18 4.99 -34.76 -7.87
C ALA J 18 5.05 -36.20 -7.34
N LEU J 19 4.35 -37.12 -8.00
CA LEU J 19 4.38 -38.51 -7.56
C LEU J 19 5.78 -39.06 -7.72
N THR J 20 6.46 -38.63 -8.77
CA THR J 20 7.82 -39.09 -9.04
C THR J 20 8.77 -38.63 -7.94
N VAL J 21 8.51 -37.44 -7.41
CA VAL J 21 9.35 -36.90 -6.35
C VAL J 21 9.11 -37.63 -5.04
N VAL J 22 7.88 -38.08 -4.83
CA VAL J 22 7.57 -38.80 -3.61
C VAL J 22 8.17 -40.20 -3.60
N LEU J 23 7.90 -40.97 -4.65
CA LEU J 23 8.45 -42.32 -4.75
C LEU J 23 9.97 -42.22 -4.84
N GLY J 24 10.44 -41.16 -5.48
CA GLY J 24 11.87 -40.98 -5.60
C GLY J 24 12.48 -40.81 -4.22
N ALA J 25 11.86 -39.98 -3.39
CA ALA J 25 12.35 -39.74 -2.06
C ALA J 25 12.33 -41.04 -1.25
N VAL J 26 11.25 -41.79 -1.38
CA VAL J 26 11.11 -43.06 -0.69
C VAL J 26 12.22 -44.03 -1.05
N LEU J 27 12.44 -44.22 -2.33
CA LEU J 27 13.48 -45.14 -2.75
C LEU J 27 14.85 -44.60 -2.39
N PHE J 28 15.02 -43.30 -2.52
CA PHE J 28 16.30 -42.67 -2.20
C PHE J 28 16.63 -42.85 -0.73
N GLU J 29 15.66 -42.59 0.13
CA GLU J 29 15.87 -42.71 1.57
C GLU J 29 16.37 -44.09 1.96
N ARG J 30 15.62 -45.10 1.56
CA ARG J 30 15.96 -46.49 1.85
C ARG J 30 17.39 -46.78 1.41
N ALA J 31 17.70 -46.47 0.16
CA ALA J 31 19.03 -46.74 -0.34
C ALA J 31 20.12 -45.88 0.29
N PHE J 32 19.86 -44.58 0.44
CA PHE J 32 20.85 -43.69 1.01
C PHE J 32 21.18 -44.03 2.46
N ASP J 33 20.17 -44.31 3.26
CA ASP J 33 20.45 -44.62 4.65
C ASP J 33 21.30 -45.85 4.75
N GLN J 34 20.84 -46.95 4.18
CA GLN J 34 21.57 -48.22 4.22
C GLN J 34 22.98 -48.08 3.69
N GLY J 35 23.15 -47.34 2.61
CA GLY J 35 24.47 -47.15 2.05
C GLY J 35 25.38 -46.36 2.97
N ALA J 36 24.87 -45.24 3.48
CA ALA J 36 25.63 -44.38 4.39
C ALA J 36 25.96 -45.15 5.66
N ASP J 37 24.97 -45.85 6.19
CA ASP J 37 25.16 -46.62 7.41
C ASP J 37 26.23 -47.69 7.19
N ALA J 38 26.36 -48.16 5.96
CA ALA J 38 27.36 -49.18 5.65
C ALA J 38 28.74 -48.52 5.66
N ILE J 39 28.89 -47.49 4.84
CA ILE J 39 30.13 -46.74 4.75
C ILE J 39 30.66 -46.37 6.14
N PHE J 40 29.75 -46.00 7.03
CA PHE J 40 30.16 -45.62 8.36
C PHE J 40 30.69 -46.81 9.16
N GLU J 41 29.88 -47.85 9.24
CA GLU J 41 30.25 -49.04 9.96
C GLU J 41 31.52 -49.68 9.39
N HIS J 42 31.68 -49.60 8.08
CA HIS J 42 32.86 -50.17 7.47
C HIS J 42 34.10 -49.40 7.89
N LEU J 43 34.01 -48.08 7.92
CA LEU J 43 35.15 -47.27 8.33
C LEU J 43 35.45 -47.45 9.81
N ASN J 44 34.60 -48.18 10.52
CA ASN J 44 34.80 -48.37 11.94
C ASN J 44 34.73 -49.83 12.40
N GLU J 45 35.04 -50.76 11.51
CA GLU J 45 34.97 -52.17 11.84
C GLU J 45 35.61 -52.49 13.17
N GLY J 46 34.90 -53.30 13.97
CA GLY J 46 35.38 -53.72 15.26
C GLY J 46 35.25 -52.75 16.42
N LYS J 47 34.76 -51.54 16.17
CA LYS J 47 34.65 -50.55 17.24
C LYS J 47 33.27 -50.33 17.82
N LEU J 48 32.23 -50.62 17.05
CA LEU J 48 30.88 -50.40 17.53
C LEU J 48 30.37 -51.50 18.45
N TRP J 49 29.36 -51.22 19.25
CA TRP J 49 28.82 -52.24 20.13
C TRP J 49 28.26 -53.36 19.25
N LYS J 50 27.88 -53.00 18.04
CA LYS J 50 27.36 -53.96 17.07
C LYS J 50 28.41 -55.07 16.92
N HIS J 51 29.67 -54.65 16.86
CA HIS J 51 30.81 -55.54 16.67
C HIS J 51 31.27 -56.30 17.92
N ILE J 52 31.21 -55.63 19.07
CA ILE J 52 31.65 -56.18 20.35
C ILE J 52 30.58 -57.04 20.99
N LYS J 53 29.34 -56.58 20.93
CA LYS J 53 28.20 -57.26 21.52
C LYS J 53 28.28 -58.76 21.76
N HIS J 54 28.55 -59.55 20.72
CA HIS J 54 28.60 -61.01 20.84
C HIS J 54 29.38 -61.58 22.02
N LYS J 55 30.45 -60.89 22.42
CA LYS J 55 31.29 -61.32 23.53
C LYS J 55 30.56 -61.39 24.88
N TYR J 56 29.69 -60.43 25.15
CA TYR J 56 28.99 -60.41 26.42
C TYR J 56 27.53 -60.75 26.30
N GLU J 57 27.04 -60.80 25.07
CA GLU J 57 25.64 -61.09 24.79
C GLU J 57 25.32 -62.53 25.20
N ALA J 58 25.31 -62.77 26.51
CA ALA J 58 25.03 -64.08 27.08
C ALA J 58 26.13 -65.11 26.72
N SER J 59 27.33 -64.93 27.30
CA SER J 59 28.46 -65.83 27.04
C SER J 59 29.16 -66.42 28.26
N GLU J 60 28.96 -65.85 29.44
CA GLU J 60 29.61 -66.37 30.64
C GLU J 60 28.68 -66.85 31.76
N GLU J 61 29.26 -67.49 32.77
CA GLU J 61 28.55 -68.05 33.94
C GLU J 61 27.35 -68.94 33.59
N THR K 3 11.17 62.27 -6.30
CA THR K 3 11.03 60.99 -5.52
C THR K 3 9.60 60.57 -5.20
N TYR K 4 9.50 59.40 -4.57
CA TYR K 4 8.24 58.80 -4.17
C TYR K 4 7.55 59.66 -3.12
N ALA K 5 8.22 59.83 -1.98
CA ALA K 5 7.69 60.62 -0.86
C ALA K 5 7.11 61.94 -1.36
N GLN K 6 7.90 62.66 -2.14
CA GLN K 6 7.46 63.93 -2.68
C GLN K 6 6.16 63.81 -3.45
N THR K 7 6.07 62.85 -4.37
CA THR K 7 4.85 62.70 -5.14
C THR K 7 3.62 62.51 -4.25
N LEU K 8 3.81 61.86 -3.11
CA LEU K 8 2.70 61.65 -2.20
C LEU K 8 2.24 62.96 -1.53
N GLN K 9 3.20 63.80 -1.18
CA GLN K 9 2.89 65.08 -0.55
C GLN K 9 2.27 66.07 -1.53
N ASN K 10 2.71 66.02 -2.79
CA ASN K 10 2.20 66.94 -3.78
C ASN K 10 0.84 66.59 -4.37
N ILE K 11 0.21 65.54 -3.89
CA ILE K 11 -1.10 65.18 -4.42
C ILE K 11 -2.14 66.14 -3.89
N PRO K 12 -2.94 66.73 -4.79
CA PRO K 12 -3.99 67.68 -4.39
C PRO K 12 -4.83 67.13 -3.24
N GLU K 13 -5.13 68.00 -2.28
CA GLU K 13 -5.92 67.60 -1.12
C GLU K 13 -7.38 67.37 -1.47
N THR K 14 -8.05 66.57 -0.65
CA THR K 14 -9.46 66.29 -0.89
C THR K 14 -10.27 67.29 -0.08
N ASN K 15 -11.14 68.02 -0.77
CA ASN K 15 -11.96 69.04 -0.10
C ASN K 15 -13.35 68.53 0.27
N VAL K 16 -13.77 68.87 1.48
CA VAL K 16 -15.07 68.47 2.00
C VAL K 16 -15.84 69.64 2.61
N THR K 17 -17.15 69.67 2.37
CA THR K 17 -18.03 70.70 2.90
C THR K 17 -19.38 70.04 3.15
N THR K 18 -20.15 70.60 4.08
CA THR K 18 -21.46 70.03 4.41
C THR K 18 -22.64 71.00 4.25
N LEU K 19 -23.66 70.56 3.51
CA LEU K 19 -24.88 71.34 3.33
C LEU K 19 -25.70 71.01 4.57
N ASP K 20 -25.86 71.98 5.47
CA ASP K 20 -26.59 71.75 6.73
C ASP K 20 -27.89 70.95 6.68
N ASN K 21 -28.26 70.44 5.50
CA ASN K 21 -29.45 69.61 5.39
C ASN K 21 -28.97 68.19 5.75
N GLY K 22 -27.65 68.07 5.92
CA GLY K 22 -27.02 66.80 6.28
C GLY K 22 -26.06 66.17 5.30
N LEU K 23 -26.00 66.69 4.08
CA LEU K 23 -25.16 66.10 3.06
C LEU K 23 -23.74 66.63 3.01
N ARG K 24 -22.82 65.75 2.66
CA ARG K 24 -21.40 66.09 2.55
C ARG K 24 -20.97 66.07 1.10
N VAL K 25 -20.18 67.06 0.71
CA VAL K 25 -19.69 67.12 -0.66
C VAL K 25 -18.18 67.13 -0.62
N ALA K 26 -17.59 66.11 -1.23
CA ALA K 26 -16.15 65.98 -1.28
C ALA K 26 -15.66 65.79 -2.70
N SER K 27 -14.43 66.23 -2.96
CA SER K 27 -13.86 66.13 -4.30
C SER K 27 -12.37 66.39 -4.33
N GLU K 28 -11.68 65.67 -5.22
CA GLU K 28 -10.24 65.85 -5.41
C GLU K 28 -10.07 66.39 -6.81
N GLU K 29 -9.36 67.51 -6.92
CA GLU K 29 -9.17 68.19 -8.18
C GLU K 29 -7.89 67.89 -8.94
N SER K 30 -8.04 67.62 -10.22
CA SER K 30 -6.91 67.35 -11.11
C SER K 30 -7.13 68.21 -12.35
N SER K 31 -6.35 67.95 -13.40
CA SER K 31 -6.46 68.73 -14.63
C SER K 31 -7.05 67.93 -15.80
N GLN K 32 -7.94 66.99 -15.50
CA GLN K 32 -8.52 66.16 -16.54
C GLN K 32 -9.84 66.61 -17.13
N PRO K 33 -9.90 66.72 -18.46
CA PRO K 33 -11.09 67.14 -19.20
C PRO K 33 -12.27 66.22 -18.92
N THR K 34 -11.97 65.07 -18.33
CA THR K 34 -12.97 64.08 -17.99
C THR K 34 -13.08 63.99 -16.48
N CYS K 35 -14.20 63.48 -15.97
CA CYS K 35 -14.38 63.35 -14.54
C CYS K 35 -15.50 62.38 -14.18
N THR K 36 -15.55 62.03 -12.90
CA THR K 36 -16.57 61.12 -12.37
C THR K 36 -17.16 61.76 -11.13
N VAL K 37 -18.49 61.74 -11.03
CA VAL K 37 -19.14 62.28 -9.85
C VAL K 37 -20.27 61.33 -9.52
N GLY K 38 -20.52 61.16 -8.22
CA GLY K 38 -21.59 60.27 -7.82
C GLY K 38 -21.94 60.45 -6.38
N VAL K 39 -23.02 59.80 -5.97
CA VAL K 39 -23.48 59.87 -4.60
C VAL K 39 -23.37 58.50 -3.94
N TRP K 40 -22.55 58.44 -2.87
CA TRP K 40 -22.33 57.23 -2.10
C TRP K 40 -23.22 57.24 -0.86
N ILE K 41 -24.18 56.33 -0.83
CA ILE K 41 -25.12 56.24 0.26
C ILE K 41 -24.77 55.13 1.26
N GLY K 42 -24.91 55.44 2.54
CA GLY K 42 -24.68 54.45 3.57
C GLY K 42 -25.95 53.62 3.71
N ALA K 43 -26.20 52.73 2.76
CA ALA K 43 -27.37 51.85 2.81
C ALA K 43 -27.00 50.51 2.17
N GLY K 44 -27.83 49.51 2.41
CA GLY K 44 -27.57 48.19 1.86
C GLY K 44 -28.53 47.15 2.42
N SER K 45 -28.21 45.88 2.18
CA SER K 45 -29.05 44.78 2.65
C SER K 45 -29.00 44.68 4.16
N ARG K 46 -27.92 45.17 4.78
CA ARG K 46 -27.83 45.08 6.23
C ARG K 46 -28.94 45.90 6.88
N TYR K 47 -29.31 47.01 6.24
CA TYR K 47 -30.35 47.87 6.76
C TYR K 47 -31.75 47.33 6.47
N GLU K 48 -31.85 46.28 5.67
CA GLU K 48 -33.15 45.71 5.37
C GLU K 48 -33.51 44.72 6.46
N ASN K 49 -34.59 43.99 6.24
CA ASN K 49 -35.05 43.00 7.18
C ASN K 49 -35.81 41.90 6.45
N GLU K 50 -36.31 40.94 7.21
CA GLU K 50 -37.02 39.81 6.65
C GLU K 50 -38.09 40.09 5.61
N LYS K 51 -38.77 41.22 5.73
CA LYS K 51 -39.84 41.57 4.80
C LYS K 51 -39.43 42.37 3.56
N ASN K 52 -38.47 43.28 3.71
CA ASN K 52 -38.02 44.10 2.60
C ASN K 52 -36.61 43.77 2.13
N ASN K 53 -36.21 42.51 2.26
CA ASN K 53 -34.87 42.09 1.84
C ASN K 53 -34.82 42.10 0.32
N GLY K 54 -33.81 42.77 -0.22
CA GLY K 54 -33.66 42.84 -1.67
C GLY K 54 -34.34 44.05 -2.27
N ALA K 55 -34.77 44.95 -1.39
CA ALA K 55 -35.44 46.17 -1.83
C ALA K 55 -34.38 47.06 -2.43
N GLY K 56 -33.33 47.30 -1.66
CA GLY K 56 -32.24 48.14 -2.14
C GLY K 56 -31.72 47.72 -3.51
N TYR K 57 -31.85 46.43 -3.81
CA TYR K 57 -31.39 45.90 -5.07
C TYR K 57 -32.45 46.25 -6.10
N PHE K 58 -33.71 46.05 -5.73
CA PHE K 58 -34.84 46.33 -6.59
C PHE K 58 -34.79 47.81 -7.01
N VAL K 59 -34.41 48.65 -6.06
CA VAL K 59 -34.29 50.08 -6.31
C VAL K 59 -33.15 50.34 -7.30
N GLU K 60 -32.03 49.66 -7.11
CA GLU K 60 -30.88 49.83 -8.00
C GLU K 60 -31.29 49.56 -9.46
N HIS K 61 -32.34 48.76 -9.64
CA HIS K 61 -32.83 48.44 -10.98
C HIS K 61 -33.70 49.52 -11.59
N LEU K 62 -34.28 50.36 -10.75
CA LEU K 62 -35.16 51.43 -11.23
C LEU K 62 -34.49 52.80 -11.19
N ALA K 63 -33.44 52.94 -10.38
CA ALA K 63 -32.75 54.20 -10.26
C ALA K 63 -32.27 54.74 -11.59
N PHE K 64 -32.44 53.95 -12.65
CA PHE K 64 -31.99 54.35 -13.97
C PHE K 64 -33.09 54.26 -15.02
N LYS K 65 -34.30 53.91 -14.60
CA LYS K 65 -35.40 53.80 -15.55
C LYS K 65 -36.29 55.05 -15.57
N GLY K 66 -35.73 56.19 -15.14
CA GLY K 66 -36.49 57.43 -15.17
C GLY K 66 -37.02 57.98 -13.86
N THR K 67 -37.11 59.32 -13.81
CA THR K 67 -37.59 60.06 -12.65
C THR K 67 -38.95 60.70 -12.96
N LYS K 68 -39.36 61.66 -12.11
CA LYS K 68 -40.65 62.34 -12.30
C LYS K 68 -40.46 63.46 -13.32
N LYS K 69 -39.41 64.26 -13.15
CA LYS K 69 -39.12 65.35 -14.07
C LYS K 69 -38.88 64.86 -15.50
N ARG K 70 -38.46 63.60 -15.65
CA ARG K 70 -38.18 63.05 -16.96
C ARG K 70 -38.28 61.53 -17.04
N PRO K 71 -39.31 61.02 -17.75
CA PRO K 71 -39.54 59.59 -17.93
C PRO K 71 -38.35 58.84 -18.50
N CYS K 72 -38.50 57.51 -18.63
CA CYS K 72 -37.43 56.64 -19.12
C CYS K 72 -36.65 57.17 -20.32
N ALA K 73 -37.25 57.04 -21.51
CA ALA K 73 -36.63 57.48 -22.75
C ALA K 73 -35.89 58.82 -22.62
N ALA K 74 -36.58 59.80 -22.06
CA ALA K 74 -36.01 61.12 -21.88
C ALA K 74 -34.74 61.09 -21.05
N PHE K 75 -34.82 60.42 -19.91
CA PHE K 75 -33.67 60.31 -19.00
C PHE K 75 -32.49 59.66 -19.69
N GLU K 76 -32.75 58.55 -20.37
CA GLU K 76 -31.71 57.82 -21.05
C GLU K 76 -31.10 58.64 -22.18
N LYS K 77 -31.93 59.11 -23.10
CA LYS K 77 -31.46 59.91 -24.23
C LYS K 77 -30.53 61.01 -23.78
N GLU K 78 -30.97 61.77 -22.78
CA GLU K 78 -30.19 62.88 -22.27
C GLU K 78 -28.80 62.49 -21.78
N VAL K 79 -28.74 61.37 -21.06
CA VAL K 79 -27.47 60.88 -20.52
C VAL K 79 -26.61 60.34 -21.65
N GLU K 80 -27.21 59.50 -22.48
CA GLU K 80 -26.49 58.93 -23.61
C GLU K 80 -25.94 60.01 -24.52
N SER K 81 -26.83 60.87 -25.01
CA SER K 81 -26.46 61.94 -25.93
C SER K 81 -25.34 62.87 -25.49
N MET K 82 -24.87 62.77 -24.25
CA MET K 82 -23.78 63.63 -23.81
C MET K 82 -22.50 62.85 -23.58
N GLY K 83 -22.55 61.57 -23.95
CA GLY K 83 -21.39 60.69 -23.82
C GLY K 83 -21.02 60.28 -22.41
N ALA K 84 -21.96 60.43 -21.47
CA ALA K 84 -21.71 60.08 -20.08
C ALA K 84 -22.09 58.63 -19.79
N HIS K 85 -21.42 58.03 -18.82
CA HIS K 85 -21.68 56.65 -18.43
C HIS K 85 -22.38 56.63 -17.08
N PHE K 86 -23.46 55.85 -17.00
CA PHE K 86 -24.18 55.77 -15.76
C PHE K 86 -24.16 54.39 -15.12
N ASN K 87 -23.39 54.26 -14.05
CA ASN K 87 -23.31 52.98 -13.36
C ASN K 87 -23.60 53.13 -11.88
N GLY K 88 -23.75 52.00 -11.20
CA GLY K 88 -24.01 51.99 -9.79
C GLY K 88 -24.03 50.58 -9.22
N TYR K 89 -24.14 50.47 -7.91
CA TYR K 89 -24.14 49.17 -7.26
C TYR K 89 -24.71 49.26 -5.85
N THR K 90 -25.10 48.11 -5.32
CA THR K 90 -25.63 48.02 -3.98
C THR K 90 -25.00 46.82 -3.26
N SER K 91 -24.41 47.03 -2.09
CA SER K 91 -23.79 45.95 -1.33
C SER K 91 -24.54 45.71 -0.01
N ARG K 92 -23.84 45.24 1.01
CA ARG K 92 -24.48 44.99 2.31
C ARG K 92 -24.57 46.23 3.21
N GLU K 93 -23.54 47.07 3.16
CA GLU K 93 -23.51 48.29 3.96
C GLU K 93 -23.33 49.58 3.17
N GLN K 94 -23.22 49.44 1.84
CA GLN K 94 -22.99 50.62 1.00
C GLN K 94 -23.63 50.52 -0.38
N THR K 95 -24.09 51.67 -0.88
CA THR K 95 -24.72 51.77 -2.19
C THR K 95 -24.09 52.99 -2.91
N ALA K 96 -24.13 53.01 -4.23
CA ALA K 96 -23.57 54.15 -4.95
C ALA K 96 -24.09 54.23 -6.36
N PHE K 97 -24.29 55.47 -6.82
CA PHE K 97 -24.75 55.78 -8.17
C PHE K 97 -23.80 56.85 -8.64
N TYR K 98 -23.06 56.56 -9.72
CA TYR K 98 -22.09 57.53 -10.21
C TYR K 98 -22.07 57.67 -11.72
N ILE K 99 -21.58 58.82 -12.17
CA ILE K 99 -21.51 59.15 -13.57
C ILE K 99 -20.13 59.61 -14.04
N LYS K 100 -19.77 59.12 -15.22
CA LYS K 100 -18.51 59.46 -15.88
C LYS K 100 -18.85 60.37 -17.05
N ALA K 101 -18.12 61.48 -17.15
CA ALA K 101 -18.37 62.42 -18.24
C ALA K 101 -17.33 63.52 -18.29
N LEU K 102 -17.59 64.50 -19.16
CA LEU K 102 -16.72 65.63 -19.36
C LEU K 102 -16.89 66.63 -18.22
N SER K 103 -15.78 67.08 -17.64
CA SER K 103 -15.83 68.04 -16.54
C SER K 103 -16.74 69.21 -16.89
N LYS K 104 -16.81 69.46 -18.19
CA LYS K 104 -17.64 70.52 -18.75
C LYS K 104 -19.12 70.35 -18.39
N ASP K 105 -19.48 69.20 -17.83
CA ASP K 105 -20.88 68.97 -17.49
C ASP K 105 -21.08 68.63 -16.03
N MET K 106 -20.02 68.73 -15.24
CA MET K 106 -20.09 68.42 -13.83
C MET K 106 -21.42 68.89 -13.22
N PRO K 107 -21.83 70.13 -13.52
CA PRO K 107 -23.09 70.68 -12.99
C PRO K 107 -24.38 69.99 -13.47
N LYS K 108 -24.50 69.75 -14.77
CA LYS K 108 -25.71 69.09 -15.28
C LYS K 108 -25.83 67.68 -14.68
N VAL K 109 -24.68 67.04 -14.47
CA VAL K 109 -24.63 65.71 -13.90
C VAL K 109 -25.15 65.74 -12.46
N VAL K 110 -24.62 66.65 -11.65
CA VAL K 110 -25.05 66.78 -10.26
C VAL K 110 -26.57 66.88 -10.18
N GLU K 111 -27.16 67.58 -11.15
CA GLU K 111 -28.60 67.74 -11.19
C GLU K 111 -29.23 66.38 -11.48
N LEU K 112 -28.63 65.66 -12.41
CA LEU K 112 -29.11 64.34 -12.80
C LEU K 112 -29.05 63.34 -11.64
N LEU K 113 -27.98 63.39 -10.87
CA LEU K 113 -27.80 62.49 -9.72
C LEU K 113 -28.90 62.75 -8.72
N ALA K 114 -28.98 64.01 -8.29
CA ALA K 114 -29.99 64.45 -7.33
C ALA K 114 -31.39 64.05 -7.76
N ASP K 115 -31.67 64.14 -9.06
CA ASP K 115 -32.97 63.77 -9.56
C ASP K 115 -33.21 62.26 -9.42
N VAL K 116 -32.15 61.49 -9.51
CA VAL K 116 -32.23 60.04 -9.40
C VAL K 116 -32.52 59.58 -7.99
N VAL K 117 -31.72 60.08 -7.04
CA VAL K 117 -31.86 59.71 -5.63
C VAL K 117 -33.08 60.31 -4.94
N GLN K 118 -33.66 61.36 -5.52
CA GLN K 118 -34.81 62.03 -4.92
C GLN K 118 -36.16 61.78 -5.58
N ASN K 119 -36.18 61.76 -6.91
CA ASN K 119 -37.45 61.59 -7.61
C ASN K 119 -37.57 60.39 -8.50
N CYS K 120 -37.21 59.22 -8.01
CA CYS K 120 -37.33 58.01 -8.83
C CYS K 120 -38.80 57.77 -9.15
N ALA K 121 -39.09 57.62 -10.44
CA ALA K 121 -40.46 57.40 -10.89
C ALA K 121 -41.14 56.16 -10.31
N LEU K 122 -40.38 55.09 -10.08
CA LEU K 122 -40.96 53.86 -9.56
C LEU K 122 -42.22 53.50 -10.35
N GLU K 123 -42.10 53.56 -11.67
CA GLU K 123 -43.19 53.25 -12.57
C GLU K 123 -43.79 51.89 -12.24
N GLU K 124 -45.03 51.90 -11.78
CA GLU K 124 -45.73 50.67 -11.43
C GLU K 124 -45.55 49.53 -12.43
N SER K 125 -45.54 49.88 -13.72
CA SER K 125 -45.40 48.89 -14.78
C SER K 125 -43.94 48.43 -14.95
N GLN K 126 -43.01 49.36 -14.75
CA GLN K 126 -41.59 49.08 -14.87
C GLN K 126 -41.19 48.11 -13.75
N ILE K 127 -41.79 48.29 -12.58
CA ILE K 127 -41.53 47.44 -11.42
C ILE K 127 -41.83 45.97 -11.73
N GLU K 128 -42.98 45.70 -12.35
CA GLU K 128 -43.33 44.33 -12.68
C GLU K 128 -42.41 43.78 -13.76
N LYS K 129 -41.87 44.69 -14.56
CA LYS K 129 -40.97 44.29 -15.63
C LYS K 129 -39.60 43.91 -15.06
N GLU K 130 -39.14 44.67 -14.06
CA GLU K 130 -37.85 44.42 -13.40
C GLU K 130 -37.92 43.24 -12.44
N ARG K 131 -39.13 42.93 -11.99
CA ARG K 131 -39.34 41.82 -11.08
C ARG K 131 -38.90 40.55 -11.80
N GLY K 132 -39.21 40.48 -13.09
CA GLY K 132 -38.83 39.31 -13.87
C GLY K 132 -37.38 39.31 -14.28
N VAL K 133 -36.78 40.49 -14.38
CA VAL K 133 -35.37 40.62 -14.75
C VAL K 133 -34.51 40.19 -13.57
N ILE K 134 -34.85 40.71 -12.39
CA ILE K 134 -34.11 40.37 -11.19
C ILE K 134 -34.18 38.87 -10.95
N LEU K 135 -35.31 38.25 -11.25
CA LEU K 135 -35.42 36.81 -11.07
C LEU K 135 -34.50 36.05 -12.02
N GLN K 136 -34.17 36.66 -13.16
CA GLN K 136 -33.28 36.01 -14.11
C GLN K 136 -31.83 36.18 -13.68
N GLU K 137 -31.52 37.29 -13.01
CA GLU K 137 -30.17 37.51 -12.54
C GLU K 137 -29.84 36.62 -11.36
N LEU K 138 -30.85 36.21 -10.61
CA LEU K 138 -30.60 35.35 -9.47
C LEU K 138 -30.24 33.96 -9.94
N LYS K 139 -30.75 33.55 -11.10
CA LYS K 139 -30.45 32.23 -11.65
C LYS K 139 -29.09 32.26 -12.32
N GLU K 140 -28.72 33.42 -12.86
CA GLU K 140 -27.43 33.57 -13.50
C GLU K 140 -26.37 33.53 -12.40
N MET K 141 -26.55 34.35 -11.37
CA MET K 141 -25.61 34.42 -10.27
C MET K 141 -25.50 33.14 -9.46
N ASP K 142 -26.47 32.26 -9.60
CA ASP K 142 -26.49 31.01 -8.85
C ASP K 142 -25.45 30.04 -9.40
N ASN K 143 -24.93 30.35 -10.57
CA ASN K 143 -23.90 29.51 -11.17
C ASN K 143 -22.53 30.10 -10.91
N ASP K 144 -22.49 31.20 -10.18
CA ASP K 144 -21.23 31.82 -9.85
C ASP K 144 -20.82 31.28 -8.49
N MET K 145 -20.20 30.10 -8.50
CA MET K 145 -19.72 29.43 -7.29
C MET K 145 -19.01 30.35 -6.32
N THR K 146 -18.13 31.19 -6.85
CA THR K 146 -17.38 32.10 -6.00
C THR K 146 -18.30 32.96 -5.19
N ASN K 147 -19.30 33.53 -5.85
CA ASN K 147 -20.24 34.38 -5.15
C ASN K 147 -21.25 33.58 -4.33
N VAL K 148 -21.59 32.37 -4.78
CA VAL K 148 -22.50 31.52 -4.02
C VAL K 148 -21.76 31.18 -2.73
N THR K 149 -20.46 30.98 -2.86
CA THR K 149 -19.63 30.62 -1.72
C THR K 149 -19.50 31.77 -0.73
N PHE K 150 -19.27 32.98 -1.18
CA PHE K 150 -19.16 34.10 -0.24
C PHE K 150 -20.50 34.43 0.42
N ASP K 151 -21.59 34.16 -0.29
CA ASP K 151 -22.91 34.41 0.28
C ASP K 151 -23.08 33.43 1.44
N TYR K 152 -22.77 32.16 1.18
CA TYR K 152 -22.86 31.13 2.19
C TYR K 152 -21.94 31.43 3.38
N LEU K 153 -20.77 32.00 3.11
CA LEU K 153 -19.83 32.32 4.17
C LEU K 153 -20.49 33.34 5.10
N HIS K 154 -21.20 34.31 4.53
CA HIS K 154 -21.87 35.32 5.35
C HIS K 154 -23.08 34.69 6.01
N ALA K 155 -23.77 33.85 5.26
CA ALA K 155 -24.96 33.19 5.78
C ALA K 155 -24.69 32.46 7.08
N THR K 156 -23.52 31.85 7.22
CA THR K 156 -23.22 31.10 8.43
C THR K 156 -22.38 31.90 9.41
N ALA K 157 -21.42 32.66 8.91
CA ALA K 157 -20.56 33.45 9.78
C ALA K 157 -21.35 34.44 10.63
N PHE K 158 -22.44 34.95 10.05
CA PHE K 158 -23.29 35.92 10.72
C PHE K 158 -24.74 35.41 10.79
N GLN K 159 -24.89 34.10 10.88
CA GLN K 159 -26.22 33.51 10.96
C GLN K 159 -27.00 34.16 12.08
N GLY K 160 -28.31 34.27 11.86
CA GLY K 160 -29.18 34.87 12.85
C GLY K 160 -29.21 36.38 12.82
N THR K 161 -28.23 37.00 12.16
CA THR K 161 -28.21 38.46 12.10
C THR K 161 -28.54 39.02 10.71
N ALA K 162 -28.27 40.31 10.54
CA ALA K 162 -28.57 40.98 9.28
C ALA K 162 -27.53 40.75 8.19
N LEU K 163 -26.27 40.68 8.58
CA LEU K 163 -25.20 40.46 7.61
C LEU K 163 -25.31 39.07 6.98
N ALA K 164 -26.23 38.26 7.47
CA ALA K 164 -26.41 36.92 6.94
C ALA K 164 -27.20 36.90 5.64
N ARG K 165 -27.89 37.98 5.34
CA ARG K 165 -28.70 38.05 4.12
C ARG K 165 -27.87 38.50 2.92
N THR K 166 -28.26 38.01 1.75
CA THR K 166 -27.57 38.35 0.52
C THR K 166 -28.07 39.71 0.04
N VAL K 167 -27.28 40.40 -0.80
CA VAL K 167 -27.68 41.71 -1.30
C VAL K 167 -28.89 41.65 -2.24
N GLU K 168 -28.89 40.67 -3.13
CA GLU K 168 -29.99 40.53 -4.07
C GLU K 168 -31.33 40.21 -3.43
N GLY K 169 -31.31 39.59 -2.25
CA GLY K 169 -32.56 39.25 -1.58
C GLY K 169 -33.20 37.90 -1.91
N THR K 170 -34.27 37.57 -1.20
CA THR K 170 -34.99 36.31 -1.38
C THR K 170 -35.89 36.25 -2.61
N THR K 171 -36.22 35.02 -3.03
CA THR K 171 -37.11 34.83 -4.18
C THR K 171 -38.49 35.33 -3.80
N GLU K 172 -38.94 34.97 -2.59
CA GLU K 172 -40.26 35.40 -2.12
C GLU K 172 -40.37 36.93 -2.10
N ASN K 173 -39.38 37.59 -1.52
CA ASN K 173 -39.38 39.05 -1.44
C ASN K 173 -39.46 39.68 -2.82
N ILE K 174 -38.63 39.22 -3.75
CA ILE K 174 -38.63 39.75 -5.10
C ILE K 174 -39.97 39.53 -5.77
N LYS K 175 -40.65 38.45 -5.42
CA LYS K 175 -41.94 38.15 -6.03
C LYS K 175 -43.07 38.95 -5.38
N HIS K 176 -42.81 39.54 -4.22
CA HIS K 176 -43.86 40.27 -3.52
C HIS K 176 -43.55 41.70 -3.09
N LEU K 177 -42.37 42.21 -3.39
CA LEU K 177 -42.09 43.58 -2.99
C LEU K 177 -43.06 44.51 -3.71
N THR K 178 -43.59 45.48 -2.98
CA THR K 178 -44.57 46.43 -3.50
C THR K 178 -43.99 47.80 -3.84
N ARG K 179 -44.67 48.47 -4.76
CA ARG K 179 -44.28 49.80 -5.19
C ARG K 179 -44.09 50.67 -3.95
N ALA K 180 -44.91 50.40 -2.94
CA ALA K 180 -44.87 51.13 -1.66
C ALA K 180 -43.61 50.85 -0.87
N ASP K 181 -43.20 49.58 -0.86
CA ASP K 181 -42.01 49.13 -0.14
C ASP K 181 -40.76 49.83 -0.66
N LEU K 182 -40.59 49.79 -1.99
CA LEU K 182 -39.42 50.42 -2.60
C LEU K 182 -39.44 51.89 -2.24
N ALA K 183 -40.62 52.48 -2.37
CA ALA K 183 -40.83 53.88 -2.06
C ALA K 183 -40.37 54.11 -0.62
N SER K 184 -40.91 53.30 0.28
CA SER K 184 -40.56 53.39 1.67
C SER K 184 -39.05 53.27 1.87
N TYR K 185 -38.45 52.29 1.19
CA TYR K 185 -37.01 52.07 1.29
C TYR K 185 -36.26 53.35 0.97
N ILE K 186 -36.50 53.89 -0.23
CA ILE K 186 -35.82 55.10 -0.65
C ILE K 186 -35.92 56.23 0.38
N ASP K 187 -37.13 56.50 0.83
CA ASP K 187 -37.37 57.56 1.81
C ASP K 187 -36.67 57.32 3.12
N THR K 188 -36.76 56.09 3.61
CA THR K 188 -36.15 55.74 4.88
C THR K 188 -34.62 55.83 4.85
N HIS K 189 -34.00 55.48 3.71
CA HIS K 189 -32.55 55.44 3.61
C HIS K 189 -31.78 56.49 2.81
N PHE K 190 -32.26 56.85 1.63
CA PHE K 190 -31.54 57.83 0.83
C PHE K 190 -31.74 59.22 1.42
N LYS K 191 -31.04 59.50 2.52
CA LYS K 191 -31.16 60.78 3.21
C LYS K 191 -29.83 61.51 3.37
N ALA K 192 -29.84 62.79 3.01
CA ALA K 192 -28.67 63.67 3.04
C ALA K 192 -27.55 63.34 4.02
N PRO K 193 -27.84 63.30 5.32
CA PRO K 193 -26.75 62.99 6.25
C PRO K 193 -26.03 61.65 6.00
N ARG K 194 -26.76 60.69 5.44
CA ARG K 194 -26.23 59.36 5.14
C ARG K 194 -25.71 59.24 3.70
N MET K 195 -25.49 60.37 3.04
CA MET K 195 -25.01 60.36 1.67
C MET K 195 -23.78 61.22 1.49
N VAL K 196 -23.07 60.99 0.40
CA VAL K 196 -21.87 61.76 0.08
C VAL K 196 -21.79 62.04 -1.42
N LEU K 197 -21.60 63.32 -1.76
CA LEU K 197 -21.47 63.72 -3.15
C LEU K 197 -19.96 63.80 -3.34
N ALA K 198 -19.45 62.87 -4.13
CA ALA K 198 -18.04 62.81 -4.39
C ALA K 198 -17.79 63.00 -5.86
N ALA K 199 -16.68 63.66 -6.17
CA ALA K 199 -16.30 63.91 -7.54
C ALA K 199 -14.78 64.01 -7.64
N ALA K 200 -14.26 63.59 -8.79
CA ALA K 200 -12.83 63.66 -9.03
C ALA K 200 -12.58 63.96 -10.49
N GLY K 201 -11.48 64.66 -10.74
CA GLY K 201 -11.12 65.04 -12.09
C GLY K 201 -10.87 66.53 -12.12
N GLY K 202 -11.12 67.14 -13.27
CA GLY K 202 -10.92 68.58 -13.41
C GLY K 202 -12.20 69.32 -13.06
N ILE K 203 -12.47 69.46 -11.76
CA ILE K 203 -13.68 70.11 -11.31
C ILE K 203 -13.41 71.10 -10.18
N SER K 204 -14.20 72.16 -10.17
CA SER K 204 -14.09 73.18 -9.14
C SER K 204 -14.87 72.70 -7.93
N HIS K 205 -14.21 72.62 -6.78
CA HIS K 205 -14.87 72.17 -5.57
C HIS K 205 -16.05 73.09 -5.28
N LYS K 206 -15.80 74.39 -5.38
CA LYS K 206 -16.81 75.40 -5.14
C LYS K 206 -17.93 75.31 -6.17
N GLU K 207 -17.58 75.06 -7.44
CA GLU K 207 -18.61 74.91 -8.46
C GLU K 207 -19.43 73.66 -8.22
N LEU K 208 -18.78 72.65 -7.65
CA LEU K 208 -19.45 71.40 -7.33
C LEU K 208 -20.42 71.66 -6.18
N VAL K 209 -19.88 72.19 -5.09
CA VAL K 209 -20.67 72.48 -3.90
C VAL K 209 -21.88 73.37 -4.20
N ASP K 210 -21.72 74.27 -5.18
CA ASP K 210 -22.81 75.16 -5.56
C ASP K 210 -23.96 74.44 -6.21
N ALA K 211 -23.67 73.66 -7.24
CA ALA K 211 -24.73 72.92 -7.93
C ALA K 211 -25.36 71.98 -6.89
N ALA K 212 -24.56 71.63 -5.88
CA ALA K 212 -25.01 70.74 -4.81
C ALA K 212 -26.09 71.44 -4.00
N ARG K 213 -25.80 72.68 -3.61
CA ARG K 213 -26.75 73.48 -2.84
C ARG K 213 -28.05 73.66 -3.62
N GLN K 214 -27.91 73.85 -4.92
CA GLN K 214 -29.06 74.06 -5.77
C GLN K 214 -29.99 72.85 -5.94
N HIS K 215 -29.43 71.65 -6.06
CA HIS K 215 -30.26 70.47 -6.25
C HIS K 215 -30.45 69.61 -5.00
N PHE K 216 -29.51 69.72 -4.06
CA PHE K 216 -29.59 69.00 -2.79
C PHE K 216 -29.80 70.12 -1.77
N SER K 217 -31.01 70.65 -1.72
CA SER K 217 -31.35 71.79 -0.86
C SER K 217 -32.12 71.53 0.44
N GLY K 218 -33.15 70.69 0.37
CA GLY K 218 -33.97 70.37 1.54
C GLY K 218 -33.28 70.24 2.88
N VAL K 219 -33.37 71.29 3.70
CA VAL K 219 -32.75 71.31 5.04
C VAL K 219 -33.59 70.66 6.14
N SER K 220 -32.94 70.26 7.23
CA SER K 220 -33.60 69.61 8.35
C SER K 220 -33.80 70.57 9.54
N PHE K 221 -34.89 70.38 10.28
CA PHE K 221 -35.21 71.22 11.41
C PHE K 221 -34.81 70.61 12.75
N THR K 222 -35.26 69.38 12.97
CA THR K 222 -34.96 68.68 14.21
C THR K 222 -33.57 68.08 14.23
N TYR K 223 -33.18 67.53 15.37
CA TYR K 223 -31.87 66.92 15.53
C TYR K 223 -31.90 65.47 15.07
N LYS K 224 -33.08 64.87 15.06
CA LYS K 224 -33.24 63.49 14.61
C LYS K 224 -33.14 63.37 13.09
N GLU K 225 -33.16 64.51 12.40
CA GLU K 225 -33.05 64.51 10.95
C GLU K 225 -31.60 64.58 10.52
N ASP K 226 -30.74 64.77 11.50
CA ASP K 226 -29.31 64.80 11.28
C ASP K 226 -28.79 63.53 11.93
N ALA K 227 -29.71 62.64 12.27
CA ALA K 227 -29.31 61.42 12.93
C ALA K 227 -29.11 60.21 12.04
N VAL K 228 -27.88 59.70 12.08
CA VAL K 228 -27.48 58.52 11.34
C VAL K 228 -27.63 57.35 12.31
N PRO K 229 -28.65 56.49 12.10
CA PRO K 229 -28.96 55.32 12.94
C PRO K 229 -27.83 54.30 13.05
N ILE K 230 -27.39 54.02 14.27
CA ILE K 230 -26.33 53.04 14.49
C ILE K 230 -27.01 51.67 14.43
N LEU K 231 -26.49 50.79 13.57
CA LEU K 231 -27.08 49.47 13.40
C LEU K 231 -26.80 48.49 14.53
N PRO K 232 -27.73 47.57 14.78
CA PRO K 232 -27.48 46.60 15.85
C PRO K 232 -26.37 45.61 15.45
N ARG K 233 -25.51 45.29 16.41
CA ARG K 233 -24.41 44.37 16.19
C ARG K 233 -24.84 43.07 15.52
N CYS K 234 -23.87 42.47 14.81
CA CYS K 234 -24.06 41.19 14.14
C CYS K 234 -23.07 40.22 14.76
N ARG K 235 -23.63 39.17 15.36
CA ARG K 235 -22.85 38.15 16.04
C ARG K 235 -22.16 37.16 15.09
N PHE K 236 -20.86 37.02 15.28
CA PHE K 236 -20.05 36.10 14.47
C PHE K 236 -20.20 34.71 15.07
N THR K 237 -20.24 33.70 14.22
CA THR K 237 -20.39 32.34 14.71
C THR K 237 -19.44 31.37 14.03
N GLY K 238 -18.58 30.74 14.81
CA GLY K 238 -17.66 29.77 14.26
C GLY K 238 -18.54 28.61 13.83
N SER K 239 -18.57 28.32 12.54
CA SER K 239 -19.41 27.24 12.06
C SER K 239 -19.14 26.95 10.61
N GLU K 240 -19.91 26.03 10.04
CA GLU K 240 -19.75 25.65 8.65
C GLU K 240 -21.05 25.28 7.96
N ILE K 241 -21.12 25.60 6.67
CA ILE K 241 -22.26 25.24 5.88
C ILE K 241 -21.65 24.46 4.71
N ARG K 242 -22.17 23.27 4.45
CA ARG K 242 -21.64 22.45 3.38
C ARG K 242 -22.67 22.11 2.34
N ALA K 243 -22.49 22.68 1.16
CA ALA K 243 -23.39 22.43 0.06
C ALA K 243 -22.66 21.45 -0.88
N ARG K 244 -23.08 20.20 -0.85
CA ARG K 244 -22.43 19.20 -1.66
C ARG K 244 -23.12 18.80 -2.97
N ASP K 245 -22.35 18.86 -4.05
CA ASP K 245 -22.82 18.45 -5.37
C ASP K 245 -21.63 17.92 -6.14
N ASP K 246 -21.45 16.61 -6.08
CA ASP K 246 -20.34 15.99 -6.77
C ASP K 246 -20.48 16.13 -8.29
N ALA K 247 -21.54 16.79 -8.74
CA ALA K 247 -21.76 16.97 -10.18
C ALA K 247 -21.00 18.20 -10.65
N LEU K 248 -20.56 19.02 -9.72
CA LEU K 248 -19.80 20.20 -10.07
C LEU K 248 -18.35 19.82 -10.33
N PRO K 249 -17.75 20.41 -11.37
CA PRO K 249 -16.35 20.12 -11.71
C PRO K 249 -15.32 20.42 -10.64
N VAL K 250 -15.37 21.61 -10.06
CA VAL K 250 -14.41 21.95 -9.03
C VAL K 250 -15.14 22.34 -7.77
N ALA K 251 -14.41 22.40 -6.66
CA ALA K 251 -15.01 22.79 -5.40
C ALA K 251 -14.47 24.14 -4.96
N HIS K 252 -15.35 24.91 -4.29
CA HIS K 252 -14.98 26.21 -3.76
C HIS K 252 -15.01 26.11 -2.25
N VAL K 253 -14.04 26.73 -1.61
CA VAL K 253 -13.96 26.71 -0.16
C VAL K 253 -13.54 28.09 0.33
N ALA K 254 -14.15 28.54 1.43
CA ALA K 254 -13.83 29.83 2.05
C ALA K 254 -13.83 29.64 3.56
N LEU K 255 -12.77 30.14 4.17
CA LEU K 255 -12.61 30.04 5.60
C LEU K 255 -12.30 31.41 6.11
N ALA K 256 -12.94 31.80 7.22
CA ALA K 256 -12.70 33.13 7.78
C ALA K 256 -12.97 33.27 9.27
N VAL K 257 -12.34 34.30 9.83
CA VAL K 257 -12.46 34.65 11.24
C VAL K 257 -13.01 36.08 11.28
N GLU K 258 -13.62 36.46 12.39
CA GLU K 258 -14.16 37.81 12.50
C GLU K 258 -13.07 38.87 12.43
N GLY K 259 -13.30 39.92 11.63
CA GLY K 259 -12.35 41.01 11.49
C GLY K 259 -12.76 42.19 12.36
N PRO K 260 -11.86 43.18 12.59
CA PRO K 260 -12.17 44.35 13.42
C PRO K 260 -13.26 45.32 12.94
N GLY K 261 -13.17 45.81 11.72
CA GLY K 261 -14.16 46.78 11.26
C GLY K 261 -13.39 48.01 10.84
N TRP K 262 -13.89 48.69 9.82
CA TRP K 262 -13.22 49.87 9.26
C TRP K 262 -12.26 50.68 10.14
N ALA K 263 -12.83 51.43 11.08
CA ALA K 263 -12.08 52.31 11.97
C ALA K 263 -10.81 51.80 12.66
N ASP K 264 -10.66 50.48 12.78
CA ASP K 264 -9.51 49.90 13.48
C ASP K 264 -8.17 49.93 12.73
N PRO K 265 -7.14 50.54 13.33
CA PRO K 265 -5.80 50.64 12.76
C PRO K 265 -5.17 49.29 12.38
N ASP K 266 -5.53 48.24 13.12
CA ASP K 266 -5.02 46.90 12.86
C ASP K 266 -5.23 46.46 11.42
N ASN K 267 -6.27 47.00 10.77
CA ASN K 267 -6.54 46.64 9.39
C ASN K 267 -5.36 46.89 8.46
N VAL K 268 -4.49 47.84 8.83
CA VAL K 268 -3.33 48.12 8.01
C VAL K 268 -2.41 46.92 8.06
N VAL K 269 -2.37 46.27 9.22
CA VAL K 269 -1.52 45.11 9.42
C VAL K 269 -2.14 43.85 8.81
N LEU K 270 -3.45 43.70 8.93
CA LEU K 270 -4.10 42.54 8.33
C LEU K 270 -3.92 42.55 6.80
N HIS K 271 -3.87 43.74 6.22
CA HIS K 271 -3.69 43.87 4.79
C HIS K 271 -2.25 43.57 4.40
N VAL K 272 -1.32 43.83 5.32
CA VAL K 272 0.08 43.53 5.05
C VAL K 272 0.20 42.01 5.15
N ALA K 273 -0.47 41.45 6.13
CA ALA K 273 -0.47 40.01 6.34
C ALA K 273 -0.99 39.31 5.08
N ASN K 274 -2.18 39.71 4.61
CA ASN K 274 -2.75 39.11 3.42
C ASN K 274 -1.80 39.26 2.24
N ALA K 275 -0.98 40.30 2.28
CA ALA K 275 -0.02 40.55 1.21
C ALA K 275 1.08 39.49 1.23
N ILE K 276 1.44 39.01 2.41
CA ILE K 276 2.47 37.99 2.49
C ILE K 276 1.93 36.72 1.83
N ILE K 277 0.74 36.29 2.26
CA ILE K 277 0.12 35.09 1.70
C ILE K 277 -0.25 35.29 0.22
N GLY K 278 -0.65 36.50 -0.12
CA GLY K 278 -1.00 36.80 -1.50
C GLY K 278 -2.18 36.09 -2.09
N ARG K 279 -2.04 35.72 -3.35
CA ARG K 279 -3.08 35.03 -4.11
C ARG K 279 -2.44 34.37 -5.32
N TYR K 280 -3.23 33.57 -6.03
CA TYR K 280 -2.69 32.85 -7.16
C TYR K 280 -3.79 32.26 -8.03
N ASP K 281 -3.41 32.02 -9.28
CA ASP K 281 -4.29 31.36 -10.23
C ASP K 281 -3.39 30.79 -11.33
N ARG K 282 -3.84 29.69 -11.92
CA ARG K 282 -3.09 28.98 -12.95
C ARG K 282 -2.54 29.75 -14.13
N THR K 283 -2.62 31.08 -14.11
CA THR K 283 -2.09 31.83 -15.24
C THR K 283 -0.98 32.79 -14.84
N PHE K 284 -0.53 32.69 -13.61
CA PHE K 284 0.55 33.53 -13.12
C PHE K 284 1.85 33.00 -13.68
N GLY K 285 2.41 33.68 -14.68
CA GLY K 285 3.65 33.21 -15.26
C GLY K 285 4.74 32.88 -14.25
N GLY K 286 4.83 33.65 -13.17
CA GLY K 286 5.84 33.41 -12.16
C GLY K 286 5.99 31.96 -11.75
N GLY K 287 4.89 31.23 -11.75
CA GLY K 287 4.93 29.81 -11.40
C GLY K 287 5.56 29.43 -10.07
N LYS K 288 6.41 28.40 -10.11
CA LYS K 288 7.08 27.89 -8.91
C LYS K 288 8.07 28.85 -8.25
N HIS K 289 8.22 30.05 -8.76
CA HIS K 289 9.16 30.98 -8.16
C HIS K 289 8.52 32.13 -7.40
N LEU K 290 7.18 32.16 -7.42
CA LEU K 290 6.41 33.18 -6.74
C LEU K 290 6.87 33.30 -5.31
N SER K 291 6.89 34.54 -4.80
CA SER K 291 7.33 34.79 -3.43
C SER K 291 6.36 34.18 -2.41
N SER K 292 5.07 34.22 -2.72
CA SER K 292 4.07 33.64 -1.84
C SER K 292 4.30 32.16 -1.65
N ARG K 293 4.66 31.78 -0.44
CA ARG K 293 4.91 30.39 -0.16
C ARG K 293 3.72 29.52 -0.55
N LEU K 294 2.52 29.90 -0.13
CA LEU K 294 1.33 29.12 -0.45
C LEU K 294 1.18 28.97 -1.96
N ALA K 295 1.46 30.05 -2.68
CA ALA K 295 1.37 30.02 -4.14
C ALA K 295 2.39 29.01 -4.71
N ALA K 296 3.62 29.07 -4.22
CA ALA K 296 4.66 28.15 -4.68
C ALA K 296 4.20 26.70 -4.50
N LEU K 297 3.74 26.37 -3.30
CA LEU K 297 3.26 25.03 -3.00
C LEU K 297 2.12 24.61 -3.93
N ALA K 298 1.21 25.55 -4.16
CA ALA K 298 0.07 25.29 -5.04
C ALA K 298 0.58 24.84 -6.39
N VAL K 299 1.61 25.53 -6.88
CA VAL K 299 2.21 25.21 -8.18
C VAL K 299 2.92 23.86 -8.20
N GLU K 300 3.79 23.68 -7.23
CA GLU K 300 4.53 22.46 -7.11
C GLU K 300 3.59 21.23 -6.97
N HIS K 301 2.71 21.26 -5.98
CA HIS K 301 1.82 20.13 -5.75
C HIS K 301 0.50 20.17 -6.47
N LYS K 302 0.31 21.21 -7.28
CA LYS K 302 -0.92 21.38 -8.04
C LYS K 302 -2.09 21.29 -7.08
N LEU K 303 -2.05 22.16 -6.08
CA LEU K 303 -3.05 22.19 -5.02
C LEU K 303 -4.38 22.84 -5.37
N CYS K 304 -4.38 23.76 -6.34
CA CYS K 304 -5.62 24.42 -6.68
C CYS K 304 -5.54 25.18 -7.99
N HIS K 305 -6.71 25.59 -8.47
CA HIS K 305 -6.85 26.36 -9.69
C HIS K 305 -6.59 27.82 -9.36
N SER K 306 -6.88 28.18 -8.12
CA SER K 306 -6.69 29.56 -7.63
C SER K 306 -7.01 29.67 -6.15
N PHE K 307 -6.49 30.73 -5.54
CA PHE K 307 -6.75 31.00 -4.15
C PHE K 307 -6.52 32.50 -3.95
N GLN K 308 -7.21 33.07 -2.97
CA GLN K 308 -7.08 34.48 -2.70
C GLN K 308 -7.36 34.77 -1.24
N THR K 309 -6.66 35.76 -0.69
CA THR K 309 -6.87 36.15 0.69
C THR K 309 -7.79 37.35 0.62
N PHE K 310 -8.39 37.69 1.76
CA PHE K 310 -9.28 38.85 1.81
C PHE K 310 -9.52 39.31 3.23
N ASN K 311 -9.72 40.63 3.35
CA ASN K 311 -10.00 41.30 4.61
C ASN K 311 -11.20 42.22 4.40
N THR K 312 -12.38 41.62 4.30
CA THR K 312 -13.62 42.36 4.09
C THR K 312 -14.10 43.12 5.33
N SER K 313 -13.95 44.44 5.30
CA SER K 313 -14.39 45.27 6.43
C SER K 313 -15.85 45.71 6.41
N TYR K 314 -16.31 46.15 7.58
CA TYR K 314 -17.67 46.65 7.78
C TYR K 314 -17.54 47.67 8.90
N SER K 315 -18.65 48.29 9.24
CA SER K 315 -18.68 49.31 10.29
C SER K 315 -18.14 48.83 11.64
N ASP K 316 -18.72 47.73 12.13
CA ASP K 316 -18.39 47.14 13.43
C ASP K 316 -17.80 45.71 13.41
N THR K 317 -17.71 45.09 12.24
CA THR K 317 -17.17 43.75 12.20
C THR K 317 -16.44 43.56 10.87
N GLY K 318 -16.21 42.31 10.49
CA GLY K 318 -15.52 42.04 9.22
C GLY K 318 -15.21 40.57 9.03
N LEU K 319 -14.71 40.21 7.86
CA LEU K 319 -14.35 38.83 7.57
C LEU K 319 -12.93 38.77 7.05
N PHE K 320 -12.05 38.12 7.80
CA PHE K 320 -10.65 37.96 7.41
C PHE K 320 -10.46 36.47 7.11
N GLY K 321 -10.14 36.13 5.86
CA GLY K 321 -9.96 34.73 5.52
C GLY K 321 -9.37 34.48 4.15
N PHE K 322 -9.69 33.34 3.57
CA PHE K 322 -9.16 33.03 2.25
C PHE K 322 -10.15 32.15 1.50
N HIS K 323 -9.98 32.09 0.19
CA HIS K 323 -10.87 31.31 -0.64
C HIS K 323 -10.09 30.59 -1.74
N PHE K 324 -10.42 29.33 -1.98
CA PHE K 324 -9.75 28.58 -3.04
C PHE K 324 -10.69 27.66 -3.84
N VAL K 325 -10.25 27.38 -5.05
CA VAL K 325 -11.00 26.52 -5.96
C VAL K 325 -10.04 25.38 -6.27
N ALA K 326 -10.49 24.14 -6.10
CA ALA K 326 -9.61 23.02 -6.35
C ALA K 326 -10.39 21.80 -6.77
N ASP K 327 -9.68 20.83 -7.35
CA ASP K 327 -10.30 19.59 -7.79
C ASP K 327 -10.70 18.84 -6.55
N PRO K 328 -11.74 18.02 -6.65
CA PRO K 328 -12.19 17.26 -5.49
C PRO K 328 -11.09 16.48 -4.76
N LEU K 329 -10.04 16.10 -5.47
CA LEU K 329 -8.97 15.32 -4.85
C LEU K 329 -7.78 16.07 -4.30
N SER K 330 -7.78 17.40 -4.34
CA SER K 330 -6.64 18.12 -3.78
C SER K 330 -7.09 19.14 -2.73
N ILE K 331 -8.34 19.01 -2.28
CA ILE K 331 -8.90 19.92 -1.30
C ILE K 331 -8.17 19.84 0.03
N ASP K 332 -8.03 18.61 0.54
CA ASP K 332 -7.37 18.40 1.82
C ASP K 332 -5.96 18.96 1.92
N ASP K 333 -5.13 18.71 0.91
CA ASP K 333 -3.77 19.21 0.96
C ASP K 333 -3.73 20.73 0.91
N MET K 334 -4.61 21.32 0.08
CA MET K 334 -4.70 22.77 -0.07
C MET K 334 -5.09 23.43 1.24
N MET K 335 -6.16 22.91 1.84
CA MET K 335 -6.64 23.43 3.12
C MET K 335 -5.54 23.35 4.16
N PHE K 336 -4.80 22.24 4.13
CA PHE K 336 -3.67 21.98 5.02
C PHE K 336 -2.57 23.04 4.87
N CYS K 337 -2.15 23.27 3.64
CA CYS K 337 -1.10 24.26 3.38
C CYS K 337 -1.61 25.65 3.70
N ALA K 338 -2.87 25.91 3.37
CA ALA K 338 -3.44 27.21 3.64
C ALA K 338 -3.42 27.48 5.14
N GLN K 339 -4.04 26.60 5.92
CA GLN K 339 -4.05 26.80 7.35
C GLN K 339 -2.62 26.87 7.87
N GLY K 340 -1.72 26.17 7.19
CA GLY K 340 -0.33 26.15 7.61
C GLY K 340 0.29 27.52 7.49
N GLU K 341 0.00 28.21 6.40
CA GLU K 341 0.54 29.53 6.18
C GLU K 341 -0.01 30.57 7.15
N TRP K 342 -1.26 30.38 7.55
CA TRP K 342 -1.89 31.26 8.51
C TRP K 342 -1.17 31.11 9.84
N MET K 343 -0.79 29.88 10.19
CA MET K 343 -0.08 29.67 11.44
C MET K 343 1.29 30.32 11.35
N ARG K 344 2.02 30.07 10.28
CA ARG K 344 3.33 30.68 10.11
C ARG K 344 3.25 32.19 10.29
N LEU K 345 2.13 32.79 9.88
CA LEU K 345 1.93 34.23 10.04
C LEU K 345 2.01 34.67 11.51
N CYS K 346 1.17 34.07 12.35
CA CYS K 346 1.10 34.37 13.77
C CYS K 346 2.37 34.00 14.50
N THR K 347 3.07 33.01 13.97
CA THR K 347 4.27 32.51 14.64
C THR K 347 5.65 32.83 14.11
N SER K 348 5.83 32.78 12.79
CA SER K 348 7.18 33.00 12.29
C SER K 348 7.44 34.00 11.17
N THR K 349 6.54 34.96 10.98
CA THR K 349 6.73 35.98 9.96
C THR K 349 8.13 36.61 10.07
N THR K 350 8.71 36.94 8.92
CA THR K 350 10.05 37.50 8.83
C THR K 350 10.05 38.98 8.43
N GLU K 351 11.16 39.67 8.69
CA GLU K 351 11.23 41.06 8.30
C GLU K 351 11.20 41.13 6.77
N SER K 352 11.96 40.24 6.13
CA SER K 352 12.01 40.20 4.67
C SER K 352 10.61 40.06 4.12
N GLU K 353 9.82 39.18 4.75
CA GLU K 353 8.45 38.91 4.33
C GLU K 353 7.57 40.15 4.36
N VAL K 354 7.63 40.89 5.45
CA VAL K 354 6.82 42.09 5.57
C VAL K 354 7.34 43.17 4.62
N LYS K 355 8.66 43.30 4.53
CA LYS K 355 9.23 44.30 3.65
C LYS K 355 8.58 44.15 2.28
N ARG K 356 8.61 42.94 1.72
CA ARG K 356 8.00 42.68 0.43
C ARG K 356 6.51 42.98 0.44
N ALA K 357 5.81 42.42 1.43
CA ALA K 357 4.37 42.60 1.54
C ALA K 357 3.98 44.08 1.66
N LYS K 358 4.83 44.87 2.30
CA LYS K 358 4.56 46.31 2.46
C LYS K 358 4.61 46.99 1.10
N ASN K 359 5.65 46.70 0.32
CA ASN K 359 5.79 47.26 -1.01
C ASN K 359 4.59 46.85 -1.86
N HIS K 360 4.29 45.56 -1.85
CA HIS K 360 3.17 45.07 -2.63
C HIS K 360 1.89 45.79 -2.25
N LEU K 361 1.73 46.08 -0.96
CA LEU K 361 0.54 46.76 -0.45
C LEU K 361 0.47 48.22 -0.89
N ARG K 362 1.62 48.89 -0.89
CA ARG K 362 1.68 50.28 -1.31
C ARG K 362 1.20 50.41 -2.75
N SER K 363 1.85 49.69 -3.67
CA SER K 363 1.44 49.75 -5.07
C SER K 363 0.00 49.26 -5.29
N ALA K 364 -0.53 48.57 -4.28
CA ALA K 364 -1.89 48.09 -4.39
C ALA K 364 -2.85 49.25 -4.14
N MET K 365 -2.52 50.07 -3.14
CA MET K 365 -3.36 51.21 -2.78
C MET K 365 -3.30 52.25 -3.89
N VAL K 366 -2.09 52.47 -4.39
CA VAL K 366 -1.89 53.42 -5.47
C VAL K 366 -2.67 53.00 -6.70
N ALA K 367 -2.82 51.70 -6.90
CA ALA K 367 -3.55 51.18 -8.04
C ALA K 367 -5.05 51.35 -7.90
N GLN K 368 -5.53 51.57 -6.68
CA GLN K 368 -6.96 51.75 -6.44
C GLN K 368 -7.37 53.21 -6.67
N LEU K 369 -6.43 53.99 -7.21
CA LEU K 369 -6.64 55.39 -7.50
C LEU K 369 -6.24 55.61 -8.96
N ASP K 370 -6.47 54.59 -9.78
CA ASP K 370 -6.10 54.63 -11.19
C ASP K 370 -7.29 55.02 -12.07
N GLY K 371 -7.57 56.33 -12.12
CA GLY K 371 -8.68 56.81 -12.92
C GLY K 371 -9.60 57.64 -12.05
N THR K 372 -10.59 58.29 -12.64
CA THR K 372 -11.49 59.11 -11.86
C THR K 372 -12.47 58.28 -11.05
N THR K 373 -13.09 57.30 -11.67
CA THR K 373 -14.05 56.46 -10.95
C THR K 373 -13.48 55.81 -9.70
N PRO K 374 -12.31 55.15 -9.81
CA PRO K 374 -11.74 54.53 -8.61
C PRO K 374 -11.37 55.53 -7.52
N VAL K 375 -10.91 56.72 -7.91
CA VAL K 375 -10.56 57.74 -6.92
C VAL K 375 -11.82 58.29 -6.28
N CYS K 376 -12.84 58.44 -7.10
CA CYS K 376 -14.11 58.93 -6.62
C CYS K 376 -14.68 57.90 -5.63
N GLU K 377 -14.49 56.63 -5.94
CA GLU K 377 -14.95 55.53 -5.08
C GLU K 377 -14.22 55.53 -3.75
N THR K 378 -12.97 55.97 -3.76
CA THR K 378 -12.18 56.03 -2.53
C THR K 378 -12.79 57.09 -1.65
N ILE K 379 -13.05 58.25 -2.24
CA ILE K 379 -13.64 59.37 -1.50
C ILE K 379 -15.01 59.00 -0.92
N GLY K 380 -15.93 58.59 -1.77
CA GLY K 380 -17.24 58.20 -1.28
C GLY K 380 -17.13 57.27 -0.09
N SER K 381 -16.30 56.24 -0.24
CA SER K 381 -16.09 55.23 0.78
C SER K 381 -15.40 55.75 2.05
N HIS K 382 -14.33 56.52 1.89
CA HIS K 382 -13.61 57.09 3.04
C HIS K 382 -14.44 57.97 3.96
N LEU K 383 -15.18 58.92 3.39
CA LEU K 383 -16.01 59.79 4.24
C LEU K 383 -17.11 58.96 4.86
N LEU K 384 -17.66 58.04 4.09
CA LEU K 384 -18.72 57.18 4.56
C LEU K 384 -18.25 56.19 5.63
N ASN K 385 -16.96 55.81 5.61
CA ASN K 385 -16.40 54.84 6.57
C ASN K 385 -15.48 55.40 7.63
N TYR K 386 -14.67 56.39 7.27
CA TYR K 386 -13.76 56.99 8.23
C TYR K 386 -14.21 58.44 8.48
N GLY K 387 -15.24 58.86 7.77
CA GLY K 387 -15.74 60.21 7.93
C GLY K 387 -14.65 61.20 7.58
N ARG K 388 -13.84 60.85 6.59
CA ARG K 388 -12.76 61.73 6.15
C ARG K 388 -11.92 61.00 5.12
N ARG K 389 -11.22 61.76 4.28
CA ARG K 389 -10.36 61.15 3.28
C ARG K 389 -9.03 60.83 3.92
N ILE K 390 -8.47 59.68 3.56
CA ILE K 390 -7.16 59.28 4.08
C ILE K 390 -6.19 59.26 2.91
N SER K 391 -5.26 60.21 2.92
CA SER K 391 -4.27 60.35 1.85
C SER K 391 -3.36 59.15 1.70
N LEU K 392 -2.77 59.00 0.52
CA LEU K 392 -1.83 57.91 0.27
C LEU K 392 -0.69 58.12 1.23
N GLU K 393 -0.37 59.38 1.52
CA GLU K 393 0.73 59.69 2.41
C GLU K 393 0.49 59.21 3.83
N GLU K 394 -0.77 59.24 4.27
CA GLU K 394 -1.08 58.77 5.61
C GLU K 394 -0.92 57.25 5.59
N TRP K 395 -1.64 56.59 4.67
CA TRP K 395 -1.58 55.14 4.50
C TRP K 395 -0.11 54.72 4.50
N ASP K 396 0.67 55.35 3.63
CA ASP K 396 2.07 55.03 3.53
C ASP K 396 2.75 55.18 4.87
N SER K 397 2.34 56.20 5.62
CA SER K 397 2.92 56.43 6.94
C SER K 397 2.63 55.25 7.87
N ARG K 398 1.40 54.78 7.81
CA ARG K 398 0.95 53.67 8.64
C ARG K 398 1.60 52.36 8.19
N ILE K 399 1.61 52.13 6.88
CA ILE K 399 2.19 50.93 6.32
C ILE K 399 3.66 50.82 6.71
N SER K 400 4.37 51.94 6.64
CA SER K 400 5.78 51.96 6.96
C SER K 400 6.10 51.54 8.40
N ALA K 401 5.16 51.76 9.31
CA ALA K 401 5.38 51.42 10.72
C ALA K 401 5.24 49.92 11.01
N VAL K 402 4.65 49.18 10.08
CA VAL K 402 4.45 47.75 10.29
C VAL K 402 5.73 46.93 10.19
N ASP K 403 5.93 46.04 11.14
CA ASP K 403 7.09 45.13 11.13
C ASP K 403 6.66 43.68 11.44
N ALA K 404 7.60 42.76 11.30
CA ALA K 404 7.30 41.37 11.55
C ALA K 404 6.58 41.15 12.88
N ARG K 405 7.19 41.64 13.97
CA ARG K 405 6.59 41.47 15.29
C ARG K 405 5.11 41.89 15.34
N MET K 406 4.85 43.05 14.77
CA MET K 406 3.50 43.60 14.72
C MET K 406 2.56 42.66 13.99
N VAL K 407 3.03 42.11 12.87
CA VAL K 407 2.21 41.20 12.07
C VAL K 407 1.85 39.96 12.88
N ARG K 408 2.84 39.40 13.56
CA ARG K 408 2.60 38.23 14.38
C ARG K 408 1.58 38.54 15.47
N ASP K 409 1.82 39.63 16.22
CA ASP K 409 0.89 40.01 17.29
C ASP K 409 -0.53 40.20 16.82
N VAL K 410 -0.72 40.98 15.75
CA VAL K 410 -2.06 41.23 15.24
C VAL K 410 -2.73 39.97 14.72
N CYS K 411 -1.99 39.16 13.96
CA CYS K 411 -2.51 37.90 13.41
C CYS K 411 -2.82 36.92 14.52
N SER K 412 -1.92 36.82 15.49
CA SER K 412 -2.14 35.93 16.62
C SER K 412 -3.45 36.33 17.27
N LYS K 413 -3.66 37.65 17.31
CA LYS K 413 -4.86 38.22 17.90
C LYS K 413 -6.14 37.80 17.22
N TYR K 414 -6.20 37.97 15.90
CA TYR K 414 -7.41 37.61 15.18
C TYR K 414 -7.56 36.18 14.68
N ILE K 415 -6.43 35.48 14.52
CA ILE K 415 -6.44 34.11 13.98
C ILE K 415 -6.20 32.95 14.94
N TYR K 416 -5.06 33.01 15.64
CA TYR K 416 -4.67 31.94 16.53
C TYR K 416 -5.73 31.40 17.45
N ASP K 417 -5.96 30.09 17.34
CA ASP K 417 -6.95 29.35 18.13
C ASP K 417 -8.36 29.94 18.10
N LYS K 418 -8.79 30.41 16.95
CA LYS K 418 -10.14 30.96 16.82
C LYS K 418 -11.08 29.95 16.16
N CYS K 419 -12.39 30.08 16.39
CA CYS K 419 -13.33 29.18 15.72
C CYS K 419 -13.65 29.90 14.42
N PRO K 420 -13.37 29.27 13.28
CA PRO K 420 -13.64 29.90 12.00
C PRO K 420 -15.01 29.63 11.41
N ALA K 421 -15.28 30.34 10.32
CA ALA K 421 -16.52 30.18 9.61
C ALA K 421 -16.10 29.51 8.31
N LEU K 422 -16.81 28.45 7.98
CA LEU K 422 -16.51 27.67 6.80
C LEU K 422 -17.67 27.52 5.86
N ALA K 423 -17.36 27.68 4.58
CA ALA K 423 -18.35 27.53 3.51
C ALA K 423 -17.68 26.69 2.40
N ALA K 424 -18.34 25.59 2.04
CA ALA K 424 -17.80 24.73 0.99
C ALA K 424 -18.91 24.32 0.04
N VAL K 425 -18.64 24.45 -1.26
CA VAL K 425 -19.61 24.12 -2.29
C VAL K 425 -19.00 23.23 -3.38
N GLY K 426 -19.81 22.34 -3.94
CA GLY K 426 -19.33 21.45 -4.99
C GLY K 426 -19.01 20.05 -4.49
N PRO K 427 -18.00 19.38 -5.09
CA PRO K 427 -17.51 18.03 -4.77
C PRO K 427 -16.52 18.07 -3.60
N ILE K 428 -17.05 18.33 -2.41
CA ILE K 428 -16.27 18.50 -1.19
C ILE K 428 -16.14 17.33 -0.21
N GLU K 429 -16.26 16.10 -0.70
CA GLU K 429 -16.14 14.94 0.19
C GLU K 429 -14.78 14.81 0.86
N GLN K 430 -13.73 15.30 0.22
CA GLN K 430 -12.39 15.20 0.77
C GLN K 430 -12.06 16.23 1.85
N LEU K 431 -12.83 17.31 1.93
CA LEU K 431 -12.58 18.32 2.94
C LEU K 431 -12.92 17.73 4.32
N LEU K 432 -11.94 17.63 5.21
CA LEU K 432 -12.21 17.04 6.52
C LEU K 432 -13.17 17.84 7.38
N ASP K 433 -13.70 17.20 8.42
CA ASP K 433 -14.69 17.82 9.30
C ASP K 433 -14.24 19.06 10.05
N TYR K 434 -15.22 19.78 10.61
CA TYR K 434 -14.98 21.01 11.35
C TYR K 434 -13.91 20.85 12.42
N ASN K 435 -14.08 19.82 13.24
CA ASN K 435 -13.12 19.57 14.32
C ASN K 435 -11.69 19.54 13.82
N ARG K 436 -11.43 18.79 12.75
CA ARG K 436 -10.09 18.72 12.20
C ARG K 436 -9.63 20.10 11.72
N ILE K 437 -10.52 20.84 11.07
CA ILE K 437 -10.16 22.17 10.60
C ILE K 437 -9.91 23.09 11.78
N ARG K 438 -10.73 22.95 12.83
CA ARG K 438 -10.57 23.77 14.01
C ARG K 438 -9.16 23.58 14.59
N SER K 439 -8.68 22.34 14.56
CA SER K 439 -7.35 22.02 15.06
C SER K 439 -6.25 22.65 14.22
N GLY K 440 -6.56 22.95 12.96
CA GLY K 440 -5.58 23.59 12.12
C GLY K 440 -5.42 25.04 12.52
N MET K 441 -6.16 25.46 13.54
CA MET K 441 -6.10 26.84 14.00
C MET K 441 -5.04 27.12 15.05
N TYR K 442 -4.27 26.10 15.44
CA TYR K 442 -3.21 26.31 16.41
C TYR K 442 -1.97 25.44 16.24
N TRP K 443 -0.86 25.95 16.77
CA TRP K 443 0.47 25.35 16.74
C TRP K 443 1.03 25.14 15.31
N ILE K 444 2.02 25.97 14.94
CA ILE K 444 2.66 25.89 13.61
C ILE K 444 3.30 27.20 13.16
N CYS L 20 8.69 70.83 -5.12
CA CYS L 20 7.20 70.88 -5.22
C CYS L 20 6.74 70.93 -6.68
N PRO L 21 6.71 69.74 -7.34
CA PRO L 21 6.32 69.49 -8.74
C PRO L 21 5.02 70.09 -9.30
N GLY L 22 4.99 70.30 -10.62
CA GLY L 22 3.82 70.86 -11.26
C GLY L 22 3.45 70.22 -12.58
N ALA L 23 3.57 70.98 -13.67
CA ALA L 23 3.23 70.50 -15.02
C ALA L 23 4.41 69.77 -15.64
N GLU L 24 4.33 69.49 -16.95
CA GLU L 24 5.42 68.79 -17.64
C GLU L 24 5.20 68.55 -19.14
N ASP L 25 6.28 68.24 -19.85
CA ASP L 25 6.21 67.97 -21.28
C ASP L 25 6.26 66.49 -21.62
N LEU L 26 5.73 66.16 -22.80
CA LEU L 26 5.72 64.81 -23.31
C LEU L 26 6.81 64.69 -24.35
N GLU L 27 8.06 64.67 -23.89
CA GLU L 27 9.20 64.58 -24.80
C GLU L 27 9.13 63.33 -25.66
N ILE L 28 10.08 63.18 -26.58
CA ILE L 28 10.06 62.02 -27.48
C ILE L 28 11.23 62.03 -28.47
N THR L 29 12.37 61.51 -28.03
CA THR L 29 13.57 61.43 -28.86
C THR L 29 13.39 60.29 -29.88
N LYS L 30 14.42 60.05 -30.69
CA LYS L 30 14.40 58.98 -31.70
C LYS L 30 15.81 58.67 -32.20
N LEU L 31 16.58 57.97 -31.38
CA LEU L 31 17.96 57.59 -31.70
C LEU L 31 18.19 57.24 -33.16
N PRO L 32 19.46 57.28 -33.60
CA PRO L 32 19.85 56.96 -34.98
C PRO L 32 19.40 55.58 -35.48
N ASN L 33 19.51 54.56 -34.64
CA ASN L 33 19.11 53.22 -35.07
C ASN L 33 17.61 53.07 -35.31
N GLY L 34 16.86 54.14 -35.03
CA GLY L 34 15.42 54.10 -35.25
C GLY L 34 14.59 53.81 -34.03
N LEU L 35 15.24 53.59 -32.90
CA LEU L 35 14.53 53.32 -31.67
C LEU L 35 13.87 54.59 -31.17
N ILE L 36 12.55 54.55 -30.99
CA ILE L 36 11.82 55.73 -30.51
C ILE L 36 11.67 55.70 -28.98
N ILE L 37 11.91 56.86 -28.37
CA ILE L 37 11.83 57.01 -26.92
C ILE L 37 10.86 58.12 -26.50
N ALA L 38 9.68 57.74 -26.01
CA ALA L 38 8.69 58.72 -25.57
C ALA L 38 8.47 58.62 -24.07
N SER L 39 8.63 59.73 -23.35
CA SER L 39 8.42 59.71 -21.91
C SER L 39 7.45 60.82 -21.50
N LEU L 40 7.10 60.85 -20.22
CA LEU L 40 6.18 61.84 -19.66
C LEU L 40 6.24 61.79 -18.16
N GLU L 41 6.35 62.96 -17.53
CA GLU L 41 6.40 63.03 -16.08
C GLU L 41 5.11 63.65 -15.53
N ASN L 42 4.27 62.83 -14.91
CA ASN L 42 3.02 63.30 -14.33
C ASN L 42 3.13 63.28 -12.82
N PHE L 43 4.36 63.11 -12.35
CA PHE L 43 4.68 63.06 -10.93
C PHE L 43 3.85 62.08 -10.11
N SER L 44 3.25 61.10 -10.79
CA SER L 44 2.47 60.07 -10.11
C SER L 44 3.45 59.24 -9.30
N PRO L 45 3.04 58.79 -8.10
CA PRO L 45 3.93 57.99 -7.28
C PRO L 45 4.30 56.65 -7.93
N ALA L 46 3.59 56.30 -8.99
CA ALA L 46 3.83 55.05 -9.69
C ALA L 46 4.30 55.27 -11.13
N SER L 47 5.36 54.56 -11.51
CA SER L 47 5.91 54.64 -12.86
C SER L 47 5.44 53.42 -13.65
N ARG L 48 5.28 53.57 -14.96
CA ARG L 48 4.84 52.46 -15.79
C ARG L 48 5.55 52.50 -17.14
N ILE L 49 6.69 51.83 -17.22
CA ILE L 49 7.49 51.77 -18.43
C ILE L 49 7.04 50.60 -19.29
N GLY L 50 7.33 50.68 -20.58
CA GLY L 50 6.94 49.61 -21.48
C GLY L 50 7.75 49.59 -22.77
N VAL L 51 7.81 48.42 -23.40
CA VAL L 51 8.53 48.26 -24.65
C VAL L 51 7.51 47.84 -25.71
N PHE L 52 7.17 48.77 -26.60
CA PHE L 52 6.18 48.50 -27.65
C PHE L 52 6.93 47.94 -28.84
N ILE L 53 6.30 46.99 -29.54
CA ILE L 53 6.94 46.33 -30.68
C ILE L 53 5.98 45.93 -31.77
N LYS L 54 6.43 46.07 -33.02
CA LYS L 54 5.62 45.66 -34.16
C LYS L 54 5.87 44.17 -34.39
N ALA L 55 5.20 43.32 -33.63
CA ALA L 55 5.36 41.86 -33.74
C ALA L 55 4.00 41.24 -33.49
N GLY L 56 3.82 39.95 -33.75
CA GLY L 56 2.52 39.35 -33.52
C GLY L 56 2.26 38.15 -34.41
N SER L 57 1.13 37.49 -34.21
CA SER L 57 0.83 36.30 -35.01
C SER L 57 0.78 36.64 -36.49
N ARG L 58 0.72 37.94 -36.75
CA ARG L 58 0.66 38.46 -38.12
C ARG L 58 1.92 38.06 -38.89
N TYR L 59 3.06 38.07 -38.20
CA TYR L 59 4.35 37.72 -38.81
C TYR L 59 4.66 36.22 -38.80
N GLU L 60 3.75 35.41 -38.27
CA GLU L 60 3.97 33.99 -38.26
C GLU L 60 3.55 33.46 -39.63
N THR L 61 4.03 32.27 -39.99
CA THR L 61 3.64 31.65 -41.25
C THR L 61 3.19 30.27 -40.82
N THR L 62 2.67 29.49 -41.75
CA THR L 62 2.20 28.17 -41.43
C THR L 62 3.20 27.39 -40.56
N ALA L 63 4.47 27.44 -40.96
CA ALA L 63 5.55 26.74 -40.25
C ALA L 63 5.76 27.04 -38.77
N ASN L 64 5.54 28.29 -38.35
CA ASN L 64 5.77 28.60 -36.95
C ASN L 64 4.54 29.14 -36.21
N LEU L 65 3.35 28.78 -36.68
CA LEU L 65 2.12 29.22 -36.04
C LEU L 65 2.19 29.06 -34.53
N GLY L 66 1.63 30.04 -33.82
CA GLY L 66 1.58 30.00 -32.36
C GLY L 66 2.86 30.42 -31.63
N THR L 67 3.95 30.55 -32.38
CA THR L 67 5.21 30.93 -31.77
C THR L 67 5.07 32.27 -31.02
N ALA L 68 4.29 33.18 -31.56
CA ALA L 68 4.10 34.47 -30.90
C ALA L 68 3.32 34.31 -29.59
N HIS L 69 2.34 33.40 -29.58
CA HIS L 69 1.57 33.16 -28.36
C HIS L 69 2.49 32.70 -27.25
N LEU L 70 3.27 31.65 -27.55
CA LEU L 70 4.22 31.08 -26.59
C LEU L 70 5.24 32.12 -26.15
N LEU L 71 5.71 32.93 -27.09
CA LEU L 71 6.68 33.95 -26.74
C LEU L 71 6.10 34.87 -25.66
N ARG L 72 4.81 35.11 -25.75
CA ARG L 72 4.11 35.96 -24.80
C ARG L 72 4.17 35.35 -23.39
N LEU L 73 3.95 34.04 -23.30
CA LEU L 73 3.99 33.31 -22.03
C LEU L 73 5.38 33.08 -21.55
N ALA L 74 6.35 33.25 -22.45
CA ALA L 74 7.76 33.00 -22.15
C ALA L 74 8.47 34.13 -21.41
N SER L 75 7.73 35.21 -21.16
CA SER L 75 8.32 36.35 -20.48
C SER L 75 9.08 36.03 -19.18
N PRO L 76 8.59 35.06 -18.38
CA PRO L 76 9.31 34.76 -17.13
C PRO L 76 10.50 33.80 -17.18
N LEU L 77 10.87 33.33 -18.39
CA LEU L 77 12.00 32.40 -18.55
C LEU L 77 13.35 33.06 -18.33
N THR L 78 14.39 32.28 -18.07
CA THR L 78 15.70 32.87 -17.80
C THR L 78 16.34 33.57 -18.99
N THR L 79 17.04 34.66 -18.70
CA THR L 79 17.71 35.46 -19.70
C THR L 79 19.22 35.46 -19.47
N LYS L 80 19.96 36.15 -20.30
CA LYS L 80 21.42 36.18 -20.16
C LYS L 80 21.80 36.98 -18.94
N GLY L 81 20.90 37.82 -18.47
CA GLY L 81 21.23 38.63 -17.31
C GLY L 81 20.55 38.23 -16.03
N ALA L 82 19.34 37.70 -16.15
CA ALA L 82 18.61 37.31 -14.97
C ALA L 82 18.10 35.90 -15.11
N SER L 83 18.01 35.19 -14.00
CA SER L 83 17.49 33.84 -14.05
C SER L 83 15.98 33.92 -13.87
N SER L 84 15.29 32.88 -14.33
CA SER L 84 13.84 32.77 -14.22
C SER L 84 13.43 33.11 -12.80
N PHE L 85 14.16 32.53 -11.85
CA PHE L 85 13.93 32.74 -10.44
C PHE L 85 14.08 34.22 -10.07
N ARG L 86 15.22 34.83 -10.41
CA ARG L 86 15.41 36.22 -10.03
C ARG L 86 14.48 37.22 -10.72
N ILE L 87 14.03 36.90 -11.93
CA ILE L 87 13.13 37.79 -12.63
C ILE L 87 11.87 37.91 -11.77
N THR L 88 11.30 36.76 -11.40
CA THR L 88 10.09 36.75 -10.60
C THR L 88 10.32 37.30 -9.19
N ARG L 89 11.33 36.78 -8.48
CA ARG L 89 11.60 37.25 -7.13
C ARG L 89 11.98 38.73 -7.09
N GLY L 90 12.82 39.14 -8.03
CA GLY L 90 13.27 40.52 -8.09
C GLY L 90 12.15 41.55 -8.20
N ILE L 91 11.28 41.34 -9.16
CA ILE L 91 10.15 42.23 -9.40
C ILE L 91 9.19 42.22 -8.20
N GLU L 92 8.89 41.04 -7.67
CA GLU L 92 7.99 40.94 -6.53
C GLU L 92 8.61 41.56 -5.29
N ALA L 93 9.93 41.55 -5.22
CA ALA L 93 10.65 42.10 -4.08
C ALA L 93 10.26 43.55 -3.82
N VAL L 94 10.00 44.28 -4.89
CA VAL L 94 9.63 45.69 -4.78
C VAL L 94 8.19 45.95 -5.22
N GLY L 95 7.30 45.01 -4.89
CA GLY L 95 5.89 45.15 -5.26
C GLY L 95 5.63 45.51 -6.70
N GLY L 96 6.58 45.19 -7.59
CA GLY L 96 6.39 45.50 -8.98
C GLY L 96 5.53 44.48 -9.72
N SER L 97 5.40 44.65 -11.02
CA SER L 97 4.64 43.70 -11.82
C SER L 97 5.23 43.69 -13.23
N LEU L 98 4.98 42.61 -13.95
CA LEU L 98 5.48 42.45 -15.32
C LEU L 98 4.44 41.71 -16.13
N SER L 99 4.01 42.31 -17.22
CA SER L 99 3.00 41.66 -18.04
C SER L 99 3.29 41.90 -19.53
N VAL L 100 2.57 41.17 -20.37
CA VAL L 100 2.77 41.29 -21.80
C VAL L 100 1.43 41.20 -22.50
N TYR L 101 1.02 42.29 -23.15
CA TYR L 101 -0.24 42.29 -23.88
C TYR L 101 0.13 42.26 -25.34
N SER L 102 -0.73 41.69 -26.17
CA SER L 102 -0.44 41.64 -27.59
C SER L 102 -1.67 41.49 -28.47
N THR L 103 -1.57 42.01 -29.69
CA THR L 103 -2.65 41.95 -30.68
C THR L 103 -2.08 41.15 -31.84
N ARG L 104 -2.83 41.02 -32.93
CA ARG L 104 -2.34 40.28 -34.08
C ARG L 104 -1.09 40.95 -34.63
N GLU L 105 -0.92 42.25 -34.36
CA GLU L 105 0.24 42.93 -34.90
C GLU L 105 1.13 43.74 -33.98
N LYS L 106 0.88 43.71 -32.69
CA LYS L 106 1.80 44.43 -31.82
C LYS L 106 1.92 43.74 -30.46
N MET L 107 3.09 43.89 -29.85
CA MET L 107 3.37 43.30 -28.54
C MET L 107 3.93 44.33 -27.59
N THR L 108 3.38 44.37 -26.38
CA THR L 108 3.82 45.32 -25.39
C THR L 108 4.25 44.64 -24.10
N TYR L 109 5.47 44.94 -23.68
CA TYR L 109 6.05 44.39 -22.46
C TYR L 109 6.15 45.54 -21.47
N CYS L 110 5.30 45.56 -20.45
CA CYS L 110 5.37 46.66 -19.50
C CYS L 110 5.48 46.24 -18.05
N VAL L 111 6.10 47.11 -17.26
CA VAL L 111 6.30 46.89 -15.84
C VAL L 111 5.81 48.12 -15.06
N GLU L 112 5.20 47.90 -13.90
CA GLU L 112 4.74 49.00 -13.06
C GLU L 112 5.41 48.84 -11.72
N CYS L 113 5.56 49.94 -10.99
CA CYS L 113 6.16 49.90 -9.67
C CYS L 113 6.28 51.31 -9.11
N LEU L 114 6.52 51.40 -7.80
CA LEU L 114 6.67 52.69 -7.16
C LEU L 114 7.92 53.36 -7.69
N ARG L 115 7.83 54.67 -7.91
CA ARG L 115 8.92 55.48 -8.45
C ARG L 115 10.35 55.09 -8.06
N ASP L 116 10.61 54.97 -6.77
CA ASP L 116 11.95 54.65 -6.31
C ASP L 116 12.51 53.31 -6.75
N HIS L 117 11.74 52.52 -7.51
CA HIS L 117 12.22 51.22 -7.94
C HIS L 117 12.35 51.04 -9.44
N VAL L 118 12.15 52.12 -10.18
CA VAL L 118 12.24 52.05 -11.63
C VAL L 118 13.57 51.41 -12.09
N ASP L 119 14.66 51.69 -11.39
CA ASP L 119 15.96 51.12 -11.76
C ASP L 119 15.90 49.61 -11.70
N THR L 120 15.56 49.10 -10.52
CA THR L 120 15.44 47.68 -10.26
C THR L 120 14.61 46.99 -11.33
N VAL L 121 13.34 47.36 -11.40
CA VAL L 121 12.42 46.79 -12.37
C VAL L 121 12.89 46.90 -13.81
N MET L 122 13.68 47.93 -14.11
CA MET L 122 14.15 48.13 -15.48
C MET L 122 15.06 47.01 -16.00
N GLU L 123 16.03 46.60 -15.19
CA GLU L 123 16.95 45.55 -15.55
C GLU L 123 16.23 44.34 -16.14
N TYR L 124 15.12 43.97 -15.49
CA TYR L 124 14.34 42.82 -15.93
C TYR L 124 13.65 43.06 -17.26
N LEU L 125 12.92 44.17 -17.37
CA LEU L 125 12.23 44.50 -18.61
C LEU L 125 13.21 44.45 -19.77
N LEU L 126 14.40 44.98 -19.52
CA LEU L 126 15.47 44.99 -20.51
C LEU L 126 15.81 43.55 -20.93
N ASN L 127 16.30 42.78 -19.96
CA ASN L 127 16.69 41.39 -20.16
C ASN L 127 15.66 40.56 -20.89
N VAL L 128 14.41 40.67 -20.45
CA VAL L 128 13.33 39.91 -21.06
C VAL L 128 13.16 40.16 -22.56
N THR L 129 13.12 41.43 -22.96
CA THR L 129 12.92 41.77 -24.37
C THR L 129 14.15 41.72 -25.26
N THR L 130 15.33 41.78 -24.67
CA THR L 130 16.51 41.79 -25.51
C THR L 130 17.54 40.68 -25.27
N ALA L 131 17.45 39.98 -24.15
CA ALA L 131 18.44 38.94 -23.87
C ALA L 131 17.89 37.58 -23.47
N PRO L 132 16.78 37.12 -24.10
CA PRO L 132 16.21 35.81 -23.76
C PRO L 132 17.13 34.64 -24.15
N GLU L 133 17.14 33.58 -23.35
CA GLU L 133 17.97 32.42 -23.64
C GLU L 133 17.16 31.23 -24.15
N PHE L 134 15.84 31.29 -24.02
CA PHE L 134 14.92 30.22 -24.46
C PHE L 134 15.52 28.83 -24.28
N ARG L 135 16.01 28.54 -23.07
CA ARG L 135 16.58 27.24 -22.75
C ARG L 135 15.59 26.18 -23.13
N PRO L 136 16.03 25.17 -23.89
CA PRO L 136 15.19 24.06 -24.34
C PRO L 136 14.28 23.48 -23.26
N TRP L 137 14.85 23.06 -22.14
CA TRP L 137 14.06 22.47 -21.08
C TRP L 137 12.99 23.41 -20.55
N GLU L 138 13.34 24.67 -20.27
CA GLU L 138 12.36 25.64 -19.79
C GLU L 138 11.22 25.79 -20.78
N VAL L 139 11.57 25.82 -22.07
CA VAL L 139 10.58 25.94 -23.12
C VAL L 139 9.66 24.72 -23.21
N THR L 140 10.23 23.53 -23.07
CA THR L 140 9.46 22.31 -23.14
C THR L 140 8.43 22.30 -22.02
N ASP L 141 8.90 22.68 -20.83
CA ASP L 141 8.08 22.70 -19.64
C ASP L 141 6.90 23.67 -19.71
N LEU L 142 7.14 24.79 -20.37
CA LEU L 142 6.15 25.84 -20.51
C LEU L 142 5.03 25.57 -21.52
N GLN L 143 5.34 24.84 -22.58
CA GLN L 143 4.34 24.62 -23.60
C GLN L 143 3.00 24.05 -23.18
N PRO L 144 2.96 23.16 -22.19
CA PRO L 144 1.61 22.69 -21.87
C PRO L 144 0.71 23.83 -21.38
N GLN L 145 1.33 24.93 -20.95
CA GLN L 145 0.59 26.09 -20.46
C GLN L 145 -0.29 26.69 -21.56
N LEU L 146 0.16 26.58 -22.79
CA LEU L 146 -0.60 27.11 -23.92
C LEU L 146 -2.01 26.52 -23.91
N LYS L 147 -2.14 25.25 -23.53
CA LYS L 147 -3.46 24.63 -23.50
C LYS L 147 -4.32 25.32 -22.47
N VAL L 148 -3.76 25.50 -21.28
CA VAL L 148 -4.46 26.14 -20.15
C VAL L 148 -4.82 27.58 -20.48
N ASP L 149 -3.82 28.34 -20.90
CA ASP L 149 -4.04 29.73 -21.23
C ASP L 149 -5.18 29.84 -22.22
N LYS L 150 -5.08 29.08 -23.30
CA LYS L 150 -6.08 29.07 -24.36
C LYS L 150 -7.43 28.60 -23.85
N ALA L 151 -7.44 27.66 -22.91
CA ALA L 151 -8.69 27.15 -22.36
C ALA L 151 -9.48 28.24 -21.61
N VAL L 152 -8.81 29.00 -20.76
CA VAL L 152 -9.53 30.03 -20.03
C VAL L 152 -9.96 31.14 -20.95
N ALA L 153 -9.12 31.48 -21.92
CA ALA L 153 -9.49 32.55 -22.85
C ALA L 153 -10.77 32.19 -23.58
N PHE L 154 -10.83 30.98 -24.11
CA PHE L 154 -11.99 30.52 -24.86
C PHE L 154 -13.29 30.32 -24.08
N GLN L 155 -13.32 30.74 -22.82
CA GLN L 155 -14.55 30.60 -22.04
C GLN L 155 -15.53 31.68 -22.49
N SER L 156 -14.98 32.76 -23.05
CA SER L 156 -15.76 33.87 -23.58
C SER L 156 -16.03 33.52 -25.04
N PRO L 157 -17.31 33.33 -25.43
CA PRO L 157 -17.60 32.98 -26.83
C PRO L 157 -17.04 34.03 -27.78
N GLN L 158 -17.05 35.26 -27.29
CA GLN L 158 -16.53 36.41 -28.00
C GLN L 158 -15.20 35.98 -28.66
N VAL L 159 -14.19 35.67 -27.85
CA VAL L 159 -12.86 35.28 -28.32
C VAL L 159 -12.83 34.21 -29.43
N GLY L 160 -13.72 33.22 -29.35
CA GLY L 160 -13.77 32.18 -30.35
C GLY L 160 -14.20 32.65 -31.73
N VAL L 161 -15.29 33.43 -31.81
CA VAL L 161 -15.78 33.92 -33.10
C VAL L 161 -14.89 34.99 -33.69
N LEU L 162 -14.19 35.74 -32.85
CA LEU L 162 -13.29 36.75 -33.40
C LEU L 162 -12.11 36.08 -34.09
N GLU L 163 -11.73 34.90 -33.61
CA GLU L 163 -10.63 34.13 -34.21
C GLU L 163 -11.10 33.69 -35.58
N ASN L 164 -12.27 33.05 -35.62
CA ASN L 164 -12.81 32.60 -36.88
C ASN L 164 -13.06 33.77 -37.82
N LEU L 165 -13.47 34.90 -37.26
CA LEU L 165 -13.76 36.06 -38.07
C LEU L 165 -12.52 36.42 -38.88
N HIS L 166 -11.38 36.66 -38.21
CA HIS L 166 -10.16 36.99 -38.92
C HIS L 166 -9.72 35.87 -39.90
N ALA L 167 -10.11 34.64 -39.62
CA ALA L 167 -9.76 33.52 -40.49
C ALA L 167 -10.64 33.50 -41.72
N ALA L 168 -11.81 34.14 -41.64
CA ALA L 168 -12.72 34.21 -42.76
C ALA L 168 -12.46 35.52 -43.52
N ALA L 169 -12.08 36.55 -42.78
CA ALA L 169 -11.82 37.85 -43.36
C ALA L 169 -10.58 37.86 -44.25
N TYR L 170 -9.54 37.17 -43.82
CA TYR L 170 -8.30 37.15 -44.58
C TYR L 170 -7.88 35.77 -45.04
N LYS L 171 -6.87 35.75 -45.90
CA LYS L 171 -6.32 34.49 -46.40
C LYS L 171 -4.97 34.36 -45.74
N THR L 172 -4.39 35.51 -45.35
CA THR L 172 -3.07 35.53 -44.75
C THR L 172 -2.87 36.55 -43.62
N ALA L 173 -1.65 36.54 -43.05
CA ALA L 173 -1.23 37.44 -41.98
C ALA L 173 -2.24 37.64 -40.86
N LEU L 174 -3.16 38.58 -41.06
CA LEU L 174 -4.18 38.87 -40.06
C LEU L 174 -5.13 37.68 -39.88
N ALA L 175 -5.04 36.70 -40.76
CA ALA L 175 -5.89 35.53 -40.67
C ALA L 175 -5.39 34.61 -39.56
N ASN L 176 -4.10 34.68 -39.27
CA ASN L 176 -3.50 33.83 -38.23
C ASN L 176 -4.17 34.07 -36.89
N PRO L 177 -4.45 32.99 -36.13
CA PRO L 177 -5.10 33.09 -34.82
C PRO L 177 -4.20 33.74 -33.77
N LEU L 178 -4.80 34.34 -32.75
CA LEU L 178 -4.04 35.01 -31.69
C LEU L 178 -3.58 34.00 -30.61
N TYR L 179 -4.20 32.82 -30.63
CA TYR L 179 -3.87 31.76 -29.69
C TYR L 179 -3.39 30.56 -30.46
N CYS L 180 -2.22 30.05 -30.06
CA CYS L 180 -1.60 28.88 -30.68
C CYS L 180 -2.56 27.74 -31.02
N PRO L 181 -2.59 27.31 -32.28
CA PRO L 181 -3.48 26.21 -32.65
C PRO L 181 -3.11 24.95 -31.87
N ASP L 182 -4.08 24.06 -31.66
CA ASP L 182 -3.85 22.84 -30.89
C ASP L 182 -2.77 21.90 -31.42
N TYR L 183 -2.79 21.59 -32.71
CA TYR L 183 -1.79 20.69 -33.28
C TYR L 183 -0.35 21.16 -33.09
N ARG L 184 -0.16 22.42 -32.68
CA ARG L 184 1.20 22.92 -32.48
C ARG L 184 1.66 23.07 -31.04
N ILE L 185 0.76 22.79 -30.10
CA ILE L 185 1.11 22.90 -28.69
C ILE L 185 2.17 21.82 -28.43
N GLY L 186 3.32 22.24 -27.94
CA GLY L 186 4.39 21.30 -27.68
C GLY L 186 5.36 21.11 -28.84
N LYS L 187 5.04 21.68 -29.99
CA LYS L 187 5.89 21.54 -31.17
C LYS L 187 6.71 22.78 -31.49
N ILE L 188 6.42 23.88 -30.80
CA ILE L 188 7.16 25.11 -31.03
C ILE L 188 8.55 24.82 -30.49
N THR L 189 9.58 25.35 -31.14
CA THR L 189 10.94 25.10 -30.69
C THR L 189 11.65 26.36 -30.22
N SER L 190 12.82 26.17 -29.61
CA SER L 190 13.61 27.30 -29.11
C SER L 190 14.16 28.08 -30.27
N GLU L 191 14.58 27.38 -31.32
CA GLU L 191 15.13 28.05 -32.50
C GLU L 191 14.06 28.96 -33.05
N GLN L 192 12.82 28.47 -33.07
CA GLN L 192 11.68 29.23 -33.57
C GLN L 192 11.46 30.50 -32.75
N LEU L 193 11.60 30.40 -31.43
CA LEU L 193 11.42 31.56 -30.59
C LEU L 193 12.58 32.53 -30.81
N HIS L 194 13.79 32.00 -30.92
CA HIS L 194 14.93 32.87 -31.15
C HIS L 194 14.82 33.57 -32.49
N HIS L 195 14.56 32.81 -33.54
CA HIS L 195 14.46 33.41 -34.86
C HIS L 195 13.38 34.48 -34.90
N PHE L 196 12.26 34.25 -34.21
CA PHE L 196 11.17 35.23 -34.17
C PHE L 196 11.67 36.53 -33.53
N VAL L 197 12.23 36.42 -32.33
CA VAL L 197 12.74 37.60 -31.65
C VAL L 197 13.83 38.31 -32.46
N GLN L 198 14.65 37.56 -33.18
CA GLN L 198 15.73 38.14 -33.98
C GLN L 198 15.21 38.89 -35.21
N ASN L 199 14.18 38.35 -35.85
CA ASN L 199 13.64 38.98 -37.04
C ASN L 199 12.46 39.94 -36.81
N ASN L 200 12.14 40.25 -35.56
CA ASN L 200 11.01 41.15 -35.29
C ASN L 200 11.33 42.16 -34.20
N PHE L 201 12.06 41.73 -33.17
CA PHE L 201 12.42 42.64 -32.09
C PHE L 201 13.67 43.43 -32.48
N THR L 202 13.54 44.21 -33.56
CA THR L 202 14.63 45.04 -34.07
C THR L 202 14.43 46.50 -33.65
N SER L 203 15.54 47.18 -33.36
CA SER L 203 15.51 48.57 -32.90
C SER L 203 14.58 49.54 -33.66
N ALA L 204 14.33 49.26 -34.94
CA ALA L 204 13.48 50.13 -35.73
C ALA L 204 12.01 49.70 -35.73
N ARG L 205 11.67 48.72 -34.89
CA ARG L 205 10.30 48.24 -34.80
C ARG L 205 9.88 48.31 -33.35
N MET L 206 10.76 48.87 -32.52
CA MET L 206 10.52 49.00 -31.10
C MET L 206 10.44 50.46 -30.64
N ALA L 207 9.75 50.66 -29.51
CA ALA L 207 9.59 51.97 -28.90
C ALA L 207 9.62 51.77 -27.38
N LEU L 208 10.43 52.59 -26.71
CA LEU L 208 10.56 52.51 -25.26
C LEU L 208 9.79 53.67 -24.61
N VAL L 209 8.50 53.44 -24.34
CA VAL L 209 7.64 54.45 -23.74
C VAL L 209 7.62 54.38 -22.19
N GLY L 210 7.50 55.52 -21.53
CA GLY L 210 7.48 55.53 -20.08
C GLY L 210 6.66 56.64 -19.43
N ILE L 211 6.07 56.35 -18.27
CA ILE L 211 5.28 57.33 -17.54
C ILE L 211 5.80 57.45 -16.11
N GLY L 212 5.74 58.63 -15.53
CA GLY L 212 6.22 58.80 -14.18
C GLY L 212 7.74 58.74 -14.17
N VAL L 213 8.34 59.06 -15.31
CA VAL L 213 9.79 59.04 -15.43
C VAL L 213 10.30 60.32 -16.10
N LYS L 214 11.62 60.50 -16.08
CA LYS L 214 12.25 61.67 -16.71
C LYS L 214 12.93 61.23 -18.00
N HIS L 215 12.63 61.93 -19.08
CA HIS L 215 13.17 61.61 -20.40
C HIS L 215 14.67 61.35 -20.45
N SER L 216 15.45 62.22 -19.82
CA SER L 216 16.90 62.05 -19.81
C SER L 216 17.25 60.66 -19.25
N ASP L 217 16.52 60.23 -18.24
CA ASP L 217 16.74 58.93 -17.61
C ASP L 217 16.35 57.79 -18.56
N LEU L 218 15.08 57.74 -18.95
CA LEU L 218 14.59 56.71 -19.86
C LEU L 218 15.43 56.67 -21.11
N LYS L 219 15.74 57.83 -21.64
CA LYS L 219 16.55 57.92 -22.85
C LYS L 219 17.89 57.22 -22.62
N GLN L 220 18.48 57.47 -21.46
CA GLN L 220 19.78 56.88 -21.13
C GLN L 220 19.74 55.37 -21.09
N VAL L 221 18.73 54.81 -20.44
CA VAL L 221 18.59 53.36 -20.32
C VAL L 221 18.61 52.72 -21.72
N ALA L 222 17.77 53.23 -22.61
CA ALA L 222 17.67 52.70 -23.97
C ALA L 222 19.03 52.56 -24.65
N GLU L 223 19.61 53.69 -25.01
CA GLU L 223 20.91 53.72 -25.70
C GLU L 223 22.05 52.97 -25.05
N GLN L 224 22.13 53.00 -23.73
CA GLN L 224 23.23 52.32 -23.06
C GLN L 224 22.98 50.83 -22.83
N PHE L 225 21.74 50.37 -22.98
CA PHE L 225 21.45 48.97 -22.74
C PHE L 225 20.85 48.20 -23.92
N LEU L 226 19.96 48.82 -24.69
CA LEU L 226 19.35 48.12 -25.81
C LEU L 226 20.34 47.77 -26.93
N ASN L 227 20.65 46.48 -27.06
CA ASN L 227 21.59 45.99 -28.06
C ASN L 227 21.06 45.20 -29.25
N ILE L 228 20.05 44.34 -29.08
CA ILE L 228 19.52 43.61 -30.25
C ILE L 228 19.35 44.74 -31.24
N ARG L 229 20.07 44.66 -32.35
CA ARG L 229 20.05 45.77 -33.29
C ARG L 229 19.03 45.97 -34.40
N SER L 230 19.29 47.08 -35.10
CA SER L 230 18.51 47.64 -36.18
C SER L 230 17.98 46.77 -37.28
N GLY L 231 17.33 47.44 -38.21
CA GLY L 231 16.71 46.79 -39.34
C GLY L 231 15.21 46.88 -39.18
N ALA L 232 14.47 46.39 -40.17
CA ALA L 232 13.01 46.40 -40.11
C ALA L 232 12.63 44.95 -39.95
N GLY L 233 13.66 44.13 -39.77
CA GLY L 233 13.49 42.70 -39.62
C GLY L 233 12.60 42.19 -40.73
N THR L 234 12.19 40.94 -40.62
CA THR L 234 11.31 40.35 -41.62
C THR L 234 10.03 41.15 -41.65
N SER L 235 9.65 41.61 -42.84
CA SER L 235 8.44 42.38 -43.01
C SER L 235 7.31 41.38 -43.16
N SER L 236 6.10 41.79 -42.78
CA SER L 236 4.95 40.91 -42.88
C SER L 236 4.26 40.98 -44.23
N ALA L 237 3.70 39.85 -44.66
CA ALA L 237 2.97 39.78 -45.93
C ALA L 237 1.77 40.73 -45.88
N LYS L 238 1.33 41.18 -47.05
CA LYS L 238 0.19 42.09 -47.14
C LYS L 238 -1.08 41.34 -46.78
N ALA L 239 -2.00 42.02 -46.11
CA ALA L 239 -3.25 41.40 -45.73
C ALA L 239 -4.19 41.33 -46.94
N THR L 240 -4.52 40.11 -47.34
CA THR L 240 -5.40 39.88 -48.49
C THR L 240 -6.78 39.54 -47.97
N TYR L 241 -7.79 40.25 -48.45
CA TYR L 241 -9.16 39.98 -48.00
C TYR L 241 -9.72 38.71 -48.64
N TRP L 242 -10.53 37.97 -47.90
CA TRP L 242 -11.11 36.73 -48.44
C TRP L 242 -12.63 36.79 -48.49
N GLY L 243 -13.26 37.15 -47.38
CA GLY L 243 -14.70 37.23 -47.35
C GLY L 243 -15.35 35.87 -47.19
N GLY L 244 -14.74 35.05 -46.34
CA GLY L 244 -15.25 33.71 -46.10
C GLY L 244 -16.34 33.65 -45.05
N GLU L 245 -16.75 32.43 -44.72
CA GLU L 245 -17.80 32.20 -43.76
C GLU L 245 -17.55 30.92 -42.96
N ILE L 246 -17.35 31.06 -41.65
CA ILE L 246 -17.08 29.93 -40.77
C ILE L 246 -18.20 29.74 -39.77
N ARG L 247 -18.76 28.54 -39.72
CA ARG L 247 -19.86 28.27 -38.80
C ARG L 247 -19.57 27.12 -37.84
N GLU L 248 -19.45 27.44 -36.56
CA GLU L 248 -19.19 26.44 -35.56
C GLU L 248 -20.48 26.04 -34.85
N GLN L 249 -21.00 24.87 -35.20
CA GLN L 249 -22.22 24.34 -34.61
C GLN L 249 -21.85 23.61 -33.32
N ASN L 250 -22.07 24.26 -32.17
CA ASN L 250 -21.72 23.64 -30.90
C ASN L 250 -22.87 23.46 -29.92
N GLY L 251 -24.10 23.71 -30.38
CA GLY L 251 -25.25 23.51 -29.51
C GLY L 251 -25.60 24.50 -28.41
N HIS L 252 -24.77 25.52 -28.15
CA HIS L 252 -25.08 26.49 -27.10
C HIS L 252 -26.41 27.20 -27.33
N SER L 253 -27.12 27.48 -26.23
CA SER L 253 -28.41 28.15 -26.27
C SER L 253 -28.33 29.52 -26.95
N LEU L 254 -27.19 30.19 -26.81
CA LEU L 254 -26.99 31.50 -27.42
C LEU L 254 -26.16 31.40 -28.68
N VAL L 255 -26.48 32.26 -29.65
CA VAL L 255 -25.76 32.29 -30.91
C VAL L 255 -25.02 33.59 -31.07
N HIS L 256 -23.70 33.51 -31.19
CA HIS L 256 -22.89 34.69 -31.40
C HIS L 256 -22.60 34.74 -32.90
N ALA L 257 -22.74 35.92 -33.49
CA ALA L 257 -22.49 36.07 -34.91
C ALA L 257 -21.94 37.44 -35.19
N ALA L 258 -21.04 37.51 -36.16
CA ALA L 258 -20.43 38.77 -36.53
C ALA L 258 -20.34 38.83 -38.05
N VAL L 259 -20.75 39.96 -38.62
CA VAL L 259 -20.71 40.16 -40.06
C VAL L 259 -19.91 41.42 -40.29
N VAL L 260 -18.88 41.32 -41.11
CA VAL L 260 -18.05 42.49 -41.39
C VAL L 260 -17.69 42.63 -42.85
N THR L 261 -17.02 43.75 -43.12
CA THR L 261 -16.57 44.10 -44.45
C THR L 261 -15.24 44.79 -44.25
N GLU L 262 -14.41 44.76 -45.29
CA GLU L 262 -13.14 45.43 -45.19
C GLU L 262 -13.45 46.87 -44.77
N GLY L 263 -12.90 47.26 -43.62
CA GLY L 263 -13.13 48.60 -43.12
C GLY L 263 -11.93 49.46 -43.42
N ALA L 264 -11.66 50.43 -42.55
CA ALA L 264 -10.54 51.34 -42.77
C ALA L 264 -9.28 50.91 -42.06
N ALA L 265 -8.14 51.38 -42.56
CA ALA L 265 -6.84 51.07 -41.99
C ALA L 265 -6.47 52.13 -40.95
N VAL L 266 -5.45 51.86 -40.15
CA VAL L 266 -4.99 52.79 -39.14
C VAL L 266 -4.45 54.01 -39.86
N GLY L 267 -4.93 55.18 -39.47
CA GLY L 267 -4.47 56.40 -40.12
C GLY L 267 -5.29 56.74 -41.34
N SER L 268 -5.93 55.74 -41.93
CA SER L 268 -6.76 55.94 -43.12
C SER L 268 -7.77 57.03 -42.76
N ALA L 269 -7.83 58.08 -43.57
CA ALA L 269 -8.76 59.19 -43.32
C ALA L 269 -10.15 58.64 -43.04
N GLU L 270 -10.53 57.65 -43.83
CA GLU L 270 -11.84 57.00 -43.72
C GLU L 270 -12.03 56.32 -42.36
N ALA L 271 -11.05 56.46 -41.48
CA ALA L 271 -11.10 55.87 -40.14
C ALA L 271 -12.22 56.48 -39.30
N ASN L 272 -12.02 57.74 -38.93
CA ASN L 272 -12.99 58.47 -38.13
C ASN L 272 -14.40 58.25 -38.64
N ALA L 273 -14.57 58.24 -39.96
CA ALA L 273 -15.89 58.03 -40.54
C ALA L 273 -16.53 56.78 -39.92
N PHE L 274 -15.80 55.67 -39.93
CA PHE L 274 -16.31 54.44 -39.36
C PHE L 274 -16.45 54.56 -37.85
N SER L 275 -15.47 55.17 -37.20
CA SER L 275 -15.54 55.34 -35.75
C SER L 275 -16.88 56.00 -35.40
N VAL L 276 -17.23 57.03 -36.15
CA VAL L 276 -18.48 57.73 -35.92
C VAL L 276 -19.67 56.86 -36.32
N LEU L 277 -19.63 56.25 -37.49
CA LEU L 277 -20.73 55.39 -37.91
C LEU L 277 -20.95 54.31 -36.84
N GLN L 278 -19.85 53.94 -36.19
CA GLN L 278 -19.86 52.94 -35.13
C GLN L 278 -20.75 53.43 -34.00
N HIS L 279 -20.39 54.58 -33.44
CA HIS L 279 -21.15 55.17 -32.35
C HIS L 279 -22.56 55.55 -32.77
N VAL L 280 -22.77 55.80 -34.06
CA VAL L 280 -24.10 56.14 -34.54
C VAL L 280 -24.98 54.88 -34.52
N LEU L 281 -24.38 53.74 -34.84
CA LEU L 281 -25.09 52.48 -34.86
C LEU L 281 -25.28 51.90 -33.47
N GLY L 282 -24.25 52.03 -32.65
CA GLY L 282 -24.30 51.50 -31.30
C GLY L 282 -23.01 50.82 -30.88
N ALA L 283 -22.18 51.52 -30.12
CA ALA L 283 -20.90 50.98 -29.68
C ALA L 283 -20.82 50.71 -28.18
N GLY L 284 -21.63 49.78 -27.68
CA GLY L 284 -21.59 49.46 -26.26
C GLY L 284 -22.54 50.26 -25.40
N PRO L 285 -22.97 49.71 -24.25
CA PRO L 285 -23.90 50.37 -23.34
C PRO L 285 -23.27 51.52 -22.52
N LEU L 286 -24.09 52.51 -22.19
CA LEU L 286 -23.66 53.67 -21.43
C LEU L 286 -24.37 53.77 -20.07
N ILE L 287 -25.49 53.05 -19.96
CA ILE L 287 -26.29 53.03 -18.74
C ILE L 287 -26.43 51.57 -18.28
N LYS L 288 -26.16 51.33 -17.00
CA LYS L 288 -26.26 50.00 -16.45
C LYS L 288 -27.69 49.45 -16.55
N ARG L 289 -27.82 48.26 -17.12
CA ARG L 289 -29.13 47.61 -17.31
C ARG L 289 -30.07 48.48 -18.11
N GLY L 290 -29.57 49.60 -18.61
CA GLY L 290 -30.40 50.48 -19.39
C GLY L 290 -30.42 50.11 -20.87
N SER L 291 -31.41 50.63 -21.57
CA SER L 291 -31.52 50.39 -23.00
C SER L 291 -30.67 51.47 -23.67
N SER L 292 -30.28 51.24 -24.91
CA SER L 292 -29.48 52.21 -25.62
C SER L 292 -30.38 52.82 -26.69
N VAL L 293 -30.90 54.01 -26.40
CA VAL L 293 -31.79 54.67 -27.34
C VAL L 293 -30.99 55.33 -28.46
N THR L 294 -29.85 55.90 -28.09
CA THR L 294 -28.95 56.56 -29.04
C THR L 294 -28.29 55.51 -29.96
N SER L 295 -28.79 54.28 -29.87
CA SER L 295 -28.25 53.19 -30.66
C SER L 295 -29.20 52.73 -31.74
N LYS L 296 -28.92 53.13 -32.97
CA LYS L 296 -29.74 52.76 -34.11
C LYS L 296 -29.88 51.25 -34.19
N LEU L 297 -28.72 50.59 -34.16
CA LEU L 297 -28.64 49.15 -34.27
C LEU L 297 -29.36 48.38 -33.16
N TYR L 298 -29.10 48.74 -31.91
CA TYR L 298 -29.74 48.08 -30.78
C TYR L 298 -31.25 48.25 -30.87
N GLN L 299 -31.68 49.51 -30.94
CA GLN L 299 -33.09 49.86 -31.03
C GLN L 299 -33.80 49.13 -32.17
N GLY L 300 -33.12 49.00 -33.29
CA GLY L 300 -33.71 48.31 -34.42
C GLY L 300 -33.91 46.83 -34.15
N VAL L 301 -32.88 46.19 -33.60
CA VAL L 301 -32.95 44.77 -33.28
C VAL L 301 -34.00 44.55 -32.20
N ALA L 302 -34.02 45.45 -31.24
CA ALA L 302 -34.97 45.39 -30.14
C ALA L 302 -36.41 45.30 -30.67
N LYS L 303 -36.73 46.16 -31.64
CA LYS L 303 -38.06 46.18 -32.22
C LYS L 303 -38.42 44.86 -32.89
N ALA L 304 -37.41 44.11 -33.31
CA ALA L 304 -37.63 42.85 -34.00
C ALA L 304 -37.86 41.63 -33.12
N THR L 305 -37.09 41.49 -32.06
CA THR L 305 -37.24 40.35 -31.17
C THR L 305 -37.67 40.74 -29.76
N THR L 306 -38.30 39.80 -29.07
CA THR L 306 -38.80 40.03 -27.70
C THR L 306 -37.83 39.50 -26.65
N GLN L 307 -37.04 38.51 -27.03
CA GLN L 307 -36.08 37.88 -26.13
C GLN L 307 -34.77 38.62 -25.95
N PRO L 308 -34.02 38.26 -24.90
CA PRO L 308 -32.73 38.88 -24.58
C PRO L 308 -31.78 38.80 -25.76
N PHE L 309 -31.01 39.86 -25.96
CA PHE L 309 -30.09 39.90 -27.07
C PHE L 309 -29.06 41.00 -26.85
N ASP L 310 -28.21 41.16 -27.85
CA ASP L 310 -27.21 42.19 -27.83
C ASP L 310 -26.65 42.40 -29.22
N ALA L 311 -26.58 43.66 -29.64
CA ALA L 311 -26.06 43.99 -30.96
C ALA L 311 -25.13 45.18 -30.81
N SER L 312 -24.06 45.20 -31.61
CA SER L 312 -23.10 46.28 -31.55
C SER L 312 -22.37 46.48 -32.86
N ALA L 313 -21.83 47.68 -33.02
CA ALA L 313 -21.06 48.00 -34.21
C ALA L 313 -19.66 47.53 -33.92
N PHE L 314 -19.18 46.63 -34.77
CA PHE L 314 -17.83 46.10 -34.63
C PHE L 314 -16.91 46.96 -35.49
N ASN L 315 -15.71 47.22 -35.01
CA ASN L 315 -14.79 48.03 -35.78
C ASN L 315 -13.33 47.84 -35.39
N VAL L 316 -12.50 47.41 -36.34
CA VAL L 316 -11.07 47.20 -36.07
C VAL L 316 -10.22 47.87 -37.12
N ASN L 317 -9.15 48.52 -36.67
CA ASN L 317 -8.22 49.19 -37.58
C ASN L 317 -6.82 48.64 -37.44
N TYR L 318 -6.31 48.03 -38.52
CA TYR L 318 -4.97 47.48 -38.50
C TYR L 318 -4.07 48.32 -39.41
N SER L 319 -2.77 48.06 -39.36
CA SER L 319 -1.79 48.78 -40.17
C SER L 319 -2.17 48.90 -41.64
N ASP L 320 -2.36 47.76 -42.29
CA ASP L 320 -2.69 47.77 -43.71
C ASP L 320 -4.11 47.31 -44.03
N SER L 321 -5.03 47.44 -43.07
CA SER L 321 -6.39 47.01 -43.32
C SER L 321 -7.27 47.21 -42.10
N GLY L 322 -8.51 46.76 -42.18
CA GLY L 322 -9.41 46.90 -41.05
C GLY L 322 -10.67 46.11 -41.32
N LEU L 323 -11.56 46.03 -40.33
CA LEU L 323 -12.81 45.31 -40.51
C LEU L 323 -13.93 46.13 -39.88
N PHE L 324 -15.11 46.09 -40.49
CA PHE L 324 -16.23 46.84 -39.95
C PHE L 324 -17.54 46.08 -40.13
N GLY L 325 -18.39 46.12 -39.12
CA GLY L 325 -19.66 45.43 -39.21
C GLY L 325 -20.33 45.43 -37.86
N PHE L 326 -21.14 44.41 -37.63
CA PHE L 326 -21.85 44.31 -36.38
C PHE L 326 -21.70 42.93 -35.75
N TYR L 327 -21.73 42.90 -34.43
CA TYR L 327 -21.63 41.66 -33.68
C TYR L 327 -22.91 41.45 -32.88
N THR L 328 -23.52 40.28 -33.00
CA THR L 328 -24.74 40.04 -32.25
C THR L 328 -24.62 38.84 -31.34
N ILE L 329 -25.57 38.72 -30.43
CA ILE L 329 -25.65 37.62 -29.48
C ILE L 329 -27.15 37.48 -29.28
N SER L 330 -27.68 36.29 -29.47
CA SER L 330 -29.11 36.12 -29.33
C SER L 330 -29.49 34.68 -29.05
N GLN L 331 -30.74 34.45 -28.67
CA GLN L 331 -31.19 33.10 -28.42
C GLN L 331 -31.12 32.40 -29.78
N ALA L 332 -31.01 31.09 -29.78
CA ALA L 332 -30.87 30.36 -31.02
C ALA L 332 -32.04 30.53 -31.98
N ALA L 333 -33.26 30.34 -31.50
CA ALA L 333 -34.44 30.45 -32.32
C ALA L 333 -34.65 31.82 -32.97
N HIS L 334 -34.18 32.87 -32.31
CA HIS L 334 -34.36 34.22 -32.84
C HIS L 334 -33.10 34.79 -33.48
N ALA L 335 -32.11 33.95 -33.70
CA ALA L 335 -30.86 34.39 -34.32
C ALA L 335 -31.14 34.96 -35.70
N GLY L 336 -32.04 34.31 -36.42
CA GLY L 336 -32.39 34.74 -37.76
C GLY L 336 -32.84 36.20 -37.80
N GLU L 337 -33.99 36.48 -37.19
CA GLU L 337 -34.51 37.83 -37.18
C GLU L 337 -33.55 38.86 -36.58
N VAL L 338 -32.82 38.49 -35.53
CA VAL L 338 -31.89 39.43 -34.91
C VAL L 338 -30.77 39.89 -35.83
N ILE L 339 -30.30 38.96 -36.64
CA ILE L 339 -29.21 39.28 -37.56
C ILE L 339 -29.72 40.08 -38.75
N ARG L 340 -30.91 39.71 -39.24
CA ARG L 340 -31.49 40.41 -40.37
C ARG L 340 -31.85 41.84 -39.97
N ALA L 341 -32.35 41.99 -38.75
CA ALA L 341 -32.71 43.30 -38.24
C ALA L 341 -31.47 44.20 -38.16
N ALA L 342 -30.34 43.62 -37.83
CA ALA L 342 -29.10 44.38 -37.72
C ALA L 342 -28.66 44.87 -39.10
N MET L 343 -28.91 44.05 -40.12
CA MET L 343 -28.57 44.38 -41.50
C MET L 343 -29.35 45.57 -42.02
N ASN L 344 -30.67 45.55 -41.79
CA ASN L 344 -31.54 46.64 -42.24
C ASN L 344 -31.09 47.96 -41.67
N GLN L 345 -30.64 47.95 -40.42
CA GLN L 345 -30.19 49.17 -39.78
C GLN L 345 -28.96 49.72 -40.47
N LEU L 346 -28.27 48.85 -41.20
CA LEU L 346 -27.09 49.27 -41.93
C LEU L 346 -27.47 49.79 -43.30
N LYS L 347 -28.41 49.11 -43.96
CA LYS L 347 -28.88 49.57 -45.27
C LYS L 347 -29.49 50.93 -45.02
N ALA L 348 -30.53 50.96 -44.19
CA ALA L 348 -31.22 52.20 -43.83
C ALA L 348 -30.24 53.35 -43.57
N ALA L 349 -29.10 53.06 -42.96
CA ALA L 349 -28.13 54.11 -42.67
C ALA L 349 -27.37 54.50 -43.95
N ALA L 350 -27.23 53.53 -44.84
CA ALA L 350 -26.52 53.75 -46.10
C ALA L 350 -27.37 54.60 -47.02
N GLN L 351 -28.67 54.56 -46.78
CA GLN L 351 -29.62 55.32 -47.57
C GLN L 351 -30.02 56.61 -46.85
N GLY L 352 -29.02 57.41 -46.51
CA GLY L 352 -29.25 58.68 -45.83
C GLY L 352 -30.03 58.68 -44.53
N GLY L 353 -30.44 57.52 -44.05
CA GLY L 353 -31.20 57.44 -42.81
C GLY L 353 -30.38 57.79 -41.57
N VAL L 354 -29.55 58.82 -41.70
CA VAL L 354 -28.69 59.29 -40.61
C VAL L 354 -28.89 60.77 -40.36
N THR L 355 -29.50 61.13 -39.23
CA THR L 355 -29.75 62.52 -38.89
C THR L 355 -28.43 63.28 -38.79
N GLU L 356 -28.50 64.60 -38.81
CA GLU L 356 -27.29 65.41 -38.70
C GLU L 356 -27.00 65.60 -37.22
N GLU L 357 -28.00 65.29 -36.40
CA GLU L 357 -27.87 65.39 -34.95
C GLU L 357 -27.25 64.11 -34.43
N ASP L 358 -27.58 63.00 -35.10
CA ASP L 358 -27.04 61.70 -34.74
C ASP L 358 -25.52 61.80 -34.82
N VAL L 359 -25.03 62.38 -35.91
CA VAL L 359 -23.62 62.57 -36.13
C VAL L 359 -23.00 63.48 -35.08
N THR L 360 -23.81 64.36 -34.49
CA THR L 360 -23.31 65.29 -33.48
C THR L 360 -23.12 64.55 -32.17
N LYS L 361 -24.14 63.77 -31.79
CA LYS L 361 -24.11 62.99 -30.56
C LYS L 361 -22.96 61.99 -30.59
N ALA L 362 -22.93 61.19 -31.65
CA ALA L 362 -21.87 60.20 -31.83
C ALA L 362 -20.51 60.85 -31.65
N LYS L 363 -20.32 62.04 -32.21
CA LYS L 363 -19.05 62.74 -32.08
C LYS L 363 -18.75 63.09 -30.64
N ASN L 364 -19.78 63.11 -29.80
CA ASN L 364 -19.59 63.41 -28.38
C ASN L 364 -19.11 62.14 -27.71
N GLN L 365 -19.90 61.09 -27.85
CA GLN L 365 -19.58 59.79 -27.27
C GLN L 365 -18.18 59.35 -27.69
N LEU L 366 -17.83 59.65 -28.94
CA LEU L 366 -16.51 59.29 -29.44
C LEU L 366 -15.42 60.13 -28.78
N LYS L 367 -15.64 61.43 -28.63
CA LYS L 367 -14.66 62.30 -27.99
C LYS L 367 -14.56 61.95 -26.51
N ALA L 368 -15.69 61.61 -25.90
CA ALA L 368 -15.74 61.26 -24.49
C ALA L 368 -14.96 59.97 -24.27
N THR L 369 -15.39 58.92 -24.99
CA THR L 369 -14.74 57.62 -24.90
C THR L 369 -13.23 57.79 -25.00
N TYR L 370 -12.74 58.35 -26.10
CA TYR L 370 -11.30 58.54 -26.24
C TYR L 370 -10.71 59.20 -25.00
N LEU L 371 -11.38 60.23 -24.50
CA LEU L 371 -10.89 60.97 -23.34
C LEU L 371 -10.87 60.20 -22.03
N MET L 372 -11.79 59.25 -21.88
CA MET L 372 -11.86 58.45 -20.68
C MET L 372 -10.80 57.34 -20.76
N SER L 373 -10.61 56.83 -21.98
CA SER L 373 -9.62 55.78 -22.25
C SER L 373 -8.28 56.08 -21.62
N VAL L 374 -7.93 57.36 -21.56
CA VAL L 374 -6.65 57.75 -21.01
C VAL L 374 -6.61 58.12 -19.53
N GLU L 375 -7.65 57.76 -18.79
CA GLU L 375 -7.70 58.04 -17.35
C GLU L 375 -6.74 57.13 -16.56
N THR L 376 -6.75 55.84 -16.90
CA THR L 376 -5.91 54.83 -16.24
C THR L 376 -4.52 54.79 -16.83
N ALA L 377 -3.52 54.55 -15.99
CA ALA L 377 -2.13 54.50 -16.43
C ALA L 377 -1.93 53.57 -17.62
N GLN L 378 -2.60 52.41 -17.59
CA GLN L 378 -2.50 51.44 -18.68
C GLN L 378 -2.99 52.06 -19.98
N GLY L 379 -4.13 52.73 -19.92
CA GLY L 379 -4.69 53.37 -21.11
C GLY L 379 -3.86 54.52 -21.64
N LEU L 380 -3.30 55.33 -20.74
CA LEU L 380 -2.49 56.46 -21.17
C LEU L 380 -1.22 55.96 -21.83
N LEU L 381 -0.45 55.13 -21.12
CA LEU L 381 0.79 54.59 -21.65
C LEU L 381 0.56 53.95 -23.01
N ASN L 382 -0.58 53.28 -23.15
CA ASN L 382 -0.88 52.61 -24.39
C ASN L 382 -1.16 53.60 -25.49
N GLU L 383 -1.79 54.73 -25.14
CA GLU L 383 -2.08 55.74 -26.15
C GLU L 383 -0.78 56.32 -26.67
N ILE L 384 0.04 56.82 -25.76
CA ILE L 384 1.32 57.39 -26.10
C ILE L 384 2.12 56.41 -26.98
N GLY L 385 2.46 55.26 -26.40
CA GLY L 385 3.22 54.25 -27.10
C GLY L 385 2.73 53.85 -28.49
N SER L 386 1.45 53.56 -28.63
CA SER L 386 0.89 53.14 -29.92
C SER L 386 1.21 54.10 -31.05
N GLU L 387 1.00 55.38 -30.78
CA GLU L 387 1.26 56.40 -31.78
C GLU L 387 2.76 56.60 -31.92
N ALA L 388 3.45 56.70 -30.79
CA ALA L 388 4.90 56.89 -30.81
C ALA L 388 5.59 55.73 -31.51
N LEU L 389 4.83 54.70 -31.85
CA LEU L 389 5.38 53.54 -32.52
C LEU L 389 5.07 53.54 -34.00
N LEU L 390 3.85 53.96 -34.34
CA LEU L 390 3.44 53.98 -35.73
C LEU L 390 3.71 55.32 -36.42
N SER L 391 4.58 56.14 -35.85
CA SER L 391 4.89 57.43 -36.45
C SER L 391 5.66 58.35 -35.53
N GLY L 392 6.46 57.78 -34.63
CA GLY L 392 7.25 58.58 -33.71
C GLY L 392 6.80 60.00 -33.41
N THR L 393 5.50 60.18 -33.19
CA THR L 393 4.94 61.50 -32.89
C THR L 393 3.85 61.43 -31.83
N HIS L 394 3.18 62.56 -31.62
CA HIS L 394 2.10 62.62 -30.66
C HIS L 394 1.09 63.71 -30.97
N THR L 395 -0.08 63.29 -31.43
CA THR L 395 -1.17 64.20 -31.76
C THR L 395 -1.73 64.78 -30.47
N ALA L 396 -2.01 66.09 -30.47
CA ALA L 396 -2.57 66.75 -29.29
C ALA L 396 -4.04 66.34 -29.16
N PRO L 397 -4.50 66.11 -27.92
CA PRO L 397 -5.90 65.71 -27.71
C PRO L 397 -6.91 66.65 -28.37
N SER L 398 -6.41 67.79 -28.86
CA SER L 398 -7.25 68.78 -29.53
C SER L 398 -7.29 68.51 -31.03
N VAL L 399 -6.14 68.17 -31.60
CA VAL L 399 -6.05 67.87 -33.02
C VAL L 399 -6.87 66.63 -33.31
N VAL L 400 -6.83 65.67 -32.39
CA VAL L 400 -7.59 64.43 -32.55
C VAL L 400 -9.09 64.75 -32.51
N ALA L 401 -9.47 65.63 -31.60
CA ALA L 401 -10.87 66.04 -31.47
C ALA L 401 -11.22 66.84 -32.73
N GLN L 402 -10.28 67.69 -33.13
CA GLN L 402 -10.43 68.53 -34.31
C GLN L 402 -10.67 67.68 -35.55
N LYS L 403 -9.92 66.60 -35.65
CA LYS L 403 -10.02 65.67 -36.77
C LYS L 403 -11.34 64.90 -36.73
N ILE L 404 -11.76 64.53 -35.53
CA ILE L 404 -12.99 63.75 -35.39
C ILE L 404 -14.27 64.50 -35.77
N ASP L 405 -14.57 65.60 -35.09
CA ASP L 405 -15.80 66.33 -35.39
C ASP L 405 -15.85 66.88 -36.81
N SER L 406 -14.69 67.05 -37.44
CA SER L 406 -14.64 67.55 -38.81
C SER L 406 -14.91 66.38 -39.76
N VAL L 407 -15.99 65.67 -39.49
CA VAL L 407 -16.43 64.52 -40.27
C VAL L 407 -17.88 64.75 -40.66
N THR L 408 -18.12 65.03 -41.93
CA THR L 408 -19.50 65.30 -42.39
C THR L 408 -20.46 64.11 -42.33
N SER L 409 -21.75 64.41 -42.33
CA SER L 409 -22.76 63.36 -42.30
C SER L 409 -22.65 62.58 -43.60
N ALA L 410 -22.05 63.21 -44.60
CA ALA L 410 -21.88 62.55 -45.88
C ALA L 410 -20.96 61.36 -45.62
N ASP L 411 -19.74 61.67 -45.18
CA ASP L 411 -18.73 60.67 -44.85
C ASP L 411 -19.34 59.42 -44.24
N VAL L 412 -20.04 59.61 -43.13
CA VAL L 412 -20.69 58.52 -42.43
C VAL L 412 -21.60 57.69 -43.33
N VAL L 413 -22.50 58.34 -44.05
CA VAL L 413 -23.40 57.62 -44.92
C VAL L 413 -22.61 56.82 -45.97
N ASN L 414 -21.45 57.33 -46.33
CA ASN L 414 -20.59 56.65 -47.31
C ASN L 414 -20.03 55.39 -46.71
N ALA L 415 -19.48 55.52 -45.51
CA ALA L 415 -18.93 54.38 -44.81
C ALA L 415 -20.01 53.30 -44.81
N ALA L 416 -21.21 53.68 -44.38
CA ALA L 416 -22.33 52.76 -44.33
C ALA L 416 -22.57 52.08 -45.66
N LYS L 417 -22.33 52.81 -46.75
CA LYS L 417 -22.52 52.24 -48.08
C LYS L 417 -21.44 51.23 -48.40
N LYS L 418 -20.19 51.61 -48.14
CA LYS L 418 -19.06 50.74 -48.39
C LYS L 418 -19.33 49.36 -47.80
N PHE L 419 -20.09 49.33 -46.71
CA PHE L 419 -20.42 48.08 -46.04
C PHE L 419 -21.46 47.26 -46.79
N VAL L 420 -22.58 47.90 -47.11
CA VAL L 420 -23.67 47.21 -47.79
C VAL L 420 -23.26 46.74 -49.18
N SER L 421 -22.28 47.42 -49.76
CA SER L 421 -21.81 47.08 -51.11
C SER L 421 -20.60 46.14 -51.14
N GLY L 422 -19.69 46.28 -50.17
CA GLY L 422 -18.50 45.45 -50.12
C GLY L 422 -18.75 43.97 -49.85
N LYS L 423 -17.76 43.13 -50.14
CA LYS L 423 -17.88 41.69 -49.90
C LYS L 423 -17.77 41.46 -48.40
N LYS L 424 -18.65 40.63 -47.88
CA LYS L 424 -18.70 40.37 -46.46
C LYS L 424 -18.18 39.01 -46.02
N SER L 425 -17.73 38.96 -44.77
CA SER L 425 -17.24 37.72 -44.18
C SER L 425 -18.01 37.57 -42.88
N MET L 426 -18.42 36.35 -42.58
CA MET L 426 -19.19 36.10 -41.37
C MET L 426 -18.66 34.91 -40.56
N ALA L 427 -18.90 34.96 -39.25
CA ALA L 427 -18.48 33.90 -38.35
C ALA L 427 -19.55 33.78 -37.27
N ALA L 428 -20.06 32.57 -37.06
CA ALA L 428 -21.09 32.34 -36.04
C ALA L 428 -20.90 31.01 -35.31
N SER L 429 -21.19 31.01 -34.01
CA SER L 429 -21.07 29.80 -33.20
C SER L 429 -22.29 29.63 -32.31
N GLY L 430 -22.63 28.40 -31.97
CA GLY L 430 -23.78 28.14 -31.13
C GLY L 430 -24.65 27.15 -31.86
N ASP L 431 -25.94 27.13 -31.52
CA ASP L 431 -26.86 26.24 -32.22
C ASP L 431 -27.32 27.05 -33.42
N LEU L 432 -26.56 26.94 -34.51
CA LEU L 432 -26.83 27.69 -35.72
C LEU L 432 -28.01 27.18 -36.55
N GLY L 433 -28.88 26.40 -35.93
CA GLY L 433 -30.02 25.86 -36.65
C GLY L 433 -30.88 26.90 -37.36
N SER L 434 -30.92 28.12 -36.81
CA SER L 434 -31.73 29.20 -37.41
C SER L 434 -30.89 30.37 -37.85
N THR L 435 -29.58 30.24 -37.76
CA THR L 435 -28.70 31.33 -38.16
C THR L 435 -28.58 31.35 -39.68
N PRO L 436 -28.93 32.49 -40.30
CA PRO L 436 -28.86 32.61 -41.75
C PRO L 436 -27.43 32.57 -42.30
N PHE L 437 -27.31 32.17 -43.57
CA PHE L 437 -26.02 32.13 -44.24
C PHE L 437 -25.74 33.50 -44.86
N LEU L 438 -24.47 33.85 -44.97
CA LEU L 438 -24.06 35.13 -45.51
C LEU L 438 -24.77 35.54 -46.80
N ASP L 439 -25.15 34.55 -47.62
CA ASP L 439 -25.83 34.85 -48.89
C ASP L 439 -27.34 34.96 -48.76
N GLU L 440 -27.83 35.12 -47.54
CA GLU L 440 -29.26 35.27 -47.32
C GLU L 440 -29.44 36.56 -46.57
N LEU L 441 -28.42 37.40 -46.58
CA LEU L 441 -28.46 38.68 -45.90
C LEU L 441 -28.62 39.82 -46.89
N ALA M 2 4.45 14.88 -1.88
CA ALA M 2 3.46 15.11 -0.78
C ALA M 2 3.84 16.31 0.12
N PRO M 3 2.89 17.24 0.34
CA PRO M 3 3.12 18.41 1.18
C PRO M 3 3.19 18.16 2.69
N ASN M 4 2.54 17.12 3.19
CA ASN M 4 2.61 16.82 4.62
C ASN M 4 3.06 15.40 4.95
N ILE M 5 4.04 15.32 5.83
CA ILE M 5 4.64 14.07 6.27
C ILE M 5 3.66 12.97 6.70
N ARG M 6 2.60 13.36 7.39
CA ARG M 6 1.62 12.38 7.86
C ARG M 6 1.14 11.45 6.74
N LYS M 7 1.24 11.91 5.49
CA LYS M 7 0.82 11.10 4.33
C LYS M 7 1.95 10.50 3.48
N SER M 8 3.10 11.16 3.41
CA SER M 8 4.21 10.65 2.61
C SER M 8 5.10 9.60 3.28
N HIS M 9 5.53 9.88 4.51
CA HIS M 9 6.41 8.97 5.27
C HIS M 9 5.86 7.54 5.28
N PRO M 10 6.69 6.55 4.92
CA PRO M 10 6.27 5.14 4.89
C PRO M 10 5.72 4.54 6.18
N LEU M 11 6.07 5.11 7.33
CA LEU M 11 5.58 4.61 8.62
C LEU M 11 4.36 5.39 9.12
N LEU M 12 4.47 6.71 9.10
CA LEU M 12 3.37 7.58 9.53
C LEU M 12 2.19 7.35 8.61
N LYS M 13 2.48 7.19 7.32
CA LYS M 13 1.47 6.93 6.32
C LYS M 13 0.53 5.86 6.86
N MET M 14 1.12 4.83 7.47
CA MET M 14 0.38 3.72 8.03
C MET M 14 -0.44 4.07 9.25
N ILE M 15 0.13 4.88 10.14
CA ILE M 15 -0.59 5.28 11.35
C ILE M 15 -1.74 6.18 10.92
N ASN M 16 -1.48 7.00 9.90
CA ASN M 16 -2.46 7.92 9.38
C ASN M 16 -3.62 7.20 8.69
N ASN M 17 -3.32 6.15 7.92
CA ASN M 17 -4.37 5.42 7.22
C ASN M 17 -5.15 4.44 8.08
N SER M 18 -4.82 4.33 9.35
CA SER M 18 -5.54 3.39 10.21
C SER M 18 -5.96 3.99 11.55
N LEU M 19 -5.49 5.19 11.85
CA LEU M 19 -5.85 5.80 13.12
C LEU M 19 -6.01 7.31 13.11
N ILE M 20 -5.95 7.94 11.95
CA ILE M 20 -6.10 9.38 11.92
C ILE M 20 -7.06 9.81 10.83
N ASP M 21 -6.74 9.45 9.58
CA ASP M 21 -7.58 9.81 8.45
C ASP M 21 -8.51 8.67 8.05
N LEU M 22 -8.45 7.57 8.78
CA LEU M 22 -9.30 6.42 8.49
C LEU M 22 -10.78 6.81 8.47
N PRO M 23 -11.48 6.48 7.38
CA PRO M 23 -12.91 6.82 7.28
C PRO M 23 -13.74 5.86 8.13
N ALA M 24 -14.54 6.40 9.03
CA ALA M 24 -15.38 5.55 9.87
C ALA M 24 -16.83 5.98 9.79
N PRO M 25 -17.75 5.01 9.92
CA PRO M 25 -19.17 5.36 9.86
C PRO M 25 -19.42 6.34 11.00
N SER M 26 -20.29 7.31 10.77
CA SER M 26 -20.61 8.31 11.79
C SER M 26 -21.51 7.74 12.91
N ASN M 27 -22.24 6.68 12.60
CA ASN M 27 -23.17 6.09 13.57
C ASN M 27 -22.83 4.78 14.26
N ILE M 28 -21.56 4.44 14.45
CA ILE M 28 -21.28 3.18 15.13
C ILE M 28 -21.41 3.41 16.62
N SER M 29 -22.08 2.48 17.29
CA SER M 29 -22.32 2.58 18.73
C SER M 29 -21.21 2.10 19.64
N ALA M 30 -21.57 1.82 20.89
CA ALA M 30 -20.61 1.36 21.88
C ALA M 30 -20.19 -0.07 21.59
N TRP M 31 -20.97 -0.77 20.78
CA TRP M 31 -20.63 -2.15 20.47
C TRP M 31 -19.43 -2.20 19.53
N TRP M 32 -19.01 -1.03 19.05
CA TRP M 32 -17.86 -0.97 18.16
C TRP M 32 -16.60 -0.57 18.93
N ASN M 33 -16.73 -0.47 20.26
CA ASN M 33 -15.61 -0.11 21.12
C ASN M 33 -14.71 -1.30 21.51
N PHE M 34 -15.31 -2.49 21.61
CA PHE M 34 -14.58 -3.68 22.01
C PHE M 34 -13.40 -4.10 21.16
N GLY M 35 -13.37 -3.65 19.91
CA GLY M 35 -12.25 -3.99 19.06
C GLY M 35 -11.00 -3.36 19.66
N SER M 36 -11.02 -2.06 19.87
CA SER M 36 -9.87 -1.39 20.45
C SER M 36 -9.64 -1.84 21.88
N LEU M 37 -10.68 -2.20 22.60
CA LEU M 37 -10.47 -2.62 23.98
C LEU M 37 -9.70 -3.93 23.94
N LEU M 38 -10.06 -4.80 23.00
CA LEU M 38 -9.38 -6.08 22.88
C LEU M 38 -7.91 -5.83 22.60
N ALA M 39 -7.63 -4.87 21.74
CA ALA M 39 -6.27 -4.54 21.39
C ALA M 39 -5.52 -4.07 22.63
N VAL M 40 -6.17 -3.27 23.46
CA VAL M 40 -5.51 -2.82 24.65
C VAL M 40 -5.32 -3.96 25.65
N CYS M 41 -6.24 -4.92 25.69
CA CYS M 41 -6.07 -6.05 26.62
C CYS M 41 -4.81 -6.77 26.23
N LEU M 42 -4.69 -7.00 24.93
CA LEU M 42 -3.55 -7.68 24.38
C LEU M 42 -2.25 -6.99 24.79
N MET M 43 -2.16 -5.68 24.59
CA MET M 43 -0.95 -4.98 24.96
C MET M 43 -0.75 -5.02 26.45
N THR M 44 -1.83 -4.94 27.19
CA THR M 44 -1.76 -4.99 28.64
C THR M 44 -1.32 -6.35 29.18
N GLN M 45 -1.96 -7.41 28.68
CA GLN M 45 -1.62 -8.76 29.09
C GLN M 45 -0.16 -9.05 28.83
N ILE M 46 0.34 -8.65 27.65
CA ILE M 46 1.73 -8.85 27.28
C ILE M 46 2.66 -8.15 28.24
N LEU M 47 2.37 -6.88 28.52
CA LEU M 47 3.18 -6.10 29.42
C LEU M 47 3.27 -6.72 30.81
N THR M 48 2.13 -7.07 31.39
CA THR M 48 2.13 -7.66 32.73
C THR M 48 2.67 -9.07 32.70
N GLY M 49 2.44 -9.74 31.59
CA GLY M 49 2.92 -11.11 31.45
C GLY M 49 4.44 -11.13 31.51
N LEU M 50 5.10 -10.22 30.79
CA LEU M 50 6.56 -10.14 30.81
C LEU M 50 7.04 -9.87 32.21
N LEU M 51 6.41 -8.90 32.88
CA LEU M 51 6.81 -8.59 34.23
C LEU M 51 6.73 -9.81 35.13
N LEU M 52 5.72 -10.64 34.94
CA LEU M 52 5.58 -11.84 35.76
C LEU M 52 6.61 -12.88 35.35
N ALA M 53 6.80 -13.04 34.04
CA ALA M 53 7.75 -14.02 33.53
C ALA M 53 9.15 -13.79 34.09
N MET M 54 9.48 -12.55 34.40
CA MET M 54 10.79 -12.23 34.92
C MET M 54 11.06 -12.69 36.34
N HIS M 55 10.07 -13.32 36.96
CA HIS M 55 10.23 -13.81 38.32
C HIS M 55 9.68 -15.21 38.46
N TYR M 56 9.16 -15.74 37.36
CA TYR M 56 8.58 -17.06 37.37
C TYR M 56 9.60 -18.16 37.08
N THR M 57 9.33 -19.36 37.55
CA THR M 57 10.22 -20.49 37.30
C THR M 57 9.38 -21.69 36.89
N ALA M 58 9.61 -22.16 35.67
CA ALA M 58 8.89 -23.29 35.15
C ALA M 58 9.49 -24.64 35.51
N ASP M 59 9.20 -25.07 36.72
CA ASP M 59 9.65 -26.38 37.19
C ASP M 59 8.59 -26.77 38.20
N THR M 60 8.08 -27.99 38.09
CA THR M 60 7.03 -28.45 38.99
C THR M 60 7.38 -28.32 40.46
N SER M 61 8.66 -28.20 40.78
CA SER M 61 9.03 -28.08 42.18
C SER M 61 9.16 -26.61 42.58
N LEU M 62 9.12 -25.69 41.63
CA LEU M 62 9.29 -24.27 41.94
C LEU M 62 8.20 -23.35 41.42
N ALA M 63 7.39 -23.85 40.49
CA ALA M 63 6.31 -23.05 39.92
C ALA M 63 5.47 -22.36 40.98
N PHE M 64 4.68 -23.16 41.71
CA PHE M 64 3.80 -22.65 42.75
C PHE M 64 4.48 -21.65 43.68
N SER M 65 5.65 -22.01 44.19
CA SER M 65 6.32 -21.11 45.09
C SER M 65 6.91 -19.86 44.44
N SER M 66 7.27 -19.92 43.16
CA SER M 66 7.83 -18.73 42.50
C SER M 66 6.74 -17.69 42.32
N VAL M 67 5.52 -18.18 42.18
CA VAL M 67 4.37 -17.30 42.03
C VAL M 67 4.13 -16.67 43.40
N ALA M 68 4.27 -17.48 44.45
CA ALA M 68 4.12 -16.98 45.81
C ALA M 68 5.23 -15.97 46.05
N HIS M 69 6.46 -16.31 45.65
CA HIS M 69 7.58 -15.41 45.83
C HIS M 69 7.28 -14.12 45.11
N THR M 70 6.65 -14.20 43.94
CA THR M 70 6.33 -12.99 43.19
C THR M 70 5.35 -12.11 43.99
N CYS M 71 4.24 -12.69 44.41
CA CYS M 71 3.19 -11.97 45.17
C CYS M 71 3.61 -11.53 46.55
N ARG M 72 4.59 -12.19 47.14
CA ARG M 72 5.01 -11.82 48.48
C ARG M 72 6.28 -10.98 48.59
N ASN M 73 7.19 -11.10 47.63
CA ASN M 73 8.47 -10.38 47.73
C ASN M 73 8.75 -9.33 46.66
N VAL M 74 8.23 -9.55 45.46
CA VAL M 74 8.48 -8.63 44.38
C VAL M 74 7.68 -7.37 44.58
N GLN M 75 8.32 -6.22 44.46
CA GLN M 75 7.64 -4.94 44.63
C GLN M 75 6.42 -4.96 43.72
N TYR M 76 5.25 -4.69 44.28
CA TYR M 76 4.02 -4.70 43.50
C TYR M 76 3.80 -5.99 42.73
N GLY M 77 4.48 -7.03 43.18
CA GLY M 77 4.34 -8.31 42.53
C GLY M 77 2.88 -8.72 42.56
N TRP M 78 2.27 -8.65 43.74
CA TRP M 78 0.86 -9.03 43.88
C TRP M 78 -0.06 -8.22 42.96
N LEU M 79 0.26 -6.95 42.76
CA LEU M 79 -0.56 -6.13 41.91
C LEU M 79 -0.50 -6.62 40.49
N ILE M 80 0.72 -6.76 40.00
CA ILE M 80 0.96 -7.21 38.64
C ILE M 80 0.30 -8.57 38.42
N ARG M 81 0.31 -9.42 39.43
CA ARG M 81 -0.32 -10.70 39.23
C ARG M 81 -1.84 -10.59 39.16
N ASN M 82 -2.42 -9.68 39.94
CA ASN M 82 -3.87 -9.54 39.89
C ASN M 82 -4.27 -9.04 38.54
N LEU M 83 -3.62 -7.96 38.12
CA LEU M 83 -3.90 -7.37 36.83
C LEU M 83 -3.79 -8.39 35.71
N HIS M 84 -2.80 -9.28 35.77
CA HIS M 84 -2.65 -10.27 34.71
C HIS M 84 -3.75 -11.31 34.80
N ALA M 85 -4.01 -11.79 36.01
CA ALA M 85 -5.03 -12.83 36.19
C ALA M 85 -6.45 -12.35 35.84
N ASN M 86 -6.78 -11.12 36.24
CA ASN M 86 -8.11 -10.60 35.96
C ASN M 86 -8.18 -10.03 34.56
N GLY M 87 -7.03 -9.57 34.06
CA GLY M 87 -6.95 -9.05 32.72
C GLY M 87 -7.42 -10.12 31.76
N ALA M 88 -7.09 -11.38 32.05
CA ALA M 88 -7.52 -12.46 31.17
C ALA M 88 -9.05 -12.54 31.09
N SER M 89 -9.72 -12.29 32.22
CA SER M 89 -11.18 -12.31 32.28
C SER M 89 -11.74 -11.14 31.50
N PHE M 90 -11.15 -9.97 31.69
CA PHE M 90 -11.55 -8.77 30.99
C PHE M 90 -11.47 -9.06 29.47
N PHE M 91 -10.41 -9.76 29.09
CA PHE M 91 -10.19 -10.13 27.70
C PHE M 91 -11.34 -10.96 27.16
N PHE M 92 -11.78 -11.96 27.91
CA PHE M 92 -12.89 -12.80 27.47
C PHE M 92 -14.24 -12.08 27.52
N ILE M 93 -14.42 -11.20 28.49
CA ILE M 93 -15.65 -10.47 28.53
C ILE M 93 -15.75 -9.72 27.21
N CYS M 94 -14.70 -8.96 26.89
CA CYS M 94 -14.66 -8.19 25.65
C CYS M 94 -14.75 -9.01 24.37
N ILE M 95 -14.15 -10.19 24.34
CA ILE M 95 -14.22 -10.96 23.10
C ILE M 95 -15.63 -11.50 22.87
N PHE M 96 -16.33 -11.83 23.96
CA PHE M 96 -17.70 -12.35 23.83
C PHE M 96 -18.67 -11.27 23.35
N LEU M 97 -18.50 -10.05 23.86
CA LEU M 97 -19.35 -8.95 23.43
C LEU M 97 -19.02 -8.60 21.98
N HIS M 98 -17.72 -8.59 21.64
CA HIS M 98 -17.25 -8.28 20.28
C HIS M 98 -17.94 -9.26 19.33
N ILE M 99 -17.92 -10.54 19.69
CA ILE M 99 -18.55 -11.55 18.86
C ILE M 99 -20.05 -11.35 18.75
N GLY M 100 -20.70 -11.09 19.88
CA GLY M 100 -22.14 -10.86 19.90
C GLY M 100 -22.52 -9.74 18.96
N ARG M 101 -21.80 -8.64 19.06
CA ARG M 101 -22.02 -7.49 18.21
C ARG M 101 -21.96 -7.99 16.77
N GLY M 102 -20.89 -8.70 16.45
CA GLY M 102 -20.73 -9.21 15.11
C GLY M 102 -21.89 -10.01 14.59
N LEU M 103 -22.40 -10.94 15.41
CA LEU M 103 -23.54 -11.78 15.02
C LEU M 103 -24.80 -10.94 14.83
N TYR M 104 -25.09 -10.08 15.80
CA TYR M 104 -26.26 -9.24 15.73
C TYR M 104 -26.26 -8.38 14.47
N TYR M 105 -25.19 -7.61 14.28
CA TYR M 105 -25.12 -6.70 13.13
C TYR M 105 -24.64 -7.28 11.80
N GLY M 106 -24.54 -8.61 11.75
CA GLY M 106 -24.12 -9.26 10.53
C GLY M 106 -22.76 -8.86 10.03
N SER M 107 -21.84 -8.54 10.96
CA SER M 107 -20.49 -8.16 10.60
C SER M 107 -19.81 -9.35 9.94
N TYR M 108 -20.26 -10.55 10.29
CA TYR M 108 -19.71 -11.76 9.73
C TYR M 108 -19.81 -11.78 8.22
N LEU M 109 -20.54 -10.84 7.64
CA LEU M 109 -20.64 -10.85 6.19
C LEU M 109 -19.30 -10.43 5.61
N TYR M 110 -18.43 -9.92 6.49
CA TYR M 110 -17.04 -9.55 6.12
C TYR M 110 -16.30 -10.85 6.45
N LYS M 111 -16.45 -11.83 5.57
CA LYS M 111 -15.89 -13.15 5.77
C LYS M 111 -14.46 -13.32 6.24
N GLU M 112 -13.50 -12.64 5.61
CA GLU M 112 -12.12 -12.82 6.03
C GLU M 112 -11.86 -12.22 7.39
N THR M 113 -12.49 -11.08 7.66
CA THR M 113 -12.32 -10.46 8.96
C THR M 113 -12.94 -11.37 9.99
N TRP M 114 -14.09 -11.96 9.67
CA TRP M 114 -14.74 -12.85 10.59
C TRP M 114 -13.88 -14.09 10.85
N ASN M 115 -13.52 -14.80 9.78
CA ASN M 115 -12.72 -16.02 9.91
C ASN M 115 -11.44 -15.85 10.70
N THR M 116 -10.70 -14.77 10.47
CA THR M 116 -9.49 -14.55 11.23
C THR M 116 -9.93 -14.27 12.67
N GLY M 117 -11.11 -13.66 12.80
CA GLY M 117 -11.66 -13.39 14.13
C GLY M 117 -11.83 -14.69 14.89
N VAL M 118 -12.31 -15.72 14.21
CA VAL M 118 -12.51 -17.00 14.89
C VAL M 118 -11.15 -17.57 15.29
N ILE M 119 -10.16 -17.43 14.41
CA ILE M 119 -8.81 -17.92 14.70
C ILE M 119 -8.30 -17.23 15.96
N LEU M 120 -8.53 -15.93 16.03
CA LEU M 120 -8.10 -15.19 17.21
C LEU M 120 -8.70 -15.77 18.49
N LEU M 121 -9.98 -16.14 18.44
CA LEU M 121 -10.65 -16.70 19.62
C LEU M 121 -10.00 -18.00 20.01
N LEU M 122 -9.83 -18.88 19.05
CA LEU M 122 -9.19 -20.17 19.33
C LEU M 122 -7.81 -19.95 19.94
N THR M 123 -7.03 -19.04 19.35
CA THR M 123 -5.70 -18.77 19.85
C THR M 123 -5.72 -18.19 21.26
N LEU M 124 -6.63 -17.25 21.52
CA LEU M 124 -6.73 -16.66 22.85
C LEU M 124 -7.06 -17.75 23.86
N MET M 125 -7.90 -18.69 23.47
CA MET M 125 -8.28 -19.76 24.37
C MET M 125 -7.11 -20.67 24.70
N ALA M 126 -6.31 -21.04 23.70
CA ALA M 126 -5.15 -21.89 23.93
C ALA M 126 -4.18 -21.15 24.86
N THR M 127 -4.07 -19.83 24.66
CA THR M 127 -3.20 -19.02 25.48
C THR M 127 -3.60 -19.11 26.94
N ALA M 128 -4.90 -18.94 27.19
CA ALA M 128 -5.44 -18.96 28.56
C ALA M 128 -5.20 -20.31 29.21
N PHE M 129 -5.45 -21.37 28.44
CA PHE M 129 -5.27 -22.70 28.92
C PHE M 129 -3.84 -22.94 29.38
N VAL M 130 -2.86 -22.76 28.48
CA VAL M 130 -1.46 -22.98 28.88
C VAL M 130 -0.99 -22.01 29.95
N GLY M 131 -1.58 -20.82 29.97
CA GLY M 131 -1.21 -19.84 30.97
C GLY M 131 -1.73 -20.22 32.35
N TYR M 132 -2.92 -20.80 32.37
CA TYR M 132 -3.56 -21.21 33.61
C TYR M 132 -2.83 -22.34 34.32
N VAL M 133 -2.13 -23.17 33.55
CA VAL M 133 -1.37 -24.29 34.13
C VAL M 133 -0.20 -23.84 34.98
N LEU M 134 0.51 -22.81 34.52
CA LEU M 134 1.71 -22.30 35.17
C LEU M 134 1.81 -22.24 36.70
N PRO M 135 0.83 -21.67 37.41
CA PRO M 135 0.93 -21.62 38.88
C PRO M 135 0.98 -23.01 39.51
N TRP M 136 0.50 -23.99 38.76
CA TRP M 136 0.55 -25.38 39.18
C TRP M 136 -0.20 -25.73 40.46
N GLY M 137 -1.44 -25.27 40.55
CA GLY M 137 -2.25 -25.58 41.71
C GLY M 137 -3.05 -26.81 41.37
N GLN M 138 -3.94 -27.23 42.27
CA GLN M 138 -4.77 -28.41 42.04
C GLN M 138 -5.66 -28.25 40.81
N MET M 139 -6.25 -27.07 40.67
CA MET M 139 -7.11 -26.84 39.52
C MET M 139 -6.30 -26.82 38.24
N SER M 140 -5.13 -26.18 38.29
CA SER M 140 -4.24 -26.11 37.13
C SER M 140 -3.92 -27.53 36.63
N PHE M 141 -3.50 -28.36 37.56
CA PHE M 141 -3.13 -29.70 37.22
C PHE M 141 -4.24 -30.57 36.70
N TRP M 142 -5.34 -30.63 37.44
CA TRP M 142 -6.42 -31.48 37.02
C TRP M 142 -7.15 -30.98 35.79
N GLY M 143 -7.31 -29.66 35.68
CA GLY M 143 -7.94 -29.14 34.50
C GLY M 143 -7.10 -29.51 33.28
N ALA M 144 -5.79 -29.31 33.41
CA ALA M 144 -4.87 -29.63 32.33
C ALA M 144 -4.99 -31.10 32.01
N THR M 145 -5.24 -31.92 33.04
CA THR M 145 -5.38 -33.36 32.83
C THR M 145 -6.64 -33.69 32.03
N VAL M 146 -7.78 -33.15 32.47
CA VAL M 146 -9.06 -33.36 31.80
C VAL M 146 -8.96 -32.92 30.33
N ILE M 147 -8.51 -31.68 30.11
CA ILE M 147 -8.40 -31.14 28.76
C ILE M 147 -7.47 -31.94 27.85
N THR M 148 -6.21 -32.12 28.27
CA THR M 148 -5.28 -32.85 27.41
C THR M 148 -5.79 -34.26 27.11
N ASN M 149 -6.53 -34.85 28.04
CA ASN M 149 -7.05 -36.19 27.82
C ASN M 149 -8.21 -36.19 26.83
N LEU M 150 -8.74 -35.02 26.51
CA LEU M 150 -9.84 -34.97 25.56
C LEU M 150 -9.32 -35.48 24.22
N PHE M 151 -8.09 -35.10 23.89
CA PHE M 151 -7.47 -35.48 22.63
C PHE M 151 -7.24 -36.96 22.45
N SER M 152 -7.30 -37.72 23.54
CA SER M 152 -7.10 -39.16 23.46
C SER M 152 -8.35 -39.80 22.86
N ALA M 153 -9.42 -39.01 22.74
CA ALA M 153 -10.68 -39.51 22.18
C ALA M 153 -10.54 -39.74 20.68
N ILE M 154 -9.71 -38.96 20.02
CA ILE M 154 -9.49 -39.10 18.59
C ILE M 154 -9.06 -40.54 18.32
N PRO M 155 -9.78 -41.24 17.43
CA PRO M 155 -9.43 -42.63 17.12
C PRO M 155 -8.05 -42.86 16.52
N TYR M 156 -7.42 -43.96 16.92
CA TYR M 156 -6.11 -44.36 16.41
C TYR M 156 -4.90 -43.54 16.89
N ILE M 157 -4.83 -42.29 16.46
CA ILE M 157 -3.71 -41.44 16.84
C ILE M 157 -3.84 -40.80 18.23
N GLY M 158 -5.05 -40.79 18.78
CA GLY M 158 -5.29 -40.18 20.08
C GLY M 158 -4.30 -40.38 21.21
N HIS M 159 -4.17 -41.61 21.69
CA HIS M 159 -3.26 -41.92 22.78
C HIS M 159 -1.84 -41.45 22.44
N THR M 160 -1.48 -41.62 21.17
CA THR M 160 -0.17 -41.23 20.69
C THR M 160 0.05 -39.71 20.78
N LEU M 161 -0.91 -38.93 20.31
CA LEU M 161 -0.81 -37.47 20.34
C LEU M 161 -0.73 -36.93 21.75
N VAL M 162 -1.52 -37.51 22.64
CA VAL M 162 -1.55 -37.07 24.02
C VAL M 162 -0.20 -37.23 24.68
N GLU M 163 0.33 -38.44 24.67
CA GLU M 163 1.63 -38.69 25.28
C GLU M 163 2.70 -37.83 24.64
N TRP M 164 2.51 -37.52 23.37
CA TRP M 164 3.46 -36.67 22.68
C TRP M 164 3.33 -35.28 23.30
N ALA M 165 2.12 -34.74 23.35
CA ALA M 165 1.90 -33.41 23.92
C ALA M 165 2.47 -33.28 25.33
N TRP M 166 2.30 -34.33 26.13
CA TRP M 166 2.77 -34.35 27.50
C TRP M 166 4.28 -34.44 27.66
N GLY M 167 4.91 -35.15 26.73
CA GLY M 167 6.35 -35.33 26.82
C GLY M 167 6.61 -36.47 27.80
N GLY M 168 5.57 -37.25 28.09
CA GLY M 168 5.69 -38.36 29.01
C GLY M 168 4.39 -39.14 29.12
N PHE M 169 4.13 -39.75 30.28
CA PHE M 169 2.91 -40.55 30.47
C PHE M 169 1.81 -39.84 31.22
N SER M 170 1.96 -38.54 31.44
CA SER M 170 0.97 -37.76 32.17
C SER M 170 1.46 -36.32 32.29
N VAL M 171 0.56 -35.44 32.69
CA VAL M 171 0.93 -34.05 32.86
C VAL M 171 2.01 -34.02 33.91
N ASP M 172 3.17 -33.49 33.54
CA ASP M 172 4.29 -33.40 34.45
C ASP M 172 5.21 -32.24 34.05
N ASN M 173 6.43 -32.23 34.59
CA ASN M 173 7.39 -31.15 34.32
C ASN M 173 7.66 -30.85 32.84
N PRO M 174 7.78 -31.88 32.00
CA PRO M 174 8.04 -31.52 30.61
C PRO M 174 6.82 -30.86 30.00
N THR M 175 5.66 -31.11 30.60
CA THR M 175 4.42 -30.51 30.13
C THR M 175 4.44 -29.05 30.57
N LEU M 176 4.88 -28.82 31.81
CA LEU M 176 4.94 -27.48 32.34
C LEU M 176 5.90 -26.58 31.60
N THR M 177 7.13 -27.02 31.38
CA THR M 177 8.07 -26.17 30.68
C THR M 177 7.61 -25.87 29.27
N ARG M 178 7.08 -26.85 28.55
CA ARG M 178 6.64 -26.55 27.20
C ARG M 178 5.41 -25.64 27.21
N PHE M 179 4.57 -25.74 28.24
CA PHE M 179 3.40 -24.88 28.32
C PHE M 179 3.83 -23.43 28.56
N PHE M 180 4.88 -23.25 29.34
CA PHE M 180 5.38 -21.89 29.59
C PHE M 180 5.84 -21.25 28.25
N ALA M 181 6.62 -21.99 27.48
CA ALA M 181 7.11 -21.50 26.21
C ALA M 181 5.93 -21.11 25.36
N LEU M 182 4.97 -22.03 25.19
CA LEU M 182 3.75 -21.78 24.41
C LEU M 182 3.00 -20.55 24.89
N HIS M 183 2.86 -20.43 26.20
CA HIS M 183 2.16 -19.28 26.76
C HIS M 183 2.89 -17.99 26.44
N PHE M 184 4.22 -18.04 26.42
CA PHE M 184 5.04 -16.86 26.13
C PHE M 184 4.91 -16.50 24.64
N LEU M 185 4.88 -17.52 23.80
CA LEU M 185 4.78 -17.31 22.37
C LEU M 185 3.42 -16.89 21.79
N LEU M 186 2.37 -17.65 22.09
CA LEU M 186 1.04 -17.38 21.54
C LEU M 186 0.52 -15.93 21.55
N PRO M 187 0.71 -15.22 22.67
CA PRO M 187 0.22 -13.84 22.69
C PRO M 187 0.75 -13.07 21.48
N PHE M 188 1.98 -13.37 21.07
CA PHE M 188 2.53 -12.69 19.91
C PHE M 188 1.89 -13.16 18.61
N ALA M 189 1.45 -14.41 18.53
CA ALA M 189 0.77 -14.89 17.32
C ALA M 189 -0.55 -14.14 17.30
N ILE M 190 -1.13 -13.94 18.48
CA ILE M 190 -2.40 -13.21 18.56
C ILE M 190 -2.17 -11.81 18.01
N ALA M 191 -1.12 -11.13 18.48
CA ALA M 191 -0.82 -9.77 18.00
C ALA M 191 -0.63 -9.76 16.48
N GLY M 192 0.12 -10.74 15.98
CA GLY M 192 0.35 -10.80 14.55
C GLY M 192 -0.95 -10.95 13.78
N ILE M 193 -1.74 -11.96 14.17
CA ILE M 193 -3.02 -12.21 13.51
C ILE M 193 -3.99 -11.04 13.64
N THR M 194 -3.84 -10.23 14.68
CA THR M 194 -4.70 -9.07 14.84
C THR M 194 -4.45 -8.13 13.66
N ILE M 195 -3.20 -8.01 13.27
CA ILE M 195 -2.84 -7.15 12.15
C ILE M 195 -3.53 -7.65 10.89
N ILE M 196 -3.56 -8.96 10.69
CA ILE M 196 -4.24 -9.54 9.54
C ILE M 196 -5.75 -9.24 9.62
N HIS M 197 -6.31 -9.37 10.82
CA HIS M 197 -7.72 -9.11 11.11
C HIS M 197 -8.02 -7.70 10.61
N LEU M 198 -7.32 -6.71 11.18
CA LEU M 198 -7.54 -5.32 10.80
C LEU M 198 -7.22 -5.06 9.32
N THR M 199 -6.30 -5.82 8.75
CA THR M 199 -5.97 -5.61 7.35
C THR M 199 -7.14 -6.02 6.45
N PHE M 200 -7.79 -7.14 6.76
CA PHE M 200 -8.93 -7.53 5.97
C PHE M 200 -10.05 -6.52 6.19
N LEU M 201 -10.25 -6.13 7.44
CA LEU M 201 -11.29 -5.16 7.75
C LEU M 201 -11.21 -3.85 6.93
N HIS M 202 -10.03 -3.25 6.85
CA HIS M 202 -9.90 -1.99 6.11
C HIS M 202 -10.21 -2.08 4.63
N GLU M 203 -10.37 -3.29 4.13
CA GLU M 203 -10.70 -3.44 2.72
C GLU M 203 -12.08 -2.84 2.50
N SER M 204 -12.90 -2.88 3.55
CA SER M 204 -14.27 -2.41 3.49
C SER M 204 -14.65 -1.38 4.52
N GLY M 205 -13.84 -1.25 5.56
CA GLY M 205 -14.19 -0.31 6.60
C GLY M 205 -15.25 -0.95 7.47
N SER M 206 -15.61 -0.27 8.54
CA SER M 206 -16.61 -0.79 9.45
C SER M 206 -18.05 -0.87 8.93
N ASN M 207 -18.80 -1.74 9.57
CA ASN M 207 -20.21 -1.95 9.29
C ASN M 207 -20.81 -0.94 10.28
N ASN M 208 -22.12 -0.72 10.25
CA ASN M 208 -22.74 0.22 11.21
C ASN M 208 -24.04 -0.36 11.70
N PRO M 209 -24.56 0.15 12.82
CA PRO M 209 -25.83 -0.38 13.34
C PRO M 209 -27.04 -0.50 12.41
N LEU M 210 -27.14 0.35 11.37
CA LEU M 210 -28.27 0.26 10.45
C LEU M 210 -28.08 -0.71 9.28
N GLY M 211 -26.87 -1.23 9.11
CA GLY M 211 -26.61 -2.18 8.05
C GLY M 211 -26.75 -1.63 6.64
N ILE M 212 -26.79 -0.31 6.51
CA ILE M 212 -26.89 0.34 5.21
C ILE M 212 -25.60 1.14 4.99
N SER M 213 -25.18 1.26 3.72
CA SER M 213 -23.96 1.99 3.40
C SER M 213 -23.77 3.34 4.07
N SER M 214 -22.58 3.57 4.62
CA SER M 214 -22.29 4.84 5.30
C SER M 214 -21.38 5.76 4.51
N ASP M 215 -21.13 5.43 3.24
CA ASP M 215 -20.26 6.23 2.37
C ASP M 215 -20.72 7.68 2.25
N SER M 216 -22.00 7.89 2.50
CA SER M 216 -22.61 9.20 2.44
C SER M 216 -22.43 9.96 3.75
N ASP M 217 -21.85 9.30 4.76
CA ASP M 217 -21.64 9.95 6.05
C ASP M 217 -20.50 9.36 6.88
N LYS M 218 -19.27 9.58 6.44
CA LYS M 218 -18.11 9.09 7.17
C LYS M 218 -17.34 10.20 7.87
N ILE M 219 -16.58 9.83 8.89
CA ILE M 219 -15.84 10.82 9.64
C ILE M 219 -14.47 10.27 10.02
N PRO M 220 -13.47 11.17 10.13
CA PRO M 220 -12.12 10.74 10.49
C PRO M 220 -12.12 10.03 11.82
N PHE M 221 -11.39 8.91 11.90
CA PHE M 221 -11.30 8.16 13.14
C PHE M 221 -10.91 9.11 14.28
N HIS M 222 -9.96 10.00 14.02
CA HIS M 222 -9.55 10.99 15.00
C HIS M 222 -10.21 12.32 14.63
N PRO M 223 -10.76 13.04 15.62
CA PRO M 223 -10.79 12.69 17.04
C PRO M 223 -12.07 11.98 17.49
N TYR M 224 -12.98 11.73 16.55
CA TYR M 224 -14.23 11.11 16.96
C TYR M 224 -14.12 9.81 17.72
N TYR M 225 -13.51 8.81 17.11
CA TYR M 225 -13.39 7.54 17.78
C TYR M 225 -12.18 7.36 18.68
N SER M 226 -11.17 8.20 18.52
CA SER M 226 -10.03 8.10 19.40
C SER M 226 -10.53 8.51 20.78
N PHE M 227 -11.32 9.58 20.82
CA PHE M 227 -11.89 10.06 22.08
C PHE M 227 -12.96 9.09 22.59
N LYS M 228 -13.85 8.68 21.70
CA LYS M 228 -14.90 7.75 22.11
C LYS M 228 -14.30 6.45 22.66
N ASP M 229 -13.20 6.02 22.06
CA ASP M 229 -12.54 4.80 22.49
C ASP M 229 -11.80 4.95 23.82
N ILE M 230 -11.22 6.12 24.08
CA ILE M 230 -10.54 6.35 25.34
C ILE M 230 -11.59 6.38 26.44
N LEU M 231 -12.78 6.87 26.10
CA LEU M 231 -13.86 6.93 27.07
C LEU M 231 -14.27 5.51 27.40
N GLY M 232 -14.50 4.72 26.35
CA GLY M 232 -14.88 3.33 26.54
C GLY M 232 -13.88 2.58 27.39
N LEU M 233 -12.60 2.91 27.21
CA LEU M 233 -11.54 2.27 27.97
C LEU M 233 -11.71 2.51 29.46
N THR M 234 -11.77 3.78 29.86
CA THR M 234 -11.93 4.11 31.28
C THR M 234 -13.24 3.60 31.91
N LEU M 235 -14.30 3.50 31.12
CA LEU M 235 -15.55 3.00 31.66
C LEU M 235 -15.40 1.54 32.02
N MET M 236 -14.76 0.77 31.15
CA MET M 236 -14.55 -0.65 31.39
C MET M 236 -13.38 -0.89 32.33
N LEU M 237 -12.57 0.13 32.54
CA LEU M 237 -11.42 -0.02 33.41
C LEU M 237 -11.81 0.03 34.89
N THR M 238 -12.93 0.70 35.19
CA THR M 238 -13.40 0.81 36.58
C THR M 238 -13.80 -0.55 37.17
N PRO M 239 -14.65 -1.32 36.45
CA PRO M 239 -15.04 -2.64 36.94
C PRO M 239 -13.81 -3.52 37.10
N PHE M 240 -12.95 -3.51 36.08
CA PHE M 240 -11.70 -4.27 36.08
C PHE M 240 -10.94 -3.99 37.37
N LEU M 241 -10.50 -2.75 37.55
CA LEU M 241 -9.75 -2.38 38.74
C LEU M 241 -10.50 -2.59 40.05
N THR M 242 -11.82 -2.43 40.03
CA THR M 242 -12.62 -2.62 41.23
C THR M 242 -12.54 -4.08 41.60
N LEU M 243 -12.72 -4.93 40.60
CA LEU M 243 -12.65 -6.35 40.84
C LEU M 243 -11.24 -6.68 41.31
N ALA M 244 -10.26 -6.31 40.50
CA ALA M 244 -8.86 -6.59 40.82
C ALA M 244 -8.38 -6.07 42.18
N LEU M 245 -8.83 -4.89 42.58
CA LEU M 245 -8.41 -4.32 43.85
C LEU M 245 -9.34 -4.54 45.04
N PHE M 246 -10.59 -4.86 44.80
CA PHE M 246 -11.52 -5.06 45.91
C PHE M 246 -12.06 -6.47 46.03
N SER M 247 -11.83 -7.31 45.03
CA SER M 247 -12.31 -8.69 45.04
C SER M 247 -11.41 -9.55 44.13
N PRO M 248 -10.10 -9.53 44.41
CA PRO M 248 -9.07 -10.24 43.66
C PRO M 248 -9.39 -11.68 43.31
N ASN M 249 -10.07 -12.37 44.22
CA ASN M 249 -10.39 -13.78 44.01
C ASN M 249 -11.85 -14.10 43.78
N LEU M 250 -12.65 -13.11 43.44
CA LEU M 250 -14.06 -13.38 43.22
C LEU M 250 -14.31 -14.46 42.17
N LEU M 251 -13.54 -14.41 41.08
CA LEU M 251 -13.72 -15.35 39.98
C LEU M 251 -12.85 -16.60 39.99
N GLY M 252 -12.05 -16.79 41.03
CA GLY M 252 -11.17 -17.94 41.06
C GLY M 252 -11.47 -19.07 42.02
N ASP M 253 -11.13 -20.27 41.60
CA ASP M 253 -11.33 -21.45 42.42
C ASP M 253 -10.31 -21.44 43.57
N PRO M 254 -10.79 -21.64 44.81
CA PRO M 254 -9.87 -21.65 45.95
C PRO M 254 -8.97 -22.89 45.91
N GLU M 255 -9.40 -23.87 45.15
CA GLU M 255 -8.67 -25.11 45.00
C GLU M 255 -7.28 -24.86 44.39
N ASN M 256 -7.12 -23.75 43.67
CA ASN M 256 -5.85 -23.45 43.03
C ASN M 256 -4.86 -22.76 43.95
N PHE M 257 -5.16 -22.77 45.25
CA PHE M 257 -4.25 -22.19 46.23
C PHE M 257 -3.58 -23.38 46.93
N THR M 258 -3.81 -24.56 46.35
CA THR M 258 -3.27 -25.79 46.89
C THR M 258 -2.36 -26.43 45.86
N PRO M 259 -1.08 -26.63 46.21
CA PRO M 259 -0.16 -27.26 45.28
C PRO M 259 -0.75 -28.48 44.61
N ALA M 260 -0.50 -28.64 43.32
CA ALA M 260 -1.00 -29.79 42.57
C ALA M 260 -0.59 -31.09 43.27
N ASN M 261 -1.55 -31.99 43.40
CA ASN M 261 -1.32 -33.30 44.02
C ASN M 261 -1.78 -34.31 43.00
N PRO M 262 -0.84 -35.05 42.42
CA PRO M 262 -1.17 -36.06 41.42
C PRO M 262 -2.06 -37.18 41.92
N LEU M 263 -2.10 -37.36 43.24
CA LEU M 263 -2.87 -38.45 43.83
C LEU M 263 -4.27 -38.13 44.34
N VAL M 264 -4.60 -36.85 44.43
CA VAL M 264 -5.90 -36.46 44.95
C VAL M 264 -6.58 -35.52 43.96
N THR M 265 -7.75 -35.93 43.47
CA THR M 265 -8.49 -35.11 42.54
C THR M 265 -9.54 -34.32 43.31
N PRO M 266 -9.63 -33.01 43.08
CA PRO M 266 -10.63 -32.22 43.80
C PRO M 266 -12.04 -32.75 43.59
N PRO M 267 -12.91 -32.59 44.61
CA PRO M 267 -14.28 -33.06 44.55
C PRO M 267 -15.00 -32.47 43.34
N HIS M 268 -14.91 -31.15 43.20
CA HIS M 268 -15.58 -30.50 42.08
C HIS M 268 -14.64 -29.71 41.19
N ILE M 269 -14.32 -30.38 40.09
CA ILE M 269 -13.44 -29.86 39.06
C ILE M 269 -14.29 -29.01 38.14
N LYS M 270 -14.14 -27.69 38.26
CA LYS M 270 -14.88 -26.76 37.41
C LYS M 270 -13.96 -25.73 36.75
N PRO M 271 -14.08 -25.57 35.42
CA PRO M 271 -13.26 -24.62 34.67
C PRO M 271 -13.56 -23.15 34.95
N GLU M 272 -12.69 -22.29 34.45
CA GLU M 272 -12.84 -20.85 34.61
C GLU M 272 -14.15 -20.43 33.94
N TRP M 273 -14.76 -19.38 34.45
CA TRP M 273 -16.04 -18.96 33.92
C TRP M 273 -16.17 -18.87 32.41
N TYR M 274 -15.15 -18.37 31.72
CA TYR M 274 -15.23 -18.20 30.27
C TYR M 274 -15.15 -19.47 29.46
N PHE M 275 -15.00 -20.61 30.12
CA PHE M 275 -14.96 -21.87 29.38
C PHE M 275 -16.13 -22.77 29.80
N LEU M 276 -16.87 -22.32 30.82
CA LEU M 276 -18.00 -23.06 31.37
C LEU M 276 -19.03 -23.58 30.36
N PHE M 277 -19.59 -22.66 29.58
CA PHE M 277 -20.59 -23.03 28.59
C PHE M 277 -20.10 -24.14 27.68
N ALA M 278 -18.82 -24.10 27.31
CA ALA M 278 -18.24 -25.12 26.42
C ALA M 278 -18.10 -26.43 27.17
N TYR M 279 -17.81 -26.33 28.47
CA TYR M 279 -17.67 -27.52 29.29
C TYR M 279 -19.03 -28.19 29.35
N ALA M 280 -20.07 -27.41 29.64
CA ALA M 280 -21.43 -27.93 29.72
C ALA M 280 -21.76 -28.69 28.45
N ILE M 281 -21.41 -28.12 27.31
CA ILE M 281 -21.68 -28.78 26.05
C ILE M 281 -20.92 -30.10 25.95
N LEU M 282 -19.68 -30.11 26.43
CA LEU M 282 -18.86 -31.32 26.38
C LEU M 282 -19.50 -32.47 27.16
N ARG M 283 -20.09 -32.13 28.30
CA ARG M 283 -20.71 -33.13 29.15
C ARG M 283 -22.10 -33.58 28.72
N SER M 284 -22.77 -32.76 27.92
CA SER M 284 -24.12 -33.08 27.44
C SER M 284 -24.14 -34.45 26.78
N ILE M 285 -23.15 -34.75 25.95
CA ILE M 285 -23.07 -36.06 25.30
C ILE M 285 -22.23 -36.99 26.18
N PRO M 286 -22.89 -37.88 26.92
CA PRO M 286 -22.22 -38.83 27.82
C PRO M 286 -21.13 -39.69 27.17
N ASN M 287 -21.05 -39.70 25.84
CA ASN M 287 -20.04 -40.48 25.12
C ASN M 287 -18.73 -39.69 24.97
N LYS M 288 -17.62 -40.28 25.40
CA LYS M 288 -16.32 -39.60 25.31
C LYS M 288 -16.06 -38.88 23.99
N LEU M 289 -16.01 -39.62 22.87
CA LEU M 289 -15.76 -39.01 21.57
C LEU M 289 -16.90 -38.10 21.11
N GLY M 290 -18.12 -38.45 21.48
CA GLY M 290 -19.26 -37.65 21.08
C GLY M 290 -19.17 -36.27 21.70
N GLY M 291 -18.76 -36.23 22.97
CA GLY M 291 -18.63 -34.96 23.67
C GLY M 291 -17.56 -34.09 23.04
N VAL M 292 -16.45 -34.70 22.66
CA VAL M 292 -15.37 -33.94 22.04
C VAL M 292 -15.89 -33.27 20.79
N LEU M 293 -16.52 -34.05 19.91
CA LEU M 293 -17.08 -33.50 18.69
C LEU M 293 -18.07 -32.36 18.99
N ALA M 294 -18.94 -32.60 19.97
CA ALA M 294 -19.90 -31.57 20.35
C ALA M 294 -19.16 -30.30 20.74
N LEU M 295 -18.10 -30.44 21.54
CA LEU M 295 -17.32 -29.28 21.94
C LEU M 295 -16.66 -28.62 20.74
N ALA M 296 -15.99 -29.42 19.92
CA ALA M 296 -15.34 -28.89 18.71
C ALA M 296 -16.34 -28.04 17.95
N ALA M 297 -17.47 -28.65 17.61
CA ALA M 297 -18.54 -27.98 16.86
C ALA M 297 -19.07 -26.72 17.55
N SER M 298 -19.10 -26.73 18.88
CA SER M 298 -19.62 -25.58 19.61
C SER M 298 -18.87 -24.30 19.28
N VAL M 299 -17.64 -24.41 18.81
CA VAL M 299 -16.86 -23.22 18.48
C VAL M 299 -16.65 -23.12 16.98
N LEU M 300 -16.42 -24.25 16.32
CA LEU M 300 -16.22 -24.27 14.88
C LEU M 300 -17.49 -23.88 14.14
N ILE M 301 -18.63 -23.94 14.84
CA ILE M 301 -19.91 -23.56 14.28
C ILE M 301 -19.81 -22.13 13.76
N LEU M 302 -19.03 -21.30 14.46
CA LEU M 302 -18.82 -19.90 14.09
C LEU M 302 -18.36 -19.71 12.63
N PHE M 303 -17.61 -20.66 12.11
CA PHE M 303 -17.15 -20.57 10.73
C PHE M 303 -18.34 -20.67 9.79
N LEU M 304 -19.40 -21.32 10.26
CA LEU M 304 -20.61 -21.52 9.47
C LEU M 304 -21.58 -20.35 9.40
N ILE M 305 -21.57 -19.50 10.42
CA ILE M 305 -22.48 -18.35 10.46
C ILE M 305 -22.66 -17.57 9.16
N PRO M 306 -21.56 -17.17 8.49
CA PRO M 306 -21.76 -16.43 7.24
C PRO M 306 -22.61 -17.15 6.18
N PHE M 307 -22.64 -18.47 6.21
CA PHE M 307 -23.42 -19.23 5.22
C PHE M 307 -24.84 -19.52 5.64
N LEU M 308 -25.26 -19.04 6.80
CA LEU M 308 -26.62 -19.27 7.26
C LEU M 308 -27.42 -17.97 7.26
N HIS M 309 -26.87 -16.96 6.61
CA HIS M 309 -27.55 -15.67 6.54
C HIS M 309 -28.54 -15.71 5.39
N LYS M 310 -29.83 -15.63 5.73
CA LYS M 310 -30.87 -15.66 4.71
C LYS M 310 -31.55 -14.32 4.56
N SER M 311 -31.45 -13.48 5.58
CA SER M 311 -32.08 -12.17 5.54
C SER M 311 -31.61 -11.32 4.37
N LYS M 312 -32.48 -10.44 3.88
CA LYS M 312 -32.17 -9.55 2.76
C LYS M 312 -31.58 -8.27 3.34
N GLN M 313 -31.60 -8.21 4.67
CA GLN M 313 -31.05 -7.09 5.39
C GLN M 313 -29.82 -7.62 6.14
N ARG M 314 -28.85 -6.76 6.36
CA ARG M 314 -27.63 -7.17 7.05
C ARG M 314 -27.80 -7.35 8.55
N THR M 315 -28.27 -6.31 9.25
CA THR M 315 -28.42 -6.42 10.70
C THR M 315 -29.77 -6.93 11.18
N MET M 316 -29.88 -7.05 12.49
CA MET M 316 -31.11 -7.49 13.10
C MET M 316 -31.83 -6.28 13.65
N THR M 317 -31.35 -5.08 13.32
CA THR M 317 -32.00 -3.88 13.84
C THR M 317 -33.47 -3.79 13.50
N PHE M 318 -33.82 -4.17 12.26
CA PHE M 318 -35.21 -4.11 11.82
C PHE M 318 -35.82 -5.50 11.67
N ARG M 319 -35.30 -6.46 12.44
CA ARG M 319 -35.81 -7.83 12.38
C ARG M 319 -36.21 -8.34 13.76
N PRO M 320 -37.39 -7.91 14.24
CA PRO M 320 -37.93 -8.28 15.56
C PRO M 320 -37.96 -9.78 15.88
N LEU M 321 -38.24 -10.63 14.91
CA LEU M 321 -38.26 -12.06 15.19
C LEU M 321 -36.84 -12.54 15.47
N SER M 322 -35.89 -12.16 14.62
CA SER M 322 -34.49 -12.55 14.81
C SER M 322 -33.97 -12.01 16.13
N GLN M 323 -34.40 -10.81 16.51
CA GLN M 323 -33.96 -10.25 17.76
C GLN M 323 -34.32 -11.13 18.95
N THR M 324 -35.53 -11.64 18.96
CA THR M 324 -35.94 -12.49 20.07
C THR M 324 -35.06 -13.72 20.04
N LEU M 325 -34.96 -14.30 18.85
CA LEU M 325 -34.15 -15.48 18.65
C LEU M 325 -32.71 -15.23 19.13
N PHE M 326 -32.22 -14.01 18.95
CA PHE M 326 -30.86 -13.64 19.36
C PHE M 326 -30.71 -13.69 20.88
N TRP M 327 -31.64 -13.07 21.58
CA TRP M 327 -31.56 -13.06 23.04
C TRP M 327 -31.80 -14.43 23.64
N LEU M 328 -32.58 -15.26 22.96
CA LEU M 328 -32.79 -16.60 23.46
C LEU M 328 -31.40 -17.24 23.49
N LEU M 329 -30.69 -17.11 22.37
CA LEU M 329 -29.35 -17.66 22.24
C LEU M 329 -28.45 -17.17 23.36
N VAL M 330 -28.46 -15.87 23.62
CA VAL M 330 -27.64 -15.31 24.68
C VAL M 330 -28.04 -15.94 26.00
N ALA M 331 -29.33 -16.00 26.28
CA ALA M 331 -29.80 -16.59 27.52
C ALA M 331 -29.42 -18.07 27.56
N ASN M 332 -29.49 -18.71 26.40
CA ASN M 332 -29.15 -20.11 26.29
C ASN M 332 -27.71 -20.32 26.73
N LEU M 333 -26.85 -19.37 26.36
CA LEU M 333 -25.42 -19.43 26.73
C LEU M 333 -25.27 -19.18 28.23
N LEU M 334 -26.13 -18.34 28.79
CA LEU M 334 -26.12 -18.07 30.22
C LEU M 334 -26.41 -19.37 30.97
N ILE M 335 -27.45 -20.08 30.52
CA ILE M 335 -27.82 -21.33 31.15
C ILE M 335 -26.67 -22.32 31.05
N LEU M 336 -26.06 -22.45 29.87
CA LEU M 336 -24.96 -23.37 29.71
C LEU M 336 -23.82 -23.02 30.67
N THR M 337 -23.55 -21.73 30.82
CA THR M 337 -22.50 -21.31 31.73
C THR M 337 -22.86 -21.83 33.11
N TRP M 338 -24.08 -21.53 33.55
CA TRP M 338 -24.55 -21.98 34.85
C TRP M 338 -24.47 -23.52 34.98
N ILE M 339 -25.05 -24.22 34.02
CA ILE M 339 -25.01 -25.69 34.05
C ILE M 339 -23.58 -26.20 34.13
N GLY M 340 -22.65 -25.50 33.49
CA GLY M 340 -21.27 -25.92 33.49
C GLY M 340 -20.58 -25.87 34.84
N SER M 341 -21.16 -25.12 35.77
CA SER M 341 -20.56 -25.00 37.10
C SER M 341 -21.18 -25.96 38.11
N GLN M 342 -22.13 -26.77 37.65
CA GLN M 342 -22.82 -27.70 38.53
C GLN M 342 -22.36 -29.12 38.32
N PRO M 343 -22.62 -30.00 39.29
CA PRO M 343 -22.23 -31.41 39.18
C PRO M 343 -23.17 -32.18 38.25
N VAL M 344 -22.67 -33.25 37.63
CA VAL M 344 -23.50 -34.05 36.72
C VAL M 344 -24.54 -34.83 37.48
N GLU M 345 -25.70 -34.21 37.69
CA GLU M 345 -26.77 -34.84 38.43
C GLU M 345 -28.08 -34.20 38.04
N HIS M 346 -29.17 -34.93 38.18
CA HIS M 346 -30.50 -34.40 37.88
C HIS M 346 -30.67 -33.20 38.80
N PRO M 347 -31.32 -32.13 38.34
CA PRO M 347 -31.97 -31.89 37.04
C PRO M 347 -30.99 -31.35 35.99
N PHE M 348 -29.83 -30.92 36.46
CA PHE M 348 -28.77 -30.36 35.61
C PHE M 348 -28.49 -31.11 34.32
N ILE M 349 -28.27 -32.41 34.41
CA ILE M 349 -27.97 -33.19 33.22
C ILE M 349 -29.00 -32.95 32.11
N ILE M 350 -30.29 -33.00 32.44
CA ILE M 350 -31.29 -32.78 31.41
C ILE M 350 -31.32 -31.33 30.93
N ILE M 351 -31.29 -30.39 31.87
CA ILE M 351 -31.28 -28.96 31.55
C ILE M 351 -30.11 -28.69 30.62
N GLY M 352 -28.98 -29.33 30.92
CA GLY M 352 -27.79 -29.17 30.12
C GLY M 352 -27.98 -29.63 28.69
N GLN M 353 -28.47 -30.84 28.50
CA GLN M 353 -28.67 -31.37 27.16
C GLN M 353 -29.68 -30.54 26.37
N MET M 354 -30.63 -29.96 27.10
CA MET M 354 -31.62 -29.11 26.47
C MET M 354 -30.89 -27.92 25.88
N ALA M 355 -30.26 -27.13 26.75
CA ALA M 355 -29.51 -25.94 26.34
C ALA M 355 -28.49 -26.23 25.25
N SER M 356 -27.81 -27.37 25.33
CA SER M 356 -26.85 -27.72 24.31
C SER M 356 -27.62 -27.86 23.02
N LEU M 357 -28.63 -28.73 23.05
CA LEU M 357 -29.45 -28.98 21.88
C LEU M 357 -30.07 -27.72 21.26
N SER M 358 -30.59 -26.84 22.09
CA SER M 358 -31.20 -25.61 21.56
C SER M 358 -30.17 -24.65 21.02
N TYR M 359 -28.96 -24.71 21.56
CA TYR M 359 -27.86 -23.86 21.12
C TYR M 359 -27.62 -24.14 19.64
N PHE M 360 -27.36 -25.39 19.30
CA PHE M 360 -27.12 -25.77 17.92
C PHE M 360 -28.34 -25.60 17.02
N THR M 361 -29.53 -25.74 17.61
CA THR M 361 -30.76 -25.61 16.87
C THR M 361 -30.96 -24.17 16.44
N ILE M 362 -30.85 -23.23 17.38
CA ILE M 362 -31.03 -21.84 17.03
C ILE M 362 -30.12 -21.40 15.88
N LEU M 363 -28.82 -21.74 15.98
CA LEU M 363 -27.86 -21.35 14.97
C LEU M 363 -28.00 -22.06 13.64
N LEU M 364 -28.16 -23.38 13.68
CA LEU M 364 -28.27 -24.18 12.46
C LEU M 364 -29.62 -24.20 11.73
N ILE M 365 -30.72 -24.02 12.48
CA ILE M 365 -32.04 -24.08 11.87
C ILE M 365 -32.94 -22.84 12.04
N LEU M 366 -33.20 -22.43 13.26
CA LEU M 366 -34.07 -21.29 13.45
C LEU M 366 -33.63 -20.00 12.79
N PHE M 367 -32.37 -19.61 12.94
CA PHE M 367 -31.92 -18.37 12.34
C PHE M 367 -32.11 -18.29 10.84
N PRO M 368 -31.66 -19.31 10.09
CA PRO M 368 -31.86 -19.20 8.64
C PRO M 368 -33.34 -19.29 8.27
N THR M 369 -34.06 -20.16 8.98
CA THR M 369 -35.49 -20.33 8.75
C THR M 369 -36.22 -19.00 8.99
N ILE M 370 -36.09 -18.44 10.18
CA ILE M 370 -36.73 -17.15 10.47
C ILE M 370 -36.30 -16.05 9.49
N GLY M 371 -35.04 -16.10 9.07
CA GLY M 371 -34.54 -15.11 8.14
C GLY M 371 -35.30 -15.14 6.82
N THR M 372 -35.63 -16.34 6.37
CA THR M 372 -36.38 -16.55 5.15
C THR M 372 -37.83 -16.11 5.37
N LEU M 373 -38.37 -16.48 6.52
CA LEU M 373 -39.72 -16.13 6.88
C LEU M 373 -39.87 -14.60 6.94
N GLU M 374 -38.87 -13.93 7.48
CA GLU M 374 -38.92 -12.47 7.57
C GLU M 374 -38.87 -11.81 6.19
N ASN M 375 -38.12 -12.38 5.26
CA ASN M 375 -38.05 -11.82 3.91
C ASN M 375 -39.42 -11.82 3.28
N LYS M 376 -40.16 -12.92 3.46
CA LYS M 376 -41.50 -13.03 2.90
C LYS M 376 -42.46 -12.03 3.50
N MET M 377 -42.32 -11.74 4.80
CA MET M 377 -43.22 -10.78 5.44
C MET M 377 -42.95 -9.35 4.98
N LEU M 378 -41.87 -9.17 4.25
CA LEU M 378 -41.52 -7.86 3.71
C LEU M 378 -41.89 -7.86 2.24
N ASN M 379 -42.38 -9.01 1.78
CA ASN M 379 -42.80 -9.22 0.39
C ASN M 379 -41.63 -9.28 -0.57
N TYR M 380 -40.61 -10.02 -0.14
CA TYR M 380 -39.38 -10.26 -0.90
C TYR M 380 -39.29 -11.77 -1.07
N GLY N 1 -25.76 -38.09 51.84
CA GLY N 1 -24.48 -38.31 51.10
C GLY N 1 -23.62 -37.06 51.05
N GLU N 2 -23.98 -36.14 50.14
CA GLU N 2 -23.24 -34.90 49.99
C GLU N 2 -23.99 -33.79 50.75
N LEU N 3 -24.26 -34.07 52.02
CA LEU N 3 -24.94 -33.11 52.88
C LEU N 3 -23.84 -32.22 53.46
N GLU N 4 -24.03 -30.91 53.36
CA GLU N 4 -23.03 -30.01 53.90
C GLU N 4 -23.61 -28.78 54.56
N LEU N 5 -22.98 -28.38 55.66
CA LEU N 5 -23.39 -27.22 56.41
C LEU N 5 -22.45 -26.08 56.02
N HIS N 6 -23.01 -24.95 55.60
CA HIS N 6 -22.17 -23.82 55.21
C HIS N 6 -22.09 -22.76 56.30
N PRO N 7 -20.86 -22.34 56.64
CA PRO N 7 -20.69 -21.33 57.69
C PRO N 7 -21.42 -20.01 57.44
N PRO N 8 -21.83 -19.34 58.51
CA PRO N 8 -22.51 -18.06 58.37
C PRO N 8 -21.46 -16.98 58.14
N ALA N 9 -21.89 -15.78 57.80
CA ALA N 9 -20.95 -14.71 57.55
C ALA N 9 -20.74 -13.82 58.74
N PHE N 10 -19.55 -13.87 59.33
CA PHE N 10 -19.24 -13.01 60.46
C PHE N 10 -18.75 -11.64 60.00
N PRO N 11 -19.13 -10.59 60.72
CA PRO N 11 -18.73 -9.21 60.40
C PRO N 11 -17.31 -8.84 60.83
N TRP N 12 -16.32 -9.44 60.18
CA TRP N 12 -14.90 -9.19 60.48
C TRP N 12 -14.63 -7.71 60.27
N SER N 13 -13.78 -7.12 61.11
CA SER N 13 -13.47 -5.70 60.96
C SER N 13 -12.65 -5.38 59.72
N HIS N 14 -12.36 -6.40 58.91
CA HIS N 14 -11.58 -6.19 57.70
C HIS N 14 -12.37 -6.64 56.49
N GLY N 15 -13.67 -6.80 56.67
CA GLY N 15 -14.54 -7.24 55.57
C GLY N 15 -14.95 -6.14 54.61
N GLY N 16 -15.06 -4.91 55.09
CA GLY N 16 -15.46 -3.82 54.22
C GLY N 16 -14.41 -3.51 53.15
N PRO N 17 -14.82 -2.97 52.01
CA PRO N 17 -13.86 -2.65 50.96
C PRO N 17 -12.74 -1.67 51.35
N LEU N 18 -12.94 -0.86 52.37
CA LEU N 18 -11.89 0.07 52.77
C LEU N 18 -11.42 -0.25 54.18
N SER N 19 -11.84 -1.42 54.66
CA SER N 19 -11.52 -1.87 56.00
C SER N 19 -10.19 -2.60 56.12
N ALA N 20 -9.25 -1.99 56.84
CA ALA N 20 -7.96 -2.61 57.05
C ALA N 20 -8.12 -3.77 58.02
N LEU N 21 -7.00 -4.42 58.35
CA LEU N 21 -7.00 -5.52 59.29
C LEU N 21 -6.75 -4.86 60.65
N ASP N 22 -7.28 -5.48 61.71
CA ASP N 22 -7.07 -5.00 63.06
C ASP N 22 -5.73 -5.60 63.45
N HIS N 23 -4.69 -4.79 63.44
CA HIS N 23 -3.36 -5.31 63.72
C HIS N 23 -3.15 -5.87 65.12
N SER N 24 -3.95 -5.40 66.07
CA SER N 24 -3.85 -5.91 67.44
C SER N 24 -4.38 -7.34 67.41
N SER N 25 -5.46 -7.53 66.66
CA SER N 25 -6.06 -8.85 66.54
C SER N 25 -5.12 -9.78 65.76
N VAL N 26 -4.35 -9.21 64.82
CA VAL N 26 -3.39 -10.01 64.04
C VAL N 26 -2.20 -10.39 64.88
N ARG N 27 -1.76 -9.48 65.75
CA ARG N 27 -0.63 -9.75 66.65
C ARG N 27 -1.03 -10.90 67.59
N ARG N 28 -2.23 -10.77 68.17
CA ARG N 28 -2.74 -11.82 69.05
C ARG N 28 -2.81 -13.15 68.30
N GLY N 29 -3.40 -13.12 67.11
CA GLY N 29 -3.52 -14.32 66.28
C GLY N 29 -2.18 -15.02 66.08
N PHE N 30 -1.11 -14.23 65.93
CA PHE N 30 0.23 -14.78 65.74
C PHE N 30 0.64 -15.65 66.92
N GLN N 31 0.32 -15.16 68.11
CA GLN N 31 0.62 -15.86 69.35
C GLN N 31 -0.10 -17.19 69.34
N VAL N 32 -1.38 -17.19 68.99
CA VAL N 32 -2.14 -18.42 68.95
C VAL N 32 -1.49 -19.42 68.00
N TYR N 33 -0.99 -18.92 66.86
CA TYR N 33 -0.34 -19.78 65.89
C TYR N 33 0.97 -20.31 66.48
N LYS N 34 1.78 -19.39 67.00
CA LYS N 34 3.06 -19.72 67.58
C LYS N 34 3.00 -20.67 68.75
N GLN N 35 1.99 -20.52 69.60
CA GLN N 35 1.87 -21.36 70.78
C GLN N 35 0.94 -22.55 70.69
N VAL N 36 0.15 -22.65 69.63
CA VAL N 36 -0.77 -23.77 69.52
C VAL N 36 -0.73 -24.53 68.19
N CYS N 37 -1.10 -23.85 67.11
CA CYS N 37 -1.14 -24.46 65.79
C CYS N 37 0.21 -24.89 65.22
N SER N 38 1.24 -24.09 65.46
CA SER N 38 2.55 -24.40 64.91
C SER N 38 3.16 -25.73 65.35
N ALA N 39 2.46 -26.44 66.22
CA ALA N 39 2.95 -27.73 66.69
C ALA N 39 2.71 -28.78 65.64
N CYS N 40 1.74 -28.53 64.77
CA CYS N 40 1.39 -29.48 63.72
C CYS N 40 1.28 -28.82 62.36
N HIS N 41 1.12 -27.50 62.35
CA HIS N 41 0.97 -26.76 61.12
C HIS N 41 2.16 -25.91 60.74
N SER N 42 2.56 -26.02 59.48
CA SER N 42 3.66 -25.24 58.96
C SER N 42 3.09 -23.97 58.35
N MET N 43 3.95 -23.01 58.11
CA MET N 43 3.55 -21.76 57.49
C MET N 43 4.77 -21.36 56.65
N ASP N 44 5.08 -22.24 55.71
CA ASP N 44 6.23 -22.09 54.84
C ASP N 44 6.48 -20.72 54.22
N TYR N 45 5.43 -19.97 53.89
CA TYR N 45 5.67 -18.69 53.24
C TYR N 45 5.77 -17.43 54.06
N VAL N 46 5.84 -17.55 55.38
CA VAL N 46 5.98 -16.34 56.18
C VAL N 46 7.28 -16.38 56.95
N ALA N 47 7.99 -15.25 56.94
CA ALA N 47 9.25 -15.17 57.64
C ALA N 47 9.09 -14.19 58.79
N PHE N 48 9.99 -14.28 59.77
CA PHE N 48 9.92 -13.40 60.92
C PHE N 48 10.02 -11.92 60.54
N ARG N 49 10.75 -11.62 59.47
CA ARG N 49 10.89 -10.24 59.02
C ARG N 49 9.54 -9.64 58.60
N ASN N 50 8.65 -10.49 58.09
CA ASN N 50 7.32 -10.06 57.67
C ASN N 50 6.52 -9.43 58.79
N LEU N 51 6.83 -9.84 60.03
CA LEU N 51 6.12 -9.31 61.19
C LEU N 51 6.44 -7.84 61.44
N ILE N 52 7.72 -7.48 61.33
CA ILE N 52 8.16 -6.12 61.57
C ILE N 52 7.30 -5.06 60.91
N GLY N 53 7.01 -3.99 61.64
CA GLY N 53 6.18 -2.92 61.09
C GLY N 53 4.75 -3.32 60.79
N VAL N 54 4.37 -4.54 61.15
CA VAL N 54 3.00 -5.01 60.90
C VAL N 54 2.35 -5.35 62.24
N THR N 55 3.00 -6.25 62.98
CA THR N 55 2.51 -6.68 64.28
C THR N 55 3.58 -6.56 65.36
N HIS N 56 4.85 -6.52 64.97
CA HIS N 56 5.94 -6.43 65.93
C HIS N 56 7.00 -5.43 65.54
N THR N 57 7.82 -5.02 66.51
CA THR N 57 8.90 -4.11 66.21
C THR N 57 10.02 -4.99 65.75
N GLU N 58 11.07 -4.39 65.21
CA GLU N 58 12.20 -5.15 64.73
C GLU N 58 12.84 -5.95 65.86
N ALA N 59 12.96 -5.33 67.03
CA ALA N 59 13.55 -6.01 68.19
C ALA N 59 12.76 -7.26 68.56
N GLU N 60 11.44 -7.11 68.70
CA GLU N 60 10.57 -8.23 69.03
C GLU N 60 10.72 -9.34 68.02
N ALA N 61 10.77 -8.94 66.75
CA ALA N 61 10.89 -9.89 65.66
C ALA N 61 12.19 -10.67 65.75
N LYS N 62 13.29 -9.97 65.99
CA LYS N 62 14.57 -10.62 66.10
C LYS N 62 14.51 -11.67 67.21
N ALA N 63 13.98 -11.27 68.36
CA ALA N 63 13.85 -12.17 69.50
C ALA N 63 13.07 -13.41 69.09
N LEU N 64 11.88 -13.18 68.54
CA LEU N 64 11.06 -14.29 68.11
C LEU N 64 11.83 -15.30 67.27
N ALA N 65 12.65 -14.80 66.35
CA ALA N 65 13.42 -15.67 65.48
C ALA N 65 14.51 -16.43 66.21
N GLU N 66 15.17 -15.77 67.17
CA GLU N 66 16.25 -16.40 67.93
C GLU N 66 15.77 -17.52 68.84
N GLU N 67 14.46 -17.54 69.09
CA GLU N 67 13.88 -18.57 69.93
C GLU N 67 13.92 -19.92 69.22
N VAL N 68 14.19 -19.87 67.92
CA VAL N 68 14.24 -21.08 67.11
C VAL N 68 15.64 -21.51 66.71
N GLU N 69 15.82 -22.80 66.54
CA GLU N 69 17.09 -23.35 66.09
C GLU N 69 16.86 -23.75 64.64
N VAL N 70 17.74 -23.31 63.76
CA VAL N 70 17.61 -23.63 62.35
C VAL N 70 18.87 -24.35 61.90
N GLN N 71 18.69 -25.21 60.91
CA GLN N 71 19.82 -25.95 60.38
C GLN N 71 20.52 -25.14 59.31
N ASP N 72 21.83 -25.20 59.31
CA ASP N 72 22.61 -24.49 58.33
C ASP N 72 23.79 -25.36 57.92
N GLY N 73 24.70 -24.79 57.15
CA GLY N 73 25.86 -25.55 56.69
C GLY N 73 25.77 -25.88 55.22
N PRO N 74 26.63 -26.79 54.71
CA PRO N 74 27.67 -27.48 55.46
C PRO N 74 28.79 -26.57 55.92
N ASP N 75 29.49 -26.98 56.98
CA ASP N 75 30.59 -26.19 57.49
C ASP N 75 31.86 -26.63 56.77
N GLU N 76 33.01 -26.37 57.38
CA GLU N 76 34.29 -26.71 56.78
C GLU N 76 34.53 -28.21 56.62
N ASN N 77 33.86 -29.02 57.44
CA ASN N 77 33.99 -30.46 57.37
C ASN N 77 32.88 -31.05 56.52
N GLY N 78 32.04 -30.20 55.97
CA GLY N 78 30.93 -30.67 55.17
C GLY N 78 29.84 -31.18 56.09
N GLU N 79 29.78 -30.61 57.28
CA GLU N 79 28.80 -30.99 58.29
C GLU N 79 27.68 -29.97 58.44
N LEU N 80 26.48 -30.47 58.73
CA LEU N 80 25.34 -29.59 58.94
C LEU N 80 25.32 -29.26 60.43
N PHE N 81 25.01 -28.02 60.76
CA PHE N 81 24.98 -27.59 62.16
C PHE N 81 23.74 -26.76 62.45
N MET N 82 23.50 -26.52 63.74
CA MET N 82 22.37 -25.73 64.15
C MET N 82 22.82 -24.32 64.49
N ARG N 83 21.87 -23.40 64.49
CA ARG N 83 22.15 -22.01 64.81
C ARG N 83 20.85 -21.33 65.19
N PRO N 84 20.96 -20.19 65.88
CA PRO N 84 19.78 -19.43 66.31
C PRO N 84 19.15 -18.77 65.08
N GLY N 85 17.83 -18.61 65.10
CA GLY N 85 17.15 -18.00 63.97
C GLY N 85 17.47 -16.54 63.66
N LYS N 86 17.16 -16.15 62.42
CA LYS N 86 17.36 -14.78 61.92
C LYS N 86 16.03 -14.31 61.35
N ILE N 87 15.79 -13.00 61.37
CA ILE N 87 14.53 -12.49 60.86
C ILE N 87 14.29 -12.87 59.41
N SER N 88 15.36 -13.26 58.71
CA SER N 88 15.26 -13.67 57.32
C SER N 88 14.83 -15.13 57.22
N ASP N 89 14.70 -15.79 58.37
CA ASP N 89 14.25 -17.18 58.37
C ASP N 89 12.75 -17.27 58.33
N TYR N 90 12.25 -18.32 57.71
CA TYR N 90 10.81 -18.53 57.64
C TYR N 90 10.37 -19.35 58.86
N PHE N 91 9.09 -19.37 59.15
CA PHE N 91 8.59 -20.13 60.29
C PHE N 91 8.94 -21.60 60.14
N PRO N 92 9.44 -22.20 61.23
CA PRO N 92 9.86 -23.60 61.33
C PRO N 92 8.78 -24.60 61.02
N LYS N 93 9.16 -25.68 60.35
CA LYS N 93 8.22 -26.73 60.01
C LYS N 93 8.19 -27.71 61.19
N PRO N 94 6.99 -28.16 61.56
CA PRO N 94 6.87 -29.09 62.69
C PRO N 94 7.40 -30.47 62.31
N TYR N 95 7.39 -30.78 61.02
CA TYR N 95 7.86 -32.08 60.56
C TYR N 95 8.70 -31.94 59.28
N PRO N 96 9.69 -32.84 59.10
CA PRO N 96 10.62 -32.90 57.97
C PRO N 96 9.94 -33.15 56.62
N ASN N 97 8.82 -33.86 56.65
CA ASN N 97 8.10 -34.19 55.43
C ASN N 97 6.69 -34.65 55.80
N PRO N 98 5.75 -34.58 54.86
CA PRO N 98 4.38 -35.01 55.15
C PRO N 98 4.29 -36.42 55.73
N GLU N 99 5.18 -37.31 55.32
CA GLU N 99 5.17 -38.69 55.84
C GLU N 99 5.26 -38.65 57.35
N ALA N 100 6.28 -37.94 57.84
CA ALA N 100 6.52 -37.81 59.27
C ALA N 100 5.30 -37.16 59.94
N ALA N 101 4.77 -36.12 59.29
CA ALA N 101 3.60 -35.41 59.80
C ALA N 101 2.44 -36.37 60.03
N ARG N 102 2.04 -37.08 58.99
CA ARG N 102 0.94 -38.03 59.07
C ARG N 102 1.23 -39.01 60.19
N ALA N 103 2.46 -39.52 60.19
CA ALA N 103 2.92 -40.48 61.18
C ALA N 103 2.67 -40.01 62.63
N ALA N 104 2.66 -38.68 62.82
CA ALA N 104 2.46 -38.12 64.13
C ALA N 104 1.02 -37.62 64.30
N ASN N 105 0.14 -38.01 63.39
CA ASN N 105 -1.25 -37.56 63.45
C ASN N 105 -2.24 -38.60 62.94
N ASN N 106 -1.94 -39.87 63.19
CA ASN N 106 -2.83 -40.94 62.78
C ASN N 106 -3.06 -40.96 61.29
N GLY N 107 -2.00 -40.69 60.53
CA GLY N 107 -2.11 -40.72 59.08
C GLY N 107 -2.78 -39.52 58.47
N ALA N 108 -3.18 -38.55 59.31
CA ALA N 108 -3.81 -37.34 58.80
C ALA N 108 -2.71 -36.32 58.56
N LEU N 109 -2.90 -35.49 57.54
CA LEU N 109 -1.92 -34.48 57.21
C LEU N 109 -2.37 -33.04 57.50
N PRO N 110 -1.80 -32.42 58.54
CA PRO N 110 -2.21 -31.05 58.83
C PRO N 110 -1.64 -30.13 57.74
N PRO N 111 -2.51 -29.55 56.91
CA PRO N 111 -2.07 -28.65 55.83
C PRO N 111 -1.28 -27.41 56.28
N ASP N 112 -0.45 -26.89 55.38
CA ASP N 112 0.33 -25.67 55.64
C ASP N 112 -0.74 -24.58 55.72
N LEU N 113 -0.58 -23.61 56.62
CA LEU N 113 -1.63 -22.59 56.75
C LEU N 113 -1.40 -21.24 56.07
N SER N 114 -0.33 -21.12 55.29
CA SER N 114 0.00 -19.86 54.60
C SER N 114 -1.13 -19.32 53.72
N TYR N 115 -1.84 -20.21 53.03
CA TYR N 115 -2.92 -19.78 52.17
C TYR N 115 -4.22 -20.51 52.50
N ILE N 116 -4.33 -21.03 53.71
CA ILE N 116 -5.54 -21.78 54.05
C ILE N 116 -6.87 -21.03 53.91
N VAL N 117 -6.94 -19.74 54.27
CA VAL N 117 -8.21 -19.02 54.12
C VAL N 117 -8.60 -18.81 52.66
N ASN N 118 -7.64 -18.92 51.75
CA ASN N 118 -7.93 -18.74 50.32
C ASN N 118 -8.10 -20.10 49.66
N ALA N 119 -7.64 -21.16 50.33
CA ALA N 119 -7.74 -22.51 49.79
C ALA N 119 -8.99 -23.24 50.25
N ARG N 120 -9.86 -22.54 50.98
CA ARG N 120 -11.09 -23.11 51.51
C ARG N 120 -12.26 -22.21 51.23
N HIS N 121 -13.36 -22.78 50.73
CA HIS N 121 -14.55 -21.98 50.46
C HIS N 121 -15.03 -21.50 51.81
N GLY N 122 -15.25 -20.19 51.93
CA GLY N 122 -15.70 -19.64 53.20
C GLY N 122 -14.63 -18.85 53.89
N GLY N 123 -13.36 -19.13 53.57
CA GLY N 123 -12.27 -18.39 54.18
C GLY N 123 -12.31 -18.36 55.70
N GLU N 124 -12.04 -17.20 56.31
CA GLU N 124 -12.06 -17.14 57.77
C GLU N 124 -13.39 -17.59 58.34
N ASP N 125 -14.49 -17.28 57.66
CA ASP N 125 -15.81 -17.70 58.14
C ASP N 125 -15.79 -19.22 58.34
N TYR N 126 -15.24 -19.95 57.38
CA TYR N 126 -15.18 -21.42 57.50
C TYR N 126 -14.20 -21.87 58.55
N VAL N 127 -13.06 -21.20 58.65
CA VAL N 127 -12.07 -21.58 59.62
C VAL N 127 -12.56 -21.31 61.03
N PHE N 128 -13.31 -20.22 61.18
CA PHE N 128 -13.85 -19.88 62.50
C PHE N 128 -14.91 -20.91 62.90
N SER N 129 -15.88 -21.13 62.02
CA SER N 129 -16.93 -22.10 62.28
C SER N 129 -16.39 -23.49 62.59
N LEU N 130 -15.29 -23.87 61.96
CA LEU N 130 -14.72 -25.19 62.19
C LEU N 130 -14.07 -25.27 63.56
N LEU N 131 -13.27 -24.25 63.89
CA LEU N 131 -12.59 -24.23 65.19
C LEU N 131 -13.54 -24.20 66.37
N THR N 132 -14.63 -23.45 66.24
CA THR N 132 -15.60 -23.35 67.32
C THR N 132 -16.85 -24.20 67.08
N GLY N 133 -16.78 -25.19 66.20
CA GLY N 133 -17.97 -25.96 65.91
C GLY N 133 -18.02 -27.46 66.16
N TYR N 134 -17.11 -27.98 66.99
CA TYR N 134 -17.13 -29.41 67.26
C TYR N 134 -18.34 -29.76 68.13
N CYS N 135 -18.82 -30.99 68.04
CA CYS N 135 -19.96 -31.44 68.82
C CYS N 135 -20.15 -32.93 68.60
N ASP N 136 -21.08 -33.54 69.33
CA ASP N 136 -21.33 -34.98 69.20
C ASP N 136 -22.11 -35.33 67.95
N PRO N 137 -21.77 -36.47 67.33
CA PRO N 137 -22.50 -36.85 66.11
C PRO N 137 -23.98 -37.06 66.33
N PRO N 138 -24.80 -36.72 65.32
CA PRO N 138 -26.24 -36.90 65.43
C PRO N 138 -26.57 -38.39 65.38
N ALA N 139 -27.78 -38.74 65.79
CA ALA N 139 -28.20 -40.14 65.79
C ALA N 139 -28.03 -40.81 64.42
N GLY N 140 -27.50 -42.03 64.44
CA GLY N 140 -27.31 -42.77 63.21
C GLY N 140 -25.94 -42.61 62.57
N VAL N 141 -25.13 -41.74 63.14
CA VAL N 141 -23.80 -41.46 62.61
C VAL N 141 -22.70 -41.90 63.56
N VAL N 142 -21.73 -42.66 63.04
CA VAL N 142 -20.62 -43.11 63.88
C VAL N 142 -19.27 -42.74 63.29
N VAL N 143 -18.54 -41.91 64.03
CA VAL N 143 -17.21 -41.43 63.64
C VAL N 143 -16.19 -42.53 63.92
N ARG N 144 -15.33 -42.86 62.96
CA ARG N 144 -14.34 -43.91 63.19
C ARG N 144 -13.31 -43.42 64.19
N GLU N 145 -12.66 -44.36 64.87
CA GLU N 145 -11.67 -44.01 65.88
C GLU N 145 -10.50 -43.20 65.34
N GLY N 146 -10.25 -42.07 65.99
CA GLY N 146 -9.16 -41.20 65.56
C GLY N 146 -9.70 -39.91 64.99
N LEU N 147 -10.91 -39.98 64.44
CA LEU N 147 -11.56 -38.82 63.86
C LEU N 147 -12.49 -38.19 64.89
N HIS N 148 -12.90 -36.95 64.62
CA HIS N 148 -13.78 -36.23 65.53
C HIS N 148 -14.94 -35.66 64.76
N TYR N 149 -16.07 -35.47 65.43
CA TYR N 149 -17.20 -34.94 64.72
C TYR N 149 -17.17 -33.43 64.63
N ASN N 150 -17.37 -32.96 63.40
CA ASN N 150 -17.44 -31.54 63.12
C ASN N 150 -18.35 -31.43 61.91
N PRO N 151 -19.53 -30.83 62.10
CA PRO N 151 -20.52 -30.65 61.05
C PRO N 151 -20.04 -29.73 59.92
N TYR N 152 -19.08 -28.87 60.23
CA TYR N 152 -18.55 -27.93 59.25
C TYR N 152 -17.51 -28.54 58.30
N PHE N 153 -16.84 -29.60 58.72
CA PHE N 153 -15.86 -30.25 57.89
C PHE N 153 -16.56 -31.17 56.89
N PRO N 154 -16.16 -31.15 55.61
CA PRO N 154 -16.84 -32.04 54.65
C PRO N 154 -16.67 -33.47 55.12
N GLY N 155 -17.78 -34.22 55.12
CA GLY N 155 -17.74 -35.61 55.57
C GLY N 155 -18.03 -35.66 57.05
N GLN N 156 -17.82 -34.51 57.70
CA GLN N 156 -18.04 -34.31 59.12
C GLN N 156 -17.09 -35.00 60.11
N ALA N 157 -16.21 -35.87 59.62
CA ALA N 157 -15.25 -36.56 60.50
C ALA N 157 -13.82 -36.06 60.24
N ILE N 158 -13.39 -35.08 61.02
CA ILE N 158 -12.06 -34.51 60.84
C ILE N 158 -11.01 -35.23 61.67
N GLY N 159 -9.76 -35.19 61.23
CA GLY N 159 -8.70 -35.82 61.96
C GLY N 159 -7.99 -34.87 62.92
N MET N 160 -8.53 -33.68 63.10
CA MET N 160 -7.92 -32.72 64.01
C MET N 160 -8.78 -32.59 65.26
N ALA N 161 -8.20 -32.90 66.42
CA ALA N 161 -8.89 -32.79 67.69
C ALA N 161 -9.06 -31.29 67.98
N PRO N 162 -10.15 -30.92 68.68
CA PRO N 162 -10.32 -29.48 68.96
C PRO N 162 -9.01 -28.90 69.43
N PRO N 163 -8.46 -27.93 68.67
CA PRO N 163 -7.20 -27.30 69.04
C PRO N 163 -7.25 -26.25 70.14
N ILE N 164 -8.38 -25.56 70.26
CA ILE N 164 -8.45 -24.51 71.27
C ILE N 164 -9.62 -24.59 72.24
N TYR N 165 -9.37 -24.08 73.44
CA TYR N 165 -10.36 -24.02 74.53
C TYR N 165 -10.01 -22.82 75.41
N ASN N 166 -10.95 -22.39 76.23
CA ASN N 166 -10.72 -21.24 77.10
C ASN N 166 -9.38 -21.31 77.81
N GLU N 167 -8.75 -20.16 77.95
CA GLU N 167 -7.46 -20.04 78.64
C GLU N 167 -6.39 -21.05 78.24
N ILE N 168 -6.43 -21.54 77.00
CA ILE N 168 -5.41 -22.50 76.56
C ILE N 168 -4.09 -21.75 76.43
N LEU N 169 -4.14 -20.44 76.60
CA LEU N 169 -2.97 -19.59 76.54
C LEU N 169 -3.34 -18.25 77.15
N GLU N 170 -2.35 -17.39 77.35
CA GLU N 170 -2.59 -16.06 77.93
C GLU N 170 -2.06 -14.92 77.09
N TYR N 171 -2.95 -14.16 76.47
CA TYR N 171 -2.55 -13.02 75.65
C TYR N 171 -1.78 -12.03 76.50
N ASP N 172 -0.52 -11.83 76.19
CA ASP N 172 0.26 -10.91 76.99
C ASP N 172 -0.24 -9.47 76.90
N ASP N 173 -1.32 -9.25 76.16
CA ASP N 173 -1.89 -7.91 76.03
C ASP N 173 -3.09 -7.76 76.97
N GLY N 174 -3.38 -8.83 77.71
CA GLY N 174 -4.47 -8.79 78.67
C GLY N 174 -5.84 -9.21 78.18
N THR N 175 -6.00 -9.39 76.88
CA THR N 175 -7.30 -9.80 76.38
C THR N 175 -7.77 -11.13 76.95
N PRO N 176 -9.04 -11.22 77.33
CA PRO N 176 -9.65 -12.43 77.90
C PRO N 176 -9.58 -13.59 76.92
N ALA N 177 -8.66 -14.52 77.14
CA ALA N 177 -8.47 -15.66 76.26
C ALA N 177 -9.59 -16.70 76.18
N THR N 178 -10.72 -16.32 75.60
CA THR N 178 -11.82 -17.27 75.47
C THR N 178 -11.72 -17.96 74.10
N MET N 179 -12.17 -19.22 74.03
CA MET N 179 -12.10 -19.98 72.78
C MET N 179 -12.49 -19.19 71.53
N SER N 180 -13.67 -18.60 71.53
CA SER N 180 -14.11 -17.82 70.38
C SER N 180 -13.20 -16.61 70.16
N GLN N 181 -12.76 -15.95 71.23
CA GLN N 181 -11.86 -14.81 71.09
C GLN N 181 -10.60 -15.27 70.38
N ILE N 182 -10.13 -16.46 70.75
CA ILE N 182 -8.94 -17.03 70.17
C ILE N 182 -9.14 -17.35 68.70
N ALA N 183 -10.21 -18.07 68.37
CA ALA N 183 -10.50 -18.42 66.98
C ALA N 183 -10.53 -17.14 66.15
N LYS N 184 -11.30 -16.17 66.62
CA LYS N 184 -11.43 -14.89 65.94
C LYS N 184 -10.05 -14.30 65.64
N ASP N 185 -9.17 -14.20 66.63
CA ASP N 185 -7.84 -13.65 66.40
C ASP N 185 -6.96 -14.45 65.43
N VAL N 186 -6.85 -15.76 65.63
CA VAL N 186 -6.01 -16.54 64.73
C VAL N 186 -6.53 -16.46 63.31
N CYS N 187 -7.85 -16.45 63.14
CA CYS N 187 -8.42 -16.36 61.80
C CYS N 187 -8.01 -15.04 61.17
N THR N 188 -8.02 -13.97 61.96
CA THR N 188 -7.62 -12.67 61.46
C THR N 188 -6.15 -12.80 61.01
N PHE N 189 -5.34 -13.43 61.85
CA PHE N 189 -3.94 -13.62 61.54
C PHE N 189 -3.78 -14.43 60.25
N LEU N 190 -4.64 -15.43 60.09
CA LEU N 190 -4.58 -16.26 58.89
C LEU N 190 -4.91 -15.47 57.63
N ARG N 191 -5.84 -14.53 57.74
CA ARG N 191 -6.21 -13.68 56.61
C ARG N 191 -4.95 -12.90 56.23
N TRP N 192 -4.26 -12.37 57.24
CA TRP N 192 -3.05 -11.62 56.97
C TRP N 192 -2.00 -12.50 56.29
N ALA N 193 -1.69 -13.63 56.89
CA ALA N 193 -0.68 -14.54 56.35
C ALA N 193 -0.92 -14.85 54.88
N ALA N 194 -2.18 -15.02 54.51
CA ALA N 194 -2.55 -15.34 53.14
C ALA N 194 -2.40 -14.17 52.18
N GLU N 195 -2.67 -12.96 52.65
CA GLU N 195 -2.52 -11.81 51.80
C GLU N 195 -2.01 -10.59 52.54
N PRO N 196 -0.70 -10.57 52.78
CA PRO N 196 0.05 -9.53 53.47
C PRO N 196 -0.18 -8.17 52.84
N GLU N 197 -0.60 -8.15 51.59
CA GLU N 197 -0.81 -6.89 50.90
C GLU N 197 -2.23 -6.37 51.10
N HIS N 198 -3.04 -7.15 51.81
CA HIS N 198 -4.41 -6.78 52.09
C HIS N 198 -4.65 -5.28 52.26
N ASP N 199 -4.04 -4.67 53.27
CA ASP N 199 -4.26 -3.25 53.52
C ASP N 199 -3.88 -2.33 52.37
N GLN N 200 -2.63 -2.41 51.91
CA GLN N 200 -2.17 -1.58 50.80
C GLN N 200 -3.06 -1.76 49.58
N ARG N 201 -3.56 -2.98 49.37
CA ARG N 201 -4.43 -3.24 48.26
C ARG N 201 -5.68 -2.36 48.35
N LYS N 202 -6.21 -2.23 49.55
CA LYS N 202 -7.42 -1.42 49.79
C LYS N 202 -7.15 0.08 49.77
N ARG N 203 -5.95 0.51 50.17
CA ARG N 203 -5.65 1.92 50.12
C ARG N 203 -5.60 2.31 48.64
N MET N 204 -5.05 1.42 47.81
CA MET N 204 -4.97 1.69 46.38
C MET N 204 -6.38 1.74 45.78
N GLY N 205 -7.21 0.76 46.14
CA GLY N 205 -8.57 0.72 45.64
C GLY N 205 -9.24 2.06 45.87
N LEU N 206 -8.98 2.66 47.03
CA LEU N 206 -9.58 3.95 47.36
C LEU N 206 -9.21 4.98 46.32
N LYS N 207 -7.90 5.15 46.08
CA LYS N 207 -7.40 6.10 45.09
C LYS N 207 -7.93 5.74 43.70
N MET N 208 -7.86 4.47 43.34
CA MET N 208 -8.35 3.97 42.07
C MET N 208 -9.75 4.52 41.84
N LEU N 209 -10.62 4.32 42.82
CA LEU N 209 -12.00 4.81 42.74
C LEU N 209 -12.10 6.32 42.56
N LEU N 210 -11.38 7.09 43.37
CA LEU N 210 -11.46 8.54 43.23
C LEU N 210 -10.98 9.01 41.87
N ILE N 211 -9.76 8.64 41.51
CA ILE N 211 -9.19 9.04 40.23
C ILE N 211 -10.10 8.61 39.09
N SER N 212 -10.61 7.40 39.18
CA SER N 212 -11.50 6.90 38.15
C SER N 212 -12.76 7.75 37.99
N ALA N 213 -13.43 8.07 39.10
CA ALA N 213 -14.64 8.90 39.04
C ALA N 213 -14.31 10.19 38.32
N LEU N 214 -13.30 10.90 38.83
CA LEU N 214 -12.84 12.16 38.26
C LEU N 214 -12.54 12.03 36.76
N LEU N 215 -11.58 11.18 36.43
CA LEU N 215 -11.18 10.96 35.06
C LEU N 215 -12.33 10.54 34.14
N THR N 216 -13.16 9.61 34.58
CA THR N 216 -14.27 9.18 33.75
C THR N 216 -15.17 10.36 33.39
N SER N 217 -15.39 11.26 34.35
CA SER N 217 -16.22 12.43 34.11
C SER N 217 -15.58 13.37 33.09
N LEU N 218 -14.34 13.76 33.37
CA LEU N 218 -13.62 14.64 32.47
C LEU N 218 -13.58 14.11 31.05
N LEU N 219 -13.39 12.80 30.89
CA LEU N 219 -13.34 12.22 29.54
C LEU N 219 -14.73 12.17 28.91
N TYR N 220 -15.75 12.02 29.74
CA TYR N 220 -17.11 11.96 29.22
C TYR N 220 -17.45 13.30 28.59
N TYR N 221 -17.08 14.36 29.28
CA TYR N 221 -17.34 15.70 28.79
C TYR N 221 -16.62 15.90 27.45
N MET N 222 -15.32 15.61 27.42
CA MET N 222 -14.53 15.78 26.22
C MET N 222 -15.07 15.00 25.04
N LYS N 223 -15.60 13.82 25.29
CA LYS N 223 -16.17 13.02 24.20
C LYS N 223 -17.41 13.73 23.70
N ARG N 224 -18.24 14.20 24.64
CA ARG N 224 -19.48 14.91 24.33
C ARG N 224 -19.16 16.22 23.63
N HIS N 225 -18.14 16.92 24.13
CA HIS N 225 -17.72 18.18 23.56
C HIS N 225 -17.38 18.03 22.06
N LYS N 226 -16.46 17.13 21.75
CA LYS N 226 -16.08 16.91 20.36
C LYS N 226 -17.25 16.46 19.50
N TRP N 227 -18.02 15.50 20.01
CA TRP N 227 -19.16 15.00 19.26
C TRP N 227 -20.35 15.96 19.12
N SER N 228 -20.36 17.06 19.88
CA SER N 228 -21.47 17.99 19.80
C SER N 228 -21.68 18.40 18.35
N VAL N 229 -20.57 18.62 17.65
CA VAL N 229 -20.59 19.01 16.25
C VAL N 229 -21.53 18.14 15.41
N LEU N 230 -21.47 16.83 15.60
CA LEU N 230 -22.32 15.92 14.85
C LEU N 230 -23.69 15.73 15.49
N LYS N 231 -23.73 15.73 16.82
CA LYS N 231 -24.98 15.53 17.55
C LYS N 231 -26.06 16.57 17.26
N SER N 232 -25.64 17.82 17.08
CA SER N 232 -26.61 18.88 16.80
C SER N 232 -26.68 19.22 15.32
N ARG N 233 -25.82 18.59 14.52
CA ARG N 233 -25.79 18.83 13.07
C ARG N 233 -27.15 18.68 12.40
N LYS N 234 -27.44 19.60 11.49
CA LYS N 234 -28.70 19.58 10.74
C LYS N 234 -28.43 19.49 9.25
N MET N 235 -29.34 18.87 8.52
CA MET N 235 -29.19 18.73 7.08
C MET N 235 -30.52 18.86 6.36
N ALA N 236 -30.46 19.14 5.06
CA ALA N 236 -31.67 19.29 4.24
C ALA N 236 -31.40 18.86 2.80
N TYR N 237 -32.42 18.36 2.13
CA TYR N 237 -32.29 17.93 0.75
C TYR N 237 -32.92 18.96 -0.16
N ARG N 238 -32.10 19.74 -0.85
CA ARG N 238 -32.62 20.77 -1.74
C ARG N 238 -32.39 20.48 -3.20
N PRO N 239 -33.12 19.50 -3.76
CA PRO N 239 -32.94 19.18 -5.18
C PRO N 239 -33.36 20.40 -6.00
N PRO N 240 -32.68 20.66 -7.13
CA PRO N 240 -33.00 21.81 -7.98
C PRO N 240 -34.50 21.99 -8.21
N LYS N 241 -35.16 20.92 -8.69
CA LYS N 241 -36.60 20.94 -8.95
C LYS N 241 -37.03 22.09 -9.87
N VAL O 1 -32.81 28.97 -5.48
CA VAL O 1 -31.47 29.58 -5.60
C VAL O 1 -30.85 29.65 -4.21
N HIS O 2 -29.54 29.84 -4.15
CA HIS O 2 -28.86 29.89 -2.86
C HIS O 2 -29.33 31.02 -1.99
N ASN O 3 -29.90 32.04 -2.59
CA ASN O 3 -30.40 33.19 -1.82
C ASN O 3 -31.46 32.75 -0.80
N ASP O 4 -32.23 31.72 -1.18
CA ASP O 4 -33.29 31.15 -0.37
C ASP O 4 -32.79 30.17 0.67
N VAL O 5 -31.50 30.25 1.01
CA VAL O 5 -30.94 29.36 1.99
C VAL O 5 -30.48 30.15 3.19
N THR O 6 -30.83 29.65 4.37
CA THR O 6 -30.46 30.29 5.63
C THR O 6 -30.07 29.23 6.64
N VAL O 7 -29.14 29.57 7.52
CA VAL O 7 -28.71 28.63 8.54
C VAL O 7 -29.82 28.46 9.56
N PRO O 8 -30.17 27.21 9.88
CA PRO O 8 -31.21 26.96 10.85
C PRO O 8 -30.90 27.61 12.18
N ASP O 9 -31.81 27.41 13.13
CA ASP O 9 -31.65 27.99 14.45
C ASP O 9 -31.07 26.97 15.43
N PHE O 10 -29.94 27.34 16.04
CA PHE O 10 -29.24 26.49 17.01
C PHE O 10 -29.34 27.03 18.44
N SER O 11 -30.51 27.54 18.81
CA SER O 11 -30.70 28.10 20.15
C SER O 11 -30.82 26.99 21.19
N ALA O 12 -31.39 25.86 20.75
CA ALA O 12 -31.55 24.70 21.62
C ALA O 12 -30.19 24.09 21.98
N TYR O 13 -29.11 24.63 21.40
CA TYR O 13 -27.77 24.10 21.63
C TYR O 13 -26.72 25.13 22.02
N ARG O 14 -26.88 26.36 21.56
CA ARG O 14 -25.90 27.39 21.87
C ARG O 14 -25.63 27.55 23.34
N ARG O 15 -24.39 27.90 23.65
CA ARG O 15 -24.00 28.14 25.02
C ARG O 15 -24.69 29.44 25.38
N GLU O 16 -25.00 29.63 26.66
CA GLU O 16 -25.69 30.83 27.13
C GLU O 16 -25.14 32.15 26.60
N ASP O 17 -23.83 32.35 26.68
CA ASP O 17 -23.21 33.62 26.24
C ASP O 17 -23.21 34.00 24.77
N VAL O 18 -23.64 33.09 23.90
CA VAL O 18 -23.67 33.40 22.46
C VAL O 18 -25.08 33.15 21.95
N MET O 19 -26.03 33.21 22.88
CA MET O 19 -27.43 32.98 22.57
C MET O 19 -28.03 34.20 21.88
N ASP O 20 -27.56 35.39 22.29
CA ASP O 20 -28.07 36.64 21.73
C ASP O 20 -27.34 37.09 20.47
N ALA O 21 -28.09 37.16 19.37
CA ALA O 21 -27.60 37.53 18.05
C ALA O 21 -27.04 38.95 17.91
N THR O 22 -27.37 39.83 18.85
CA THR O 22 -26.91 41.21 18.76
C THR O 22 -25.73 41.50 19.67
N THR O 23 -25.12 40.43 20.18
CA THR O 23 -23.99 40.60 21.08
C THR O 23 -22.74 39.95 20.50
N SER O 24 -21.62 40.67 20.56
CA SER O 24 -20.35 40.12 20.09
C SER O 24 -20.12 38.78 20.79
N SER O 25 -19.71 37.75 20.05
CA SER O 25 -19.47 36.46 20.68
C SER O 25 -18.01 36.38 21.10
N GLN O 26 -17.22 37.36 20.71
CA GLN O 26 -15.80 37.40 21.06
C GLN O 26 -15.54 37.67 22.53
N THR O 27 -16.43 38.39 23.19
CA THR O 27 -16.21 38.68 24.59
C THR O 27 -16.34 37.44 25.49
N SER O 28 -17.10 36.44 25.06
CA SER O 28 -17.22 35.23 25.86
C SER O 28 -16.39 34.07 25.31
N SER O 29 -15.63 34.31 24.24
CA SER O 29 -14.81 33.28 23.62
C SER O 29 -13.71 32.74 24.56
N GLU O 30 -12.90 33.63 25.13
CA GLU O 30 -11.85 33.16 26.02
C GLU O 30 -12.37 32.38 27.23
N ASP O 31 -13.59 32.67 27.66
CA ASP O 31 -14.16 31.94 28.79
C ASP O 31 -14.66 30.61 28.30
N ARG O 32 -15.33 30.62 27.14
CA ARG O 32 -15.87 29.40 26.55
C ARG O 32 -14.78 28.40 26.23
N LYS O 33 -13.61 28.90 25.83
CA LYS O 33 -12.48 28.04 25.50
C LYS O 33 -11.71 27.72 26.77
N GLY O 34 -11.44 28.75 27.57
CA GLY O 34 -10.73 28.52 28.82
C GLY O 34 -11.40 27.38 29.58
N PHE O 35 -12.72 27.37 29.62
CA PHE O 35 -13.41 26.32 30.34
C PHE O 35 -13.17 24.95 29.75
N SER O 36 -13.46 24.79 28.46
CA SER O 36 -13.27 23.52 27.79
C SER O 36 -11.84 23.02 27.89
N TYR O 37 -10.89 23.92 27.67
CA TYR O 37 -9.49 23.57 27.78
C TYR O 37 -9.13 23.24 29.23
N LEU O 38 -9.85 23.81 30.19
CA LEU O 38 -9.55 23.50 31.59
C LEU O 38 -9.86 22.03 31.85
N VAL O 39 -11.02 21.59 31.37
CA VAL O 39 -11.42 20.20 31.55
C VAL O 39 -10.33 19.29 30.99
N THR O 40 -9.86 19.60 29.78
CA THR O 40 -8.83 18.82 29.13
C THR O 40 -7.53 18.82 29.93
N ALA O 41 -7.02 19.99 30.31
CA ALA O 41 -5.78 20.06 31.08
C ALA O 41 -5.91 19.24 32.35
N THR O 42 -7.09 19.27 32.96
CA THR O 42 -7.32 18.52 34.18
C THR O 42 -7.24 17.01 33.92
N ALA O 43 -7.85 16.56 32.84
CA ALA O 43 -7.80 15.14 32.52
C ALA O 43 -6.33 14.73 32.32
N CYS O 44 -5.55 15.61 31.72
CA CYS O 44 -4.14 15.34 31.50
C CYS O 44 -3.42 15.20 32.84
N VAL O 45 -3.76 16.05 33.77
CA VAL O 45 -3.16 15.97 35.11
C VAL O 45 -3.49 14.61 35.75
N ALA O 46 -4.78 14.29 35.81
CA ALA O 46 -5.23 13.01 36.39
C ALA O 46 -4.53 11.84 35.67
N THR O 47 -4.47 11.90 34.35
CA THR O 47 -3.81 10.87 33.56
C THR O 47 -2.32 10.77 33.87
N ALA O 48 -1.65 11.91 33.93
CA ALA O 48 -0.23 11.92 34.22
C ALA O 48 0.00 11.28 35.58
N TYR O 49 -0.86 11.63 36.53
CA TYR O 49 -0.77 11.08 37.87
C TYR O 49 -0.86 9.56 37.82
N ALA O 50 -1.88 9.05 37.13
CA ALA O 50 -2.06 7.61 37.01
C ALA O 50 -0.88 6.95 36.31
N ALA O 51 -0.41 7.54 35.22
CA ALA O 51 0.72 6.98 34.49
C ALA O 51 1.99 6.98 35.34
N LYS O 52 2.30 8.11 35.98
CA LYS O 52 3.49 8.16 36.80
C LYS O 52 3.51 7.02 37.81
N ASN O 53 2.38 6.81 38.47
CA ASN O 53 2.30 5.75 39.46
C ASN O 53 2.47 4.37 38.86
N VAL O 54 1.65 4.02 37.87
CA VAL O 54 1.77 2.70 37.25
C VAL O 54 3.18 2.38 36.76
N VAL O 55 3.81 3.33 36.08
CA VAL O 55 5.15 3.12 35.58
C VAL O 55 6.12 2.95 36.76
N THR O 56 5.94 3.77 37.79
CA THR O 56 6.80 3.66 38.96
C THR O 56 6.69 2.27 39.60
N GLN O 57 5.47 1.77 39.70
CA GLN O 57 5.22 0.45 40.27
C GLN O 57 5.87 -0.63 39.41
N PHE O 58 5.58 -0.62 38.12
CA PHE O 58 6.14 -1.61 37.23
C PHE O 58 7.66 -1.53 37.26
N ILE O 59 8.22 -0.33 37.12
CA ILE O 59 9.67 -0.19 37.17
C ILE O 59 10.23 -0.83 38.42
N SER O 60 9.73 -0.44 39.59
CA SER O 60 10.28 -1.00 40.82
C SER O 60 10.09 -2.49 41.02
N SER O 61 9.27 -3.12 40.20
CA SER O 61 9.06 -4.56 40.35
C SER O 61 10.30 -5.30 39.87
N LEU O 62 11.24 -4.57 39.27
CA LEU O 62 12.45 -5.18 38.78
C LEU O 62 13.66 -4.93 39.67
N SER O 63 13.45 -4.20 40.77
CA SER O 63 14.53 -3.95 41.70
C SER O 63 14.45 -4.95 42.84
N ALA O 64 15.55 -5.11 43.56
CA ALA O 64 15.63 -6.07 44.66
C ALA O 64 14.32 -6.31 45.41
N SER O 65 13.93 -7.58 45.46
CA SER O 65 12.71 -7.98 46.14
C SER O 65 12.96 -8.15 47.63
N ALA O 66 11.90 -8.11 48.42
CA ALA O 66 11.99 -8.24 49.87
C ALA O 66 12.92 -9.34 50.36
N ASP O 67 12.81 -10.53 49.79
CA ASP O 67 13.66 -11.64 50.22
C ASP O 67 15.15 -11.32 49.99
N VAL O 68 15.46 -10.66 48.88
CA VAL O 68 16.84 -10.31 48.53
C VAL O 68 17.40 -9.22 49.44
N LEU O 69 16.59 -8.22 49.74
CA LEU O 69 17.03 -7.13 50.58
C LEU O 69 17.25 -7.60 52.01
N ALA O 70 16.65 -8.73 52.36
CA ALA O 70 16.81 -9.26 53.69
C ALA O 70 18.28 -9.63 53.89
N LEU O 71 19.00 -8.74 54.57
CA LEU O 71 20.45 -8.88 54.71
C LEU O 71 20.91 -9.08 56.15
N SER O 72 21.82 -10.03 56.34
CA SER O 72 22.35 -10.35 57.67
C SER O 72 23.87 -10.13 57.75
N LYS O 73 24.44 -10.57 58.87
CA LYS O 73 25.88 -10.43 59.11
C LYS O 73 26.45 -11.85 59.30
N ILE O 74 27.76 -12.01 59.09
CA ILE O 74 28.37 -13.32 59.32
C ILE O 74 29.56 -13.15 60.24
N GLU O 75 29.67 -14.06 61.20
CA GLU O 75 30.76 -14.02 62.16
C GLU O 75 31.87 -14.95 61.68
N ILE O 76 33.10 -14.51 61.85
CA ILE O 76 34.25 -15.30 61.42
C ILE O 76 35.32 -15.33 62.52
N LYS O 77 35.60 -16.52 63.05
CA LYS O 77 36.59 -16.63 64.10
C LYS O 77 37.98 -16.40 63.52
N LEU O 78 38.69 -15.45 64.11
CA LEU O 78 40.04 -15.09 63.68
C LEU O 78 41.11 -16.10 64.11
N SER O 79 40.69 -17.32 64.46
CA SER O 79 41.64 -18.35 64.89
C SER O 79 41.70 -19.50 63.87
N ASP O 80 41.31 -19.20 62.64
CA ASP O 80 41.31 -20.18 61.55
C ASP O 80 42.17 -19.64 60.41
N ILE O 81 42.71 -18.43 60.60
CA ILE O 81 43.53 -17.78 59.61
C ILE O 81 44.94 -17.48 60.16
N PRO O 82 45.95 -18.23 59.70
CA PRO O 82 47.31 -17.99 60.19
C PRO O 82 47.75 -16.57 59.86
N GLU O 83 48.94 -16.18 60.33
CA GLU O 83 49.45 -14.85 60.09
C GLU O 83 49.90 -14.69 58.64
N GLY O 84 49.13 -13.93 57.86
CA GLY O 84 49.45 -13.70 56.46
C GLY O 84 48.43 -14.25 55.49
N LYS O 85 47.64 -15.22 55.94
CA LYS O 85 46.64 -15.87 55.11
C LYS O 85 45.47 -14.97 54.69
N ASN O 86 44.75 -15.41 53.67
CA ASN O 86 43.59 -14.69 53.13
C ASN O 86 42.47 -15.68 52.84
N VAL O 87 41.44 -15.67 53.66
CA VAL O 87 40.31 -16.59 53.45
C VAL O 87 39.12 -15.86 52.83
N ALA O 88 38.45 -16.51 51.88
CA ALA O 88 37.31 -15.92 51.20
C ALA O 88 35.98 -16.56 51.61
N PHE O 89 35.01 -15.70 51.94
CA PHE O 89 33.68 -16.13 52.35
C PHE O 89 32.63 -15.47 51.47
N LYS O 90 31.82 -16.26 50.77
CA LYS O 90 30.76 -15.66 49.95
C LYS O 90 29.92 -14.87 50.92
N TRP O 91 29.26 -13.83 50.43
CA TRP O 91 28.47 -12.99 51.32
C TRP O 91 27.77 -11.92 50.50
N ARG O 92 26.49 -11.71 50.77
CA ARG O 92 25.71 -10.72 50.03
C ARG O 92 26.09 -10.76 48.56
N GLY O 93 26.16 -11.98 48.03
CA GLY O 93 26.48 -12.21 46.64
C GLY O 93 27.97 -12.25 46.30
N LYS O 94 28.65 -11.14 46.62
CA LYS O 94 30.07 -10.99 46.35
C LYS O 94 30.95 -11.73 47.37
N PRO O 95 32.26 -11.83 47.10
CA PRO O 95 33.18 -12.51 48.02
C PRO O 95 33.60 -11.60 49.19
N LEU O 96 33.69 -12.18 50.39
CA LEU O 96 34.13 -11.41 51.55
C LEU O 96 35.56 -11.80 51.87
N PHE O 97 36.45 -10.82 51.83
CA PHE O 97 37.83 -11.09 52.12
C PHE O 97 38.21 -10.69 53.54
N VAL O 98 38.71 -11.66 54.31
CA VAL O 98 39.14 -11.46 55.69
C VAL O 98 40.58 -11.95 55.77
N ARG O 99 41.52 -11.00 55.74
CA ARG O 99 42.94 -11.32 55.76
C ARG O 99 43.67 -10.97 57.04
N HIS O 100 44.61 -11.84 57.42
CA HIS O 100 45.41 -11.65 58.63
C HIS O 100 46.81 -11.22 58.18
N ARG O 101 47.12 -9.95 58.34
CA ARG O 101 48.41 -9.40 57.94
C ARG O 101 49.53 -9.63 58.97
N THR O 102 50.75 -9.79 58.46
CA THR O 102 51.94 -10.01 59.27
C THR O 102 52.64 -8.70 59.64
N GLN O 103 53.95 -8.67 59.44
CA GLN O 103 54.76 -7.49 59.74
C GLN O 103 55.10 -6.74 58.45
N ALA O 104 55.29 -7.49 57.37
CA ALA O 104 55.60 -6.88 56.08
C ALA O 104 54.32 -6.47 55.36
N GLU O 105 53.19 -6.63 56.05
CA GLU O 105 51.89 -6.25 55.50
C GLU O 105 51.35 -5.03 56.26
N ILE O 106 52.14 -4.52 57.19
CA ILE O 106 51.74 -3.37 57.99
C ILE O 106 52.69 -2.18 57.88
N ASN O 107 54.00 -2.47 57.88
CA ASN O 107 55.00 -1.40 57.78
C ASN O 107 55.30 -1.09 56.34
N GLN O 108 55.27 -2.12 55.49
CA GLN O 108 55.52 -1.94 54.07
C GLN O 108 54.45 -1.02 53.53
N GLU O 109 53.30 -1.02 54.21
CA GLU O 109 52.15 -0.21 53.82
C GLU O 109 52.33 1.26 54.19
N ALA O 110 52.33 1.56 55.49
CA ALA O 110 52.48 2.92 55.97
C ALA O 110 53.75 3.56 55.44
N GLU O 111 54.53 2.81 54.66
CA GLU O 111 55.78 3.32 54.11
C GLU O 111 55.67 3.96 52.73
N VAL O 112 54.86 3.39 51.84
CA VAL O 112 54.71 3.94 50.50
C VAL O 112 53.74 5.13 50.49
N ASP O 113 54.26 6.30 50.13
CA ASP O 113 53.50 7.55 50.06
C ASP O 113 52.11 7.54 50.69
N VAL O 114 51.94 8.36 51.73
CA VAL O 114 50.66 8.46 52.43
C VAL O 114 49.49 8.64 51.47
N SER O 115 49.50 9.75 50.72
CA SER O 115 48.43 10.02 49.76
C SER O 115 48.98 10.22 48.35
N LYS O 116 49.03 9.12 47.60
CA LYS O 116 49.52 9.14 46.23
C LYS O 116 48.96 7.95 45.43
N LEU O 117 47.63 7.81 45.42
CA LEU O 117 46.98 6.72 44.69
C LEU O 117 45.64 7.20 44.12
N ARG O 118 45.02 6.36 43.29
CA ARG O 118 43.71 6.69 42.70
C ARG O 118 42.85 7.33 43.78
N ASP O 119 42.60 6.56 44.85
CA ASP O 119 41.82 7.01 45.99
C ASP O 119 42.84 7.13 47.13
N PRO O 120 43.32 8.36 47.39
CA PRO O 120 44.31 8.63 48.45
C PRO O 120 43.87 8.30 49.87
N GLN O 121 44.50 7.29 50.46
CA GLN O 121 44.21 6.85 51.82
C GLN O 121 45.43 6.23 52.47
N HIS O 122 45.45 6.24 53.79
CA HIS O 122 46.56 5.69 54.56
C HIS O 122 46.20 4.27 54.99
N ASP O 123 47.18 3.36 54.93
CA ASP O 123 46.95 1.97 55.29
C ASP O 123 46.27 1.77 56.64
N LEU O 124 46.38 2.76 57.51
CA LEU O 124 45.77 2.66 58.82
C LEU O 124 44.39 3.30 58.81
N ASP O 125 43.98 3.79 57.65
CA ASP O 125 42.68 4.42 57.48
C ASP O 125 41.56 3.38 57.62
N ARG O 126 41.57 2.40 56.71
CA ARG O 126 40.56 1.35 56.70
C ARG O 126 40.94 0.16 57.58
N VAL O 127 41.20 0.40 58.86
CA VAL O 127 41.57 -0.68 59.78
C VAL O 127 41.21 -0.40 61.25
N LYS O 128 40.74 -1.44 61.95
CA LYS O 128 40.40 -1.33 63.38
C LYS O 128 41.47 -2.09 64.15
N LYS O 129 42.39 -2.69 63.38
CA LYS O 129 43.53 -3.47 63.88
C LYS O 129 44.46 -3.68 62.69
N PRO O 130 45.76 -3.37 62.85
CA PRO O 130 46.76 -3.52 61.79
C PRO O 130 46.87 -4.91 61.15
N GLU O 131 46.69 -5.95 61.96
CA GLU O 131 46.79 -7.32 61.48
C GLU O 131 45.53 -7.81 60.75
N TRP O 132 44.39 -7.16 60.97
CA TRP O 132 43.14 -7.57 60.34
C TRP O 132 42.58 -6.62 59.28
N VAL O 133 42.58 -7.07 58.03
CA VAL O 133 42.09 -6.30 56.89
C VAL O 133 40.93 -7.06 56.22
N ILE O 134 39.73 -6.52 56.35
CA ILE O 134 38.54 -7.13 55.75
C ILE O 134 38.11 -6.34 54.53
N LEU O 135 38.02 -7.02 53.39
CA LEU O 135 37.65 -6.40 52.14
C LEU O 135 36.61 -7.18 51.35
N VAL O 136 36.03 -6.51 50.36
CA VAL O 136 35.05 -7.11 49.47
C VAL O 136 35.83 -7.40 48.19
N GLY O 137 36.28 -8.65 48.07
CA GLY O 137 37.08 -9.08 46.93
C GLY O 137 36.45 -8.91 45.57
N VAL O 138 36.09 -7.68 45.24
CA VAL O 138 35.50 -7.37 43.95
C VAL O 138 36.28 -6.18 43.39
N CYS O 139 36.85 -6.38 42.22
CA CYS O 139 37.62 -5.35 41.54
C CYS O 139 36.69 -4.18 41.22
N THR O 140 37.06 -2.98 41.65
CA THR O 140 36.26 -1.79 41.42
C THR O 140 36.19 -1.37 39.95
N HIS O 141 36.65 -2.25 39.07
CA HIS O 141 36.63 -1.98 37.64
C HIS O 141 35.33 -2.55 37.06
N LEU O 142 35.40 -3.80 36.59
CA LEU O 142 34.23 -4.45 36.01
C LEU O 142 33.79 -5.66 36.82
N GLY O 143 33.94 -5.56 38.13
CA GLY O 143 33.52 -6.59 39.06
C GLY O 143 34.16 -7.97 39.10
N CYS O 144 35.42 -8.09 38.71
CA CYS O 144 36.08 -9.39 38.77
C CYS O 144 36.72 -9.56 40.13
N VAL O 145 37.33 -10.72 40.37
CA VAL O 145 37.96 -11.01 41.64
C VAL O 145 39.49 -11.04 41.57
N PRO O 146 40.17 -10.36 42.53
CA PRO O 146 41.63 -10.30 42.63
C PRO O 146 42.20 -11.56 43.30
N ILE O 147 43.10 -12.26 42.59
CA ILE O 147 43.70 -13.52 43.08
C ILE O 147 44.10 -13.53 44.55
N ALA O 148 44.26 -14.74 45.07
CA ALA O 148 44.70 -14.89 46.44
C ALA O 148 46.21 -14.67 46.32
N ASN O 149 46.74 -13.71 47.09
CA ASN O 149 48.17 -13.38 47.10
C ASN O 149 48.86 -13.37 45.74
N SER O 150 48.75 -12.25 45.02
CA SER O 150 49.41 -12.10 43.71
C SER O 150 49.31 -10.67 43.20
N GLY O 151 50.43 -10.18 42.70
CA GLY O 151 50.48 -8.83 42.18
C GLY O 151 51.79 -8.19 42.58
N ASP O 152 52.19 -7.14 41.87
CA ASP O 152 53.45 -6.46 42.15
C ASP O 152 53.38 -5.57 43.39
N PHE O 153 52.46 -5.89 44.30
CA PHE O 153 52.34 -5.12 45.54
C PHE O 153 52.01 -6.03 46.72
N GLY O 154 52.19 -7.34 46.52
CA GLY O 154 51.93 -8.30 47.58
C GLY O 154 50.51 -8.35 48.10
N GLY O 155 49.59 -7.67 47.42
CA GLY O 155 48.21 -7.66 47.84
C GLY O 155 47.35 -8.58 46.98
N TYR O 156 46.68 -8.01 45.99
CA TYR O 156 45.84 -8.78 45.09
C TYR O 156 46.03 -8.35 43.63
N TYR O 157 45.69 -9.24 42.71
CA TYR O 157 45.78 -8.97 41.28
C TYR O 157 44.51 -9.46 40.56
N CYS O 158 43.85 -8.55 39.85
CA CYS O 158 42.64 -8.92 39.11
C CYS O 158 43.03 -9.40 37.72
N PRO O 159 42.73 -10.68 37.41
CA PRO O 159 43.03 -11.33 36.14
C PRO O 159 42.24 -10.88 34.91
N CYS O 160 41.22 -10.04 35.10
CA CYS O 160 40.43 -9.58 33.96
C CYS O 160 41.10 -8.51 33.10
N HIS O 161 41.58 -7.44 33.72
CA HIS O 161 42.27 -6.38 32.97
C HIS O 161 43.54 -5.94 33.68
N GLY O 162 43.99 -6.76 34.63
CA GLY O 162 45.22 -6.47 35.37
C GLY O 162 45.25 -5.33 36.37
N SER O 163 44.35 -5.36 37.36
CA SER O 163 44.34 -4.32 38.38
C SER O 163 45.11 -4.80 39.61
N HIS O 164 46.13 -4.03 39.99
CA HIS O 164 46.98 -4.35 41.14
C HIS O 164 46.53 -3.71 42.44
N TYR O 165 46.55 -4.49 43.52
CA TYR O 165 46.16 -4.00 44.83
C TYR O 165 47.21 -4.42 45.86
N ASP O 166 47.45 -3.57 46.84
CA ASP O 166 48.43 -3.86 47.88
C ASP O 166 47.78 -4.69 48.99
N ALA O 167 48.59 -5.16 49.94
CA ALA O 167 48.09 -6.00 51.04
C ALA O 167 47.05 -5.32 51.92
N SER O 168 46.71 -4.08 51.59
CA SER O 168 45.69 -3.33 52.32
C SER O 168 44.42 -3.31 51.49
N GLY O 169 44.57 -3.65 50.21
CA GLY O 169 43.43 -3.67 49.30
C GLY O 169 43.27 -2.41 48.47
N ARG O 170 44.29 -1.55 48.48
CA ARG O 170 44.22 -0.31 47.72
C ARG O 170 44.69 -0.50 46.29
N ILE O 171 44.14 0.31 45.39
CA ILE O 171 44.50 0.24 43.99
C ILE O 171 45.82 0.95 43.74
N ARG O 172 46.78 0.21 43.20
CA ARG O 172 48.11 0.72 42.92
C ARG O 172 48.40 0.81 41.43
N LYS O 173 47.97 -0.21 40.69
CA LYS O 173 48.19 -0.29 39.25
C LYS O 173 46.97 -0.90 38.56
N GLY O 174 46.71 -0.51 37.31
CA GLY O 174 45.58 -1.07 36.59
C GLY O 174 44.43 -0.10 36.33
N PRO O 175 43.39 -0.53 35.60
CA PRO O 175 42.20 0.27 35.26
C PRO O 175 41.27 0.59 36.43
N ALA O 176 41.30 -0.24 37.47
CA ALA O 176 40.44 -0.07 38.65
C ALA O 176 40.44 1.36 39.18
N PRO O 177 39.26 2.01 39.16
CA PRO O 177 39.10 3.39 39.64
C PRO O 177 39.37 3.65 41.13
N TYR O 178 38.80 2.83 42.01
CA TYR O 178 38.99 3.02 43.45
C TYR O 178 39.59 1.79 44.13
N ASN O 179 39.65 1.83 45.46
CA ASN O 179 40.21 0.74 46.24
C ASN O 179 39.16 -0.32 46.59
N LEU O 180 39.62 -1.54 46.85
CA LEU O 180 38.71 -2.64 47.22
C LEU O 180 37.88 -2.24 48.42
N GLU O 181 36.59 -2.02 48.17
CA GLU O 181 35.65 -1.63 49.21
C GLU O 181 35.92 -2.28 50.57
N VAL O 182 35.81 -1.47 51.61
CA VAL O 182 36.01 -1.96 52.97
C VAL O 182 34.62 -1.95 53.58
N PRO O 183 34.04 -3.13 53.76
CA PRO O 183 32.70 -3.25 54.34
C PRO O 183 32.66 -2.64 55.74
N THR O 184 31.49 -2.18 56.16
CA THR O 184 31.34 -1.59 57.49
C THR O 184 31.28 -2.71 58.52
N TYR O 185 32.38 -2.90 59.25
CA TYR O 185 32.45 -3.96 60.27
C TYR O 185 32.93 -3.48 61.63
CA GLN O 186 29.74 -4.69 67.11
C GLN O 186 31.18 -5.20 66.95
N PHE O 187 31.68 -5.85 67.99
CA PHE O 187 33.04 -6.38 67.98
C PHE O 187 33.19 -7.32 69.17
N VAL O 188 33.11 -8.62 68.93
CA VAL O 188 33.22 -9.60 70.00
C VAL O 188 34.67 -9.67 70.52
N GLY O 189 35.09 -8.59 71.18
CA GLY O 189 36.43 -8.50 71.73
C GLY O 189 37.55 -8.95 70.82
N ASP O 190 37.93 -10.22 70.95
CA ASP O 190 39.00 -10.77 70.13
C ASP O 190 38.83 -12.27 69.94
N ASP O 191 38.50 -12.64 68.71
CA ASP O 191 38.28 -14.04 68.27
C ASP O 191 37.11 -14.16 67.30
N LEU O 192 36.35 -13.07 67.13
CA LEU O 192 35.21 -13.05 66.21
C LEU O 192 35.13 -11.69 65.52
N VAL O 193 34.37 -11.62 64.44
CA VAL O 193 34.18 -10.39 63.70
C VAL O 193 32.79 -10.35 63.04
N VAL O 194 31.92 -9.48 63.55
CA VAL O 194 30.56 -9.32 63.03
C VAL O 194 30.55 -8.29 61.91
N VAL O 195 30.48 -8.77 60.68
CA VAL O 195 30.47 -7.91 59.49
C VAL O 195 29.05 -7.78 58.92
N GLY O 196 28.67 -6.55 58.57
CA GLY O 196 27.34 -6.32 58.02
C GLY O 196 26.79 -4.99 58.42
N GLY P 10 -58.34 -15.18 2.15
CA GLY P 10 -58.66 -13.93 2.91
C GLY P 10 -57.45 -13.04 3.11
N ARG P 11 -57.70 -11.75 3.30
CA ARG P 11 -56.64 -10.76 3.50
C ARG P 11 -55.86 -10.95 4.80
N LEU P 12 -55.21 -12.11 4.94
CA LEU P 12 -54.43 -12.40 6.14
C LEU P 12 -53.03 -11.82 6.02
N MET P 13 -52.48 -11.86 4.81
CA MET P 13 -51.15 -11.31 4.58
C MET P 13 -51.19 -9.85 5.00
N ASP P 14 -52.01 -9.07 4.31
CA ASP P 14 -52.16 -7.64 4.60
C ASP P 14 -52.15 -7.34 6.09
N ARG P 15 -52.76 -8.23 6.87
CA ARG P 15 -52.81 -8.05 8.31
C ARG P 15 -51.39 -8.23 8.85
N ILE P 16 -50.79 -9.35 8.49
CA ILE P 16 -49.45 -9.72 8.90
C ILE P 16 -48.36 -8.78 8.36
N ARG P 17 -48.30 -8.63 7.03
CA ARG P 17 -47.31 -7.77 6.42
C ARG P 17 -47.36 -6.34 6.95
N LYS P 18 -48.54 -5.85 7.30
CA LYS P 18 -48.66 -4.49 7.82
C LYS P 18 -48.19 -4.44 9.26
N TRP P 19 -48.35 -5.55 9.97
CA TRP P 19 -47.92 -5.64 11.36
C TRP P 19 -46.39 -5.64 11.38
N TYR P 20 -45.80 -6.53 10.60
CA TYR P 20 -44.35 -6.66 10.51
C TYR P 20 -43.73 -5.33 10.12
N TYR P 21 -44.27 -4.70 9.08
CA TYR P 21 -43.77 -3.43 8.60
C TYR P 21 -43.61 -2.46 9.75
N ASN P 22 -44.63 -2.37 10.60
CA ASN P 22 -44.56 -1.44 11.72
C ASN P 22 -43.67 -1.96 12.82
N ALA P 23 -43.61 -3.28 12.94
CA ALA P 23 -42.78 -3.93 13.94
C ALA P 23 -41.31 -3.70 13.58
N ALA P 24 -40.97 -3.89 12.30
CA ALA P 24 -39.61 -3.70 11.82
C ALA P 24 -39.10 -2.34 12.28
N GLY P 25 -39.87 -1.30 11.97
CA GLY P 25 -39.49 0.03 12.40
C GLY P 25 -38.53 0.85 11.58
N PHE P 26 -38.16 0.39 10.38
CA PHE P 26 -37.23 1.18 9.60
C PHE P 26 -37.90 2.43 9.13
N ASN P 27 -39.22 2.43 9.19
CA ASN P 27 -39.99 3.60 8.78
C ASN P 27 -39.88 4.74 9.81
N LYS P 28 -39.36 4.45 11.00
CA LYS P 28 -39.20 5.47 12.03
C LYS P 28 -38.03 6.40 11.70
N TYR P 29 -37.18 5.93 10.78
CA TYR P 29 -36.00 6.69 10.35
C TYR P 29 -36.30 7.38 9.03
N GLY P 30 -37.47 7.10 8.49
CA GLY P 30 -37.88 7.70 7.24
C GLY P 30 -37.40 6.88 6.08
N LEU P 31 -37.01 5.64 6.34
CA LEU P 31 -36.50 4.76 5.29
C LEU P 31 -37.55 3.91 4.64
N MET P 32 -37.42 3.73 3.34
CA MET P 32 -38.33 2.89 2.60
C MET P 32 -37.80 1.48 2.78
N ARG P 33 -38.64 0.48 2.52
CA ARG P 33 -38.22 -0.90 2.65
C ARG P 33 -36.97 -1.09 1.82
N ASP P 34 -37.05 -0.69 0.56
CA ASP P 34 -35.93 -0.83 -0.35
C ASP P 34 -34.63 -0.12 0.10
N ASP P 35 -34.74 0.90 0.94
CA ASP P 35 -33.55 1.61 1.42
C ASP P 35 -32.72 0.71 2.35
N THR P 36 -33.37 -0.26 2.98
CA THR P 36 -32.71 -1.14 3.94
C THR P 36 -32.06 -2.42 3.38
N LEU P 37 -32.25 -2.68 2.09
CA LEU P 37 -31.66 -3.89 1.50
C LEU P 37 -30.15 -3.93 1.62
N TYR P 38 -29.60 -5.11 1.89
CA TYR P 38 -28.15 -5.27 1.99
C TYR P 38 -27.62 -5.21 0.57
N GLU P 39 -26.64 -4.34 0.35
CA GLU P 39 -26.07 -4.16 -0.98
C GLU P 39 -25.18 -5.28 -1.50
N ASP P 40 -25.78 -6.40 -1.89
CA ASP P 40 -24.98 -7.50 -2.43
C ASP P 40 -24.71 -7.15 -3.90
N ASP P 41 -24.26 -8.12 -4.68
CA ASP P 41 -23.96 -7.86 -6.07
C ASP P 41 -25.13 -7.40 -6.92
N ASP P 42 -26.27 -8.10 -6.78
CA ASP P 42 -27.47 -7.78 -7.52
C ASP P 42 -27.98 -6.38 -7.16
N VAL P 43 -28.09 -6.10 -5.87
CA VAL P 43 -28.57 -4.81 -5.46
C VAL P 43 -27.69 -3.69 -5.99
N LYS P 44 -26.37 -3.88 -5.91
CA LYS P 44 -25.43 -2.87 -6.38
C LYS P 44 -25.68 -2.52 -7.84
N GLU P 45 -25.88 -3.55 -8.66
CA GLU P 45 -26.14 -3.33 -10.08
C GLU P 45 -27.45 -2.59 -10.30
N ALA P 46 -28.48 -2.98 -9.56
CA ALA P 46 -29.80 -2.35 -9.66
C ALA P 46 -29.70 -0.88 -9.32
N LEU P 47 -28.98 -0.55 -8.25
CA LEU P 47 -28.83 0.84 -7.84
C LEU P 47 -28.24 1.67 -8.97
N LYS P 48 -27.31 1.09 -9.72
CA LYS P 48 -26.68 1.80 -10.84
C LYS P 48 -27.67 2.16 -11.96
N ARG P 49 -28.81 1.49 -11.97
CA ARG P 49 -29.81 1.73 -12.98
C ARG P 49 -30.88 2.73 -12.57
N LEU P 50 -30.93 3.06 -11.29
CA LEU P 50 -31.90 4.03 -10.81
C LEU P 50 -31.76 5.37 -11.49
N PRO P 51 -32.89 6.05 -11.72
CA PRO P 51 -32.86 7.37 -12.35
C PRO P 51 -32.26 8.36 -11.35
N GLU P 52 -31.53 9.34 -11.86
CA GLU P 52 -30.89 10.37 -11.06
C GLU P 52 -31.63 10.79 -9.79
N ASP P 53 -32.85 11.29 -9.96
CA ASP P 53 -33.66 11.76 -8.83
C ASP P 53 -34.00 10.68 -7.79
N LEU P 54 -34.38 9.49 -8.24
CA LEU P 54 -34.69 8.39 -7.35
C LEU P 54 -33.45 8.00 -6.56
N TYR P 55 -32.29 8.15 -7.21
CA TYR P 55 -31.01 7.84 -6.58
C TYR P 55 -30.67 8.91 -5.54
N ASN P 56 -30.74 10.18 -5.92
CA ASN P 56 -30.43 11.23 -4.98
C ASN P 56 -31.38 11.27 -3.80
N GLU P 57 -32.62 10.84 -4.01
CA GLU P 57 -33.61 10.81 -2.93
C GLU P 57 -33.28 9.71 -1.95
N ARG P 58 -32.90 8.55 -2.49
CA ARG P 58 -32.53 7.42 -1.65
C ARG P 58 -31.33 7.80 -0.79
N MET P 59 -30.38 8.51 -1.41
CA MET P 59 -29.17 8.94 -0.70
C MET P 59 -29.50 9.84 0.48
N PHE P 60 -30.36 10.82 0.26
CA PHE P 60 -30.72 11.71 1.34
C PHE P 60 -31.37 10.95 2.50
N ARG P 61 -32.33 10.10 2.18
CA ARG P 61 -33.00 9.33 3.22
C ARG P 61 -32.01 8.53 4.04
N ILE P 62 -31.05 7.89 3.39
CA ILE P 62 -30.03 7.11 4.09
C ILE P 62 -29.09 7.99 4.92
N LYS P 63 -28.55 9.03 4.30
CA LYS P 63 -27.65 9.90 5.05
C LYS P 63 -28.36 10.43 6.28
N ARG P 64 -29.65 10.73 6.13
CA ARG P 64 -30.47 11.27 7.20
C ARG P 64 -30.73 10.22 8.31
N ALA P 65 -30.91 8.97 7.90
CA ALA P 65 -31.15 7.91 8.87
C ALA P 65 -29.89 7.67 9.69
N LEU P 66 -28.73 7.71 9.03
CA LEU P 66 -27.45 7.52 9.71
C LEU P 66 -27.25 8.62 10.72
N ASP P 67 -27.73 9.81 10.39
CA ASP P 67 -27.64 10.95 11.27
C ASP P 67 -28.51 10.71 12.48
N LEU P 68 -29.70 10.16 12.23
CA LEU P 68 -30.62 9.85 13.33
C LEU P 68 -29.98 8.77 14.19
N SER P 69 -29.45 7.75 13.55
CA SER P 69 -28.80 6.65 14.27
C SER P 69 -27.68 7.13 15.20
N LEU P 70 -26.86 8.07 14.73
CA LEU P 70 -25.77 8.55 15.55
C LEU P 70 -26.29 9.44 16.68
N LYS P 71 -27.37 10.17 16.43
CA LYS P 71 -27.96 11.06 17.44
C LYS P 71 -28.80 10.29 18.46
N HIS P 72 -29.15 9.05 18.11
CA HIS P 72 -29.96 8.20 18.96
C HIS P 72 -31.37 8.75 19.08
N ARG P 73 -31.88 9.20 17.95
CA ARG P 73 -33.22 9.74 17.87
C ARG P 73 -33.90 9.03 16.71
N ILE P 74 -35.18 9.33 16.52
CA ILE P 74 -35.92 8.80 15.39
C ILE P 74 -36.71 10.00 14.90
N LEU P 75 -37.50 9.82 13.87
CA LEU P 75 -38.28 10.93 13.35
C LEU P 75 -39.58 11.12 14.15
N PRO P 76 -40.16 12.34 14.11
CA PRO P 76 -41.41 12.59 14.84
C PRO P 76 -42.46 11.69 14.17
N LYS P 77 -43.29 11.06 14.99
CA LYS P 77 -44.32 10.12 14.52
C LYS P 77 -45.08 10.50 13.25
N GLU P 78 -45.18 11.80 12.97
CA GLU P 78 -45.91 12.25 11.78
C GLU P 78 -45.13 12.09 10.48
N GLN P 79 -43.82 11.86 10.58
CA GLN P 79 -42.99 11.70 9.38
C GLN P 79 -42.66 10.26 9.06
N TRP P 80 -43.08 9.35 9.93
CA TRP P 80 -42.82 7.94 9.70
C TRP P 80 -43.52 7.54 8.42
N VAL P 81 -42.86 6.74 7.59
CA VAL P 81 -43.48 6.30 6.35
C VAL P 81 -44.63 5.37 6.69
N LYS P 82 -45.72 5.45 5.93
CA LYS P 82 -46.87 4.60 6.17
C LYS P 82 -46.83 3.35 5.30
N TYR P 83 -47.17 2.21 5.89
CA TYR P 83 -47.13 0.95 5.18
C TYR P 83 -47.63 0.99 3.73
N GLU P 84 -48.66 1.79 3.49
CA GLU P 84 -49.23 1.89 2.15
C GLU P 84 -48.61 2.97 1.27
N GLU P 85 -47.69 3.74 1.83
CA GLU P 85 -47.02 4.78 1.07
C GLU P 85 -45.55 4.43 0.86
N ASP P 86 -45.18 3.20 1.22
CA ASP P 86 -43.80 2.78 1.04
C ASP P 86 -43.59 2.47 -0.44
N LYS P 87 -42.63 3.16 -1.03
CA LYS P 87 -42.34 2.99 -2.45
C LYS P 87 -41.30 1.90 -2.75
N PRO P 88 -41.70 0.87 -3.50
CA PRO P 88 -40.78 -0.22 -3.85
C PRO P 88 -39.99 0.20 -5.09
N TYR P 89 -39.35 1.35 -4.99
CA TYR P 89 -38.60 1.92 -6.10
C TYR P 89 -37.53 1.07 -6.74
N LEU P 90 -36.91 0.17 -5.99
CA LEU P 90 -35.83 -0.65 -6.56
C LEU P 90 -36.23 -2.05 -7.00
N GLU P 91 -37.25 -2.61 -6.35
CA GLU P 91 -37.70 -3.97 -6.67
C GLU P 91 -37.83 -4.32 -8.15
N PRO P 92 -38.35 -3.39 -8.98
CA PRO P 92 -38.51 -3.66 -10.42
C PRO P 92 -37.17 -3.91 -11.10
N TYR P 93 -36.22 -3.01 -10.83
CA TYR P 93 -34.88 -3.12 -11.38
C TYR P 93 -34.20 -4.38 -10.89
N LEU P 94 -34.17 -4.53 -9.57
CA LEU P 94 -33.56 -5.67 -8.95
C LEU P 94 -34.03 -6.97 -9.60
N LYS P 95 -35.33 -7.06 -9.87
CA LYS P 95 -35.88 -8.27 -10.47
C LYS P 95 -35.32 -8.51 -11.86
N GLU P 96 -35.20 -7.44 -12.63
CA GLU P 96 -34.66 -7.58 -13.98
C GLU P 96 -33.23 -8.08 -13.86
N VAL P 97 -32.46 -7.46 -12.97
CA VAL P 97 -31.07 -7.82 -12.74
C VAL P 97 -30.91 -9.31 -12.44
N ILE P 98 -31.65 -9.80 -11.45
CA ILE P 98 -31.55 -11.21 -11.11
C ILE P 98 -31.96 -12.15 -12.24
N ARG P 99 -32.95 -11.71 -13.02
CA ARG P 99 -33.43 -12.51 -14.14
C ARG P 99 -32.28 -12.65 -15.13
N GLU P 100 -31.72 -11.52 -15.53
CA GLU P 100 -30.60 -11.47 -16.48
C GLU P 100 -29.47 -12.37 -16.05
N ARG P 101 -29.11 -12.27 -14.78
CA ARG P 101 -28.03 -13.05 -14.22
C ARG P 101 -28.33 -14.53 -14.35
N LEU P 102 -29.54 -14.93 -13.97
CA LEU P 102 -29.90 -16.33 -14.07
C LEU P 102 -29.82 -16.78 -15.52
N GLU P 103 -30.21 -15.91 -16.43
CA GLU P 103 -30.16 -16.24 -17.84
C GLU P 103 -28.72 -16.57 -18.23
N ARG P 104 -27.79 -15.68 -17.89
CA ARG P 104 -26.37 -15.89 -18.19
C ARG P 104 -25.92 -17.20 -17.55
N GLU P 105 -26.19 -17.33 -16.25
CA GLU P 105 -25.83 -18.55 -15.53
C GLU P 105 -26.35 -19.80 -16.22
N ALA P 106 -27.63 -19.79 -16.58
CA ALA P 106 -28.24 -20.93 -17.24
C ALA P 106 -27.56 -21.20 -18.56
N TRP P 107 -27.36 -20.15 -19.33
CA TRP P 107 -26.75 -20.26 -20.64
C TRP P 107 -25.31 -20.74 -20.59
N ASN P 108 -24.60 -20.39 -19.53
CA ASN P 108 -23.20 -20.79 -19.41
C ASN P 108 -22.97 -22.23 -18.98
N LYS P 109 -24.05 -22.98 -18.77
CA LYS P 109 -23.92 -24.39 -18.42
C LYS P 109 -24.29 -25.12 -19.70
N LYS P 110 -25.31 -24.58 -20.36
CA LYS P 110 -25.85 -25.08 -21.63
C LYS P 110 -24.71 -25.31 -22.63
N ILE Q 2 -6.53 5.34 2.53
CA ILE Q 2 -6.85 6.61 1.81
C ILE Q 2 -8.16 6.42 1.04
N HIS Q 3 -9.27 6.87 1.65
CA HIS Q 3 -10.58 6.71 1.05
C HIS Q 3 -11.39 8.00 0.86
N PHE Q 4 -11.22 8.98 1.74
CA PHE Q 4 -11.95 10.24 1.60
C PHE Q 4 -11.74 10.94 0.24
N GLY Q 5 -12.81 11.06 -0.52
CA GLY Q 5 -12.73 11.70 -1.83
C GLY Q 5 -13.27 10.81 -2.93
N ASN Q 6 -13.28 9.50 -2.70
CA ASN Q 6 -13.75 8.55 -3.69
C ASN Q 6 -14.77 7.60 -3.09
N LEU Q 7 -15.49 8.04 -2.06
CA LEU Q 7 -16.46 7.19 -1.38
C LEU Q 7 -17.83 7.01 -2.04
N ALA Q 8 -18.57 8.11 -2.22
CA ALA Q 8 -19.89 8.03 -2.82
C ALA Q 8 -20.23 9.24 -3.67
N ARG Q 9 -21.23 9.09 -4.54
CA ARG Q 9 -21.70 10.15 -5.42
C ARG Q 9 -22.89 10.83 -4.74
N VAL Q 10 -22.69 12.03 -4.21
CA VAL Q 10 -23.75 12.73 -3.50
C VAL Q 10 -24.13 14.10 -4.07
N ARG Q 11 -25.44 14.35 -4.19
CA ARG Q 11 -25.90 15.62 -4.74
C ARG Q 11 -27.01 16.30 -3.94
N HIS Q 12 -26.98 17.63 -3.98
CA HIS Q 12 -28.01 18.46 -3.34
C HIS Q 12 -28.29 18.29 -1.86
N ILE Q 13 -27.25 18.11 -1.06
CA ILE Q 13 -27.46 18.00 0.37
C ILE Q 13 -26.67 19.10 1.08
N ILE Q 14 -27.35 19.85 1.92
CA ILE Q 14 -26.70 20.92 2.66
C ILE Q 14 -26.70 20.49 4.12
N THR Q 15 -25.61 20.79 4.82
CA THR Q 15 -25.53 20.45 6.24
C THR Q 15 -25.01 21.67 6.94
N TYR Q 16 -25.42 21.82 8.20
CA TYR Q 16 -25.03 22.96 9.00
C TYR Q 16 -24.52 22.46 10.33
N SER Q 17 -23.40 23.05 10.77
CA SER Q 17 -22.78 22.66 12.03
C SER Q 17 -22.21 23.87 12.77
N LEU Q 18 -22.09 23.77 14.09
CA LEU Q 18 -21.53 24.86 14.90
C LEU Q 18 -20.27 24.41 15.59
N SER Q 19 -19.36 25.34 15.84
CA SER Q 19 -18.14 25.02 16.55
C SER Q 19 -18.51 24.38 17.89
N PRO Q 20 -17.63 23.53 18.45
CA PRO Q 20 -17.97 22.92 19.74
C PRO Q 20 -17.99 23.96 20.86
N PHE Q 21 -17.26 25.05 20.66
CA PHE Q 21 -17.17 26.11 21.65
C PHE Q 21 -18.37 27.05 21.62
N GLU Q 22 -19.24 26.88 20.63
CA GLU Q 22 -20.42 27.74 20.53
C GLU Q 22 -21.59 26.97 21.08
N GLN Q 23 -21.40 25.71 21.45
CA GLN Q 23 -22.54 24.97 21.98
C GLN Q 23 -22.29 24.23 23.27
N ARG Q 24 -23.38 23.67 23.80
CA ARG Q 24 -23.35 22.96 25.05
C ARG Q 24 -23.01 21.50 24.75
N ALA Q 25 -22.16 20.92 25.59
CA ALA Q 25 -21.71 19.54 25.43
C ALA Q 25 -22.84 18.55 25.67
N ILE Q 26 -23.58 18.76 26.75
CA ILE Q 26 -24.68 17.88 27.09
C ILE Q 26 -25.90 18.76 27.30
N PRO Q 27 -26.58 19.13 26.21
CA PRO Q 27 -27.76 19.99 26.24
C PRO Q 27 -29.08 19.22 26.33
N ASN Q 28 -30.11 19.91 26.85
CA ASN Q 28 -31.46 19.38 26.98
C ASN Q 28 -31.56 17.99 27.61
N ILE Q 29 -30.90 17.83 28.76
CA ILE Q 29 -30.91 16.56 29.46
C ILE Q 29 -32.30 16.07 29.79
N PHE Q 30 -33.14 16.97 30.31
CA PHE Q 30 -34.49 16.59 30.69
C PHE Q 30 -35.52 16.70 29.58
N SER Q 31 -35.40 17.74 28.75
CA SER Q 31 -36.35 17.89 27.67
C SER Q 31 -36.12 16.93 26.50
N ASP Q 32 -34.89 16.43 26.36
CA ASP Q 32 -34.58 15.53 25.25
C ASP Q 32 -33.88 14.21 25.55
N ALA Q 33 -32.74 14.28 26.25
CA ALA Q 33 -31.96 13.09 26.57
C ALA Q 33 -32.75 11.96 27.27
N LEU Q 34 -33.14 12.22 28.51
CA LEU Q 34 -33.88 11.26 29.34
C LEU Q 34 -35.16 10.75 28.68
N PRO Q 35 -35.97 11.66 28.12
CA PRO Q 35 -37.19 11.19 27.48
C PRO Q 35 -36.86 10.10 26.44
N ASN Q 36 -35.75 10.29 25.72
CA ASN Q 36 -35.30 9.34 24.70
C ASN Q 36 -34.73 8.06 25.30
N VAL Q 37 -34.04 8.18 26.44
CA VAL Q 37 -33.49 7.00 27.10
C VAL Q 37 -34.66 6.10 27.46
N TRP Q 38 -35.75 6.73 27.90
CA TRP Q 38 -36.94 5.96 28.26
C TRP Q 38 -37.53 5.33 27.02
N ARG Q 39 -37.60 6.09 25.93
CA ARG Q 39 -38.13 5.59 24.67
C ARG Q 39 -37.39 4.31 24.29
N ARG Q 40 -36.08 4.44 24.23
CA ARG Q 40 -35.20 3.34 23.87
C ARG Q 40 -35.37 2.15 24.78
N PHE Q 41 -35.30 2.41 26.09
CA PHE Q 41 -35.46 1.34 27.07
C PHE Q 41 -36.75 0.58 26.77
N SER Q 42 -37.85 1.31 26.79
CA SER Q 42 -39.18 0.79 26.55
C SER Q 42 -39.29 -0.09 25.32
N SER Q 43 -38.81 0.43 24.19
CA SER Q 43 -38.89 -0.28 22.94
C SER Q 43 -38.07 -1.57 22.85
N GLN Q 44 -37.29 -1.87 23.87
CA GLN Q 44 -36.48 -3.09 23.83
C GLN Q 44 -36.72 -4.06 24.99
N VAL Q 45 -37.26 -3.55 26.09
CA VAL Q 45 -37.50 -4.39 27.26
C VAL Q 45 -38.25 -5.69 27.01
N PHE Q 46 -39.26 -5.66 26.15
CA PHE Q 46 -40.00 -6.89 25.90
C PHE Q 46 -39.39 -7.80 24.85
N LYS Q 47 -38.25 -7.39 24.32
CA LYS Q 47 -37.53 -8.20 23.34
C LYS Q 47 -36.43 -8.89 24.14
N VAL Q 48 -35.76 -8.11 24.98
CA VAL Q 48 -34.67 -8.61 25.80
C VAL Q 48 -35.12 -9.35 27.05
N ALA Q 49 -35.66 -8.61 28.02
CA ALA Q 49 -36.11 -9.16 29.30
C ALA Q 49 -36.70 -10.56 29.28
N PRO Q 50 -37.73 -10.81 28.46
CA PRO Q 50 -38.35 -12.14 28.40
C PRO Q 50 -37.41 -13.34 28.49
N PRO Q 51 -36.55 -13.56 27.48
CA PRO Q 51 -35.66 -14.73 27.60
C PRO Q 51 -34.79 -14.77 28.85
N PHE Q 52 -34.38 -13.60 29.35
CA PHE Q 52 -33.57 -13.57 30.56
C PHE Q 52 -34.41 -13.95 31.77
N LEU Q 53 -35.68 -13.56 31.74
CA LEU Q 53 -36.60 -13.90 32.80
C LEU Q 53 -36.73 -15.43 32.79
N GLY Q 54 -36.92 -15.97 31.59
CA GLY Q 54 -37.06 -17.41 31.44
C GLY Q 54 -35.87 -18.16 32.02
N ALA Q 55 -34.67 -17.71 31.70
CA ALA Q 55 -33.46 -18.34 32.20
C ALA Q 55 -33.43 -18.23 33.71
N TYR Q 56 -33.75 -17.05 34.22
CA TYR Q 56 -33.75 -16.85 35.65
C TYR Q 56 -34.63 -17.85 36.38
N LEU Q 57 -35.80 -18.12 35.83
CA LEU Q 57 -36.71 -19.06 36.44
C LEU Q 57 -36.09 -20.45 36.42
N LEU Q 58 -35.71 -20.91 35.23
CA LEU Q 58 -35.09 -22.22 35.08
C LEU Q 58 -33.98 -22.38 36.11
N TYR Q 59 -33.22 -21.31 36.31
CA TYR Q 59 -32.15 -21.32 37.29
C TYR Q 59 -32.76 -21.61 38.66
N SER Q 60 -33.62 -20.71 39.14
CA SER Q 60 -34.28 -20.88 40.43
C SER Q 60 -34.81 -22.28 40.65
N TRP Q 61 -35.59 -22.77 39.69
CA TRP Q 61 -36.14 -24.11 39.80
C TRP Q 61 -35.05 -25.16 39.97
N GLY Q 62 -34.22 -25.32 38.95
CA GLY Q 62 -33.14 -26.29 38.99
C GLY Q 62 -32.31 -26.24 40.25
N THR Q 63 -32.11 -25.03 40.79
CA THR Q 63 -31.33 -24.89 42.00
C THR Q 63 -32.12 -25.46 43.17
N GLN Q 64 -33.37 -25.01 43.31
CA GLN Q 64 -34.21 -25.48 44.40
C GLN Q 64 -34.46 -26.98 44.29
N GLU Q 65 -34.72 -27.45 43.08
CA GLU Q 65 -34.97 -28.88 42.87
C GLU Q 65 -33.77 -29.72 43.29
N PHE Q 66 -32.57 -29.22 43.04
CA PHE Q 66 -31.34 -29.92 43.38
C PHE Q 66 -31.19 -30.08 44.89
N GLU Q 67 -31.49 -29.00 45.62
CA GLU Q 67 -31.39 -28.99 47.07
C GLU Q 67 -32.52 -29.79 47.70
N ARG Q 68 -33.66 -29.83 47.01
CA ARG Q 68 -34.82 -30.56 47.49
C ARG Q 68 -34.53 -32.06 47.48
N LEU Q 69 -33.74 -32.49 46.51
CA LEU Q 69 -33.40 -33.90 46.38
C LEU Q 69 -32.28 -34.31 47.35
N LYS Q 70 -31.85 -33.37 48.18
CA LYS Q 70 -30.80 -33.64 49.16
C LYS Q 70 -31.46 -33.91 50.50
N ARG Q 71 -32.71 -33.46 50.62
CA ARG Q 71 -33.50 -33.61 51.84
C ARG Q 71 -33.91 -35.07 52.04
N LYS Q 72 -34.27 -35.41 53.28
CA LYS Q 72 -34.70 -36.76 53.62
C LYS Q 72 -36.18 -36.91 53.33
N ASN Q 73 -36.54 -38.09 52.86
CA ASN Q 73 -37.92 -38.41 52.55
C ASN Q 73 -38.46 -39.24 53.72
N PRO Q 74 -39.18 -38.60 54.66
CA PRO Q 74 -39.73 -39.27 55.84
C PRO Q 74 -40.37 -40.63 55.54
N ALA Q 75 -40.92 -40.77 54.34
CA ALA Q 75 -41.57 -42.01 53.94
C ALA Q 75 -40.61 -43.17 53.67
N ASP Q 76 -39.33 -42.97 54.01
CA ASP Q 76 -38.34 -44.04 53.80
C ASP Q 76 -38.05 -44.74 55.12
N TYR Q 77 -38.55 -44.17 56.22
CA TYR Q 77 -38.31 -44.75 57.54
C TYR Q 77 -39.56 -44.86 58.42
N GLU Q 78 -40.74 -44.77 57.80
CA GLU Q 78 -41.99 -44.86 58.56
C GLU Q 78 -42.08 -46.19 59.29
N ASN Q 79 -41.73 -47.26 58.59
CA ASN Q 79 -41.78 -48.59 59.16
C ASN Q 79 -40.37 -49.15 59.35
N GLU R 11 -14.00 -16.15 87.61
CA GLU R 11 -13.68 -17.38 86.82
C GLU R 11 -13.33 -17.07 85.35
N LEU R 12 -14.33 -17.15 84.48
CA LEU R 12 -14.18 -16.86 83.04
C LEU R 12 -15.30 -17.49 82.22
N VAL R 13 -15.96 -16.68 81.39
CA VAL R 13 -17.05 -17.19 80.57
C VAL R 13 -16.96 -16.74 79.11
N ASP R 14 -16.91 -17.73 78.22
CA ASP R 14 -16.80 -17.46 76.80
C ASP R 14 -18.16 -16.98 76.26
N PRO R 15 -18.22 -15.73 75.77
CA PRO R 15 -19.47 -15.21 75.25
C PRO R 15 -20.16 -16.12 74.25
N LEU R 16 -19.40 -16.95 73.56
CA LEU R 16 -20.00 -17.87 72.58
C LEU R 16 -21.01 -18.80 73.26
N THR R 17 -20.72 -19.15 74.51
CA THR R 17 -21.59 -20.04 75.28
C THR R 17 -22.89 -19.31 75.60
N THR R 18 -22.72 -18.13 76.21
CA THR R 18 -23.84 -17.26 76.59
C THR R 18 -24.81 -17.13 75.42
N ILE R 19 -24.31 -16.51 74.36
CA ILE R 19 -25.06 -16.26 73.14
C ILE R 19 -25.66 -17.51 72.50
N ARG R 20 -24.94 -18.61 72.53
CA ARG R 20 -25.48 -19.82 71.95
C ARG R 20 -26.73 -20.24 72.71
N GLU R 21 -26.69 -20.13 74.03
CA GLU R 21 -27.82 -20.50 74.86
C GLU R 21 -29.00 -19.57 74.59
N HIS R 22 -28.70 -18.29 74.38
CA HIS R 22 -29.76 -17.34 74.09
C HIS R 22 -30.45 -17.63 72.77
N CYS R 23 -29.65 -17.85 71.72
CA CYS R 23 -30.19 -18.13 70.40
C CYS R 23 -30.97 -19.43 70.30
N GLU R 24 -30.67 -20.38 71.18
CA GLU R 24 -31.37 -21.66 71.16
C GLU R 24 -32.81 -21.54 71.67
N GLN R 25 -33.15 -20.35 72.17
CA GLN R 25 -34.49 -20.07 72.68
C GLN R 25 -35.36 -19.62 71.53
N THR R 26 -34.71 -19.23 70.44
CA THR R 26 -35.39 -18.74 69.25
C THR R 26 -36.37 -19.74 68.66
N GLU R 27 -37.47 -19.22 68.14
CA GLU R 27 -38.50 -20.05 67.54
C GLU R 27 -37.93 -21.01 66.49
N LYS R 28 -37.14 -20.48 65.56
CA LYS R 28 -36.54 -21.30 64.52
C LYS R 28 -35.69 -22.42 65.12
N CYS R 29 -34.89 -22.07 66.13
CA CYS R 29 -34.03 -23.03 66.80
C CYS R 29 -34.84 -24.04 67.57
N VAL R 30 -35.80 -23.54 68.34
CA VAL R 30 -36.67 -24.39 69.14
C VAL R 30 -37.37 -25.42 68.26
N LYS R 31 -37.96 -24.98 67.15
CA LYS R 31 -38.63 -25.89 66.23
C LYS R 31 -37.65 -26.90 65.69
N ALA R 32 -36.48 -26.43 65.25
CA ALA R 32 -35.44 -27.30 64.73
C ALA R 32 -35.00 -28.28 65.80
N ARG R 33 -34.64 -27.74 66.96
CA ARG R 33 -34.21 -28.58 68.08
C ARG R 33 -35.23 -29.69 68.31
N GLU R 34 -36.49 -29.31 68.25
CA GLU R 34 -37.60 -30.22 68.46
C GLU R 34 -37.58 -31.38 67.46
N ARG R 35 -37.45 -31.05 66.18
CA ARG R 35 -37.41 -32.06 65.14
C ARG R 35 -36.21 -32.98 65.29
N LEU R 36 -35.12 -32.41 65.79
CA LEU R 36 -33.89 -33.18 65.99
C LEU R 36 -34.08 -34.26 67.04
N GLU R 37 -34.59 -33.86 68.20
CA GLU R 37 -34.82 -34.80 69.28
C GLU R 37 -35.74 -35.94 68.86
N LEU R 38 -36.75 -35.62 68.04
CA LEU R 38 -37.68 -36.62 67.56
C LEU R 38 -36.93 -37.64 66.70
N CYS R 39 -36.06 -37.15 65.84
CA CYS R 39 -35.27 -38.03 64.98
C CYS R 39 -34.37 -38.87 65.88
N ASP R 40 -33.56 -38.19 66.67
CA ASP R 40 -32.62 -38.86 67.58
C ASP R 40 -33.34 -39.97 68.31
N ALA R 41 -34.46 -39.63 68.93
CA ALA R 41 -35.24 -40.58 69.68
C ALA R 41 -35.56 -41.86 68.89
N ARG R 42 -36.18 -41.72 67.73
CA ARG R 42 -36.55 -42.90 66.96
C ARG R 42 -35.37 -43.68 66.39
N VAL R 43 -34.34 -42.97 65.94
CA VAL R 43 -33.17 -43.64 65.39
C VAL R 43 -32.46 -44.42 66.50
N SER R 44 -32.34 -43.79 67.67
CA SER R 44 -31.69 -44.42 68.81
C SER R 44 -32.44 -45.66 69.29
N SER R 45 -33.76 -45.63 69.14
CA SER R 45 -34.61 -46.74 69.56
C SER R 45 -34.65 -47.96 68.64
N ARG R 46 -34.18 -47.82 67.41
CA ARG R 46 -34.19 -48.96 66.49
C ARG R 46 -32.82 -49.63 66.37
N SER R 47 -32.83 -50.90 65.97
CA SER R 47 -31.60 -51.69 65.82
C SER R 47 -31.28 -52.10 64.38
N HIS R 48 -32.06 -51.60 63.43
CA HIS R 48 -31.83 -51.94 62.02
C HIS R 48 -32.40 -50.88 61.09
N THR R 49 -31.87 -49.66 61.18
CA THR R 49 -32.33 -48.56 60.35
C THR R 49 -31.15 -47.80 59.75
N GLU R 50 -31.30 -47.35 58.50
CA GLU R 50 -30.23 -46.62 57.83
C GLU R 50 -30.26 -45.14 58.19
N GLU R 51 -31.42 -44.65 58.61
CA GLU R 51 -31.59 -43.25 58.97
C GLU R 51 -30.50 -42.65 59.86
N GLN R 52 -30.32 -41.35 59.73
CA GLN R 52 -29.33 -40.58 60.49
C GLN R 52 -29.94 -39.20 60.70
N CYS R 53 -29.53 -38.50 61.75
CA CYS R 53 -30.10 -37.18 61.99
C CYS R 53 -29.20 -36.01 61.61
N THR R 54 -28.35 -36.24 60.61
CA THR R 54 -27.44 -35.21 60.13
C THR R 54 -28.25 -34.00 59.67
N GLU R 55 -29.24 -34.25 58.82
CA GLU R 55 -30.09 -33.19 58.28
C GLU R 55 -30.75 -32.31 59.34
N GLU R 56 -31.36 -32.91 60.34
CA GLU R 56 -32.02 -32.16 61.40
C GLU R 56 -30.97 -31.42 62.21
N LEU R 57 -29.82 -32.05 62.40
CA LEU R 57 -28.73 -31.44 63.14
C LEU R 57 -28.29 -30.18 62.43
N PHE R 58 -28.11 -30.30 61.12
CA PHE R 58 -27.69 -29.17 60.30
C PHE R 58 -28.74 -28.08 60.34
N ASP R 59 -30.01 -28.44 60.16
CA ASP R 59 -31.08 -27.46 60.20
C ASP R 59 -30.98 -26.65 61.48
N PHE R 60 -30.69 -27.36 62.57
CA PHE R 60 -30.59 -26.72 63.86
C PHE R 60 -29.35 -25.82 63.94
N LEU R 61 -28.18 -26.44 63.75
CA LEU R 61 -26.92 -25.72 63.79
C LEU R 61 -26.94 -24.52 62.88
N HIS R 62 -27.53 -24.70 61.70
CA HIS R 62 -27.62 -23.64 60.73
C HIS R 62 -28.39 -22.45 61.27
N ALA R 63 -29.55 -22.71 61.87
CA ALA R 63 -30.39 -21.66 62.42
C ALA R 63 -29.74 -21.04 63.64
N ARG R 64 -29.22 -21.87 64.53
CA ARG R 64 -28.59 -21.35 65.72
C ARG R 64 -27.44 -20.43 65.38
N ASP R 65 -26.48 -20.98 64.66
CA ASP R 65 -25.28 -20.28 64.27
C ASP R 65 -25.46 -19.00 63.46
N HIS R 66 -26.46 -18.97 62.57
CA HIS R 66 -26.71 -17.76 61.80
C HIS R 66 -27.01 -16.65 62.81
N CYS R 67 -27.79 -17.02 63.82
CA CYS R 67 -28.19 -16.11 64.88
C CYS R 67 -26.96 -15.65 65.68
N VAL R 68 -26.12 -16.61 66.04
CA VAL R 68 -24.91 -16.33 66.81
C VAL R 68 -24.06 -15.28 66.12
N ALA R 69 -23.83 -15.48 64.82
CA ALA R 69 -23.02 -14.60 64.01
C ALA R 69 -23.32 -13.11 64.17
N HIS R 70 -24.58 -12.76 64.36
CA HIS R 70 -24.97 -11.36 64.51
C HIS R 70 -24.57 -10.69 65.82
N LYS R 71 -24.47 -11.47 66.88
CA LYS R 71 -24.12 -10.89 68.18
C LYS R 71 -22.70 -11.17 68.66
N LEU R 72 -22.25 -12.40 68.49
CA LEU R 72 -20.93 -12.82 68.95
C LEU R 72 -19.76 -11.85 68.88
N PHE R 73 -19.54 -11.23 67.73
CA PHE R 73 -18.41 -10.33 67.62
C PHE R 73 -18.55 -9.04 68.40
N ASN R 74 -19.79 -8.68 68.74
CA ASN R 74 -20.02 -7.46 69.50
C ASN R 74 -19.37 -7.61 70.87
N LYS R 75 -19.39 -8.84 71.37
CA LYS R 75 -18.86 -9.14 72.68
C LYS R 75 -17.41 -9.58 72.70
N LEU R 76 -16.78 -9.71 71.53
CA LEU R 76 -15.39 -10.11 71.46
C LEU R 76 -14.51 -8.88 71.29
N LYS R 77 -13.21 -9.04 71.51
CA LYS R 77 -12.28 -7.92 71.39
C LYS R 77 -11.48 -7.94 70.08
N UNK S 3 -0.15 44.19 -11.52
CA UNK S 3 -0.83 42.92 -11.18
C UNK S 3 -1.42 42.92 -9.76
N UNK S 4 -1.36 44.07 -9.08
CA UNK S 4 -1.89 44.22 -7.72
C UNK S 4 -3.33 43.69 -7.64
N UNK S 5 -4.04 43.78 -8.76
CA UNK S 5 -5.42 43.32 -8.85
C UNK S 5 -5.56 42.50 -10.14
N UNK S 6 -6.76 42.00 -10.42
CA UNK S 6 -6.96 41.21 -11.62
C UNK S 6 -7.89 40.05 -11.32
N UNK S 7 -8.89 39.85 -12.18
CA UNK S 7 -9.85 38.78 -12.00
C UNK S 7 -9.25 37.39 -12.04
N UNK S 8 -8.71 36.97 -10.89
CA UNK S 8 -8.07 35.66 -10.73
C UNK S 8 -8.89 34.55 -11.39
N UNK S 9 -8.22 33.74 -12.22
N UNK S 10 -9.91 33.05 -13.90
CA UNK S 10 -10.36 31.81 -13.27
C UNK S 10 -9.65 30.61 -13.87
N UNK S 11 -10.30 29.43 -13.85
CA UNK S 11 -9.74 28.19 -14.39
C UNK S 11 -10.80 27.12 -14.58
N UNK S 12 -10.54 26.18 -15.49
CA UNK S 12 -11.50 25.12 -15.74
C UNK S 12 -10.87 23.79 -16.10
N UNK S 13 -11.69 22.83 -16.51
CA UNK S 13 -11.21 21.50 -16.89
C UNK S 13 -10.60 21.53 -18.29
N UNK S 14 -10.25 20.37 -18.84
CA UNK S 14 -9.65 20.37 -20.17
C UNK S 14 -9.34 18.97 -20.71
N UNK S 15 -8.76 18.96 -21.92
CA UNK S 15 -8.36 17.74 -22.62
C UNK S 15 -9.32 16.59 -22.40
CA ARG S 16 -22.57 32.53 -14.76
C ARG S 16 -23.19 32.85 -16.12
N PRO S 17 -24.15 32.02 -16.58
CA PRO S 17 -24.86 32.14 -17.85
C PRO S 17 -25.55 33.49 -18.10
N LEU S 18 -25.95 33.73 -19.35
CA LEU S 18 -26.64 34.97 -19.72
C LEU S 18 -28.11 34.64 -20.01
N LEU S 19 -29.02 35.33 -19.34
CA LEU S 19 -30.46 35.09 -19.49
C LEU S 19 -31.33 36.29 -19.91
N CYS S 20 -30.91 37.50 -19.54
CA CYS S 20 -31.66 38.70 -19.90
C CYS S 20 -30.73 39.69 -20.60
N ARG S 21 -31.29 40.77 -21.15
CA ARG S 21 -30.47 41.77 -21.84
C ARG S 21 -29.52 42.49 -20.89
N GLU S 22 -30.01 42.82 -19.70
CA GLU S 22 -29.21 43.51 -18.67
C GLU S 22 -27.81 42.92 -18.54
N SER S 23 -27.74 41.59 -18.63
CA SER S 23 -26.48 40.87 -18.52
C SER S 23 -25.75 40.80 -19.86
N MET S 24 -26.50 40.50 -20.92
CA MET S 24 -25.95 40.38 -22.27
C MET S 24 -25.40 41.68 -22.84
N SER S 25 -25.93 42.82 -22.40
CA SER S 25 -25.48 44.11 -22.90
C SER S 25 -24.02 44.43 -22.54
N GLY S 26 -23.25 44.85 -23.54
CA GLY S 26 -21.85 45.16 -23.34
C GLY S 26 -20.96 43.94 -23.58
N ARG S 27 -21.59 42.84 -23.99
CA ARG S 27 -20.91 41.58 -24.24
C ARG S 27 -20.53 41.39 -25.72
N SER S 28 -21.16 42.15 -26.61
CA SER S 28 -20.89 42.06 -28.04
C SER S 28 -19.46 42.48 -28.37
N ALA S 29 -18.88 41.94 -29.45
CA ALA S 29 -17.52 42.29 -29.83
C ALA S 29 -17.41 43.78 -30.07
N ARG S 30 -16.46 44.41 -29.38
CA ARG S 30 -16.26 45.84 -29.52
C ARG S 30 -15.24 46.17 -30.59
N ARG S 31 -14.02 45.70 -30.41
CA ARG S 31 -12.94 45.98 -31.36
C ARG S 31 -11.95 44.80 -31.55
N ASP S 32 -10.68 45.15 -31.68
CA ASP S 32 -9.60 44.18 -31.88
C ASP S 32 -9.36 43.35 -30.64
N LEU S 33 -9.43 42.03 -30.78
CA LEU S 33 -9.21 41.14 -29.65
C LEU S 33 -7.77 41.29 -29.16
N VAL S 34 -7.59 41.44 -27.87
CA VAL S 34 -6.25 41.58 -27.29
C VAL S 34 -6.06 40.42 -26.34
N ALA S 35 -4.81 40.06 -26.09
CA ALA S 35 -4.49 38.97 -25.17
C ALA S 35 -3.40 39.45 -24.23
N GLY S 36 -3.63 39.26 -22.95
CA GLY S 36 -2.67 39.67 -21.95
C GLY S 36 -2.21 38.53 -21.07
N ILE S 37 -0.94 38.59 -20.69
CA ILE S 37 -0.34 37.59 -19.83
C ILE S 37 0.49 38.31 -18.82
N SER S 38 0.26 37.99 -17.55
CA SER S 38 0.99 38.65 -16.50
C SER S 38 1.90 37.68 -15.75
N LEU S 39 2.88 38.26 -15.07
CA LEU S 39 3.84 37.52 -14.28
C LEU S 39 3.21 37.16 -12.93
N ASN S 40 2.33 38.03 -12.44
CA ASN S 40 1.66 37.81 -11.15
C ASN S 40 0.17 38.18 -11.08
N ALA S 41 -0.41 38.64 -12.18
CA ALA S 41 -1.84 38.97 -12.22
C ALA S 41 -2.57 37.84 -12.96
N PRO S 42 -3.89 37.97 -13.16
CA PRO S 42 -4.58 36.90 -13.88
C PRO S 42 -4.47 37.08 -15.41
N ALA S 43 -4.96 36.10 -16.16
CA ALA S 43 -4.92 36.17 -17.63
C ALA S 43 -6.12 36.99 -18.07
N SER S 44 -5.92 37.87 -19.05
CA SER S 44 -7.01 38.72 -19.54
C SER S 44 -7.13 38.76 -21.07
N VAL S 45 -8.35 39.05 -21.55
CA VAL S 45 -8.64 39.11 -22.98
C VAL S 45 -9.75 40.14 -23.32
N ARG S 46 -9.53 40.96 -24.36
CA ARG S 46 -10.51 41.97 -24.80
C ARG S 46 -11.30 41.45 -25.99
N ALA T 1 -12.59 36.58 36.25
CA ALA T 1 -12.06 36.25 34.90
C ALA T 1 -11.01 35.14 34.95
N LEU T 2 -11.20 34.17 35.83
CA LEU T 2 -10.24 33.08 35.93
C LEU T 2 -10.14 32.26 34.65
N LEU T 3 -11.28 31.90 34.07
CA LEU T 3 -11.27 31.07 32.87
C LEU T 3 -10.56 31.85 31.78
N ARG T 4 -10.83 33.15 31.75
CA ARG T 4 -10.24 34.05 30.77
C ARG T 4 -8.74 34.16 31.00
N GLN T 5 -8.35 34.42 32.25
CA GLN T 5 -6.95 34.57 32.60
C GLN T 5 -6.22 33.26 32.38
N ALA T 6 -6.86 32.17 32.79
CA ALA T 6 -6.29 30.83 32.66
C ALA T 6 -6.00 30.55 31.20
N TYR T 7 -6.98 30.84 30.35
CA TYR T 7 -6.85 30.61 28.93
C TYR T 7 -5.66 31.33 28.31
N SER T 8 -5.57 32.63 28.55
CA SER T 8 -4.48 33.43 27.98
C SER T 8 -3.10 33.07 28.46
N ALA T 9 -2.98 32.82 29.77
CA ALA T 9 -1.69 32.51 30.36
C ALA T 9 -1.26 31.05 30.30
N LEU T 10 -2.20 30.14 30.45
CA LEU T 10 -1.86 28.73 30.45
C LEU T 10 -2.27 27.90 29.23
N PHE T 11 -3.54 28.00 28.85
CA PHE T 11 -4.07 27.18 27.76
C PHE T 11 -3.87 27.62 26.31
N ARG T 12 -3.47 28.87 26.08
CA ARG T 12 -3.33 29.34 24.70
C ARG T 12 -2.14 28.68 24.00
N ARG T 13 -0.93 29.00 24.47
CA ARG T 13 0.28 28.42 23.89
C ARG T 13 0.40 26.93 24.26
N THR T 14 0.65 26.08 23.26
CA THR T 14 0.80 24.64 23.51
C THR T 14 1.95 24.36 24.47
N SER T 15 2.94 25.24 24.50
CA SER T 15 4.07 25.06 25.40
C SER T 15 3.61 25.26 26.85
N THR T 16 2.99 26.39 27.14
CA THR T 16 2.50 26.70 28.48
C THR T 16 1.47 25.69 28.98
N PHE T 17 0.70 25.14 28.06
CA PHE T 17 -0.32 24.17 28.41
C PHE T 17 0.36 22.94 28.97
N ALA T 18 1.54 22.60 28.43
CA ALA T 18 2.30 21.44 28.88
C ALA T 18 2.91 21.67 30.25
N LEU T 19 3.48 22.85 30.48
CA LEU T 19 4.07 23.15 31.78
C LEU T 19 2.99 23.15 32.85
N THR T 20 1.79 23.59 32.47
CA THR T 20 0.67 23.64 33.39
C THR T 20 0.27 22.22 33.79
N VAL T 21 0.33 21.29 32.84
CA VAL T 21 -0.03 19.92 33.11
C VAL T 21 0.99 19.23 34.02
N VAL T 22 2.25 19.67 33.93
CA VAL T 22 3.31 19.07 34.75
C VAL T 22 3.19 19.56 36.19
N LEU T 23 3.21 20.87 36.40
CA LEU T 23 3.08 21.41 37.75
C LEU T 23 1.74 21.00 38.35
N GLY T 24 0.73 20.92 37.50
CA GLY T 24 -0.58 20.51 37.96
C GLY T 24 -0.50 19.11 38.52
N ALA T 25 0.14 18.20 37.79
CA ALA T 25 0.26 16.82 38.23
C ALA T 25 1.06 16.76 39.52
N VAL T 26 2.12 17.57 39.61
CA VAL T 26 2.96 17.62 40.80
C VAL T 26 2.15 18.03 42.03
N LEU T 27 1.43 19.14 41.92
CA LEU T 27 0.61 19.61 43.02
C LEU T 27 -0.52 18.65 43.30
N PHE T 28 -1.15 18.16 42.24
CA PHE T 28 -2.23 17.23 42.44
C PHE T 28 -1.78 16.00 43.22
N GLU T 29 -0.66 15.42 42.80
CA GLU T 29 -0.13 14.21 43.45
C GLU T 29 0.04 14.40 44.94
N ARG T 30 0.83 15.41 45.31
CA ARG T 30 1.09 15.70 46.71
C ARG T 30 -0.24 15.79 47.48
N ALA T 31 -1.14 16.62 46.99
CA ALA T 31 -2.43 16.80 47.64
C ALA T 31 -3.31 15.57 47.62
N PHE T 32 -3.40 14.88 46.48
CA PHE T 32 -4.24 13.70 46.38
C PHE T 32 -3.76 12.54 47.25
N ASP T 33 -2.45 12.34 47.33
CA ASP T 33 -1.94 11.24 48.14
C ASP T 33 -2.24 11.50 49.60
N GLN T 34 -1.77 12.63 50.10
CA GLN T 34 -2.02 12.98 51.49
C GLN T 34 -3.50 12.92 51.86
N GLY T 35 -4.34 13.44 50.99
CA GLY T 35 -5.76 13.41 51.27
C GLY T 35 -6.32 11.99 51.33
N ALA T 36 -5.99 11.19 50.32
CA ALA T 36 -6.47 9.82 50.24
C ALA T 36 -5.94 9.00 51.40
N ASP T 37 -4.68 9.24 51.76
CA ASP T 37 -4.05 8.53 52.87
C ASP T 37 -4.74 8.88 54.18
N ALA T 38 -5.21 10.12 54.30
CA ALA T 38 -5.92 10.54 55.50
C ALA T 38 -7.27 9.82 55.53
N ILE T 39 -8.07 10.01 54.49
CA ILE T 39 -9.38 9.36 54.39
C ILE T 39 -9.33 7.88 54.74
N PHE T 40 -8.25 7.21 54.34
CA PHE T 40 -8.10 5.79 54.61
C PHE T 40 -7.80 5.54 56.08
N GLU T 41 -6.79 6.25 56.59
CA GLU T 41 -6.42 6.07 57.99
C GLU T 41 -7.55 6.48 58.92
N HIS T 42 -8.31 7.51 58.54
CA HIS T 42 -9.41 7.95 59.37
C HIS T 42 -10.47 6.85 59.44
N LEU T 43 -10.77 6.22 58.30
CA LEU T 43 -11.77 5.15 58.28
C LEU T 43 -11.31 3.90 59.03
N ASN T 44 -10.07 3.91 59.51
CA ASN T 44 -9.52 2.75 60.21
C ASN T 44 -8.81 3.11 61.50
N GLU T 45 -9.20 4.21 62.13
CA GLU T 45 -8.56 4.63 63.38
C GLU T 45 -8.39 3.49 64.37
N GLY T 46 -7.19 3.45 64.95
CA GLY T 46 -6.86 2.42 65.93
C GLY T 46 -6.54 1.02 65.43
N LYS T 47 -6.58 0.79 64.11
CA LYS T 47 -6.31 -0.54 63.56
C LYS T 47 -4.95 -0.74 62.91
N LEU T 48 -4.32 0.35 62.46
CA LEU T 48 -3.03 0.26 61.79
C LEU T 48 -1.85 0.22 62.75
N TRP T 49 -0.74 -0.37 62.31
CA TRP T 49 0.44 -0.44 63.15
C TRP T 49 0.84 0.99 63.50
N LYS T 50 0.37 1.93 62.71
CA LYS T 50 0.67 3.34 62.94
C LYS T 50 0.06 3.73 64.29
N HIS T 51 -1.12 3.17 64.54
CA HIS T 51 -1.91 3.40 65.74
C HIS T 51 -1.47 2.60 66.96
N ILE T 52 -1.15 1.33 66.74
CA ILE T 52 -0.72 0.41 67.79
C ILE T 52 0.73 0.61 68.22
N LYS T 53 1.61 0.80 67.26
CA LYS T 53 3.03 0.97 67.48
C LYS T 53 3.53 1.46 68.85
N HIS T 54 3.10 2.62 69.29
CA HIS T 54 3.55 3.20 70.58
C HIS T 54 3.59 2.25 71.77
N LYS T 55 2.65 1.31 71.83
CA LYS T 55 2.59 0.34 72.91
C LYS T 55 3.86 -0.52 73.02
N TYR T 56 4.39 -0.98 71.89
CA TYR T 56 5.57 -1.84 71.94
C TYR T 56 6.87 -1.18 71.56
N GLU T 57 6.79 0.06 71.07
CA GLU T 57 8.02 0.75 70.72
C GLU T 57 8.77 0.95 72.04
N ALA T 58 10.07 0.72 72.02
CA ALA T 58 10.88 0.87 73.23
C ALA T 58 12.37 0.86 72.87
N SER T 59 12.73 1.55 71.79
CA SER T 59 14.11 1.62 71.31
C SER T 59 15.03 2.52 72.14
N GLU T 60 14.95 3.83 71.90
#